data_8U29
#
_entry.id   8U29
#
loop_
_entity.id
_entity.type
_entity.pdbx_description
1 polymer 'PRD-0038 Spike glycoprotein'
2 branched 2-acetamido-2-deoxy-beta-D-glucopyranose-(1-4)-2-acetamido-2-deoxy-beta-D-glucopyranose
3 branched alpha-D-mannopyranose-(1-3)-beta-D-mannopyranose-(1-4)-2-acetamido-2-deoxy-beta-D-glucopyranose-(1-4)-2-acetamido-2-deoxy-beta-D-glucopyranose
4 branched alpha-D-mannopyranose-(1-2)-alpha-D-mannopyranose-(1-3)-[alpha-D-mannopyranose-(1-6)]beta-D-mannopyranose-(1-4)-2-acetamido-2-deoxy-beta-D-glucopyranose-(1-4)-2-acetamido-2-deoxy-beta-D-glucopyranose
5 non-polymer 2-acetamido-2-deoxy-beta-D-glucopyranose
#
_entity_poly.entity_id   1
_entity_poly.type   'polypeptide(L)'
_entity_poly.pdbx_seq_one_letter_code
;MGILPSPGMPALLSLVSLLSVLLMGCVAETGTQEGCGILSNKSKPALTQYSSSRRGFYYFDDTFRSSVRVLTTGYFLPFN
SNLTGYSSRNAVTGRLIQFDNPNIPFKDGLYFAATERSNVIRGWIFGSTLDNTTQSAVLFNNGTHIVINVCNFYFCQDPM
LTVANGSHYKSWVFLNATNCTYNRVHAFEIDPSLNTGAFIHLREHVFRNVDGFLYVYHNYERANVYDNFPSGFSVLKPIL
KLPFGLNITQFKVIMTLFSPTTSSFNADASVYFVGHLKPLTMLAEFDENGTITDAVDCSQDPLSELKCTTKSLTVEKGIY
QTSNFRVSPSTEVVRFPNITNLCPFGQVFNASKFPSVYAWERLRISDCVADYSVLYNSSSSFSTFKCYGVSPTKLNDLCF
SSVYADYFVVKGDDVRQIAPAQTGVIADYNYKLPDDFTGCVLAWNTNSVDSKQGNNFYYRLFRHGKIKPYERDISNVLYN
SAGGTCSSTSQLGCYEPLKSYGFTPTVGVGYQPYRVVVLSFELLNAPATVCGPKKSTELVKNKCVNFNFNGLTGTGVLTS
STKKFQPFQQFGRDVSDFTDSVRDPKTLEILDISPCSYGGVSVITPGTNTSKAVAVLYQDVNCTDVPTMLHVEQVSTDWR
VYALSADGNMFQTQAGCLVGATYENSTYECDIPIGAGICAKFGSNKLRLESIVAYTMSIGEDQSIAYSNNTIAIPTNFSI
SVTTEVLPVSMTKTSVDCNMYICGDSTECSNLLLQYGSFCTQLNRALSGIAVEQDRNTRDVFAQTKAIYKTPNIKDFGGF
NFSQILPDPKKPSYRSPIEDLLYNKVTLSDPGFMKQYGDCLGGINARDLICAQKFNGLTVLPPLLTDDMIAAYTAALISG
TATAGYTFGAGAALQIPFPMQMAYRFNGIGVTQNVLYENQKQIANQFNNAISKIQDSLTTTPAALGKLQDVINQNAVALN
TLVKQLSSNFGAISSVLNDILSRLDPPEAEVQIDRLITGRLQSLQTYVTQQLIRAAEIRASANLAATKMSECVLGQSKRV
DFCGKGYHLMSFPQAAPHGVVFLHVTYVPSQQQNFTTAPAICHNGKAYFPREGVFVMNGTHWFITQRNFYSPQVITTDNT
FESGSCDVVIGIVNNTVYDPLQPELESFKQELDKYFKNHTSPDVDLGDISGINASVVDIKKEIAHLNEIAKNLNESLIDL
QELGKYEQYVKSGRENLYFQGGGGSGYIPEAPRDGQAYVRKDGEWVLLSTFLGHHHHHHHHGGSSGLNDIFEAQKIEWHE
;
_entity_poly.pdbx_strand_id   A,B,C
#
loop_
_chem_comp.id
_chem_comp.type
_chem_comp.name
_chem_comp.formula
BMA D-saccharide, beta linking beta-D-mannopyranose 'C6 H12 O6'
MAN D-saccharide, alpha linking alpha-D-mannopyranose 'C6 H12 O6'
NAG D-saccharide, beta linking 2-acetamido-2-deoxy-beta-D-glucopyranose 'C8 H15 N O6'
#
# COMPACT_ATOMS: atom_id res chain seq x y z
N GLY A 35 10.82 -39.52 -62.24
CA GLY A 35 9.96 -39.94 -61.13
C GLY A 35 9.02 -38.82 -60.63
N CYS A 36 8.63 -37.91 -61.55
CA CYS A 36 7.71 -36.81 -61.23
C CYS A 36 6.53 -36.83 -62.23
N GLY A 37 5.36 -36.43 -61.70
CA GLY A 37 4.20 -36.25 -62.58
C GLY A 37 4.35 -34.95 -63.36
N ILE A 38 3.85 -34.94 -64.58
CA ILE A 38 3.96 -33.74 -65.43
C ILE A 38 2.61 -33.15 -65.78
N LEU A 39 2.40 -31.89 -65.39
CA LEU A 39 1.20 -31.15 -65.77
C LEU A 39 1.60 -29.95 -66.62
N SER A 40 1.68 -30.17 -67.93
CA SER A 40 2.25 -29.16 -68.84
C SER A 40 1.36 -27.95 -69.10
N ASN A 41 0.03 -28.09 -68.95
CA ASN A 41 -0.93 -27.02 -69.21
C ASN A 41 -1.95 -26.93 -68.08
N LYS A 42 -1.76 -25.94 -67.21
CA LYS A 42 -2.65 -25.81 -66.03
C LYS A 42 -3.39 -24.47 -66.05
N SER A 43 -4.64 -24.46 -65.60
CA SER A 43 -5.46 -23.25 -65.55
C SER A 43 -5.01 -22.34 -64.40
N LYS A 44 -5.44 -21.09 -64.44
CA LYS A 44 -5.11 -20.13 -63.38
C LYS A 44 -6.09 -20.27 -62.22
N PRO A 45 -5.62 -20.05 -60.97
CA PRO A 45 -6.38 -20.08 -59.73
C PRO A 45 -7.37 -18.92 -59.68
N ALA A 46 -8.54 -19.16 -59.09
CA ALA A 46 -9.55 -18.13 -58.95
C ALA A 46 -9.25 -17.16 -57.80
N LEU A 47 -8.63 -17.68 -56.75
CA LEU A 47 -8.30 -16.87 -55.57
C LEU A 47 -9.54 -16.17 -55.01
N THR A 48 -10.65 -16.90 -54.97
CA THR A 48 -11.91 -16.38 -54.45
C THR A 48 -11.80 -16.15 -52.94
N GLN A 49 -12.36 -15.05 -52.45
CA GLN A 49 -12.30 -14.75 -51.03
C GLN A 49 -13.54 -15.26 -50.30
N TYR A 50 -13.33 -15.84 -49.12
CA TYR A 50 -14.41 -16.38 -48.29
C TYR A 50 -14.33 -15.83 -46.87
N SER A 51 -15.46 -15.84 -46.17
CA SER A 51 -15.51 -15.40 -44.78
C SER A 51 -15.19 -16.52 -43.81
N SER A 52 -14.23 -16.27 -42.92
CA SER A 52 -13.74 -17.26 -41.96
C SER A 52 -14.72 -17.55 -40.83
N SER A 53 -15.74 -16.72 -40.70
CA SER A 53 -16.71 -16.84 -39.62
C SER A 53 -16.04 -16.72 -38.26
N ARG A 54 -16.26 -17.70 -37.40
CA ARG A 54 -15.66 -17.69 -36.07
C ARG A 54 -14.76 -18.90 -35.89
N ARG A 55 -14.26 -19.44 -37.00
CA ARG A 55 -13.43 -20.63 -36.98
C ARG A 55 -11.95 -20.31 -36.87
N GLY A 56 -11.15 -21.31 -36.49
CA GLY A 56 -9.69 -21.16 -36.46
C GLY A 56 -9.15 -21.01 -35.05
N PHE A 57 -10.00 -21.05 -34.05
CA PHE A 57 -9.56 -20.95 -32.67
C PHE A 57 -8.96 -22.29 -32.24
N TYR A 58 -7.97 -22.24 -31.36
CA TYR A 58 -7.28 -23.45 -30.94
C TYR A 58 -6.82 -23.35 -29.49
N TYR A 59 -6.51 -24.50 -28.90
CA TYR A 59 -5.97 -24.51 -27.54
C TYR A 59 -4.57 -23.91 -27.51
N PHE A 60 -4.42 -22.85 -26.75
CA PHE A 60 -3.20 -22.05 -26.74
C PHE A 60 -2.35 -22.25 -25.50
N ASP A 61 -2.69 -23.26 -24.71
CA ASP A 61 -2.00 -23.47 -23.44
C ASP A 61 -1.98 -24.94 -23.04
N ASP A 62 -1.07 -25.27 -22.14
CA ASP A 62 -0.94 -26.60 -21.57
C ASP A 62 -1.69 -26.68 -20.24
N THR A 63 -1.88 -25.52 -19.62
CA THR A 63 -2.49 -25.42 -18.30
C THR A 63 -3.92 -25.94 -18.28
N PHE A 64 -4.24 -26.73 -17.26
CA PHE A 64 -5.60 -27.22 -17.08
C PHE A 64 -6.45 -26.13 -16.43
N ARG A 65 -7.61 -25.86 -17.01
CA ARG A 65 -8.52 -24.85 -16.50
C ARG A 65 -9.94 -25.40 -16.45
N SER A 66 -10.76 -24.83 -15.58
CA SER A 66 -12.18 -25.17 -15.53
C SER A 66 -13.01 -24.01 -14.99
N SER A 67 -14.23 -23.88 -15.48
CA SER A 67 -15.18 -22.88 -15.00
C SER A 67 -14.54 -21.50 -14.88
N VAL A 68 -13.90 -21.04 -15.95
CA VAL A 68 -13.17 -19.77 -15.90
C VAL A 68 -13.11 -19.08 -17.25
N ARG A 69 -13.07 -17.75 -17.23
CA ARG A 69 -12.86 -16.98 -18.43
C ARG A 69 -11.52 -16.25 -18.36
N VAL A 70 -10.71 -16.42 -19.40
CA VAL A 70 -9.39 -15.82 -19.42
C VAL A 70 -9.19 -14.95 -20.65
N LEU A 71 -8.51 -13.82 -20.45
CA LEU A 71 -8.20 -12.92 -21.55
C LEU A 71 -6.75 -13.11 -21.94
N THR A 72 -6.52 -13.57 -23.18
CA THR A 72 -5.17 -13.92 -23.60
C THR A 72 -4.77 -13.21 -24.89
N THR A 73 -3.48 -13.28 -25.22
CA THR A 73 -2.99 -12.70 -26.45
C THR A 73 -2.12 -13.70 -27.20
N GLY A 74 -2.05 -13.55 -28.52
CA GLY A 74 -1.22 -14.41 -29.34
C GLY A 74 -1.67 -14.38 -30.78
N TYR A 75 -1.20 -15.34 -31.57
CA TYR A 75 -1.53 -15.35 -32.98
C TYR A 75 -2.74 -16.21 -33.27
N PHE A 76 -3.83 -15.56 -33.67
CA PHE A 76 -5.10 -16.21 -33.94
C PHE A 76 -5.70 -15.71 -35.24
N LEU A 77 -6.58 -16.48 -35.82
CA LEU A 77 -7.30 -16.05 -37.02
C LEU A 77 -8.42 -15.09 -36.56
N PRO A 78 -8.48 -13.86 -37.09
CA PRO A 78 -9.47 -12.85 -36.77
C PRO A 78 -10.86 -13.33 -37.15
N PHE A 79 -11.88 -12.88 -36.44
CA PHE A 79 -13.25 -13.25 -36.79
C PHE A 79 -13.66 -12.52 -38.07
N ASN A 80 -14.40 -13.22 -38.93
CA ASN A 80 -14.81 -12.69 -40.22
C ASN A 80 -13.64 -12.19 -41.04
N SER A 81 -12.53 -12.94 -40.99
CA SER A 81 -11.36 -12.60 -41.79
C SER A 81 -11.54 -13.11 -43.22
N ASN A 82 -10.65 -12.67 -44.13
CA ASN A 82 -10.67 -13.09 -45.52
C ASN A 82 -9.77 -14.30 -45.75
N LEU A 83 -10.37 -15.41 -46.21
CA LEU A 83 -9.64 -16.63 -46.58
C LEU A 83 -9.55 -16.70 -48.09
N THR A 84 -8.41 -17.12 -48.61
CA THR A 84 -8.25 -17.28 -50.05
C THR A 84 -8.50 -18.72 -50.45
N GLY A 85 -9.36 -18.92 -51.44
CA GLY A 85 -9.67 -20.27 -51.90
C GLY A 85 -8.78 -20.68 -53.07
N TYR A 86 -8.37 -21.94 -53.01
CA TYR A 86 -7.60 -22.59 -54.06
C TYR A 86 -8.26 -23.94 -54.32
N SER A 87 -8.18 -24.46 -55.54
CA SER A 87 -8.93 -25.67 -55.82
C SER A 87 -8.29 -26.60 -56.83
N SER A 88 -8.88 -27.80 -56.91
CA SER A 88 -8.51 -28.80 -57.89
C SER A 88 -9.73 -29.13 -58.74
N ARG A 89 -9.54 -29.18 -60.06
CA ARG A 89 -10.66 -29.48 -60.95
C ARG A 89 -10.27 -30.45 -62.05
N ASN A 90 -11.20 -31.36 -62.34
CA ASN A 90 -11.03 -32.36 -63.39
C ASN A 90 -10.92 -31.70 -64.76
N ALA A 91 -9.88 -32.06 -65.51
CA ALA A 91 -9.66 -31.51 -66.84
C ALA A 91 -10.69 -32.04 -67.82
N VAL A 92 -11.20 -31.15 -68.65
CA VAL A 92 -12.14 -31.51 -69.69
C VAL A 92 -11.73 -30.87 -71.01
N THR A 93 -12.38 -31.26 -72.10
CA THR A 93 -12.01 -30.75 -73.41
C THR A 93 -11.90 -29.22 -73.44
N GLY A 94 -12.85 -28.54 -72.80
CA GLY A 94 -12.91 -27.08 -72.85
C GLY A 94 -12.23 -26.38 -71.67
N ARG A 95 -11.51 -27.13 -70.84
CA ARG A 95 -10.88 -26.55 -69.66
C ARG A 95 -9.59 -27.27 -69.27
N LEU A 96 -8.53 -26.50 -69.03
CA LEU A 96 -7.26 -27.08 -68.62
C LEU A 96 -7.33 -27.56 -67.19
N ILE A 97 -6.52 -28.56 -66.85
CA ILE A 97 -6.54 -29.12 -65.50
C ILE A 97 -6.23 -28.03 -64.49
N GLN A 98 -6.97 -28.02 -63.39
CA GLN A 98 -6.71 -27.05 -62.35
C GLN A 98 -6.06 -27.73 -61.17
N PHE A 99 -4.82 -27.38 -60.92
CA PHE A 99 -4.04 -27.99 -59.85
C PHE A 99 -3.35 -26.88 -59.08
N ASP A 100 -4.08 -26.25 -58.17
CA ASP A 100 -3.57 -25.06 -57.51
C ASP A 100 -2.59 -25.42 -56.40
N ASN A 101 -1.32 -25.10 -56.62
CA ASN A 101 -0.26 -25.41 -55.68
C ASN A 101 0.85 -24.34 -55.68
N PRO A 102 0.50 -23.08 -55.42
CA PRO A 102 1.38 -21.92 -55.36
C PRO A 102 2.23 -21.94 -54.10
N ASN A 103 3.28 -21.13 -54.08
CA ASN A 103 4.09 -20.96 -52.88
C ASN A 103 3.46 -19.93 -51.97
N ILE A 104 2.95 -20.38 -50.83
CA ILE A 104 2.23 -19.53 -49.90
C ILE A 104 3.10 -19.15 -48.71
N PRO A 105 3.25 -17.85 -48.42
CA PRO A 105 3.98 -17.32 -47.28
C PRO A 105 3.47 -17.91 -45.98
N PHE A 106 4.38 -18.25 -45.07
CA PHE A 106 4.01 -18.81 -43.78
C PHE A 106 3.84 -17.72 -42.73
N LYS A 107 4.61 -16.65 -42.89
CA LYS A 107 4.59 -15.52 -41.97
C LYS A 107 4.69 -15.95 -40.51
N ASP A 108 3.72 -15.56 -39.70
CA ASP A 108 3.76 -15.83 -38.26
C ASP A 108 2.85 -16.98 -37.87
N GLY A 109 2.40 -17.73 -38.86
CA GLY A 109 1.50 -18.85 -38.62
C GLY A 109 0.45 -18.91 -39.70
N LEU A 110 -0.04 -20.11 -39.98
CA LEU A 110 -0.97 -20.30 -41.08
C LEU A 110 -2.19 -21.13 -40.69
N TYR A 111 -3.36 -20.68 -41.15
CA TYR A 111 -4.60 -21.43 -40.98
C TYR A 111 -4.97 -22.14 -42.27
N PHE A 112 -5.22 -23.43 -42.19
CA PHE A 112 -5.53 -24.22 -43.36
C PHE A 112 -6.80 -25.04 -43.15
N ALA A 113 -7.69 -25.04 -44.13
CA ALA A 113 -8.89 -25.85 -44.05
C ALA A 113 -9.28 -26.35 -45.41
N ALA A 114 -9.92 -27.51 -45.48
CA ALA A 114 -10.35 -28.00 -46.77
C ALA A 114 -11.57 -28.91 -46.68
N THR A 115 -12.34 -28.92 -47.76
CA THR A 115 -13.51 -29.77 -47.91
C THR A 115 -13.27 -30.77 -49.03
N GLU A 116 -13.54 -32.05 -48.78
CA GLU A 116 -13.21 -33.07 -49.77
C GLU A 116 -14.23 -34.22 -49.84
N ARG A 117 -14.23 -34.91 -50.98
CA ARG A 117 -15.08 -36.08 -51.18
C ARG A 117 -14.29 -37.38 -51.37
N SER A 118 -12.96 -37.30 -51.34
CA SER A 118 -12.14 -38.46 -51.64
C SER A 118 -10.68 -38.31 -51.22
N ASN A 119 -10.45 -37.50 -50.18
CA ASN A 119 -9.10 -37.38 -49.63
C ASN A 119 -8.05 -37.08 -50.71
N VAL A 120 -8.23 -35.99 -51.47
CA VAL A 120 -7.27 -35.58 -52.48
C VAL A 120 -6.01 -34.97 -51.84
N ILE A 121 -6.20 -34.15 -50.83
CA ILE A 121 -5.07 -33.53 -50.13
C ILE A 121 -4.45 -34.51 -49.14
N ARG A 122 -3.16 -34.74 -49.28
CA ARG A 122 -2.49 -35.72 -48.44
C ARG A 122 -1.49 -35.11 -47.47
N GLY A 123 -0.91 -33.97 -47.85
CA GLY A 123 0.12 -33.40 -46.99
C GLY A 123 0.60 -32.05 -47.44
N TRP A 124 1.65 -31.57 -46.78
CA TRP A 124 2.18 -30.25 -47.02
C TRP A 124 3.70 -30.23 -46.98
N ILE A 125 4.29 -29.24 -47.65
CA ILE A 125 5.72 -29.02 -47.60
C ILE A 125 6.03 -27.71 -46.88
N PHE A 126 6.85 -27.79 -45.85
CA PHE A 126 7.24 -26.64 -45.06
C PHE A 126 8.71 -26.34 -45.24
N GLY A 127 9.05 -25.14 -45.69
CA GLY A 127 10.45 -24.81 -45.92
C GLY A 127 10.64 -23.34 -46.25
N SER A 128 11.80 -23.01 -46.78
CA SER A 128 12.13 -21.64 -47.13
C SER A 128 12.27 -21.49 -48.64
N THR A 129 13.38 -21.93 -49.19
CA THR A 129 13.61 -21.85 -50.64
C THR A 129 12.97 -23.01 -51.40
N LEU A 130 12.55 -24.04 -50.67
CA LEU A 130 11.86 -25.20 -51.24
C LEU A 130 12.66 -25.86 -52.37
N ASP A 131 13.96 -25.99 -52.16
CA ASP A 131 14.85 -26.67 -53.10
C ASP A 131 15.88 -27.46 -52.30
N ASN A 132 16.96 -27.91 -52.95
CA ASN A 132 17.96 -28.77 -52.29
C ASN A 132 19.09 -27.96 -51.65
N THR A 133 18.95 -26.63 -51.57
CA THR A 133 19.95 -25.77 -50.94
C THR A 133 19.80 -25.76 -49.43
N THR A 134 18.57 -25.85 -48.95
CA THR A 134 18.27 -25.82 -47.52
C THR A 134 17.38 -26.99 -47.16
N GLN A 135 17.23 -27.25 -45.86
CA GLN A 135 16.36 -28.32 -45.41
C GLN A 135 14.91 -27.90 -45.46
N SER A 136 14.04 -28.89 -45.64
CA SER A 136 12.61 -28.68 -45.59
C SER A 136 11.92 -29.89 -44.99
N ALA A 137 10.70 -29.70 -44.51
CA ALA A 137 9.94 -30.78 -43.91
C ALA A 137 8.79 -31.19 -44.81
N VAL A 138 8.70 -32.48 -45.05
CA VAL A 138 7.61 -33.01 -45.87
C VAL A 138 6.72 -33.90 -45.02
N LEU A 139 5.48 -33.49 -44.86
CA LEU A 139 4.53 -34.20 -44.00
C LEU A 139 3.32 -34.64 -44.80
N PHE A 140 3.16 -35.94 -44.99
CA PHE A 140 2.01 -36.40 -45.75
C PHE A 140 1.52 -37.77 -45.32
N ASN A 141 0.26 -38.03 -45.60
CA ASN A 141 -0.36 -39.30 -45.29
C ASN A 141 -0.38 -40.20 -46.53
N ASN A 142 0.47 -41.24 -46.52
CA ASN A 142 0.53 -42.20 -47.66
C ASN A 142 -0.41 -43.37 -47.35
N GLY A 143 -0.56 -44.25 -48.36
CA GLY A 143 -1.47 -45.40 -48.30
C GLY A 143 -1.61 -46.08 -46.93
N THR A 144 -0.49 -46.33 -46.25
CA THR A 144 -0.55 -47.11 -45.02
C THR A 144 0.05 -46.40 -43.79
N HIS A 145 0.78 -45.31 -44.00
CA HIS A 145 1.45 -44.63 -42.88
C HIS A 145 1.56 -43.12 -43.07
N ILE A 146 1.63 -42.39 -41.96
CA ILE A 146 1.93 -40.97 -41.97
C ILE A 146 3.43 -40.75 -41.87
N VAL A 147 4.00 -40.06 -42.83
CA VAL A 147 5.44 -39.91 -42.92
C VAL A 147 5.90 -38.48 -42.70
N ILE A 148 6.78 -38.29 -41.72
CA ILE A 148 7.36 -36.99 -41.42
C ILE A 148 8.87 -37.01 -41.61
N ASN A 149 9.36 -36.28 -42.63
CA ASN A 149 10.79 -36.23 -42.90
C ASN A 149 11.32 -34.82 -42.99
N VAL A 150 12.54 -34.61 -42.48
CA VAL A 150 13.23 -33.34 -42.66
C VAL A 150 14.59 -33.59 -43.31
N CYS A 151 14.74 -33.13 -44.57
CA CYS A 151 15.90 -33.41 -45.40
C CYS A 151 16.16 -32.30 -46.39
N ASN A 152 17.27 -32.38 -47.10
CA ASN A 152 17.50 -31.53 -48.25
C ASN A 152 16.90 -32.20 -49.47
N PHE A 153 15.72 -31.74 -49.88
CA PHE A 153 14.96 -32.41 -50.92
C PHE A 153 15.12 -31.76 -52.29
N TYR A 154 15.13 -32.59 -53.32
CA TYR A 154 15.02 -32.13 -54.69
C TYR A 154 13.60 -32.37 -55.16
N PHE A 155 12.77 -31.34 -55.02
CA PHE A 155 11.32 -31.49 -55.22
C PHE A 155 10.92 -31.52 -56.68
N CYS A 156 9.80 -32.20 -56.95
CA CYS A 156 9.15 -32.19 -58.27
C CYS A 156 8.49 -30.84 -58.50
N GLN A 157 8.30 -30.47 -59.76
CA GLN A 157 7.66 -29.20 -60.08
C GLN A 157 6.24 -29.14 -59.54
N ASP A 158 5.55 -30.28 -59.58
CA ASP A 158 4.18 -30.38 -59.13
C ASP A 158 3.97 -31.62 -58.27
N PRO A 159 4.42 -31.62 -57.02
CA PRO A 159 4.51 -32.76 -56.14
C PRO A 159 3.12 -33.35 -55.92
N MET A 160 3.02 -34.66 -56.01
CA MET A 160 1.72 -35.32 -55.94
C MET A 160 1.81 -36.80 -55.60
N LEU A 161 0.67 -37.36 -55.22
CA LEU A 161 0.51 -38.79 -55.06
C LEU A 161 -0.44 -39.32 -56.13
N THR A 162 -0.32 -40.60 -56.48
CA THR A 162 -1.22 -41.19 -57.48
C THR A 162 -1.92 -42.45 -56.97
N VAL A 163 -3.20 -42.59 -57.34
CA VAL A 163 -4.03 -43.73 -56.99
C VAL A 163 -4.71 -44.35 -58.22
N ALA A 164 -4.76 -45.68 -58.27
CA ALA A 164 -5.35 -46.37 -59.41
C ALA A 164 -5.95 -47.72 -59.02
N ASN A 165 -7.08 -48.12 -59.65
CA ASN A 165 -7.73 -49.36 -59.47
C ASN A 165 -8.15 -49.66 -57.97
N GLY A 166 -8.55 -48.52 -57.30
CA GLY A 166 -9.02 -48.61 -55.90
C GLY A 166 -7.88 -48.79 -54.91
N SER A 167 -6.65 -48.63 -55.39
CA SER A 167 -5.48 -48.85 -54.55
C SER A 167 -4.38 -47.84 -54.79
N HIS A 168 -3.56 -47.63 -53.78
CA HIS A 168 -2.47 -46.67 -53.86
C HIS A 168 -1.43 -47.15 -54.85
N TYR A 169 -0.88 -46.22 -55.64
CA TYR A 169 0.04 -46.58 -56.71
C TYR A 169 1.46 -46.10 -56.46
N LYS A 170 1.65 -44.79 -56.36
CA LYS A 170 2.99 -44.22 -56.23
C LYS A 170 2.98 -42.85 -55.54
N SER A 171 4.17 -42.40 -55.16
CA SER A 171 4.35 -41.09 -54.55
C SER A 171 5.39 -40.28 -55.30
N TRP A 172 4.96 -39.16 -55.89
CA TRP A 172 5.81 -38.33 -56.72
C TRP A 172 5.98 -36.94 -56.12
N VAL A 173 6.54 -36.86 -54.94
CA VAL A 173 6.72 -35.58 -54.26
C VAL A 173 8.11 -35.02 -54.54
N PHE A 174 9.11 -35.89 -54.46
CA PHE A 174 10.49 -35.49 -54.65
C PHE A 174 11.29 -36.59 -55.33
N LEU A 175 12.43 -36.21 -55.88
CA LEU A 175 13.33 -37.18 -56.52
C LEU A 175 14.39 -37.66 -55.54
N ASN A 176 15.33 -36.78 -55.17
CA ASN A 176 16.41 -37.06 -54.27
C ASN A 176 16.18 -36.48 -52.87
N ALA A 177 16.80 -37.09 -51.87
CA ALA A 177 16.87 -36.56 -50.50
C ALA A 177 18.21 -36.97 -49.90
N THR A 178 18.90 -36.03 -49.29
CA THR A 178 20.25 -36.31 -48.78
C THR A 178 20.37 -36.23 -47.26
N ASN A 179 20.73 -35.06 -46.72
CA ASN A 179 21.08 -34.90 -45.31
C ASN A 179 19.83 -34.85 -44.44
N CYS A 180 19.25 -36.02 -44.19
CA CYS A 180 18.06 -36.16 -43.36
C CYS A 180 18.43 -36.14 -41.88
N THR A 181 17.75 -35.28 -41.13
CA THR A 181 18.03 -35.16 -39.70
C THR A 181 16.86 -35.58 -38.84
N TYR A 182 15.68 -35.70 -39.45
CA TYR A 182 14.50 -36.11 -38.71
C TYR A 182 13.67 -37.09 -39.53
N ASN A 183 13.27 -38.20 -38.91
CA ASN A 183 12.45 -39.19 -39.60
C ASN A 183 11.54 -39.94 -38.62
N ARG A 184 10.24 -39.68 -38.74
CA ARG A 184 9.26 -40.34 -37.90
C ARG A 184 8.09 -40.86 -38.74
N VAL A 185 7.67 -42.09 -38.45
CA VAL A 185 6.54 -42.68 -39.14
C VAL A 185 5.44 -43.09 -38.16
N HIS A 186 4.23 -42.61 -38.42
CA HIS A 186 3.09 -42.92 -37.55
C HIS A 186 2.11 -43.86 -38.26
N ALA A 187 1.49 -44.75 -37.47
CA ALA A 187 0.47 -45.64 -38.04
C ALA A 187 -0.78 -44.86 -38.38
N PHE A 188 -1.42 -45.23 -39.49
CA PHE A 188 -2.66 -44.61 -39.92
C PHE A 188 -3.20 -45.33 -41.16
N GLU A 189 -4.50 -45.17 -41.43
CA GLU A 189 -5.05 -45.78 -42.64
C GLU A 189 -5.87 -44.80 -43.46
N ILE A 190 -5.56 -44.72 -44.75
CA ILE A 190 -6.33 -43.92 -45.68
C ILE A 190 -6.90 -44.82 -46.77
N ASP A 191 -8.22 -44.75 -46.97
CA ASP A 191 -8.92 -45.59 -47.94
C ASP A 191 -9.83 -44.76 -48.86
N PRO A 192 -9.23 -43.99 -49.77
CA PRO A 192 -9.86 -42.98 -50.60
C PRO A 192 -10.63 -43.64 -51.73
N SER A 193 -11.74 -43.03 -52.12
CA SER A 193 -12.54 -43.57 -53.22
C SER A 193 -13.38 -42.51 -53.91
N LEU A 194 -14.08 -42.95 -54.96
CA LEU A 194 -15.00 -42.06 -55.68
C LEU A 194 -16.41 -42.22 -55.14
N ASN A 195 -16.93 -41.16 -54.53
CA ASN A 195 -18.27 -41.21 -53.94
C ASN A 195 -19.27 -40.38 -54.73
N THR A 196 -18.89 -40.00 -55.94
CA THR A 196 -19.75 -39.28 -56.88
C THR A 196 -20.78 -38.38 -56.18
N GLY A 197 -20.31 -37.64 -55.17
CA GLY A 197 -21.22 -36.80 -54.38
C GLY A 197 -20.69 -35.38 -54.28
N ALA A 198 -20.61 -34.88 -53.05
CA ALA A 198 -20.12 -33.54 -52.77
C ALA A 198 -19.24 -33.60 -51.53
N PHE A 199 -18.94 -32.45 -50.92
CA PHE A 199 -18.06 -32.47 -49.77
C PHE A 199 -18.86 -32.74 -48.51
N ILE A 200 -18.51 -33.83 -47.84
CA ILE A 200 -19.24 -34.33 -46.69
C ILE A 200 -18.47 -34.13 -45.40
N HIS A 201 -17.19 -33.84 -45.51
CA HIS A 201 -16.35 -33.62 -44.33
C HIS A 201 -15.45 -32.42 -44.50
N LEU A 202 -15.25 -31.70 -43.39
CA LEU A 202 -14.37 -30.56 -43.32
C LEU A 202 -13.20 -30.82 -42.37
N ARG A 203 -11.99 -30.58 -42.87
CA ARG A 203 -10.78 -30.73 -42.07
C ARG A 203 -10.13 -29.38 -41.80
N GLU A 204 -9.69 -29.17 -40.57
CA GLU A 204 -9.09 -27.90 -40.19
C GLU A 204 -7.75 -28.09 -39.49
N HIS A 205 -6.77 -27.29 -39.86
CA HIS A 205 -5.44 -27.33 -39.27
C HIS A 205 -4.88 -25.94 -38.99
N VAL A 206 -4.11 -25.84 -37.92
CA VAL A 206 -3.32 -24.64 -37.64
C VAL A 206 -1.85 -24.98 -37.50
N PHE A 207 -1.01 -24.26 -38.24
CA PHE A 207 0.42 -24.49 -38.23
C PHE A 207 1.17 -23.31 -37.63
N ARG A 208 1.98 -23.59 -36.61
CA ARG A 208 2.79 -22.57 -35.96
C ARG A 208 4.22 -23.05 -35.74
N ASN A 209 5.19 -22.19 -36.00
CA ASN A 209 6.60 -22.57 -35.83
C ASN A 209 7.27 -21.72 -34.77
N VAL A 210 7.35 -22.26 -33.55
CA VAL A 210 7.84 -21.50 -32.41
C VAL A 210 8.92 -22.24 -31.63
N ASP A 211 10.05 -21.56 -31.41
CA ASP A 211 11.16 -22.10 -30.64
C ASP A 211 11.64 -23.46 -31.13
N GLY A 212 11.68 -23.61 -32.46
CA GLY A 212 12.21 -24.84 -33.07
C GLY A 212 11.16 -25.92 -33.23
N PHE A 213 9.96 -25.71 -32.71
CA PHE A 213 8.92 -26.72 -32.80
C PHE A 213 7.83 -26.35 -33.80
N LEU A 214 7.44 -27.32 -34.60
CA LEU A 214 6.30 -27.14 -35.48
C LEU A 214 5.06 -27.71 -34.80
N TYR A 215 4.13 -26.82 -34.45
CA TYR A 215 2.91 -27.19 -33.77
C TYR A 215 1.81 -27.41 -34.77
N VAL A 216 1.09 -28.51 -34.61
CA VAL A 216 -0.04 -28.78 -35.49
C VAL A 216 -1.29 -29.01 -34.66
N TYR A 217 -2.32 -28.22 -34.94
CA TYR A 217 -3.62 -28.36 -34.28
C TYR A 217 -4.60 -28.90 -35.29
N HIS A 218 -5.57 -29.68 -34.83
CA HIS A 218 -6.48 -30.37 -35.75
C HIS A 218 -7.92 -30.47 -35.26
N ASN A 219 -8.85 -30.40 -36.20
CA ASN A 219 -10.26 -30.65 -35.95
C ASN A 219 -10.91 -31.33 -37.16
N TYR A 220 -12.02 -32.01 -36.91
CA TYR A 220 -12.73 -32.75 -37.96
C TYR A 220 -14.22 -32.78 -37.69
N GLU A 221 -15.01 -32.38 -38.69
CA GLU A 221 -16.47 -32.34 -38.54
C GLU A 221 -17.17 -32.59 -39.86
N ARG A 222 -18.46 -32.95 -39.78
CA ARG A 222 -19.26 -33.15 -40.97
C ARG A 222 -19.67 -31.82 -41.61
N ALA A 223 -19.75 -31.81 -42.94
CA ALA A 223 -20.16 -30.62 -43.68
C ALA A 223 -21.06 -31.03 -44.84
N ASN A 224 -21.87 -30.10 -45.33
CA ASN A 224 -22.70 -30.38 -46.49
C ASN A 224 -22.68 -29.23 -47.50
N VAL A 225 -21.56 -29.09 -48.20
CA VAL A 225 -21.42 -28.01 -49.17
C VAL A 225 -20.84 -28.55 -50.48
N TYR A 226 -20.93 -27.74 -51.53
CA TYR A 226 -20.29 -28.10 -52.78
C TYR A 226 -19.07 -27.23 -53.08
N ASP A 227 -19.22 -25.92 -52.85
CA ASP A 227 -18.13 -25.00 -53.15
C ASP A 227 -18.23 -23.74 -52.29
N ASN A 228 -17.96 -23.89 -51.00
CA ASN A 228 -18.02 -22.79 -50.06
C ASN A 228 -17.27 -23.15 -48.78
N PHE A 229 -17.25 -22.22 -47.83
CA PHE A 229 -16.61 -22.45 -46.53
C PHE A 229 -17.65 -22.40 -45.42
N PRO A 230 -17.98 -23.53 -44.80
CA PRO A 230 -18.99 -23.70 -43.76
C PRO A 230 -18.75 -22.73 -42.61
N SER A 231 -19.81 -22.05 -42.19
CA SER A 231 -19.74 -21.09 -41.09
C SER A 231 -19.88 -21.77 -39.75
N GLY A 232 -19.58 -21.03 -38.68
CA GLY A 232 -19.72 -21.55 -37.33
C GLY A 232 -18.50 -21.23 -36.46
N PHE A 233 -18.44 -21.89 -35.31
CA PHE A 233 -17.35 -21.73 -34.35
C PHE A 233 -16.75 -23.08 -33.99
N SER A 234 -15.43 -23.16 -33.91
CA SER A 234 -14.76 -24.41 -33.58
C SER A 234 -13.46 -24.18 -32.85
N VAL A 235 -13.02 -25.20 -32.11
CA VAL A 235 -11.75 -25.15 -31.42
C VAL A 235 -10.91 -26.37 -31.79
N LEU A 236 -9.66 -26.13 -32.21
CA LEU A 236 -8.77 -27.19 -32.64
C LEU A 236 -7.86 -27.63 -31.50
N LYS A 237 -7.57 -28.94 -31.46
CA LYS A 237 -6.71 -29.50 -30.42
C LYS A 237 -5.35 -29.89 -30.99
N PRO A 238 -4.28 -29.79 -30.21
CA PRO A 238 -2.92 -30.13 -30.57
C PRO A 238 -2.77 -31.61 -30.83
N ILE A 239 -2.05 -31.95 -31.90
CA ILE A 239 -1.77 -33.33 -32.21
C ILE A 239 -0.26 -33.60 -32.32
N LEU A 240 0.47 -32.65 -32.90
CA LEU A 240 1.91 -32.81 -33.11
C LEU A 240 2.69 -31.64 -32.54
N LYS A 241 3.89 -31.93 -32.06
CA LYS A 241 4.84 -30.93 -31.59
C LYS A 241 6.25 -31.39 -31.97
N LEU A 242 6.67 -31.07 -33.19
CA LEU A 242 7.83 -31.69 -33.80
C LEU A 242 9.09 -30.81 -33.73
N PRO A 243 10.16 -31.30 -33.08
CA PRO A 243 11.42 -30.61 -32.85
C PRO A 243 12.31 -30.62 -34.07
N PHE A 244 11.90 -29.88 -35.09
CA PHE A 244 12.64 -29.82 -36.35
C PHE A 244 13.86 -28.89 -36.29
N GLY A 245 13.68 -27.71 -35.69
CA GLY A 245 14.71 -26.68 -35.74
C GLY A 245 14.77 -26.05 -37.14
N LEU A 246 13.64 -26.08 -37.83
CA LEU A 246 13.52 -25.65 -39.22
C LEU A 246 13.03 -24.21 -39.34
N ASN A 247 13.41 -23.52 -40.41
CA ASN A 247 13.11 -22.15 -40.70
C ASN A 247 12.07 -22.01 -41.87
N ILE A 248 10.79 -22.21 -41.51
CA ILE A 248 9.69 -22.22 -42.48
C ILE A 248 9.24 -20.80 -42.85
N THR A 249 9.27 -20.48 -44.14
CA THR A 249 8.80 -19.18 -44.61
C THR A 249 7.80 -19.36 -45.75
N GLN A 250 7.79 -20.56 -46.34
CA GLN A 250 6.93 -20.90 -47.47
C GLN A 250 6.18 -22.20 -47.23
N PHE A 251 4.99 -22.31 -47.79
CA PHE A 251 4.10 -23.46 -47.62
C PHE A 251 3.54 -23.96 -48.96
N LYS A 252 3.54 -25.27 -49.17
CA LYS A 252 2.94 -25.86 -50.37
C LYS A 252 2.08 -27.08 -50.06
N VAL A 253 1.06 -27.31 -50.87
CA VAL A 253 0.13 -28.42 -50.66
C VAL A 253 0.38 -29.58 -51.63
N ILE A 254 0.37 -30.81 -51.08
CA ILE A 254 0.53 -32.03 -51.88
C ILE A 254 -0.83 -32.70 -52.10
N MET A 255 -1.21 -32.85 -53.37
CA MET A 255 -2.51 -33.42 -53.75
C MET A 255 -2.38 -34.73 -54.51
N THR A 256 -3.47 -35.51 -54.52
CA THR A 256 -3.51 -36.80 -55.21
C THR A 256 -4.26 -36.73 -56.53
N LEU A 257 -3.70 -37.36 -57.55
CA LEU A 257 -4.40 -37.56 -58.82
C LEU A 257 -4.91 -38.98 -58.91
N PHE A 258 -6.01 -39.18 -59.63
CA PHE A 258 -6.63 -40.49 -59.77
C PHE A 258 -6.74 -40.94 -61.22
N SER A 259 -6.49 -42.23 -61.46
CA SER A 259 -6.82 -42.86 -62.75
C SER A 259 -6.41 -44.34 -62.81
N PRO A 260 -7.31 -45.23 -63.25
CA PRO A 260 -7.10 -46.64 -63.48
C PRO A 260 -6.24 -46.84 -64.72
N THR A 261 -5.56 -47.99 -64.80
CA THR A 261 -4.74 -48.35 -65.97
C THR A 261 -3.47 -47.49 -66.07
N THR A 262 -3.43 -46.40 -65.31
CA THR A 262 -2.30 -45.49 -65.21
C THR A 262 -1.63 -45.19 -66.55
N SER A 263 -2.44 -44.90 -67.56
CA SER A 263 -1.91 -44.36 -68.82
C SER A 263 -1.77 -42.84 -68.71
N SER A 264 -2.63 -42.24 -67.89
CA SER A 264 -2.61 -40.81 -67.63
C SER A 264 -3.37 -40.56 -66.34
N PHE A 265 -3.21 -39.38 -65.73
CA PHE A 265 -3.94 -39.07 -64.51
C PHE A 265 -4.73 -37.77 -64.63
N ASN A 266 -5.86 -37.70 -63.92
CA ASN A 266 -6.63 -36.47 -63.83
C ASN A 266 -6.85 -36.11 -62.36
N ALA A 267 -7.53 -34.99 -62.12
CA ALA A 267 -7.82 -34.55 -60.76
C ALA A 267 -9.31 -34.65 -60.46
N ASP A 268 -9.63 -34.91 -59.20
CA ASP A 268 -11.02 -34.79 -58.77
C ASP A 268 -11.24 -33.35 -58.28
N ALA A 269 -12.45 -33.04 -57.87
CA ALA A 269 -12.73 -31.71 -57.37
C ALA A 269 -12.44 -31.66 -55.87
N SER A 270 -11.74 -30.62 -55.45
CA SER A 270 -11.48 -30.40 -54.03
C SER A 270 -11.20 -28.92 -53.79
N VAL A 271 -11.51 -28.42 -52.60
CA VAL A 271 -11.20 -27.02 -52.31
C VAL A 271 -10.54 -26.85 -50.97
N TYR A 272 -9.48 -26.05 -50.94
CA TYR A 272 -8.85 -25.70 -49.68
C TYR A 272 -8.77 -24.19 -49.56
N PHE A 273 -8.71 -23.74 -48.31
CA PHE A 273 -8.74 -22.32 -47.99
C PHE A 273 -7.57 -21.98 -47.09
N VAL A 274 -6.99 -20.81 -47.28
CA VAL A 274 -5.86 -20.40 -46.46
C VAL A 274 -6.02 -19.01 -45.86
N GLY A 275 -5.75 -18.91 -44.57
CA GLY A 275 -5.77 -17.65 -43.85
C GLY A 275 -4.44 -17.44 -43.14
N HIS A 276 -4.31 -16.30 -42.47
CA HIS A 276 -3.08 -16.00 -41.74
C HIS A 276 -3.39 -15.57 -40.32
N LEU A 277 -2.53 -15.93 -39.39
CA LEU A 277 -2.75 -15.59 -38.00
C LEU A 277 -2.18 -14.20 -37.70
N LYS A 278 -2.87 -13.47 -36.83
CA LYS A 278 -2.47 -12.11 -36.46
C LYS A 278 -2.40 -11.98 -34.94
N PRO A 279 -1.61 -11.04 -34.42
CA PRO A 279 -1.45 -10.72 -33.00
C PRO A 279 -2.71 -10.06 -32.45
N LEU A 280 -3.59 -10.88 -31.87
CA LEU A 280 -4.89 -10.43 -31.40
C LEU A 280 -5.05 -10.66 -29.91
N THR A 281 -5.98 -9.92 -29.32
CA THR A 281 -6.40 -10.17 -27.95
C THR A 281 -7.77 -10.83 -27.98
N MET A 282 -7.92 -11.94 -27.26
CA MET A 282 -9.17 -12.69 -27.28
C MET A 282 -9.57 -13.21 -25.92
N LEU A 283 -10.88 -13.25 -25.68
CA LEU A 283 -11.43 -13.81 -24.46
C LEU A 283 -11.89 -15.23 -24.71
N ALA A 284 -11.53 -16.17 -23.83
CA ALA A 284 -11.93 -17.56 -23.98
C ALA A 284 -12.58 -18.10 -22.73
N GLU A 285 -13.67 -18.84 -22.90
CA GLU A 285 -14.39 -19.42 -21.76
C GLU A 285 -14.25 -20.93 -21.68
N PHE A 286 -13.79 -21.40 -20.53
CA PHE A 286 -13.63 -22.82 -20.25
C PHE A 286 -14.78 -23.32 -19.39
N ASP A 287 -15.39 -24.43 -19.81
CA ASP A 287 -16.50 -25.00 -19.06
C ASP A 287 -16.01 -25.89 -17.93
N GLU A 288 -16.94 -26.61 -17.30
CA GLU A 288 -16.64 -27.43 -16.12
C GLU A 288 -15.60 -28.54 -16.38
N ASN A 289 -15.47 -28.98 -17.63
CA ASN A 289 -14.54 -30.07 -18.00
C ASN A 289 -13.29 -29.52 -18.68
N GLY A 290 -13.09 -28.21 -18.69
CA GLY A 290 -11.92 -27.56 -19.29
C GLY A 290 -12.03 -27.44 -20.81
N THR A 291 -13.24 -27.49 -21.34
CA THR A 291 -13.44 -27.37 -22.78
C THR A 291 -13.77 -25.94 -23.14
N ILE A 292 -13.15 -25.43 -24.21
CA ILE A 292 -13.45 -24.09 -24.66
C ILE A 292 -14.76 -24.13 -25.44
N THR A 293 -15.74 -23.37 -24.98
CA THR A 293 -17.08 -23.42 -25.56
C THR A 293 -17.41 -22.16 -26.34
N ASP A 294 -16.68 -21.08 -26.06
CA ASP A 294 -16.93 -19.81 -26.71
C ASP A 294 -15.69 -18.94 -26.66
N ALA A 295 -15.62 -17.97 -27.57
CA ALA A 295 -14.51 -17.02 -27.60
C ALA A 295 -14.90 -15.71 -28.27
N VAL A 296 -14.26 -14.63 -27.85
CA VAL A 296 -14.53 -13.30 -28.40
C VAL A 296 -13.30 -12.61 -28.96
N ASP A 297 -13.43 -12.10 -30.18
CA ASP A 297 -12.40 -11.26 -30.81
C ASP A 297 -12.60 -9.81 -30.37
N CYS A 298 -11.72 -9.32 -29.50
CA CYS A 298 -11.91 -8.06 -28.78
C CYS A 298 -11.85 -6.86 -29.70
N SER A 299 -11.38 -7.05 -30.93
CA SER A 299 -11.16 -5.93 -31.84
C SER A 299 -12.24 -5.81 -32.91
N GLN A 300 -13.25 -6.68 -32.87
CA GLN A 300 -14.24 -6.76 -33.97
C GLN A 300 -15.32 -5.67 -33.92
N ASP A 301 -15.99 -5.51 -32.78
CA ASP A 301 -17.14 -4.56 -32.71
C ASP A 301 -17.20 -3.98 -31.30
N PRO A 302 -18.01 -2.93 -31.04
CA PRO A 302 -18.15 -2.40 -29.70
C PRO A 302 -18.67 -3.33 -28.60
N LEU A 303 -19.50 -4.32 -28.95
CA LEU A 303 -20.00 -5.34 -27.99
C LEU A 303 -18.89 -6.31 -27.57
N SER A 304 -18.03 -6.73 -28.49
CA SER A 304 -16.87 -7.59 -28.14
C SER A 304 -15.90 -6.82 -27.25
N GLU A 305 -15.66 -5.55 -27.54
CA GLU A 305 -14.76 -4.71 -26.71
C GLU A 305 -15.35 -4.58 -25.31
N LEU A 306 -16.69 -4.55 -25.21
CA LEU A 306 -17.29 -4.52 -23.88
C LEU A 306 -17.18 -5.88 -23.19
N LYS A 307 -17.48 -6.97 -23.91
CA LYS A 307 -17.36 -8.31 -23.33
C LYS A 307 -15.95 -8.60 -22.81
N CYS A 308 -14.92 -8.20 -23.58
CA CYS A 308 -13.53 -8.40 -23.20
C CYS A 308 -13.15 -7.55 -21.99
N THR A 309 -13.60 -6.30 -21.98
CA THR A 309 -13.30 -5.39 -20.89
C THR A 309 -13.80 -5.92 -19.55
N THR A 310 -15.02 -6.46 -19.55
CA THR A 310 -15.65 -6.94 -18.33
C THR A 310 -15.33 -8.42 -18.09
N LYS A 311 -14.58 -9.02 -19.01
CA LYS A 311 -14.23 -10.43 -18.92
C LYS A 311 -15.45 -11.31 -18.71
N SER A 312 -16.51 -11.03 -19.46
CA SER A 312 -17.75 -11.78 -19.32
C SER A 312 -18.50 -11.83 -20.64
N LEU A 313 -19.01 -13.00 -20.97
CA LEU A 313 -19.73 -13.19 -22.23
C LEU A 313 -21.18 -12.76 -22.06
N THR A 314 -21.55 -12.47 -20.83
CA THR A 314 -22.88 -11.95 -20.51
C THR A 314 -22.74 -10.57 -19.89
N VAL A 315 -23.45 -9.59 -20.44
CA VAL A 315 -23.36 -8.23 -19.94
C VAL A 315 -24.74 -7.70 -19.55
N GLU A 316 -24.80 -7.09 -18.37
CA GLU A 316 -26.03 -6.55 -17.82
C GLU A 316 -26.38 -5.19 -18.41
N LYS A 317 -27.64 -4.82 -18.29
CA LYS A 317 -28.15 -3.53 -18.77
C LYS A 317 -27.42 -2.36 -18.11
N GLY A 318 -27.04 -1.37 -18.91
CA GLY A 318 -26.38 -0.18 -18.39
C GLY A 318 -25.33 0.39 -19.33
N ILE A 319 -24.61 1.40 -18.85
CA ILE A 319 -23.56 2.05 -19.64
C ILE A 319 -22.19 1.77 -19.03
N TYR A 320 -21.27 1.28 -19.85
CA TYR A 320 -19.95 0.90 -19.37
C TYR A 320 -18.83 1.62 -20.10
N GLN A 321 -17.76 1.94 -19.38
CA GLN A 321 -16.56 2.45 -20.03
C GLN A 321 -15.68 1.29 -20.43
N THR A 322 -15.10 1.35 -21.61
CA THR A 322 -14.34 0.21 -22.14
C THR A 322 -12.88 0.52 -22.39
N SER A 323 -12.08 -0.55 -22.44
CA SER A 323 -10.66 -0.46 -22.76
C SER A 323 -10.46 -0.39 -24.26
N ASN A 324 -9.29 0.06 -24.68
CA ASN A 324 -9.01 0.14 -26.11
C ASN A 324 -8.47 -1.15 -26.70
N PHE A 325 -9.35 -1.92 -27.33
CA PHE A 325 -8.94 -3.12 -28.05
C PHE A 325 -9.14 -2.87 -29.54
N ARG A 326 -9.44 -1.62 -29.86
CA ARG A 326 -9.87 -1.18 -31.18
C ARG A 326 -8.74 -0.79 -32.12
N VAL A 327 -7.83 0.07 -31.66
CA VAL A 327 -6.77 0.58 -32.59
C VAL A 327 -5.41 0.03 -32.22
N SER A 328 -4.69 -0.52 -33.19
CA SER A 328 -3.36 -1.09 -33.06
C SER A 328 -2.53 -0.79 -34.29
N PRO A 329 -1.24 -0.46 -34.13
CA PRO A 329 -0.29 -0.12 -35.17
C PRO A 329 0.02 -1.34 -36.02
N SER A 330 0.33 -1.10 -37.30
CA SER A 330 0.71 -2.19 -38.19
C SER A 330 2.09 -1.98 -38.82
N THR A 331 2.60 -0.76 -38.70
CA THR A 331 3.90 -0.42 -39.28
C THR A 331 4.77 0.31 -38.27
N GLU A 332 5.97 0.68 -38.70
CA GLU A 332 6.93 1.37 -37.84
C GLU A 332 7.69 2.44 -38.59
N VAL A 333 7.85 3.60 -37.94
CA VAL A 333 8.60 4.70 -38.51
C VAL A 333 9.97 4.84 -37.85
N VAL A 334 11.01 4.53 -38.60
CA VAL A 334 12.36 4.55 -38.06
C VAL A 334 13.18 5.68 -38.67
N ARG A 335 13.70 6.55 -37.83
CA ARG A 335 14.43 7.71 -38.33
C ARG A 335 15.77 7.89 -37.63
N PHE A 336 16.85 7.83 -38.40
CA PHE A 336 18.21 8.00 -37.89
C PHE A 336 18.96 9.09 -38.65
N PRO A 337 20.01 9.69 -38.07
CA PRO A 337 20.82 10.76 -38.62
C PRO A 337 21.56 10.30 -39.86
N ASN A 338 22.04 11.26 -40.66
CA ASN A 338 22.79 11.00 -41.86
C ASN A 338 24.24 10.65 -41.53
N ILE A 339 24.54 9.36 -41.33
CA ILE A 339 25.92 8.90 -41.05
C ILE A 339 26.25 7.74 -41.99
N THR A 340 27.35 7.86 -42.73
CA THR A 340 27.75 6.84 -43.69
C THR A 340 29.04 6.13 -43.31
N ASN A 341 29.81 6.71 -42.41
CA ASN A 341 31.11 6.15 -42.04
C ASN A 341 31.00 5.16 -40.88
N LEU A 342 31.78 4.09 -40.94
CA LEU A 342 31.88 3.14 -39.84
C LEU A 342 32.89 3.65 -38.81
N CYS A 343 32.66 3.30 -37.53
CA CYS A 343 33.60 3.68 -36.47
C CYS A 343 34.92 2.98 -36.64
N PRO A 344 36.04 3.69 -36.43
CA PRO A 344 37.41 3.25 -36.61
C PRO A 344 37.84 2.31 -35.49
N PHE A 345 37.15 1.18 -35.39
CA PHE A 345 37.46 0.21 -34.35
C PHE A 345 38.84 -0.39 -34.59
N GLY A 346 39.20 -0.55 -35.85
CA GLY A 346 40.50 -1.11 -36.20
C GLY A 346 41.63 -0.30 -35.60
N GLN A 347 41.41 1.02 -35.46
CA GLN A 347 42.42 1.91 -34.91
C GLN A 347 42.83 1.54 -33.50
N VAL A 348 41.89 1.02 -32.71
CA VAL A 348 42.17 0.66 -31.33
C VAL A 348 42.34 -0.83 -31.16
N PHE A 349 41.46 -1.61 -31.78
CA PHE A 349 41.48 -3.07 -31.61
C PHE A 349 42.62 -3.75 -32.37
N ASN A 350 43.07 -3.15 -33.48
CA ASN A 350 44.17 -3.72 -34.30
C ASN A 350 45.38 -2.80 -34.31
N ALA A 351 45.60 -2.05 -33.23
CA ALA A 351 46.74 -1.14 -33.09
C ALA A 351 48.05 -1.91 -33.00
N SER A 352 49.13 -1.32 -33.49
CA SER A 352 50.44 -1.94 -33.41
C SER A 352 51.03 -1.85 -32.00
N LYS A 353 50.51 -0.93 -31.19
CA LYS A 353 51.06 -0.72 -29.85
C LYS A 353 50.03 -0.16 -28.87
N PHE A 354 49.93 -0.79 -27.70
CA PHE A 354 49.14 -0.27 -26.59
C PHE A 354 50.01 0.31 -25.49
N PRO A 355 49.49 1.27 -24.74
CA PRO A 355 50.07 1.87 -23.55
C PRO A 355 49.98 0.96 -22.34
N SER A 356 50.83 1.22 -21.35
CA SER A 356 50.78 0.52 -20.08
C SER A 356 49.60 1.01 -19.23
N VAL A 357 49.22 0.20 -18.24
CA VAL A 357 48.06 0.51 -17.43
C VAL A 357 48.21 1.75 -16.56
N TYR A 358 49.43 2.04 -16.12
CA TYR A 358 49.65 3.21 -15.27
C TYR A 358 49.56 4.49 -16.09
N ALA A 359 49.62 4.36 -17.41
CA ALA A 359 49.62 5.49 -18.31
C ALA A 359 48.70 5.22 -19.48
N TRP A 360 47.42 5.02 -19.19
CA TRP A 360 46.43 4.63 -20.18
C TRP A 360 46.05 5.79 -21.07
N GLU A 361 45.53 5.48 -22.26
CA GLU A 361 45.16 6.51 -23.23
C GLU A 361 43.66 6.58 -23.46
N ARG A 362 43.19 7.75 -23.89
CA ARG A 362 41.79 7.96 -24.21
C ARG A 362 41.59 8.49 -25.62
N LEU A 363 40.65 7.88 -26.34
CA LEU A 363 40.29 8.30 -27.69
C LEU A 363 38.80 8.63 -27.78
N ARG A 364 38.47 9.73 -28.43
CA ARG A 364 37.03 10.11 -28.60
C ARG A 364 36.48 9.60 -29.94
N ILE A 365 35.29 9.00 -29.91
CA ILE A 365 34.63 8.46 -31.09
C ILE A 365 33.39 9.29 -31.45
N SER A 366 33.32 9.74 -32.70
CA SER A 366 32.20 10.57 -33.14
C SER A 366 31.95 10.49 -34.64
N ASP A 367 30.74 10.89 -35.05
CA ASP A 367 30.34 10.95 -36.45
C ASP A 367 30.56 9.64 -37.19
N CYS A 368 30.09 8.52 -36.59
CA CYS A 368 30.28 7.20 -37.18
C CYS A 368 29.18 6.22 -36.76
N VAL A 369 29.16 5.08 -37.45
CA VAL A 369 28.22 4.01 -37.16
C VAL A 369 28.86 2.93 -36.29
N ALA A 370 28.25 2.67 -35.15
CA ALA A 370 28.79 1.72 -34.19
C ALA A 370 28.34 0.32 -34.55
N ASP A 371 28.89 -0.21 -35.63
CA ASP A 371 28.57 -1.55 -36.07
C ASP A 371 29.57 -2.52 -35.46
N TYR A 372 29.11 -3.34 -34.52
CA TYR A 372 30.00 -4.20 -33.76
C TYR A 372 30.09 -5.60 -34.36
N SER A 373 29.42 -5.82 -35.49
CA SER A 373 29.44 -7.12 -36.14
C SER A 373 30.67 -7.25 -37.03
N VAL A 374 31.33 -6.13 -37.28
CA VAL A 374 32.53 -6.11 -38.12
C VAL A 374 33.66 -6.79 -37.39
N LEU A 375 33.55 -6.83 -36.07
CA LEU A 375 34.58 -7.39 -35.21
C LEU A 375 34.54 -8.90 -35.24
N TYR A 376 33.56 -9.46 -35.95
CA TYR A 376 33.48 -10.91 -36.12
C TYR A 376 34.55 -11.42 -37.09
N ASN A 377 34.94 -10.59 -38.06
CA ASN A 377 35.87 -10.93 -39.11
C ASN A 377 37.25 -10.25 -38.92
N SER A 378 37.23 -9.00 -38.43
CA SER A 378 38.43 -8.14 -38.41
C SER A 378 39.06 -8.02 -37.02
N SER A 379 38.69 -8.88 -36.09
CA SER A 379 39.22 -8.80 -34.73
C SER A 379 39.35 -10.15 -34.05
N SER A 380 40.29 -10.23 -33.12
CA SER A 380 40.45 -11.42 -32.30
C SER A 380 39.24 -11.60 -31.40
N SER A 381 38.92 -12.85 -31.07
CA SER A 381 37.79 -13.12 -30.21
C SER A 381 37.98 -12.53 -28.83
N PHE A 382 36.90 -11.99 -28.26
CA PHE A 382 36.96 -11.39 -26.94
C PHE A 382 36.69 -12.41 -25.86
N SER A 383 37.60 -12.51 -24.90
CA SER A 383 37.43 -13.43 -23.79
C SER A 383 36.49 -12.81 -22.77
N THR A 384 36.48 -11.48 -22.73
CA THR A 384 35.57 -10.72 -21.90
C THR A 384 34.81 -9.68 -22.71
N PHE A 385 33.50 -9.64 -22.54
CA PHE A 385 32.66 -8.63 -23.17
C PHE A 385 31.49 -8.36 -22.25
N LYS A 386 31.71 -7.50 -21.26
CA LYS A 386 30.71 -7.26 -20.23
C LYS A 386 30.21 -5.82 -20.25
N CYS A 387 28.91 -5.65 -20.49
CA CYS A 387 28.27 -4.34 -20.49
C CYS A 387 27.51 -4.10 -19.19
N TYR A 388 27.70 -2.93 -18.62
CA TYR A 388 27.06 -2.57 -17.37
C TYR A 388 25.94 -1.57 -17.59
N GLY A 389 26.18 -0.64 -18.50
CA GLY A 389 25.22 0.43 -18.78
C GLY A 389 23.99 -0.09 -19.49
N VAL A 390 24.21 -0.82 -20.57
CA VAL A 390 23.15 -1.32 -21.43
C VAL A 390 23.37 -2.80 -21.71
N SER A 391 22.35 -3.49 -22.17
CA SER A 391 22.51 -4.85 -22.64
C SER A 391 23.24 -4.83 -23.98
N PRO A 392 24.19 -5.74 -24.21
CA PRO A 392 25.05 -5.83 -25.38
C PRO A 392 24.25 -6.12 -26.64
N THR A 393 23.02 -6.59 -26.46
CA THR A 393 22.13 -6.93 -27.56
C THR A 393 21.44 -5.68 -28.12
N LYS A 394 21.51 -4.59 -27.36
CA LYS A 394 20.80 -3.36 -27.70
C LYS A 394 21.70 -2.34 -28.37
N LEU A 395 23.00 -2.60 -28.39
CA LEU A 395 23.95 -1.60 -28.85
C LEU A 395 23.67 -1.15 -30.28
N ASN A 396 23.20 -2.06 -31.12
CA ASN A 396 22.96 -1.73 -32.52
C ASN A 396 21.68 -0.93 -32.72
N ASP A 397 20.88 -0.77 -31.67
CA ASP A 397 19.62 -0.04 -31.76
C ASP A 397 19.69 1.34 -31.11
N LEU A 398 20.86 1.69 -30.57
CA LEU A 398 20.99 2.93 -29.82
C LEU A 398 21.80 3.99 -30.54
N CYS A 399 21.55 5.25 -30.17
CA CYS A 399 22.40 6.39 -30.52
C CYS A 399 22.95 7.04 -29.26
N PHE A 400 24.21 7.44 -29.31
CA PHE A 400 24.88 8.01 -28.16
C PHE A 400 25.27 9.45 -28.43
N SER A 401 25.23 10.26 -27.38
CA SER A 401 25.59 11.68 -27.50
C SER A 401 27.09 11.87 -27.32
N SER A 402 27.76 10.84 -26.81
CA SER A 402 29.20 10.86 -26.61
C SER A 402 29.73 9.46 -26.36
N VAL A 403 30.86 9.14 -26.98
CA VAL A 403 31.53 7.87 -26.76
C VAL A 403 33.03 8.04 -26.55
N TYR A 404 33.56 7.45 -25.49
CA TYR A 404 35.00 7.48 -25.24
C TYR A 404 35.57 6.08 -25.10
N ALA A 405 36.77 5.87 -25.66
CA ALA A 405 37.44 4.58 -25.57
C ALA A 405 38.75 4.69 -24.80
N ASP A 406 38.81 4.01 -23.65
CA ASP A 406 40.02 3.99 -22.84
C ASP A 406 40.72 2.65 -22.98
N TYR A 407 42.00 2.65 -23.33
CA TYR A 407 42.67 1.37 -23.57
C TYR A 407 44.08 1.26 -22.97
N PHE A 408 44.45 0.03 -22.61
CA PHE A 408 45.72 -0.29 -21.95
C PHE A 408 45.99 -1.81 -21.89
N VAL A 409 47.19 -2.19 -21.45
CA VAL A 409 47.53 -3.60 -21.24
C VAL A 409 47.75 -3.98 -19.77
N VAL A 410 47.09 -5.06 -19.35
CA VAL A 410 47.25 -5.67 -18.02
C VAL A 410 47.43 -7.17 -18.16
N LYS A 411 47.86 -7.85 -17.10
CA LYS A 411 47.94 -9.31 -17.14
C LYS A 411 46.57 -9.92 -16.92
N GLY A 412 46.40 -11.17 -17.36
CA GLY A 412 45.13 -11.88 -17.27
C GLY A 412 44.43 -11.77 -15.91
N ASP A 413 45.16 -12.05 -14.85
CA ASP A 413 44.56 -12.03 -13.50
C ASP A 413 44.08 -10.65 -13.07
N ASP A 414 44.54 -9.60 -13.75
CA ASP A 414 44.15 -8.23 -13.41
C ASP A 414 42.95 -7.75 -14.21
N VAL A 415 42.49 -8.56 -15.16
CA VAL A 415 41.37 -8.16 -16.01
C VAL A 415 40.09 -8.03 -15.22
N ARG A 416 39.95 -8.85 -14.18
CA ARG A 416 38.76 -8.84 -13.34
C ARG A 416 38.62 -7.55 -12.53
N GLN A 417 39.70 -6.75 -12.47
CA GLN A 417 39.65 -5.51 -11.71
C GLN A 417 39.10 -4.35 -12.51
N ILE A 418 38.87 -4.56 -13.80
CA ILE A 418 38.35 -3.47 -14.62
C ILE A 418 36.84 -3.46 -14.56
N ALA A 419 36.33 -2.90 -13.46
CA ALA A 419 34.90 -2.88 -13.18
C ALA A 419 34.65 -1.89 -12.04
N PRO A 420 33.40 -1.45 -11.86
CA PRO A 420 32.90 -0.70 -10.71
C PRO A 420 33.05 -1.49 -9.41
N ALA A 421 33.29 -0.77 -8.32
CA ALA A 421 33.37 -1.34 -6.97
C ALA A 421 34.39 -2.48 -6.85
N GLN A 422 35.57 -2.27 -7.42
CA GLN A 422 36.64 -3.28 -7.32
C GLN A 422 37.78 -2.82 -6.41
N THR A 423 38.56 -3.78 -5.96
CA THR A 423 39.78 -3.49 -5.20
C THR A 423 40.97 -4.18 -5.85
N GLY A 424 42.17 -3.73 -5.50
CA GLY A 424 43.38 -4.37 -6.00
C GLY A 424 44.36 -3.34 -6.50
N VAL A 425 45.51 -3.80 -6.98
CA VAL A 425 46.56 -2.88 -7.41
C VAL A 425 46.09 -1.98 -8.54
N ILE A 426 45.35 -2.54 -9.49
CA ILE A 426 44.94 -1.75 -10.63
C ILE A 426 43.78 -0.86 -10.26
N ALA A 427 42.78 -1.44 -9.61
CA ALA A 427 41.59 -0.69 -9.22
C ALA A 427 41.95 0.49 -8.33
N ASP A 428 42.96 0.32 -7.47
CA ASP A 428 43.31 1.36 -6.51
C ASP A 428 44.36 2.35 -7.00
N TYR A 429 45.37 1.90 -7.75
CA TYR A 429 46.49 2.77 -8.08
C TYR A 429 46.63 3.14 -9.57
N ASN A 430 45.97 2.42 -10.47
CA ASN A 430 46.24 2.61 -11.90
C ASN A 430 45.04 3.08 -12.71
N TYR A 431 43.92 2.37 -12.60
CA TYR A 431 42.75 2.69 -13.40
C TYR A 431 41.46 2.35 -12.67
N LYS A 432 40.62 3.35 -12.48
CA LYS A 432 39.39 3.16 -11.72
C LYS A 432 38.15 3.66 -12.45
N LEU A 433 37.07 2.88 -12.35
CA LEU A 433 35.76 3.25 -12.87
C LEU A 433 34.85 3.62 -11.72
N PRO A 434 33.91 4.55 -11.94
CA PRO A 434 32.91 5.02 -11.00
C PRO A 434 31.86 3.96 -10.73
N ASP A 435 31.18 4.06 -9.60
CA ASP A 435 30.12 3.10 -9.28
C ASP A 435 28.99 3.20 -10.31
N ASP A 436 28.65 4.41 -10.70
CA ASP A 436 27.62 4.62 -11.71
C ASP A 436 28.23 4.63 -13.12
N PHE A 437 28.77 3.49 -13.51
CA PHE A 437 29.42 3.36 -14.80
C PHE A 437 28.45 2.91 -15.88
N THR A 438 28.42 3.67 -16.97
CA THR A 438 27.60 3.32 -18.13
C THR A 438 28.53 3.05 -19.31
N GLY A 439 28.59 1.79 -19.74
CA GLY A 439 29.53 1.42 -20.78
C GLY A 439 29.79 -0.09 -20.83
N CYS A 440 30.78 -0.49 -21.64
CA CYS A 440 31.16 -1.89 -21.85
C CYS A 440 32.66 -2.10 -21.73
N VAL A 441 33.06 -3.23 -21.14
CA VAL A 441 34.47 -3.59 -21.01
C VAL A 441 34.81 -4.79 -21.89
N LEU A 442 35.79 -4.62 -22.78
CA LEU A 442 36.21 -5.67 -23.69
C LEU A 442 37.67 -6.03 -23.46
N ALA A 443 38.00 -7.32 -23.52
CA ALA A 443 39.40 -7.73 -23.38
C ALA A 443 39.72 -8.99 -24.16
N TRP A 444 40.96 -9.09 -24.64
CA TRP A 444 41.41 -10.28 -25.35
C TRP A 444 42.89 -10.58 -25.12
N ASN A 445 43.25 -11.87 -25.24
CA ASN A 445 44.60 -12.35 -25.01
C ASN A 445 45.54 -12.05 -26.18
N THR A 446 46.66 -11.39 -25.88
CA THR A 446 47.62 -11.01 -26.91
C THR A 446 49.03 -11.51 -26.60
N ASN A 447 49.11 -12.72 -26.04
CA ASN A 447 50.40 -13.30 -25.69
C ASN A 447 51.35 -13.40 -26.89
N SER A 448 50.77 -13.61 -28.07
CA SER A 448 51.56 -13.77 -29.29
C SER A 448 52.11 -12.46 -29.84
N VAL A 449 51.62 -11.34 -29.31
CA VAL A 449 51.99 -10.03 -29.83
C VAL A 449 52.78 -9.20 -28.81
N ASP A 450 52.29 -9.17 -27.58
CA ASP A 450 52.84 -8.26 -26.56
C ASP A 450 53.84 -8.92 -25.63
N SER A 451 54.33 -10.11 -26.00
CA SER A 451 55.29 -10.84 -25.17
C SER A 451 56.63 -10.99 -25.89
N LYS A 452 57.02 -9.95 -26.61
CA LYS A 452 58.29 -9.97 -27.32
C LYS A 452 59.41 -9.47 -26.42
N GLN A 453 60.64 -9.71 -26.83
CA GLN A 453 61.80 -9.34 -26.03
C GLN A 453 61.87 -7.84 -25.73
N GLY A 454 61.34 -7.03 -26.65
CA GLY A 454 61.44 -5.58 -26.53
C GLY A 454 60.22 -4.93 -25.88
N ASN A 455 59.36 -5.71 -25.23
CA ASN A 455 58.17 -5.13 -24.61
C ASN A 455 58.52 -4.39 -23.32
N ASN A 456 57.74 -3.36 -23.01
CA ASN A 456 57.96 -2.57 -21.80
C ASN A 456 56.64 -2.19 -21.13
N PHE A 457 56.05 -3.12 -20.40
CA PHE A 457 54.78 -2.85 -19.73
C PHE A 457 54.96 -2.76 -18.23
N TYR A 458 54.39 -1.71 -17.64
CA TYR A 458 54.51 -1.45 -16.21
C TYR A 458 53.17 -1.15 -15.56
N TYR A 459 53.10 -1.38 -14.25
CA TYR A 459 51.96 -0.94 -13.46
C TYR A 459 52.48 -0.29 -12.18
N ARG A 460 51.67 0.57 -11.58
CA ARG A 460 52.06 1.19 -10.33
C ARG A 460 51.78 0.27 -9.16
N LEU A 461 52.79 0.03 -8.34
CA LEU A 461 52.70 -0.87 -7.20
C LEU A 461 52.63 -0.12 -5.88
N PHE A 462 53.36 1.00 -5.78
CA PHE A 462 53.39 1.74 -4.54
C PHE A 462 52.81 3.14 -4.69
N ARG A 463 51.93 3.51 -3.77
CA ARG A 463 51.31 4.82 -3.78
C ARG A 463 50.85 5.20 -2.38
N HIS A 464 50.72 6.50 -2.13
CA HIS A 464 50.08 6.98 -0.91
C HIS A 464 48.65 7.39 -1.22
N GLY A 465 47.68 6.63 -0.71
CA GLY A 465 46.29 6.88 -1.00
C GLY A 465 45.85 6.18 -2.29
N LYS A 466 44.72 6.62 -2.83
CA LYS A 466 44.11 5.99 -4.00
C LYS A 466 43.78 7.03 -5.05
N ILE A 467 43.67 6.59 -6.30
CA ILE A 467 43.28 7.50 -7.39
C ILE A 467 41.76 7.65 -7.45
N LYS A 468 41.29 8.71 -8.09
CA LYS A 468 39.87 8.87 -8.32
C LYS A 468 39.53 8.31 -9.70
N PRO A 469 38.25 8.01 -9.98
CA PRO A 469 37.76 7.52 -11.25
C PRO A 469 38.23 8.39 -12.42
N TYR A 470 38.72 7.72 -13.45
CA TYR A 470 39.20 8.34 -14.69
C TYR A 470 40.38 9.30 -14.51
N GLU A 471 41.15 9.14 -13.46
CA GLU A 471 42.39 9.90 -13.32
C GLU A 471 43.61 9.15 -13.82
N ARG A 472 44.66 9.90 -14.16
CA ARG A 472 45.95 9.35 -14.51
C ARG A 472 47.06 9.91 -13.64
N ASP A 473 48.07 9.09 -13.39
CA ASP A 473 49.27 9.52 -12.71
C ASP A 473 50.48 8.88 -13.37
N ILE A 474 51.26 9.68 -14.08
CA ILE A 474 52.38 9.17 -14.84
C ILE A 474 53.70 9.67 -14.28
N SER A 475 53.67 10.14 -13.03
CA SER A 475 54.88 10.61 -12.38
C SER A 475 55.76 9.43 -12.00
N ASN A 476 57.05 9.68 -11.78
CA ASN A 476 57.95 8.60 -11.42
C ASN A 476 59.01 9.07 -10.43
N VAL A 477 58.67 9.02 -9.15
CA VAL A 477 59.58 9.40 -8.09
C VAL A 477 59.65 8.28 -7.07
N LEU A 478 60.71 8.26 -6.28
CA LEU A 478 60.87 7.19 -5.30
C LEU A 478 59.81 7.25 -4.22
N TYR A 479 59.29 6.08 -3.87
CA TYR A 479 58.30 5.95 -2.83
C TYR A 479 58.97 5.72 -1.49
N ASN A 480 58.66 6.58 -0.54
CA ASN A 480 59.20 6.44 0.81
C ASN A 480 58.13 5.85 1.70
N SER A 481 58.32 4.61 2.11
CA SER A 481 57.29 3.90 2.86
C SER A 481 57.05 4.51 4.24
N ALA A 482 57.99 5.32 4.70
CA ALA A 482 57.88 5.99 6.00
C ALA A 482 57.16 7.34 5.87
N GLY A 483 56.81 7.71 4.65
CA GLY A 483 56.17 8.99 4.40
C GLY A 483 57.18 10.02 3.93
N GLY A 484 56.72 11.01 3.18
CA GLY A 484 57.60 12.02 2.62
C GLY A 484 58.31 11.49 1.38
N THR A 485 59.50 12.01 1.12
CA THR A 485 60.26 11.64 -0.08
C THR A 485 61.61 11.08 0.32
N CYS A 486 62.33 10.51 -0.67
CA CYS A 486 63.68 9.98 -0.43
C CYS A 486 64.47 9.96 -1.74
N SER A 487 65.74 9.55 -1.63
CA SER A 487 66.62 9.51 -2.79
C SER A 487 67.52 8.28 -2.76
N SER A 488 68.31 8.09 -3.81
CA SER A 488 69.31 7.00 -3.90
C SER A 488 68.70 5.62 -4.15
N THR A 489 67.64 5.29 -3.41
CA THR A 489 66.95 4.00 -3.46
C THR A 489 67.64 2.96 -2.57
N SER A 490 68.74 3.37 -1.94
CA SER A 490 69.48 2.52 -1.03
C SER A 490 69.23 2.90 0.42
N GLN A 491 68.23 3.75 0.64
CA GLN A 491 67.92 4.28 1.97
C GLN A 491 66.86 3.45 2.70
N LEU A 492 66.92 2.14 2.53
CA LEU A 492 66.09 1.16 3.25
C LEU A 492 64.60 1.19 2.90
N GLY A 493 63.95 2.33 3.11
CA GLY A 493 62.51 2.44 2.90
C GLY A 493 62.10 2.98 1.53
N CYS A 494 63.05 3.05 0.59
CA CYS A 494 62.81 3.59 -0.75
C CYS A 494 62.53 2.50 -1.78
N TYR A 495 61.46 2.68 -2.53
CA TYR A 495 61.09 1.72 -3.56
C TYR A 495 60.79 2.43 -4.87
N GLU A 496 60.98 1.73 -5.98
CA GLU A 496 60.56 2.23 -7.27
C GLU A 496 59.06 2.01 -7.40
N PRO A 497 58.27 3.06 -7.66
CA PRO A 497 56.83 3.08 -7.63
C PRO A 497 56.21 2.17 -8.69
N LEU A 498 56.96 1.93 -9.76
CA LEU A 498 56.47 1.11 -10.86
C LEU A 498 57.09 -0.28 -10.83
N LYS A 499 56.31 -1.27 -11.22
CA LYS A 499 56.76 -2.64 -11.29
C LYS A 499 56.46 -3.20 -12.67
N SER A 500 57.46 -3.81 -13.30
CA SER A 500 57.28 -4.33 -14.64
C SER A 500 56.45 -5.59 -14.64
N TYR A 501 55.79 -5.85 -15.76
CA TYR A 501 55.14 -7.12 -15.98
C TYR A 501 56.12 -8.09 -16.60
N GLY A 502 56.22 -9.29 -16.04
CA GLY A 502 57.13 -10.30 -16.57
C GLY A 502 56.50 -11.02 -17.76
N PHE A 503 56.20 -10.25 -18.80
CA PHE A 503 55.49 -10.79 -19.96
C PHE A 503 56.39 -11.56 -20.89
N THR A 504 56.72 -12.78 -20.51
CA THR A 504 57.49 -13.69 -21.35
C THR A 504 56.50 -14.62 -22.07
N PRO A 505 56.81 -15.05 -23.30
CA PRO A 505 55.95 -15.83 -24.18
C PRO A 505 55.65 -17.23 -23.63
N THR A 506 56.45 -17.69 -22.68
CA THR A 506 56.29 -19.03 -22.12
C THR A 506 55.67 -19.00 -20.73
N VAL A 507 55.18 -17.84 -20.32
CA VAL A 507 54.58 -17.71 -18.99
C VAL A 507 53.18 -18.32 -18.98
N GLY A 508 52.78 -18.87 -17.85
CA GLY A 508 51.50 -19.53 -17.74
C GLY A 508 50.33 -18.55 -17.82
N VAL A 509 49.15 -19.08 -18.09
CA VAL A 509 47.95 -18.29 -18.24
C VAL A 509 47.62 -17.58 -16.94
N GLY A 510 47.30 -16.30 -17.04
CA GLY A 510 47.05 -15.45 -15.88
C GLY A 510 48.16 -14.42 -15.74
N TYR A 511 49.32 -14.75 -16.30
CA TYR A 511 50.44 -13.81 -16.33
C TYR A 511 50.66 -13.28 -17.73
N GLN A 512 49.89 -13.80 -18.68
CA GLN A 512 49.96 -13.38 -20.06
C GLN A 512 49.25 -12.04 -20.22
N PRO A 513 49.70 -11.19 -21.13
CA PRO A 513 49.16 -9.87 -21.41
C PRO A 513 47.79 -9.92 -22.08
N TYR A 514 46.92 -9.02 -21.64
CA TYR A 514 45.61 -8.81 -22.24
C TYR A 514 45.41 -7.36 -22.63
N ARG A 515 44.80 -7.13 -23.77
CA ARG A 515 44.47 -5.78 -24.20
C ARG A 515 43.06 -5.44 -23.79
N VAL A 516 42.92 -4.34 -23.08
CA VAL A 516 41.62 -3.94 -22.55
C VAL A 516 41.13 -2.65 -23.18
N VAL A 517 39.89 -2.66 -23.63
CA VAL A 517 39.24 -1.47 -24.16
C VAL A 517 37.94 -1.21 -23.42
N VAL A 518 37.80 -0.01 -22.87
CA VAL A 518 36.60 0.37 -22.12
C VAL A 518 35.82 1.44 -22.87
N LEU A 519 34.57 1.14 -23.21
CA LEU A 519 33.73 2.07 -23.94
C LEU A 519 32.74 2.75 -23.01
N SER A 520 32.90 4.06 -22.85
CA SER A 520 32.03 4.85 -21.97
C SER A 520 30.96 5.54 -22.79
N PHE A 521 29.70 5.37 -22.39
CA PHE A 521 28.58 5.89 -23.16
C PHE A 521 27.78 6.97 -22.42
N GLU A 522 27.30 7.96 -23.16
CA GLU A 522 26.34 8.92 -22.63
C GLU A 522 25.06 8.94 -23.45
N LEU A 523 23.92 9.01 -22.76
CA LEU A 523 22.60 9.04 -23.40
C LEU A 523 21.80 10.25 -22.93
N LEU A 524 22.10 11.42 -23.50
CA LEU A 524 21.51 12.67 -23.07
C LEU A 524 20.52 13.21 -24.09
N ASN A 525 19.77 14.23 -23.71
CA ASN A 525 18.89 14.93 -24.65
C ASN A 525 19.74 15.88 -25.46
N ALA A 526 20.52 15.31 -26.37
CA ALA A 526 21.50 16.06 -27.15
C ALA A 526 21.73 15.33 -28.48
N PRO A 527 22.24 16.02 -29.51
CA PRO A 527 22.53 15.49 -30.82
C PRO A 527 23.39 14.24 -30.76
N ALA A 528 23.02 13.22 -31.51
CA ALA A 528 23.79 11.97 -31.55
C ALA A 528 25.09 12.17 -32.29
N THR A 529 26.15 11.53 -31.80
CA THR A 529 27.43 11.56 -32.48
C THR A 529 27.77 10.17 -33.03
N VAL A 530 27.23 9.14 -32.37
CA VAL A 530 27.44 7.76 -32.79
C VAL A 530 26.10 7.01 -32.78
N CYS A 531 25.79 6.31 -33.88
CA CYS A 531 24.55 5.54 -33.99
C CYS A 531 24.81 4.13 -34.52
N GLY A 532 23.99 3.18 -34.11
CA GLY A 532 24.11 1.82 -34.63
C GLY A 532 23.68 1.75 -36.10
N PRO A 533 23.87 0.60 -36.74
CA PRO A 533 23.64 0.32 -38.15
C PRO A 533 22.17 0.07 -38.46
N LYS A 534 21.34 1.08 -38.23
CA LYS A 534 19.91 0.96 -38.52
C LYS A 534 19.56 1.64 -39.82
N LYS A 535 18.48 1.19 -40.46
CA LYS A 535 18.02 1.83 -41.68
C LYS A 535 16.76 2.64 -41.42
N SER A 536 16.65 3.77 -42.11
CA SER A 536 15.50 4.65 -41.93
C SER A 536 14.37 4.31 -42.89
N THR A 537 13.16 4.74 -42.53
CA THR A 537 11.97 4.54 -43.33
C THR A 537 11.29 5.87 -43.64
N GLU A 538 10.25 5.82 -44.45
CA GLU A 538 9.45 6.99 -44.77
C GLU A 538 8.72 7.48 -43.54
N LEU A 539 8.54 8.80 -43.43
CA LEU A 539 7.82 9.37 -42.31
C LEU A 539 6.32 9.28 -42.51
N VAL A 540 5.60 8.62 -41.61
CA VAL A 540 4.10 8.52 -41.71
C VAL A 540 3.46 9.39 -40.63
N LYS A 541 2.39 10.11 -40.98
CA LYS A 541 1.76 11.05 -40.01
C LYS A 541 0.25 10.81 -39.97
N ASN A 542 -0.39 11.06 -38.82
CA ASN A 542 -1.87 10.95 -38.68
C ASN A 542 -2.30 9.48 -38.61
N LYS A 543 -1.36 8.56 -38.39
CA LYS A 543 -1.70 7.12 -38.23
C LYS A 543 -1.10 6.58 -36.94
N CYS A 544 -1.81 5.71 -36.22
CA CYS A 544 -1.20 5.07 -35.04
C CYS A 544 -0.04 4.24 -35.60
N VAL A 545 1.14 4.28 -34.99
CA VAL A 545 2.34 3.61 -35.59
C VAL A 545 3.37 3.39 -34.50
N ASN A 546 4.33 2.49 -34.73
CA ASN A 546 5.43 2.38 -33.79
C ASN A 546 6.49 3.32 -34.31
N PHE A 547 7.37 3.81 -33.45
CA PHE A 547 8.43 4.68 -33.93
C PHE A 547 9.73 4.53 -33.17
N ASN A 548 10.81 5.01 -33.79
CA ASN A 548 12.13 5.04 -33.21
C ASN A 548 12.94 6.23 -33.76
N PHE A 549 13.16 7.25 -32.93
CA PHE A 549 13.95 8.40 -33.35
C PHE A 549 15.27 8.43 -32.56
N ASN A 550 16.38 8.12 -33.21
CA ASN A 550 17.67 8.03 -32.52
C ASN A 550 17.61 7.08 -31.33
N GLY A 551 16.85 5.99 -31.47
CA GLY A 551 16.72 5.03 -30.39
C GLY A 551 15.55 5.31 -29.45
N LEU A 552 14.90 6.48 -29.61
CA LEU A 552 13.78 6.86 -28.75
C LEU A 552 12.47 6.28 -29.26
N THR A 553 12.02 5.18 -28.64
CA THR A 553 10.89 4.43 -29.18
C THR A 553 9.56 4.71 -28.47
N GLY A 554 8.48 4.25 -29.08
CA GLY A 554 7.15 4.30 -28.50
C GLY A 554 6.09 4.09 -29.56
N THR A 555 4.82 4.16 -29.15
CA THR A 555 3.71 3.99 -30.08
C THR A 555 2.74 5.16 -30.02
N GLY A 556 2.30 5.65 -31.17
CA GLY A 556 1.43 6.83 -31.10
C GLY A 556 1.11 7.42 -32.45
N VAL A 557 0.60 8.65 -32.45
CA VAL A 557 0.21 9.30 -33.73
C VAL A 557 1.16 10.48 -33.94
N LEU A 558 1.77 10.56 -35.13
CA LEU A 558 2.77 11.63 -35.39
C LEU A 558 2.12 12.72 -36.24
N THR A 559 2.14 13.95 -35.76
CA THR A 559 1.56 15.10 -36.46
C THR A 559 2.57 16.26 -36.49
N SER A 560 2.21 17.36 -37.14
CA SER A 560 3.11 18.52 -37.22
C SER A 560 2.97 19.42 -36.00
N SER A 561 4.10 19.81 -35.41
CA SER A 561 4.10 20.64 -34.20
C SER A 561 4.24 22.11 -34.50
N THR A 562 3.80 22.93 -33.56
CA THR A 562 3.95 24.37 -33.63
C THR A 562 4.88 24.86 -32.51
N LYS A 563 5.47 23.89 -31.79
CA LYS A 563 6.35 24.18 -30.67
C LYS A 563 7.74 24.50 -31.15
N LYS A 564 8.54 25.14 -30.30
CA LYS A 564 9.92 25.44 -30.66
C LYS A 564 10.89 24.76 -29.73
N PHE A 565 12.00 24.27 -30.29
CA PHE A 565 13.05 23.61 -29.54
C PHE A 565 14.29 24.48 -29.39
N GLN A 566 15.03 24.24 -28.31
CA GLN A 566 16.34 24.86 -28.16
C GLN A 566 17.26 24.29 -29.24
N PRO A 567 18.34 24.98 -29.60
CA PRO A 567 19.28 24.60 -30.63
C PRO A 567 19.74 23.14 -30.55
N PHE A 568 19.88 22.60 -29.34
CA PHE A 568 20.36 21.24 -29.17
C PHE A 568 19.37 20.32 -28.47
N GLN A 569 18.09 20.66 -28.56
CA GLN A 569 17.04 19.84 -27.99
C GLN A 569 16.54 18.83 -29.01
N GLN A 570 16.45 17.57 -28.60
CA GLN A 570 16.03 16.50 -29.50
C GLN A 570 14.60 16.05 -29.22
N PHE A 571 14.18 16.20 -27.97
CA PHE A 571 12.80 15.87 -27.61
C PHE A 571 12.31 16.70 -26.42
N GLY A 572 10.98 16.78 -26.27
CA GLY A 572 10.37 17.49 -25.15
C GLY A 572 9.39 16.57 -24.41
N ARG A 573 9.27 16.80 -23.10
CA ARG A 573 8.37 16.00 -22.26
C ARG A 573 7.57 16.89 -21.31
N ASP A 574 6.36 16.45 -20.96
CA ASP A 574 5.50 17.20 -20.05
C ASP A 574 5.71 16.75 -18.60
N VAL A 575 4.82 17.18 -17.71
CA VAL A 575 4.96 17.00 -16.27
C VAL A 575 4.89 15.53 -15.82
N SER A 576 4.41 14.65 -16.70
CA SER A 576 4.30 13.23 -16.41
C SER A 576 5.46 12.47 -17.04
N ASP A 577 6.41 13.24 -17.56
CA ASP A 577 7.52 12.71 -18.34
C ASP A 577 7.01 11.94 -19.55
N PHE A 578 5.94 12.44 -20.14
CA PHE A 578 5.41 11.89 -21.37
C PHE A 578 5.98 12.66 -22.54
N THR A 579 6.56 11.96 -23.49
CA THR A 579 7.16 12.65 -24.62
C THR A 579 6.07 13.05 -25.61
N ASP A 580 5.99 14.34 -25.87
CA ASP A 580 4.95 14.86 -26.73
C ASP A 580 5.55 15.57 -27.94
N SER A 581 6.90 15.69 -27.98
CA SER A 581 7.55 16.33 -29.12
C SER A 581 8.91 15.68 -29.41
N VAL A 582 9.21 15.48 -30.71
CA VAL A 582 10.54 15.02 -31.12
C VAL A 582 11.03 15.77 -32.35
N ARG A 583 12.34 15.97 -32.46
CA ARG A 583 12.93 16.53 -33.67
C ARG A 583 13.35 15.42 -34.63
N ASP A 584 12.84 15.48 -35.87
CA ASP A 584 13.21 14.48 -36.87
C ASP A 584 14.69 14.64 -37.25
N PRO A 585 15.50 13.58 -37.07
CA PRO A 585 16.93 13.51 -37.33
C PRO A 585 17.40 13.91 -38.72
N LYS A 586 16.52 13.81 -39.73
CA LYS A 586 16.92 14.11 -41.10
C LYS A 586 16.28 15.40 -41.60
N THR A 587 15.03 15.63 -41.24
CA THR A 587 14.36 16.86 -41.63
C THR A 587 14.16 17.71 -40.39
N LEU A 588 14.75 18.90 -40.38
CA LEU A 588 14.73 19.72 -39.18
C LEU A 588 13.36 20.31 -38.94
N GLU A 589 12.47 19.46 -38.43
CA GLU A 589 11.09 19.76 -38.15
C GLU A 589 10.62 19.04 -36.89
N ILE A 590 9.92 19.79 -36.04
CA ILE A 590 9.37 19.22 -34.81
C ILE A 590 8.00 18.59 -35.05
N LEU A 591 7.84 17.37 -34.57
CA LEU A 591 6.58 16.68 -34.66
C LEU A 591 5.90 16.64 -33.29
N ASP A 592 4.57 16.45 -33.33
CA ASP A 592 3.75 16.26 -32.14
C ASP A 592 3.36 14.82 -31.97
N ILE A 593 3.39 14.31 -30.75
CA ILE A 593 3.04 12.93 -30.47
C ILE A 593 1.80 12.79 -29.59
N SER A 594 0.78 12.10 -30.12
CA SER A 594 -0.47 11.94 -29.37
C SER A 594 -0.68 10.47 -29.02
N PRO A 595 -1.35 10.15 -27.89
CA PRO A 595 -1.69 8.76 -27.59
C PRO A 595 -2.67 8.32 -28.69
N CYS A 596 -2.63 7.06 -29.11
CA CYS A 596 -3.50 6.62 -30.25
C CYS A 596 -4.99 6.79 -29.89
N SER A 597 -5.40 6.46 -28.66
CA SER A 597 -6.79 6.74 -28.21
C SER A 597 -6.77 7.59 -26.94
N TYR A 598 -7.57 8.65 -26.84
CA TYR A 598 -7.64 9.43 -25.57
C TYR A 598 -8.93 10.22 -25.36
N GLY A 599 -9.52 10.19 -24.15
CA GLY A 599 -10.68 10.98 -23.78
C GLY A 599 -11.78 10.10 -23.19
N GLY A 600 -11.75 8.81 -23.53
CA GLY A 600 -12.69 7.84 -22.98
C GLY A 600 -13.83 7.52 -23.94
N VAL A 601 -14.22 6.24 -23.97
CA VAL A 601 -15.34 5.77 -24.79
C VAL A 601 -16.23 4.85 -23.97
N SER A 602 -17.54 5.05 -24.05
CA SER A 602 -18.49 4.21 -23.33
C SER A 602 -19.43 3.46 -24.27
N VAL A 603 -19.78 2.24 -23.89
CA VAL A 603 -20.71 1.42 -24.66
C VAL A 603 -22.00 1.19 -23.89
N ILE A 604 -23.11 1.52 -24.55
CA ILE A 604 -24.43 1.43 -23.96
C ILE A 604 -25.16 0.18 -24.41
N THR A 605 -25.61 -0.63 -23.45
CA THR A 605 -26.31 -1.86 -23.79
C THR A 605 -27.59 -2.02 -22.97
N PRO A 606 -28.67 -2.51 -23.60
CA PRO A 606 -29.95 -2.84 -23.00
C PRO A 606 -29.88 -4.17 -22.23
N GLY A 607 -28.75 -4.84 -22.34
CA GLY A 607 -28.57 -6.17 -21.76
C GLY A 607 -28.50 -7.21 -22.86
N THR A 608 -27.53 -8.12 -22.74
CA THR A 608 -27.32 -9.15 -23.76
C THR A 608 -28.43 -10.20 -23.82
N ASN A 609 -29.29 -10.23 -22.79
CA ASN A 609 -30.45 -11.11 -22.72
C ASN A 609 -31.70 -10.47 -23.33
N THR A 610 -31.55 -9.24 -23.89
CA THR A 610 -32.63 -8.51 -24.54
C THR A 610 -32.33 -8.36 -26.03
N SER A 611 -31.14 -7.85 -26.33
CA SER A 611 -30.71 -7.67 -27.72
C SER A 611 -29.19 -7.52 -27.77
N LYS A 612 -28.65 -7.53 -28.97
CA LYS A 612 -27.21 -7.36 -29.14
C LYS A 612 -26.91 -5.96 -29.65
N ALA A 613 -27.91 -5.08 -29.59
CA ALA A 613 -27.76 -3.71 -30.05
C ALA A 613 -26.95 -2.90 -29.04
N VAL A 614 -26.06 -2.05 -29.55
CA VAL A 614 -25.30 -1.16 -28.69
C VAL A 614 -25.25 0.24 -29.27
N ALA A 615 -24.94 1.20 -28.42
CA ALA A 615 -24.66 2.57 -28.84
C ALA A 615 -23.34 3.00 -28.23
N VAL A 616 -22.61 3.86 -28.94
CA VAL A 616 -21.30 4.27 -28.46
C VAL A 616 -21.24 5.76 -28.17
N LEU A 617 -20.79 6.10 -26.97
CA LEU A 617 -20.60 7.48 -26.58
C LEU A 617 -19.12 7.85 -26.60
N TYR A 618 -18.79 8.84 -27.43
CA TYR A 618 -17.43 9.34 -27.49
C TYR A 618 -17.33 10.57 -26.60
N GLN A 619 -16.60 10.46 -25.50
CA GLN A 619 -16.64 11.48 -24.47
C GLN A 619 -15.89 12.75 -24.88
N ASP A 620 -16.52 13.89 -24.64
CA ASP A 620 -15.92 15.21 -24.86
C ASP A 620 -15.37 15.42 -26.28
N VAL A 621 -16.12 14.99 -27.29
CA VAL A 621 -15.75 15.25 -28.66
C VAL A 621 -16.96 15.75 -29.44
N ASN A 622 -16.73 16.39 -30.57
CA ASN A 622 -17.79 16.73 -31.52
C ASN A 622 -18.12 15.51 -32.38
N CYS A 623 -19.26 15.58 -33.07
CA CYS A 623 -19.67 14.46 -33.99
C CYS A 623 -19.04 14.66 -35.34
N THR A 624 -18.30 15.71 -35.55
CA THR A 624 -17.62 15.98 -36.81
C THR A 624 -16.17 15.49 -36.76
N ASP A 625 -15.69 15.25 -35.54
CA ASP A 625 -14.31 14.84 -35.31
C ASP A 625 -14.20 13.36 -34.96
N VAL A 626 -15.32 12.66 -34.89
CA VAL A 626 -15.28 11.25 -34.51
C VAL A 626 -14.43 10.42 -35.47
N PRO A 627 -14.55 10.62 -36.81
CA PRO A 627 -13.80 9.91 -37.84
C PRO A 627 -12.30 10.18 -37.77
N THR A 628 -11.89 11.16 -36.97
CA THR A 628 -10.47 11.50 -36.82
C THR A 628 -9.93 11.00 -35.49
N MET A 629 -10.71 11.16 -34.42
CA MET A 629 -10.28 10.66 -33.08
C MET A 629 -10.25 9.14 -33.13
N LEU A 630 -11.14 8.53 -33.91
CA LEU A 630 -11.14 7.10 -34.11
C LEU A 630 -9.94 6.41 -34.74
N HIS A 631 -9.79 6.53 -36.06
CA HIS A 631 -8.70 5.80 -36.77
C HIS A 631 -9.51 4.83 -37.63
N VAL A 632 -10.52 5.34 -38.31
CA VAL A 632 -11.47 4.57 -39.11
C VAL A 632 -10.82 3.89 -40.30
N GLU A 633 -9.96 4.61 -41.01
CA GLU A 633 -9.36 4.08 -42.24
C GLU A 633 -8.18 3.20 -41.92
N GLN A 634 -7.75 3.16 -40.66
CA GLN A 634 -6.48 2.45 -40.37
C GLN A 634 -6.74 1.06 -39.82
N VAL A 635 -7.61 0.94 -38.82
CA VAL A 635 -7.77 -0.33 -38.14
C VAL A 635 -9.21 -0.82 -38.13
N SER A 636 -10.16 0.09 -37.98
CA SER A 636 -11.54 -0.28 -37.77
C SER A 636 -12.12 -1.12 -38.89
N THR A 637 -12.92 -2.12 -38.51
CA THR A 637 -13.65 -2.96 -39.47
C THR A 637 -15.15 -2.75 -39.32
N ASP A 638 -15.78 -3.54 -38.46
CA ASP A 638 -17.22 -3.39 -38.21
C ASP A 638 -17.47 -2.08 -37.46
N TRP A 639 -16.44 -1.60 -36.78
CA TRP A 639 -16.46 -0.33 -36.04
C TRP A 639 -16.79 0.86 -36.93
N ARG A 640 -16.59 0.71 -38.24
CA ARG A 640 -16.79 1.80 -39.17
C ARG A 640 -18.21 2.35 -39.10
N VAL A 641 -19.18 1.49 -38.81
CA VAL A 641 -20.58 1.88 -38.80
C VAL A 641 -20.89 2.84 -37.64
N TYR A 642 -20.05 2.84 -36.62
CA TYR A 642 -20.26 3.71 -35.46
C TYR A 642 -19.44 4.99 -35.60
N ALA A 643 -18.30 4.88 -36.24
CA ALA A 643 -17.40 6.03 -36.36
C ALA A 643 -17.87 7.01 -37.44
N LEU A 644 -18.51 6.50 -38.48
CA LEU A 644 -18.94 7.34 -39.58
C LEU A 644 -20.37 7.81 -39.41
N SER A 645 -20.62 9.05 -39.80
CA SER A 645 -21.93 9.65 -39.68
C SER A 645 -22.90 9.13 -40.74
N ALA A 646 -24.18 9.30 -40.46
CA ALA A 646 -25.26 8.95 -41.38
C ALA A 646 -26.54 9.60 -40.88
N ASP A 647 -27.58 9.57 -41.70
CA ASP A 647 -28.84 10.20 -41.31
C ASP A 647 -29.48 9.46 -40.14
N GLY A 648 -29.53 10.13 -38.99
CA GLY A 648 -30.12 9.56 -37.78
C GLY A 648 -29.16 8.64 -37.03
N ASN A 649 -27.88 8.68 -37.38
CA ASN A 649 -26.90 7.82 -36.72
C ASN A 649 -26.23 8.51 -35.54
N MET A 650 -26.02 9.83 -35.65
CA MET A 650 -25.30 10.55 -34.60
C MET A 650 -26.13 11.66 -33.97
N PHE A 651 -26.00 11.78 -32.66
CA PHE A 651 -26.66 12.82 -31.87
C PHE A 651 -25.66 13.51 -30.94
N GLN A 652 -25.57 14.82 -31.05
CA GLN A 652 -24.60 15.57 -30.27
C GLN A 652 -25.17 15.99 -28.92
N THR A 653 -24.47 15.62 -27.84
CA THR A 653 -24.87 15.99 -26.49
C THR A 653 -23.73 16.73 -25.81
N GLN A 654 -23.97 17.18 -24.58
CA GLN A 654 -22.94 17.90 -23.82
C GLN A 654 -21.84 16.96 -23.34
N ALA A 655 -22.24 15.72 -23.03
CA ALA A 655 -21.29 14.72 -22.55
C ALA A 655 -20.32 14.29 -23.64
N GLY A 656 -20.78 14.28 -24.89
CA GLY A 656 -19.98 13.81 -26.01
C GLY A 656 -20.86 13.49 -27.20
N CYS A 657 -20.34 12.72 -28.16
CA CYS A 657 -21.08 12.34 -29.36
C CYS A 657 -21.65 10.93 -29.21
N LEU A 658 -22.96 10.81 -29.32
CA LEU A 658 -23.62 9.51 -29.17
C LEU A 658 -24.03 8.95 -30.52
N VAL A 659 -23.53 7.75 -30.84
CA VAL A 659 -23.84 7.14 -32.13
C VAL A 659 -24.48 5.77 -31.98
N GLY A 660 -25.45 5.48 -32.84
CA GLY A 660 -26.11 4.18 -32.86
C GLY A 660 -27.48 4.23 -32.20
N ALA A 661 -27.73 5.31 -31.46
CA ALA A 661 -29.02 5.52 -30.82
C ALA A 661 -29.77 6.64 -31.52
N THR A 662 -31.10 6.55 -31.51
CA THR A 662 -31.91 7.62 -32.08
C THR A 662 -32.29 8.60 -31.01
N TYR A 663 -33.01 9.65 -31.37
CA TYR A 663 -33.44 10.62 -30.38
C TYR A 663 -34.95 10.81 -30.47
N GLU A 664 -35.63 10.60 -29.36
CA GLU A 664 -37.09 10.60 -29.31
C GLU A 664 -37.74 11.97 -29.45
N ASN A 665 -37.09 13.02 -28.96
CA ASN A 665 -37.71 14.36 -28.90
C ASN A 665 -38.95 14.32 -28.01
N SER A 666 -38.77 13.79 -26.79
CA SER A 666 -39.81 13.71 -25.74
C SER A 666 -39.12 13.52 -24.40
N THR A 667 -39.90 13.53 -23.33
CA THR A 667 -39.32 13.36 -22.00
C THR A 667 -39.93 12.18 -21.28
N TYR A 668 -39.11 11.50 -20.50
CA TYR A 668 -39.55 10.35 -19.72
C TYR A 668 -38.73 10.24 -18.46
N GLU A 669 -39.06 9.25 -17.62
CA GLU A 669 -38.23 8.98 -16.46
C GLU A 669 -36.93 8.34 -16.93
N CYS A 670 -35.82 8.67 -16.28
CA CYS A 670 -34.51 8.18 -16.66
C CYS A 670 -34.37 6.69 -16.38
N ASP A 671 -33.79 5.98 -17.35
CA ASP A 671 -33.53 4.56 -17.24
C ASP A 671 -32.02 4.32 -17.23
N ILE A 672 -31.38 4.37 -18.40
CA ILE A 672 -29.93 4.33 -18.46
C ILE A 672 -29.40 5.74 -18.68
N PRO A 673 -28.71 6.34 -17.71
CA PRO A 673 -28.15 7.67 -17.78
C PRO A 673 -26.96 7.67 -18.72
N ILE A 674 -26.87 8.66 -19.59
CA ILE A 674 -25.76 8.76 -20.51
C ILE A 674 -24.90 9.98 -20.23
N GLY A 675 -25.55 11.14 -20.19
CA GLY A 675 -24.84 12.39 -20.02
C GLY A 675 -25.59 13.30 -19.08
N ALA A 676 -25.50 14.60 -19.32
CA ALA A 676 -26.15 15.58 -18.46
C ALA A 676 -27.51 15.94 -19.04
N GLY A 677 -28.56 15.38 -18.45
CA GLY A 677 -29.93 15.59 -18.93
C GLY A 677 -30.38 14.52 -19.92
N ILE A 678 -29.44 13.71 -20.40
CA ILE A 678 -29.75 12.70 -21.41
C ILE A 678 -29.67 11.27 -20.85
N CYS A 679 -30.74 10.50 -21.09
CA CYS A 679 -30.85 9.09 -20.71
C CYS A 679 -31.30 8.29 -21.93
N ALA A 680 -31.31 6.96 -21.81
CA ALA A 680 -31.79 6.13 -22.91
C ALA A 680 -32.52 4.88 -22.44
N LYS A 681 -33.35 4.35 -23.33
CA LYS A 681 -34.12 3.14 -23.10
C LYS A 681 -34.02 2.22 -24.31
N PHE A 682 -34.31 0.94 -24.11
CA PHE A 682 -34.36 0.01 -25.24
C PHE A 682 -35.51 0.30 -26.20
N GLY A 683 -36.72 0.45 -25.65
CA GLY A 683 -37.93 0.68 -26.45
C GLY A 683 -37.86 2.00 -27.19
N SER A 691 -33.74 -1.37 -30.77
CA SER A 691 -32.46 -0.63 -30.74
C SER A 691 -32.29 0.16 -29.45
N ILE A 692 -31.80 1.38 -29.57
CA ILE A 692 -31.62 2.25 -28.41
C ILE A 692 -32.19 3.63 -28.67
N VAL A 693 -32.97 4.14 -27.72
CA VAL A 693 -33.59 5.44 -27.86
C VAL A 693 -33.11 6.42 -26.80
N ALA A 694 -32.54 7.53 -27.24
CA ALA A 694 -32.10 8.58 -26.33
C ALA A 694 -33.20 9.62 -26.16
N TYR A 695 -33.27 10.20 -24.97
CA TYR A 695 -34.26 11.22 -24.67
C TYR A 695 -33.81 12.12 -23.53
N THR A 696 -34.47 13.27 -23.39
CA THR A 696 -34.22 14.14 -22.25
C THR A 696 -35.06 13.65 -21.07
N MET A 697 -34.44 13.56 -19.91
CA MET A 697 -35.14 13.05 -18.74
C MET A 697 -36.08 14.10 -18.14
N SER A 698 -37.21 13.63 -17.63
CA SER A 698 -38.18 14.48 -16.96
C SER A 698 -37.80 14.69 -15.50
N ILE A 699 -38.18 15.84 -14.96
CA ILE A 699 -37.94 16.13 -13.55
C ILE A 699 -39.25 16.26 -12.77
N GLY A 700 -40.33 15.76 -13.36
CA GLY A 700 -41.64 15.82 -12.73
C GLY A 700 -42.66 16.46 -13.64
N GLU A 701 -43.93 16.31 -13.30
CA GLU A 701 -45.01 16.88 -14.10
C GLU A 701 -45.15 18.36 -13.80
N ASP A 702 -45.75 19.10 -14.74
CA ASP A 702 -45.97 20.53 -14.55
C ASP A 702 -47.32 20.82 -13.90
N GLN A 703 -47.29 21.71 -12.92
CA GLN A 703 -48.50 22.17 -12.25
C GLN A 703 -48.50 23.69 -12.13
N SER A 704 -49.69 24.26 -12.02
CA SER A 704 -49.79 25.71 -11.84
C SER A 704 -50.85 26.08 -10.82
N ILE A 705 -50.42 26.76 -9.75
CA ILE A 705 -51.33 27.23 -8.73
C ILE A 705 -51.48 28.73 -8.86
N ALA A 706 -52.67 29.17 -9.24
CA ALA A 706 -52.92 30.60 -9.40
C ALA A 706 -52.92 31.23 -8.02
N TYR A 707 -52.30 32.40 -7.90
CA TYR A 707 -52.29 33.07 -6.62
C TYR A 707 -53.52 33.92 -6.42
N SER A 708 -54.13 33.80 -5.26
CA SER A 708 -55.25 34.63 -4.88
C SER A 708 -55.09 34.99 -3.41
N ASN A 709 -55.65 36.14 -3.02
CA ASN A 709 -55.48 36.67 -1.67
C ASN A 709 -56.78 36.64 -0.85
N ASN A 710 -57.87 36.16 -1.43
CA ASN A 710 -59.19 36.16 -0.78
C ASN A 710 -59.85 34.79 -0.68
N THR A 711 -59.11 33.73 -0.97
CA THR A 711 -59.63 32.37 -0.84
C THR A 711 -58.63 31.46 -0.15
N ILE A 712 -59.12 30.34 0.38
CA ILE A 712 -58.26 29.35 1.01
C ILE A 712 -58.79 27.94 0.74
N ALA A 713 -57.88 26.99 0.54
CA ALA A 713 -58.26 25.59 0.33
C ALA A 713 -58.17 24.80 1.61
N ILE A 714 -59.24 24.06 1.92
CA ILE A 714 -59.29 23.23 3.11
C ILE A 714 -59.86 21.84 2.79
N PRO A 715 -59.18 20.76 3.20
CA PRO A 715 -59.59 19.38 3.01
C PRO A 715 -60.88 19.07 3.76
N THR A 716 -61.80 18.38 3.09
CA THR A 716 -63.05 17.96 3.73
C THR A 716 -63.09 16.47 4.05
N ASN A 717 -62.04 15.74 3.65
CA ASN A 717 -61.94 14.28 3.82
C ASN A 717 -60.47 13.92 4.10
N PHE A 718 -60.23 12.68 4.51
CA PHE A 718 -58.88 12.19 4.79
C PHE A 718 -58.80 10.67 4.68
N SER A 719 -57.57 10.17 4.60
CA SER A 719 -57.34 8.75 4.58
C SER A 719 -56.09 8.38 5.37
N ILE A 720 -56.05 7.15 5.87
CA ILE A 720 -54.88 6.61 6.54
C ILE A 720 -54.06 5.78 5.58
N SER A 721 -52.78 6.09 5.49
CA SER A 721 -51.88 5.36 4.61
C SER A 721 -50.70 4.79 5.37
N VAL A 722 -50.13 3.70 4.87
CA VAL A 722 -48.95 3.11 5.49
C VAL A 722 -47.84 2.96 4.47
N THR A 723 -46.66 3.50 4.81
CA THR A 723 -45.51 3.42 3.91
C THR A 723 -44.37 2.63 4.56
N THR A 724 -43.46 2.13 3.72
CA THR A 724 -42.37 1.30 4.22
C THR A 724 -41.01 1.97 4.04
N GLU A 725 -40.21 1.96 5.10
CA GLU A 725 -38.85 2.48 5.07
C GLU A 725 -37.84 1.42 5.49
N VAL A 726 -36.77 1.27 4.71
CA VAL A 726 -35.79 0.21 4.97
C VAL A 726 -34.41 0.78 5.29
N LEU A 727 -33.84 0.33 6.40
CA LEU A 727 -32.49 0.74 6.79
C LEU A 727 -31.61 -0.48 7.12
N PRO A 728 -30.39 -0.54 6.59
CA PRO A 728 -29.31 -1.42 6.99
C PRO A 728 -28.89 -1.13 8.42
N VAL A 729 -28.56 -2.19 9.16
CA VAL A 729 -28.08 -2.02 10.53
C VAL A 729 -26.70 -2.64 10.74
N SER A 730 -26.44 -3.79 10.13
CA SER A 730 -25.19 -4.49 10.40
C SER A 730 -24.59 -5.19 9.18
N MET A 731 -23.30 -5.49 9.27
CA MET A 731 -22.54 -6.21 8.25
C MET A 731 -22.32 -7.65 8.65
N THR A 732 -21.82 -8.44 7.71
CA THR A 732 -21.34 -9.79 8.00
C THR A 732 -19.98 -9.69 8.68
N LYS A 733 -19.81 -10.38 9.79
CA LYS A 733 -18.55 -10.31 10.53
C LYS A 733 -17.56 -11.33 9.98
N THR A 734 -16.40 -10.86 9.56
CA THR A 734 -15.40 -11.76 8.98
C THR A 734 -14.15 -11.79 9.85
N SER A 735 -13.33 -12.81 9.62
CA SER A 735 -12.06 -12.96 10.31
C SER A 735 -11.03 -13.59 9.40
N VAL A 736 -9.80 -13.09 9.48
CA VAL A 736 -8.74 -13.58 8.61
C VAL A 736 -7.55 -14.12 9.40
N ASP A 737 -7.12 -15.33 9.03
CA ASP A 737 -5.88 -15.88 9.55
C ASP A 737 -4.77 -15.39 8.65
N CYS A 738 -3.98 -14.44 9.13
CA CYS A 738 -3.06 -13.68 8.30
C CYS A 738 -1.81 -14.51 7.94
N ASN A 739 -1.64 -15.64 8.64
CA ASN A 739 -0.53 -16.51 8.31
C ASN A 739 -0.96 -17.51 7.26
N MET A 740 -2.16 -18.08 7.43
CA MET A 740 -2.66 -19.11 6.51
C MET A 740 -2.93 -18.53 5.14
N TYR A 741 -3.35 -17.27 5.11
CA TYR A 741 -3.65 -16.58 3.86
C TYR A 741 -2.37 -16.25 3.07
N ILE A 742 -1.36 -15.71 3.76
CA ILE A 742 -0.14 -15.25 3.10
C ILE A 742 0.82 -16.39 2.75
N CYS A 743 1.09 -17.30 3.69
CA CYS A 743 2.10 -18.31 3.56
C CYS A 743 1.54 -19.72 3.38
N GLY A 744 0.40 -19.97 4.05
CA GLY A 744 -0.19 -21.30 3.99
C GLY A 744 0.69 -22.31 4.71
N ASP A 745 1.10 -23.35 4.00
CA ASP A 745 1.91 -24.42 4.58
C ASP A 745 3.41 -24.20 4.41
N SER A 746 3.79 -23.04 3.88
CA SER A 746 5.21 -22.76 3.68
C SER A 746 5.85 -22.23 4.95
N THR A 747 6.75 -23.01 5.53
CA THR A 747 7.41 -22.62 6.77
C THR A 747 8.54 -21.64 6.49
N GLU A 748 9.10 -21.70 5.29
CA GLU A 748 10.12 -20.74 4.88
C GLU A 748 9.51 -19.35 4.74
N CYS A 749 8.30 -19.27 4.15
CA CYS A 749 7.55 -18.03 4.05
C CYS A 749 7.24 -17.47 5.44
N SER A 750 6.80 -18.35 6.33
CA SER A 750 6.44 -17.92 7.68
C SER A 750 7.60 -17.18 8.33
N ASN A 751 8.80 -17.73 8.20
CA ASN A 751 9.99 -17.11 8.77
C ASN A 751 10.25 -15.74 8.16
N LEU A 752 9.91 -15.59 6.88
CA LEU A 752 10.10 -14.32 6.18
C LEU A 752 8.99 -13.33 6.50
N LEU A 753 7.81 -13.84 6.80
CA LEU A 753 6.66 -12.99 7.13
C LEU A 753 6.85 -12.33 8.49
N LEU A 754 7.64 -12.96 9.35
CA LEU A 754 7.93 -12.42 10.67
C LEU A 754 8.83 -11.20 10.56
N GLN A 755 9.34 -10.93 9.37
CA GLN A 755 10.25 -9.80 9.14
C GLN A 755 9.47 -8.53 8.86
N TYR A 756 8.14 -8.63 8.82
CA TYR A 756 7.28 -7.48 8.54
C TYR A 756 6.63 -6.93 9.81
N GLY A 757 7.17 -7.33 10.95
CA GLY A 757 6.76 -6.78 12.24
C GLY A 757 5.32 -7.09 12.59
N SER A 758 4.60 -6.06 13.00
CA SER A 758 3.21 -6.20 13.45
C SER A 758 2.22 -5.96 12.33
N PHE A 759 2.71 -5.71 11.13
CA PHE A 759 1.81 -5.41 10.02
C PHE A 759 0.65 -6.42 9.96
N CYS A 760 0.99 -7.70 10.09
CA CYS A 760 0.03 -8.81 10.05
C CYS A 760 -0.97 -8.71 11.22
N THR A 761 -0.44 -8.44 12.42
CA THR A 761 -1.27 -8.31 13.62
C THR A 761 -2.25 -7.14 13.51
N GLN A 762 -1.81 -6.03 12.93
CA GLN A 762 -2.64 -4.85 12.81
C GLN A 762 -3.89 -5.13 11.99
N LEU A 763 -3.73 -5.96 10.95
CA LEU A 763 -4.84 -6.32 10.09
C LEU A 763 -5.90 -7.08 10.88
N ASN A 764 -5.44 -7.98 11.73
CA ASN A 764 -6.34 -8.79 12.54
C ASN A 764 -7.10 -7.91 13.53
N ARG A 765 -6.40 -6.93 14.09
CA ARG A 765 -6.98 -6.03 15.08
C ARG A 765 -8.07 -5.17 14.47
N ALA A 766 -7.84 -4.67 13.26
CA ALA A 766 -8.82 -3.83 12.59
C ALA A 766 -10.11 -4.58 12.32
N LEU A 767 -9.99 -5.83 11.86
CA LEU A 767 -11.18 -6.63 11.57
C LEU A 767 -11.92 -7.01 12.83
N SER A 768 -11.18 -7.26 13.90
CA SER A 768 -11.78 -7.60 15.19
C SER A 768 -12.64 -6.45 15.70
N GLY A 769 -12.11 -5.23 15.57
CA GLY A 769 -12.84 -4.04 16.00
C GLY A 769 -14.16 -3.90 15.26
N ILE A 770 -14.15 -4.16 13.95
CA ILE A 770 -15.37 -4.08 13.16
C ILE A 770 -16.38 -5.10 13.64
N ALA A 771 -15.93 -6.33 13.85
CA ALA A 771 -16.80 -7.41 14.25
C ALA A 771 -17.57 -7.06 15.51
N VAL A 772 -16.91 -6.41 16.47
CA VAL A 772 -17.56 -6.03 17.71
C VAL A 772 -18.61 -4.94 17.45
N GLU A 773 -18.26 -3.95 16.66
CA GLU A 773 -19.15 -2.85 16.35
C GLU A 773 -20.47 -3.34 15.75
N GLN A 774 -20.42 -4.40 14.96
CA GLN A 774 -21.61 -4.89 14.28
C GLN A 774 -22.66 -5.43 15.26
N ASP A 775 -22.22 -5.93 16.41
CA ASP A 775 -23.16 -6.40 17.41
C ASP A 775 -23.72 -5.23 18.20
N ARG A 776 -22.93 -4.18 18.35
CA ARG A 776 -23.39 -2.96 19.00
C ARG A 776 -24.43 -2.28 18.12
N ASN A 777 -24.22 -2.31 16.81
CA ASN A 777 -25.16 -1.68 15.88
C ASN A 777 -26.53 -2.28 16.03
N THR A 778 -26.61 -3.60 16.11
CA THR A 778 -27.89 -4.27 16.23
C THR A 778 -28.55 -3.96 17.57
N ARG A 779 -27.77 -4.06 18.64
CA ARG A 779 -28.31 -3.84 19.98
C ARG A 779 -28.86 -2.42 20.14
N ASP A 780 -28.15 -1.44 19.59
CA ASP A 780 -28.53 -0.03 19.73
C ASP A 780 -29.80 0.33 18.99
N VAL A 781 -30.29 -0.57 18.13
CA VAL A 781 -31.49 -0.30 17.36
C VAL A 781 -32.69 -1.05 17.93
N PHE A 782 -32.52 -2.32 18.22
CA PHE A 782 -33.65 -3.15 18.62
C PHE A 782 -33.90 -3.16 20.13
N ALA A 783 -32.84 -3.07 20.92
CA ALA A 783 -33.00 -3.21 22.39
C ALA A 783 -33.40 -1.89 23.06
N GLN A 784 -34.39 -1.19 22.50
CA GLN A 784 -34.86 0.12 23.05
C GLN A 784 -35.47 -0.01 24.46
N THR A 785 -36.27 -1.04 24.72
CA THR A 785 -36.82 -1.24 26.09
C THR A 785 -36.36 -2.57 26.69
N LYS A 786 -35.85 -2.54 27.93
CA LYS A 786 -35.43 -3.80 28.62
C LYS A 786 -36.63 -4.71 28.85
N ALA A 787 -37.78 -4.14 29.25
CA ALA A 787 -38.97 -4.98 29.54
C ALA A 787 -39.44 -5.67 28.27
N ILE A 788 -39.80 -6.94 28.38
CA ILE A 788 -40.26 -7.72 27.19
C ILE A 788 -41.73 -7.99 27.42
N TYR A 789 -42.59 -7.53 26.51
CA TYR A 789 -44.00 -7.65 26.78
C TYR A 789 -44.60 -8.86 26.09
N LYS A 790 -45.39 -9.62 26.83
CA LYS A 790 -46.03 -10.79 26.28
C LYS A 790 -46.97 -10.39 25.15
N THR A 791 -46.86 -11.10 24.02
CA THR A 791 -47.72 -10.85 22.88
C THR A 791 -49.14 -11.30 23.24
N PRO A 792 -50.13 -10.40 23.15
CA PRO A 792 -51.52 -10.62 23.52
C PRO A 792 -52.19 -11.61 22.57
N ASN A 793 -53.17 -12.34 23.08
CA ASN A 793 -53.95 -13.27 22.27
C ASN A 793 -55.01 -12.53 21.46
N ILE A 794 -55.20 -11.26 21.78
CA ILE A 794 -56.17 -10.43 21.09
C ILE A 794 -55.46 -9.50 20.11
N LYS A 795 -55.81 -9.61 18.84
CA LYS A 795 -55.19 -8.80 17.80
C LYS A 795 -56.13 -7.70 17.33
N ASP A 796 -57.28 -7.61 17.99
CA ASP A 796 -58.29 -6.60 17.70
C ASP A 796 -58.35 -5.54 18.79
N PHE A 797 -57.86 -4.35 18.50
CA PHE A 797 -57.79 -3.29 19.49
C PHE A 797 -58.69 -2.12 19.11
N GLY A 798 -60.00 -2.32 19.27
CA GLY A 798 -60.98 -1.29 18.92
C GLY A 798 -61.27 -1.26 17.42
N GLY A 799 -61.13 -2.40 16.76
CA GLY A 799 -61.38 -2.51 15.33
C GLY A 799 -60.07 -2.49 14.53
N PHE A 800 -58.98 -2.15 15.21
CA PHE A 800 -57.67 -2.11 14.59
C PHE A 800 -56.99 -3.49 14.63
N ASN A 801 -56.68 -4.04 13.46
CA ASN A 801 -56.16 -5.41 13.27
C ASN A 801 -54.63 -5.40 13.19
N PHE A 802 -54.04 -6.07 14.22
CA PHE A 802 -52.58 -6.14 14.39
C PHE A 802 -52.00 -7.51 14.06
N SER A 803 -52.83 -8.39 13.53
CA SER A 803 -52.44 -9.78 13.34
C SER A 803 -51.34 -9.96 12.29
N GLN A 804 -51.09 -8.93 11.49
CA GLN A 804 -50.07 -9.04 10.45
C GLN A 804 -48.71 -8.52 10.90
N ILE A 805 -48.66 -7.81 12.03
CA ILE A 805 -47.39 -7.26 12.51
C ILE A 805 -46.93 -7.92 13.81
N LEU A 806 -47.86 -8.62 14.48
CA LEU A 806 -47.52 -9.41 15.66
C LEU A 806 -47.45 -10.90 15.30
N PRO A 807 -46.56 -11.66 15.94
CA PRO A 807 -46.37 -13.09 15.78
C PRO A 807 -47.57 -13.86 16.30
N ASP A 808 -47.88 -14.97 15.65
CA ASP A 808 -48.99 -15.82 16.07
C ASP A 808 -48.47 -16.98 16.94
N PRO A 809 -48.78 -16.99 18.25
CA PRO A 809 -48.27 -17.90 19.25
C PRO A 809 -48.76 -19.32 19.05
N LYS A 810 -49.76 -19.49 18.18
CA LYS A 810 -50.33 -20.80 17.92
C LYS A 810 -49.66 -21.47 16.72
N LYS A 811 -48.72 -20.77 16.09
CA LYS A 811 -48.05 -21.30 14.91
C LYS A 811 -46.60 -21.68 15.24
N PRO A 812 -45.97 -22.55 14.44
CA PRO A 812 -44.56 -22.93 14.47
C PRO A 812 -43.61 -21.74 14.35
N SER A 813 -44.07 -20.66 13.74
CA SER A 813 -43.23 -19.49 13.54
C SER A 813 -43.30 -18.51 14.71
N TYR A 814 -42.19 -17.83 14.98
CA TYR A 814 -42.14 -16.82 16.03
C TYR A 814 -42.14 -15.42 15.45
N ARG A 815 -42.35 -15.33 14.14
CA ARG A 815 -42.34 -14.05 13.45
C ARG A 815 -43.71 -13.71 12.89
N SER A 816 -43.94 -12.42 12.65
CA SER A 816 -45.19 -11.98 12.05
C SER A 816 -45.20 -12.34 10.56
N PRO A 817 -46.38 -12.44 9.93
CA PRO A 817 -46.59 -12.64 8.50
C PRO A 817 -45.73 -11.73 7.64
N ILE A 818 -45.71 -10.43 7.97
CA ILE A 818 -44.88 -9.51 7.21
C ILE A 818 -43.40 -9.81 7.36
N GLU A 819 -42.96 -10.12 8.57
CA GLU A 819 -41.55 -10.44 8.80
C GLU A 819 -41.12 -11.68 8.01
N ASP A 820 -41.95 -12.71 7.98
CA ASP A 820 -41.61 -13.90 7.21
C ASP A 820 -41.39 -13.56 5.75
N LEU A 821 -42.23 -12.69 5.22
CA LEU A 821 -42.09 -12.25 3.85
C LEU A 821 -40.77 -11.51 3.64
N LEU A 822 -40.41 -10.65 4.58
CA LEU A 822 -39.17 -9.89 4.45
C LEU A 822 -37.96 -10.81 4.43
N TYR A 823 -37.98 -11.82 5.31
CA TYR A 823 -36.85 -12.74 5.43
C TYR A 823 -36.61 -13.54 4.15
N ASN A 824 -37.69 -13.93 3.47
CA ASN A 824 -37.57 -14.76 2.28
C ASN A 824 -37.26 -13.96 1.02
N LYS A 825 -37.12 -12.65 1.14
CA LYS A 825 -36.85 -11.80 -0.02
C LYS A 825 -35.41 -11.32 -0.10
N VAL A 826 -34.69 -11.33 1.02
CA VAL A 826 -33.32 -10.84 1.02
C VAL A 826 -32.33 -11.95 1.36
N THR A 827 -32.82 -13.17 1.44
CA THR A 827 -31.95 -14.32 1.72
C THR A 827 -30.90 -14.50 0.62
N LEU A 828 -31.32 -14.35 -0.65
CA LEU A 828 -30.44 -14.45 -1.82
C LEU A 828 -29.76 -15.82 -1.88
N ASP A 848 -15.88 -25.79 -3.56
CA ASP A 848 -16.88 -24.80 -3.08
C ASP A 848 -16.16 -23.51 -2.70
N LEU A 849 -16.63 -22.37 -3.21
CA LEU A 849 -16.04 -21.09 -2.81
C LEU A 849 -15.85 -21.00 -1.31
N ILE A 850 -16.77 -21.59 -0.55
CA ILE A 850 -16.68 -21.57 0.90
C ILE A 850 -15.47 -22.38 1.35
N CYS A 851 -15.24 -23.52 0.70
CA CYS A 851 -14.09 -24.35 1.02
C CYS A 851 -12.81 -23.62 0.70
N ALA A 852 -12.80 -22.93 -0.45
CA ALA A 852 -11.62 -22.16 -0.85
C ALA A 852 -11.34 -21.07 0.17
N GLN A 853 -12.38 -20.45 0.69
CA GLN A 853 -12.21 -19.41 1.70
C GLN A 853 -11.62 -19.98 2.98
N LYS A 854 -12.15 -21.10 3.44
CA LYS A 854 -11.68 -21.70 4.69
C LYS A 854 -10.24 -22.18 4.58
N PHE A 855 -9.88 -22.76 3.44
CA PHE A 855 -8.54 -23.29 3.25
C PHE A 855 -7.50 -22.18 3.21
N ASN A 856 -7.93 -20.98 2.80
CA ASN A 856 -7.03 -19.85 2.69
C ASN A 856 -7.13 -18.91 3.89
N GLY A 857 -7.73 -19.38 4.98
CA GLY A 857 -7.73 -18.62 6.23
C GLY A 857 -8.84 -17.57 6.34
N LEU A 858 -9.88 -17.68 5.54
CA LEU A 858 -10.98 -16.71 5.60
C LEU A 858 -12.24 -17.34 6.16
N THR A 859 -12.76 -16.79 7.25
CA THR A 859 -13.97 -17.34 7.85
C THR A 859 -15.00 -16.25 8.14
N VAL A 860 -16.19 -16.69 8.54
CA VAL A 860 -17.28 -15.80 8.90
C VAL A 860 -17.83 -16.13 10.28
N LEU A 861 -18.04 -15.11 11.10
CA LEU A 861 -18.51 -15.31 12.46
C LEU A 861 -20.00 -14.94 12.56
N PRO A 862 -20.75 -15.66 13.39
CA PRO A 862 -22.16 -15.45 13.68
C PRO A 862 -22.35 -14.22 14.56
N PRO A 863 -23.54 -13.60 14.49
CA PRO A 863 -24.00 -12.50 15.33
C PRO A 863 -24.32 -12.99 16.73
N LEU A 864 -24.21 -12.10 17.71
CA LEU A 864 -24.53 -12.44 19.09
C LEU A 864 -26.02 -12.68 19.27
N LEU A 865 -26.85 -11.90 18.59
CA LEU A 865 -28.30 -12.05 18.71
C LEU A 865 -28.85 -12.87 17.56
N THR A 866 -29.63 -13.90 17.90
CA THR A 866 -30.27 -14.74 16.91
C THR A 866 -31.48 -14.02 16.35
N ASP A 867 -32.08 -14.56 15.28
CA ASP A 867 -33.21 -13.91 14.64
C ASP A 867 -34.45 -13.96 15.52
N ASP A 868 -34.56 -15.00 16.34
CA ASP A 868 -35.68 -15.12 17.26
C ASP A 868 -35.61 -14.07 18.35
N MET A 869 -34.39 -13.68 18.73
CA MET A 869 -34.19 -12.66 19.76
C MET A 869 -34.52 -11.28 19.22
N ILE A 870 -34.20 -11.05 17.95
CA ILE A 870 -34.55 -9.80 17.31
C ILE A 870 -36.06 -9.70 17.17
N ALA A 871 -36.69 -10.80 16.78
CA ALA A 871 -38.13 -10.85 16.66
C ALA A 871 -38.80 -10.61 18.02
N ALA A 872 -38.18 -11.11 19.08
CA ALA A 872 -38.70 -10.90 20.43
C ALA A 872 -38.71 -9.42 20.78
N TYR A 873 -37.70 -8.69 20.33
CA TYR A 873 -37.64 -7.27 20.61
C TYR A 873 -38.73 -6.50 19.87
N THR A 874 -38.92 -6.82 18.60
CA THR A 874 -39.92 -6.10 17.80
C THR A 874 -41.33 -6.43 18.29
N ALA A 875 -41.54 -7.67 18.71
CA ALA A 875 -42.85 -8.07 19.22
C ALA A 875 -43.16 -7.30 20.50
N ALA A 876 -42.15 -7.14 21.36
CA ALA A 876 -42.31 -6.40 22.61
C ALA A 876 -42.61 -4.93 22.35
N LEU A 877 -41.96 -4.35 21.36
CA LEU A 877 -42.15 -2.93 21.07
C LEU A 877 -43.56 -2.67 20.57
N ILE A 878 -44.09 -3.56 19.75
CA ILE A 878 -45.44 -3.40 19.23
C ILE A 878 -46.47 -3.70 20.32
N SER A 879 -46.27 -4.80 21.05
CA SER A 879 -47.21 -5.23 22.07
C SER A 879 -47.36 -4.19 23.18
N GLY A 880 -46.26 -3.52 23.51
CA GLY A 880 -46.26 -2.52 24.56
C GLY A 880 -46.77 -1.17 24.07
N THR A 881 -47.04 -1.05 22.77
CA THR A 881 -47.55 0.19 22.19
C THR A 881 -49.05 0.08 22.00
N ALA A 882 -49.51 -1.10 21.61
CA ALA A 882 -50.93 -1.34 21.36
C ALA A 882 -51.71 -1.31 22.68
N THR A 883 -51.01 -1.48 23.79
CA THR A 883 -51.65 -1.60 25.09
C THR A 883 -51.33 -0.48 26.09
N ALA A 884 -50.31 0.33 25.81
CA ALA A 884 -49.87 1.33 26.78
C ALA A 884 -49.15 2.51 26.15
N GLY A 885 -49.08 3.62 26.90
CA GLY A 885 -48.31 4.78 26.50
C GLY A 885 -47.07 4.93 27.38
N TYR A 886 -46.34 6.03 27.20
CA TYR A 886 -45.10 6.28 27.94
C TYR A 886 -44.17 5.08 27.87
N THR A 887 -44.05 4.51 26.68
CA THR A 887 -43.27 3.29 26.47
C THR A 887 -41.80 3.58 26.28
N PHE A 888 -41.47 4.86 26.05
CA PHE A 888 -40.08 5.24 25.87
C PHE A 888 -39.35 5.29 27.20
N GLY A 889 -40.11 5.57 28.26
CA GLY A 889 -39.57 5.57 29.61
C GLY A 889 -39.78 4.20 30.21
N ALA A 890 -41.03 3.75 30.19
CA ALA A 890 -41.42 2.41 30.65
C ALA A 890 -41.04 2.15 32.09
N GLY A 891 -40.70 3.19 32.84
CA GLY A 891 -40.46 3.05 34.27
C GLY A 891 -41.79 3.04 34.99
N ALA A 892 -42.82 3.45 34.26
CA ALA A 892 -44.18 3.50 34.75
C ALA A 892 -45.12 3.42 33.56
N ALA A 893 -45.07 2.32 32.81
CA ALA A 893 -45.88 2.20 31.61
C ALA A 893 -47.34 2.47 31.96
N LEU A 894 -48.01 3.26 31.15
CA LEU A 894 -49.37 3.66 31.45
C LEU A 894 -50.39 3.02 30.52
N GLN A 895 -51.22 2.14 31.07
CA GLN A 895 -52.23 1.45 30.29
C GLN A 895 -53.24 2.42 29.69
N ILE A 896 -53.57 2.21 28.42
CA ILE A 896 -54.56 3.04 27.74
C ILE A 896 -55.26 2.20 26.66
N PRO A 897 -56.57 2.40 26.43
CA PRO A 897 -57.33 1.89 25.30
C PRO A 897 -56.71 2.37 23.99
N PHE A 898 -56.68 1.51 22.99
CA PHE A 898 -56.04 1.91 21.74
C PHE A 898 -56.72 3.10 21.07
N PRO A 899 -58.07 3.12 20.94
CA PRO A 899 -58.85 4.20 20.35
C PRO A 899 -58.54 5.54 21.01
N MET A 900 -58.25 5.53 22.31
CA MET A 900 -57.93 6.76 23.01
C MET A 900 -56.51 7.20 22.72
N GLN A 901 -55.63 6.23 22.49
CA GLN A 901 -54.27 6.56 22.11
C GLN A 901 -54.29 7.23 20.75
N MET A 902 -55.14 6.72 19.86
CA MET A 902 -55.29 7.31 18.54
C MET A 902 -55.85 8.72 18.62
N ALA A 903 -56.79 8.95 19.53
CA ALA A 903 -57.37 10.28 19.72
C ALA A 903 -56.28 11.27 20.07
N TYR A 904 -55.38 10.87 20.96
CA TYR A 904 -54.26 11.71 21.34
C TYR A 904 -53.38 12.01 20.13
N ARG A 905 -53.09 10.98 19.34
CA ARG A 905 -52.26 11.11 18.16
C ARG A 905 -52.90 12.04 17.11
N PHE A 906 -54.22 12.05 17.03
CA PHE A 906 -54.95 12.95 16.13
C PHE A 906 -54.84 14.40 16.59
N ASN A 907 -54.97 14.64 17.89
CA ASN A 907 -54.82 15.99 18.42
C ASN A 907 -53.43 16.52 18.09
N GLY A 908 -52.45 15.62 18.10
CA GLY A 908 -51.06 15.95 17.84
C GLY A 908 -50.80 16.45 16.42
N ILE A 909 -51.77 16.26 15.51
CA ILE A 909 -51.59 16.71 14.13
C ILE A 909 -52.56 17.84 13.79
N GLY A 910 -53.18 18.42 14.82
CA GLY A 910 -54.06 19.55 14.64
C GLY A 910 -55.48 19.17 14.22
N VAL A 911 -55.89 17.94 14.52
CA VAL A 911 -57.23 17.51 14.18
C VAL A 911 -58.00 17.16 15.44
N THR A 912 -59.14 17.83 15.62
CA THR A 912 -59.94 17.62 16.84
C THR A 912 -60.30 16.15 17.00
N GLN A 913 -60.15 15.63 18.22
CA GLN A 913 -60.30 14.20 18.48
C GLN A 913 -61.70 13.65 18.23
N ASN A 914 -62.69 14.52 18.12
CA ASN A 914 -64.05 14.07 17.89
C ASN A 914 -64.14 13.45 16.50
N VAL A 915 -63.19 13.81 15.63
CA VAL A 915 -63.17 13.30 14.27
C VAL A 915 -62.92 11.81 14.29
N LEU A 916 -61.96 11.37 15.11
CA LEU A 916 -61.65 9.97 15.23
C LEU A 916 -62.84 9.17 15.74
N TYR A 917 -63.44 9.63 16.81
CA TYR A 917 -64.49 8.85 17.45
C TYR A 917 -65.70 8.72 16.54
N GLU A 918 -66.09 9.79 15.87
CA GLU A 918 -67.23 9.75 14.98
C GLU A 918 -66.96 8.86 13.76
N ASN A 919 -65.72 8.85 13.30
CA ASN A 919 -65.35 8.07 12.12
C ASN A 919 -64.49 6.87 12.48
N GLN A 920 -64.58 6.38 13.73
CA GLN A 920 -63.72 5.29 14.17
C GLN A 920 -63.83 4.06 13.27
N LYS A 921 -65.03 3.75 12.80
CA LYS A 921 -65.22 2.56 11.99
C LYS A 921 -64.50 2.65 10.66
N GLN A 922 -64.57 3.80 9.99
CA GLN A 922 -63.89 3.99 8.69
C GLN A 922 -62.38 4.02 8.91
N ILE A 923 -61.93 4.70 9.95
CA ILE A 923 -60.50 4.83 10.20
C ILE A 923 -59.87 3.47 10.45
N ALA A 924 -60.54 2.65 11.26
CA ALA A 924 -60.06 1.30 11.53
C ALA A 924 -60.00 0.49 10.24
N ASN A 925 -60.98 0.67 9.37
CA ASN A 925 -61.01 -0.06 8.10
C ASN A 925 -59.89 0.37 7.17
N GLN A 926 -59.62 1.67 7.11
CA GLN A 926 -58.53 2.18 6.28
C GLN A 926 -57.18 1.67 6.79
N PHE A 927 -57.04 1.63 8.11
CA PHE A 927 -55.82 1.13 8.73
C PHE A 927 -55.59 -0.32 8.34
N ASN A 928 -56.64 -1.14 8.49
CA ASN A 928 -56.54 -2.57 8.22
C ASN A 928 -56.21 -2.85 6.76
N ASN A 929 -56.77 -2.05 5.87
CA ASN A 929 -56.52 -2.23 4.45
C ASN A 929 -55.10 -1.79 4.08
N ALA A 930 -54.66 -0.69 4.67
CA ALA A 930 -53.33 -0.16 4.39
C ALA A 930 -52.25 -1.15 4.81
N ILE A 931 -52.48 -1.86 5.91
CA ILE A 931 -51.53 -2.86 6.37
C ILE A 931 -51.51 -4.06 5.44
N SER A 932 -52.68 -4.50 5.01
CA SER A 932 -52.78 -5.65 4.11
C SER A 932 -52.03 -5.41 2.81
N LYS A 933 -52.05 -4.17 2.34
CA LYS A 933 -51.37 -3.79 1.11
C LYS A 933 -49.86 -3.89 1.22
N ILE A 934 -49.33 -3.94 2.44
CA ILE A 934 -47.89 -4.00 2.63
C ILE A 934 -47.34 -5.32 2.13
N GLN A 935 -48.02 -6.41 2.42
CA GLN A 935 -47.55 -7.71 1.97
C GLN A 935 -47.64 -7.81 0.45
N ASP A 936 -48.69 -7.25 -0.13
CA ASP A 936 -48.83 -7.30 -1.58
C ASP A 936 -47.75 -6.46 -2.26
N SER A 937 -47.45 -5.30 -1.67
CA SER A 937 -46.44 -4.42 -2.23
C SER A 937 -45.07 -5.07 -2.20
N LEU A 938 -44.71 -5.68 -1.07
CA LEU A 938 -43.43 -6.35 -0.93
C LEU A 938 -43.32 -7.58 -1.82
N THR A 939 -44.39 -8.39 -1.86
CA THR A 939 -44.36 -9.62 -2.64
C THR A 939 -44.09 -9.36 -4.11
N THR A 940 -44.71 -8.31 -4.64
CA THR A 940 -44.62 -8.02 -6.07
C THR A 940 -43.51 -7.02 -6.40
N THR A 941 -42.73 -6.60 -5.40
CA THR A 941 -41.66 -5.64 -5.63
C THR A 941 -40.34 -6.09 -4.99
N PRO A 942 -39.58 -6.97 -5.66
CA PRO A 942 -38.32 -7.55 -5.21
C PRO A 942 -37.28 -6.49 -4.87
N ALA A 943 -37.42 -5.31 -5.47
CA ALA A 943 -36.48 -4.22 -5.28
C ALA A 943 -36.75 -3.45 -3.99
N ALA A 944 -37.86 -3.76 -3.33
CA ALA A 944 -38.28 -3.02 -2.14
C ALA A 944 -37.22 -3.09 -1.06
N LEU A 945 -36.54 -4.22 -0.97
CA LEU A 945 -35.53 -4.44 0.06
C LEU A 945 -34.12 -4.43 -0.53
N GLY A 946 -33.97 -3.80 -1.68
CA GLY A 946 -32.70 -3.78 -2.41
C GLY A 946 -31.53 -3.32 -1.53
N LYS A 947 -31.80 -2.42 -0.60
CA LYS A 947 -30.76 -1.91 0.29
C LYS A 947 -30.11 -3.00 1.11
N LEU A 948 -30.89 -4.00 1.52
CA LEU A 948 -30.36 -5.06 2.37
C LEU A 948 -29.65 -6.08 1.51
N GLN A 949 -30.14 -6.26 0.28
CA GLN A 949 -29.52 -7.18 -0.65
C GLN A 949 -28.13 -6.68 -1.05
N ASP A 950 -28.01 -5.35 -1.20
CA ASP A 950 -26.73 -4.76 -1.57
C ASP A 950 -25.67 -5.00 -0.51
N VAL A 951 -26.05 -4.95 0.76
CA VAL A 951 -25.10 -5.20 1.83
C VAL A 951 -24.56 -6.62 1.75
N ILE A 952 -25.46 -7.57 1.53
CA ILE A 952 -25.08 -8.98 1.44
C ILE A 952 -24.16 -9.23 0.27
N ASN A 953 -24.50 -8.67 -0.89
CA ASN A 953 -23.73 -8.89 -2.11
C ASN A 953 -22.35 -8.25 -2.05
N GLN A 954 -22.25 -7.07 -1.45
CA GLN A 954 -20.97 -6.38 -1.38
C GLN A 954 -19.97 -7.17 -0.55
N ASN A 955 -20.44 -7.78 0.52
CA ASN A 955 -19.56 -8.55 1.40
C ASN A 955 -19.14 -9.85 0.73
N ALA A 956 -20.08 -10.49 0.03
CA ALA A 956 -19.79 -11.74 -0.66
C ALA A 956 -18.74 -11.55 -1.74
N VAL A 957 -18.83 -10.44 -2.46
CA VAL A 957 -17.88 -10.15 -3.52
C VAL A 957 -16.49 -9.87 -2.97
N ALA A 958 -16.41 -9.09 -1.90
CA ALA A 958 -15.13 -8.74 -1.33
C ALA A 958 -14.34 -9.98 -0.90
N LEU A 959 -15.02 -10.96 -0.32
CA LEU A 959 -14.34 -12.17 0.11
C LEU A 959 -13.89 -13.03 -1.07
N ASN A 960 -14.73 -13.15 -2.09
CA ASN A 960 -14.37 -13.97 -3.24
C ASN A 960 -13.27 -13.31 -4.04
N THR A 961 -13.27 -11.99 -4.09
CA THR A 961 -12.23 -11.26 -4.79
C THR A 961 -10.90 -11.50 -4.10
N LEU A 962 -10.90 -11.46 -2.77
CA LEU A 962 -9.68 -11.64 -1.99
C LEU A 962 -9.06 -13.02 -2.26
N VAL A 963 -9.88 -14.06 -2.27
CA VAL A 963 -9.38 -15.42 -2.51
C VAL A 963 -8.71 -15.53 -3.87
N LYS A 964 -9.34 -14.94 -4.87
CA LYS A 964 -8.88 -15.03 -6.25
C LYS A 964 -7.58 -14.27 -6.51
N GLN A 965 -7.10 -13.53 -5.51
CA GLN A 965 -5.86 -12.74 -5.67
C GLN A 965 -4.68 -13.59 -5.23
N LEU A 966 -4.92 -14.85 -4.85
CA LEU A 966 -3.85 -15.76 -4.49
C LEU A 966 -3.34 -16.49 -5.73
N SER A 967 -4.04 -16.33 -6.84
CA SER A 967 -3.63 -16.93 -8.10
C SER A 967 -2.67 -16.02 -8.87
N SER A 968 -2.47 -14.82 -8.35
CA SER A 968 -1.60 -13.85 -9.01
C SER A 968 -0.13 -14.12 -8.74
N ASN A 969 0.70 -13.88 -9.76
CA ASN A 969 2.14 -14.06 -9.65
C ASN A 969 2.83 -12.85 -9.04
N PHE A 970 2.27 -11.66 -9.27
CA PHE A 970 2.85 -10.42 -8.78
C PHE A 970 4.27 -10.18 -9.25
N GLY A 971 4.61 -10.74 -10.41
CA GLY A 971 5.94 -10.57 -11.00
C GLY A 971 6.84 -11.76 -10.74
N ALA A 972 6.41 -12.65 -9.85
CA ALA A 972 7.18 -13.85 -9.53
C ALA A 972 7.01 -14.89 -10.63
N ILE A 973 7.91 -15.85 -10.67
CA ILE A 973 7.84 -16.96 -11.64
C ILE A 973 6.63 -17.85 -11.40
N SER A 974 6.09 -17.82 -10.19
CA SER A 974 4.97 -18.67 -9.85
C SER A 974 4.13 -18.08 -8.74
N SER A 975 2.84 -18.40 -8.75
CA SER A 975 1.92 -18.00 -7.69
C SER A 975 2.00 -18.96 -6.52
N VAL A 976 2.71 -20.07 -6.70
CA VAL A 976 2.79 -21.11 -5.69
C VAL A 976 4.15 -21.14 -5.00
N LEU A 977 4.14 -20.96 -3.68
CA LEU A 977 5.36 -20.92 -2.89
C LEU A 977 6.13 -22.23 -2.93
N ASN A 978 5.40 -23.35 -2.96
CA ASN A 978 6.04 -24.65 -2.97
C ASN A 978 6.81 -24.90 -4.27
N ASP A 979 6.34 -24.32 -5.37
CA ASP A 979 7.00 -24.51 -6.65
C ASP A 979 8.27 -23.67 -6.71
N ILE A 980 8.24 -22.50 -6.08
CA ILE A 980 9.43 -21.66 -6.00
C ILE A 980 10.49 -22.33 -5.15
N LEU A 981 10.08 -22.85 -3.99
CA LEU A 981 11.00 -23.51 -3.07
C LEU A 981 11.54 -24.81 -3.64
N SER A 982 10.70 -25.51 -4.41
CA SER A 982 11.10 -26.77 -5.04
C SER A 982 12.23 -26.56 -6.05
N ARG A 983 12.15 -25.46 -6.80
CA ARG A 983 13.09 -25.20 -7.88
C ARG A 983 14.32 -24.36 -7.51
N LEU A 984 14.16 -23.43 -6.57
CA LEU A 984 15.24 -22.49 -6.29
C LEU A 984 15.82 -22.58 -4.89
N ASP A 985 17.10 -22.26 -4.76
CA ASP A 985 17.75 -22.07 -3.46
C ASP A 985 17.54 -20.64 -2.98
N PRO A 986 17.64 -20.38 -1.65
CA PRO A 986 17.40 -19.11 -1.00
C PRO A 986 17.95 -17.86 -1.72
N PRO A 987 19.19 -17.85 -2.23
CA PRO A 987 19.79 -16.69 -2.89
C PRO A 987 18.91 -16.16 -4.02
N GLU A 988 18.10 -17.03 -4.61
CA GLU A 988 17.20 -16.64 -5.69
C GLU A 988 15.74 -16.79 -5.28
N ALA A 989 15.47 -17.77 -4.43
CA ALA A 989 14.11 -18.07 -4.00
C ALA A 989 13.53 -16.92 -3.20
N GLU A 990 14.37 -16.27 -2.41
CA GLU A 990 13.91 -15.19 -1.55
C GLU A 990 13.39 -14.02 -2.37
N VAL A 991 13.98 -13.79 -3.53
CA VAL A 991 13.53 -12.71 -4.40
C VAL A 991 12.14 -13.01 -4.92
N GLN A 992 11.93 -14.24 -5.36
CA GLN A 992 10.63 -14.65 -5.90
C GLN A 992 9.57 -14.66 -4.80
N ILE A 993 9.96 -15.08 -3.61
CA ILE A 993 9.04 -15.15 -2.49
C ILE A 993 8.65 -13.75 -2.01
N ASP A 994 9.63 -12.86 -1.91
CA ASP A 994 9.34 -11.50 -1.47
C ASP A 994 8.30 -10.85 -2.36
N ARG A 995 8.36 -11.13 -3.66
CA ARG A 995 7.38 -10.57 -4.59
C ARG A 995 5.97 -11.06 -4.25
N LEU A 996 5.84 -12.33 -3.89
CA LEU A 996 4.53 -12.88 -3.54
C LEU A 996 4.04 -12.37 -2.20
N ILE A 997 4.93 -12.26 -1.22
CA ILE A 997 4.51 -11.80 0.10
C ILE A 997 4.04 -10.36 0.02
N THR A 998 4.76 -9.52 -0.70
CA THR A 998 4.40 -8.09 -0.78
C THR A 998 3.01 -7.97 -1.42
N GLY A 999 2.80 -8.60 -2.58
CA GLY A 999 1.51 -8.49 -3.28
C GLY A 999 0.35 -9.04 -2.50
N ARG A 1000 0.52 -10.20 -1.85
CA ARG A 1000 -0.54 -10.80 -1.00
C ARG A 1000 -0.86 -9.88 0.18
N LEU A 1001 0.17 -9.29 0.81
CA LEU A 1001 -0.03 -8.35 1.95
C LEU A 1001 -0.79 -7.10 1.50
N GLN A 1002 -0.47 -6.58 0.32
CA GLN A 1002 -1.17 -5.38 -0.20
C GLN A 1002 -2.63 -5.73 -0.45
N SER A 1003 -2.90 -6.91 -0.99
CA SER A 1003 -4.29 -7.35 -1.26
C SER A 1003 -5.08 -7.47 0.04
N LEU A 1004 -4.49 -8.02 1.09
CA LEU A 1004 -5.16 -8.10 2.42
C LEU A 1004 -5.39 -6.71 2.97
N GLN A 1005 -4.41 -5.81 2.82
CA GLN A 1005 -4.51 -4.44 3.36
C GLN A 1005 -5.65 -3.70 2.69
N THR A 1006 -5.82 -3.88 1.37
CA THR A 1006 -6.90 -3.17 0.63
C THR A 1006 -8.24 -3.73 1.07
N TYR A 1007 -8.31 -5.03 1.35
CA TYR A 1007 -9.56 -5.58 1.85
C TYR A 1007 -9.95 -4.97 3.19
N VAL A 1008 -9.01 -4.93 4.12
CA VAL A 1008 -9.29 -4.42 5.45
C VAL A 1008 -9.68 -2.95 5.42
N THR A 1009 -8.95 -2.17 4.61
CA THR A 1009 -9.23 -0.75 4.51
C THR A 1009 -10.67 -0.51 4.02
N GLN A 1010 -11.10 -1.24 3.01
CA GLN A 1010 -12.45 -1.02 2.46
C GLN A 1010 -13.52 -1.51 3.43
N GLN A 1011 -13.20 -2.47 4.30
CA GLN A 1011 -14.15 -2.90 5.32
C GLN A 1011 -14.33 -1.83 6.38
N LEU A 1012 -13.26 -1.11 6.70
CA LEU A 1012 -13.34 -0.03 7.68
C LEU A 1012 -14.19 1.13 7.15
N ILE A 1013 -14.03 1.43 5.87
CA ILE A 1013 -14.82 2.49 5.25
C ILE A 1013 -16.30 2.10 5.22
N ARG A 1014 -16.59 0.86 4.82
CA ARG A 1014 -17.96 0.38 4.76
C ARG A 1014 -18.58 0.33 6.16
N ALA A 1015 -17.79 -0.05 7.16
CA ALA A 1015 -18.27 -0.14 8.52
C ALA A 1015 -18.76 1.21 9.01
N ALA A 1016 -18.06 2.27 8.61
CA ALA A 1016 -18.44 3.62 9.00
C ALA A 1016 -19.80 3.99 8.42
N GLU A 1017 -20.05 3.54 7.20
CA GLU A 1017 -21.32 3.84 6.53
C GLU A 1017 -22.48 3.13 7.20
N ILE A 1018 -22.26 1.87 7.57
CA ILE A 1018 -23.28 1.08 8.26
C ILE A 1018 -23.55 1.61 9.65
N ARG A 1019 -22.51 2.04 10.36
CA ARG A 1019 -22.72 2.60 11.70
C ARG A 1019 -23.59 3.85 11.61
N ALA A 1020 -23.36 4.67 10.61
CA ALA A 1020 -24.17 5.87 10.42
C ALA A 1020 -25.64 5.51 10.18
N SER A 1021 -25.86 4.45 9.41
CA SER A 1021 -27.22 3.97 9.14
C SER A 1021 -27.86 3.40 10.40
N ALA A 1022 -27.07 2.67 11.19
CA ALA A 1022 -27.56 2.09 12.44
C ALA A 1022 -27.97 3.18 13.41
N ASN A 1023 -27.22 4.28 13.44
CA ASN A 1023 -27.54 5.39 14.32
C ASN A 1023 -28.84 6.05 13.93
N LEU A 1024 -29.08 6.15 12.62
CA LEU A 1024 -30.33 6.72 12.11
C LEU A 1024 -31.50 5.81 12.46
N ALA A 1025 -31.31 4.51 12.30
CA ALA A 1025 -32.36 3.55 12.61
C ALA A 1025 -32.72 3.59 14.09
N ALA A 1026 -31.72 3.75 14.95
CA ALA A 1026 -31.95 3.85 16.39
C ALA A 1026 -32.73 5.11 16.72
N THR A 1027 -32.41 6.20 16.04
CA THR A 1027 -33.11 7.47 16.25
C THR A 1027 -34.57 7.34 15.88
N LYS A 1028 -34.84 6.70 14.75
CA LYS A 1028 -36.21 6.49 14.29
C LYS A 1028 -36.97 5.60 15.26
N MET A 1029 -36.31 4.61 15.82
CA MET A 1029 -36.98 3.75 16.78
C MET A 1029 -37.49 4.58 17.95
N SER A 1030 -36.67 5.53 18.41
CA SER A 1030 -37.02 6.37 19.54
C SER A 1030 -38.07 7.43 19.19
N GLU A 1031 -37.96 8.04 18.02
CA GLU A 1031 -38.81 9.17 17.68
C GLU A 1031 -40.06 8.82 16.85
N CYS A 1032 -40.03 7.72 16.11
CA CYS A 1032 -41.14 7.31 15.24
C CYS A 1032 -41.97 6.22 15.90
N VAL A 1033 -41.31 5.26 16.54
CA VAL A 1033 -42.01 4.12 17.14
C VAL A 1033 -42.41 4.37 18.59
N LEU A 1034 -41.47 4.85 19.40
CA LEU A 1034 -41.74 5.06 20.82
C LEU A 1034 -42.29 6.45 21.12
N GLY A 1035 -42.65 7.18 20.07
CA GLY A 1035 -43.22 8.51 20.22
C GLY A 1035 -43.81 9.02 18.92
N GLN A 1036 -44.26 10.27 18.93
CA GLN A 1036 -44.83 10.89 17.73
C GLN A 1036 -43.94 12.02 17.27
N SER A 1037 -43.58 12.02 15.99
CA SER A 1037 -42.65 13.00 15.47
C SER A 1037 -43.33 14.26 14.95
N LYS A 1038 -42.67 15.39 15.13
CA LYS A 1038 -43.13 16.67 14.61
C LYS A 1038 -42.27 17.12 13.44
N ARG A 1039 -41.33 16.27 13.05
CA ARG A 1039 -40.38 16.58 11.99
C ARG A 1039 -40.95 16.18 10.63
N VAL A 1040 -40.88 17.10 9.68
CA VAL A 1040 -41.43 16.86 8.36
C VAL A 1040 -40.61 15.84 7.57
N ASP A 1041 -41.32 14.88 6.98
CA ASP A 1041 -40.72 13.82 6.18
C ASP A 1041 -39.64 13.05 6.92
N PHE A 1042 -39.88 12.77 8.19
CA PHE A 1042 -38.95 11.97 8.99
C PHE A 1042 -39.50 10.57 9.25
N CYS A 1043 -40.82 10.48 9.52
CA CYS A 1043 -41.50 9.23 9.83
C CYS A 1043 -42.65 9.01 8.85
N GLY A 1044 -42.36 9.09 7.56
CA GLY A 1044 -43.40 8.94 6.54
C GLY A 1044 -43.49 10.18 5.67
N LYS A 1045 -44.54 10.26 4.86
CA LYS A 1045 -44.68 11.37 3.91
C LYS A 1045 -45.79 12.35 4.31
N GLY A 1046 -46.74 11.89 5.12
CA GLY A 1046 -47.87 12.72 5.52
C GLY A 1046 -47.69 13.19 6.96
N TYR A 1047 -48.79 13.31 7.70
CA TYR A 1047 -48.72 13.71 9.10
C TYR A 1047 -48.56 12.47 9.96
N HIS A 1048 -47.48 12.40 10.72
CA HIS A 1048 -47.17 11.19 11.46
C HIS A 1048 -48.13 10.91 12.60
N LEU A 1049 -48.64 9.68 12.66
CA LEU A 1049 -49.46 9.22 13.78
C LEU A 1049 -48.69 8.23 14.63
N MET A 1050 -48.29 7.10 14.02
CA MET A 1050 -47.59 6.02 14.74
C MET A 1050 -46.74 5.16 13.80
N SER A 1051 -45.75 4.43 14.32
CA SER A 1051 -44.93 3.52 13.52
C SER A 1051 -44.77 2.16 14.19
N PHE A 1052 -44.49 1.14 13.39
CA PHE A 1052 -44.20 -0.19 13.91
C PHE A 1052 -42.97 -0.78 13.21
N PRO A 1053 -41.99 -1.29 13.96
CA PRO A 1053 -40.79 -1.94 13.46
C PRO A 1053 -41.07 -3.38 13.04
N GLN A 1054 -40.32 -3.86 12.06
CA GLN A 1054 -40.32 -5.26 11.67
C GLN A 1054 -38.89 -5.74 11.47
N ALA A 1055 -38.60 -6.96 11.92
CA ALA A 1055 -37.26 -7.52 11.78
C ALA A 1055 -36.95 -7.90 10.32
N ALA A 1056 -35.69 -7.78 9.95
CA ALA A 1056 -35.21 -8.21 8.64
C ALA A 1056 -33.73 -8.57 8.76
N PRO A 1057 -33.22 -9.44 7.88
CA PRO A 1057 -31.81 -9.77 7.76
C PRO A 1057 -30.96 -8.53 7.54
N HIS A 1058 -29.96 -8.37 8.40
CA HIS A 1058 -28.99 -7.28 8.32
C HIS A 1058 -29.60 -5.87 8.42
N GLY A 1059 -30.84 -5.76 8.88
CA GLY A 1059 -31.44 -4.43 8.99
C GLY A 1059 -32.83 -4.44 9.59
N VAL A 1060 -33.47 -3.27 9.55
CA VAL A 1060 -34.78 -3.06 10.13
C VAL A 1060 -35.72 -2.41 9.12
N VAL A 1061 -36.99 -2.81 9.17
CA VAL A 1061 -38.00 -2.22 8.30
C VAL A 1061 -39.07 -1.52 9.13
N PHE A 1062 -39.35 -0.26 8.79
CA PHE A 1062 -40.36 0.50 9.53
C PHE A 1062 -41.63 0.67 8.72
N LEU A 1063 -42.77 0.47 9.37
CA LEU A 1063 -44.05 0.77 8.77
C LEU A 1063 -44.62 2.04 9.39
N HIS A 1064 -44.75 3.08 8.58
CA HIS A 1064 -45.15 4.38 9.07
C HIS A 1064 -46.61 4.66 8.77
N VAL A 1065 -47.38 4.95 9.81
CA VAL A 1065 -48.81 5.22 9.65
C VAL A 1065 -49.03 6.73 9.69
N THR A 1066 -49.54 7.28 8.59
CA THR A 1066 -49.71 8.72 8.48
C THR A 1066 -51.11 9.15 8.08
N TYR A 1067 -51.46 10.36 8.47
CA TYR A 1067 -52.71 10.99 8.11
C TYR A 1067 -52.55 11.84 6.85
N VAL A 1068 -53.38 11.58 5.85
CA VAL A 1068 -53.30 12.31 4.60
C VAL A 1068 -54.64 12.98 4.27
N PRO A 1069 -54.67 14.31 4.10
CA PRO A 1069 -55.84 15.11 3.74
C PRO A 1069 -56.22 14.88 2.28
N SER A 1070 -57.51 15.03 1.98
CA SER A 1070 -57.98 14.89 0.61
C SER A 1070 -59.29 15.66 0.38
N GLN A 1071 -59.69 15.76 -0.89
CA GLN A 1071 -60.95 16.40 -1.26
C GLN A 1071 -61.06 17.83 -0.73
N GLN A 1072 -60.15 18.68 -1.21
CA GLN A 1072 -60.09 20.08 -0.75
C GLN A 1072 -61.12 20.93 -1.44
N GLN A 1073 -61.71 21.87 -0.70
CA GLN A 1073 -62.60 22.85 -1.31
C GLN A 1073 -62.10 24.25 -1.01
N ASN A 1074 -62.39 25.19 -1.90
CA ASN A 1074 -62.00 26.60 -1.71
C ASN A 1074 -63.16 27.38 -1.11
N PHE A 1075 -62.80 28.28 -0.16
CA PHE A 1075 -63.74 29.17 0.54
C PHE A 1075 -63.22 30.59 0.49
N THR A 1076 -64.13 31.57 0.54
CA THR A 1076 -63.70 32.96 0.67
C THR A 1076 -63.21 33.16 2.09
N THR A 1077 -62.10 33.86 2.26
CA THR A 1077 -61.54 34.06 3.59
C THR A 1077 -61.33 35.53 3.95
N ALA A 1078 -60.92 35.76 5.19
CA ALA A 1078 -60.64 37.10 5.70
C ALA A 1078 -59.69 37.00 6.91
N PRO A 1079 -58.76 37.94 7.06
CA PRO A 1079 -57.79 38.04 8.12
C PRO A 1079 -58.41 38.36 9.48
N ALA A 1080 -59.59 38.98 9.45
CA ALA A 1080 -60.24 39.40 10.69
C ALA A 1080 -61.70 39.75 10.44
N ILE A 1081 -62.47 39.77 11.50
CA ILE A 1081 -63.83 40.29 11.45
C ILE A 1081 -64.04 41.47 12.39
N CYS A 1082 -64.64 42.54 11.86
CA CYS A 1082 -65.03 43.72 12.59
C CYS A 1082 -66.47 43.65 13.12
N HIS A 1083 -66.64 43.60 14.41
CA HIS A 1083 -67.97 43.49 15.01
C HIS A 1083 -68.63 44.85 15.24
N ASN A 1084 -68.06 45.63 16.14
CA ASN A 1084 -68.60 46.94 16.50
C ASN A 1084 -67.51 48.00 16.50
N GLY A 1085 -66.67 47.99 15.47
CA GLY A 1085 -65.55 48.90 15.38
C GLY A 1085 -64.31 48.32 16.05
N LYS A 1086 -64.43 47.06 16.48
CA LYS A 1086 -63.29 46.36 17.12
C LYS A 1086 -62.95 45.13 16.29
N ALA A 1087 -61.67 44.84 16.11
CA ALA A 1087 -61.25 43.69 15.31
C ALA A 1087 -61.22 42.41 16.13
N TYR A 1088 -61.75 41.34 15.53
CA TYR A 1088 -61.72 40.03 16.15
C TYR A 1088 -60.92 39.03 15.33
N PHE A 1089 -60.01 38.33 16.01
CA PHE A 1089 -59.17 37.32 15.38
C PHE A 1089 -59.46 35.97 16.01
N PRO A 1090 -59.35 34.88 15.25
CA PRO A 1090 -59.57 33.52 15.70
C PRO A 1090 -58.48 33.10 16.66
N ARG A 1091 -58.84 32.32 17.67
CA ARG A 1091 -57.83 31.79 18.58
C ARG A 1091 -56.98 30.75 17.85
N GLU A 1092 -57.64 30.01 16.96
CA GLU A 1092 -57.00 29.01 16.12
C GLU A 1092 -57.86 28.79 14.88
N GLY A 1093 -57.24 28.33 13.80
CA GLY A 1093 -57.96 28.07 12.57
C GLY A 1093 -58.13 29.33 11.73
N VAL A 1094 -59.07 29.28 10.79
CA VAL A 1094 -59.28 30.39 9.87
C VAL A 1094 -60.76 30.76 9.74
N PHE A 1095 -61.01 32.00 9.31
CA PHE A 1095 -62.36 32.43 8.97
C PHE A 1095 -62.67 32.07 7.52
N VAL A 1096 -63.79 31.40 7.31
CA VAL A 1096 -64.21 31.06 5.95
C VAL A 1096 -65.68 31.34 5.73
N MET A 1097 -66.04 31.69 4.48
CA MET A 1097 -67.48 31.86 4.13
C MET A 1097 -67.91 30.65 3.29
N ASN A 1098 -69.03 30.01 3.65
CA ASN A 1098 -69.53 28.78 2.98
C ASN A 1098 -70.38 29.12 1.74
N GLY A 1099 -70.48 30.43 1.42
CA GLY A 1099 -71.29 30.95 0.32
C GLY A 1099 -72.39 31.87 0.88
N THR A 1100 -72.76 31.67 2.15
CA THR A 1100 -73.78 32.50 2.79
C THR A 1100 -73.36 33.02 4.15
N HIS A 1101 -72.74 32.17 4.94
CA HIS A 1101 -72.38 32.56 6.31
C HIS A 1101 -70.92 32.26 6.60
N TRP A 1102 -70.36 33.03 7.51
CA TRP A 1102 -68.98 32.88 7.94
C TRP A 1102 -68.86 31.97 9.15
N PHE A 1103 -67.82 31.14 9.15
CA PHE A 1103 -67.56 30.18 10.21
C PHE A 1103 -66.07 30.11 10.56
N ILE A 1104 -65.75 29.48 11.69
CA ILE A 1104 -64.35 29.20 12.03
C ILE A 1104 -64.06 27.72 11.89
N THR A 1105 -63.04 27.38 11.12
CA THR A 1105 -62.70 25.97 10.93
C THR A 1105 -61.21 25.73 11.09
N GLN A 1106 -60.84 24.46 11.26
CA GLN A 1106 -59.41 24.11 11.38
C GLN A 1106 -58.85 23.96 9.96
N ARG A 1107 -57.53 24.12 9.77
CA ARG A 1107 -56.86 24.05 8.49
C ARG A 1107 -56.71 22.63 7.96
N ASN A 1108 -56.59 21.66 8.87
CA ASN A 1108 -56.32 20.28 8.45
C ASN A 1108 -57.59 19.44 8.28
N PHE A 1109 -58.75 20.03 8.55
CA PHE A 1109 -60.02 19.32 8.39
C PHE A 1109 -61.20 20.28 8.50
N TYR A 1110 -62.01 20.34 7.45
CA TYR A 1110 -63.14 21.27 7.44
C TYR A 1110 -64.24 20.82 8.39
N SER A 1111 -64.54 21.66 9.36
CA SER A 1111 -65.58 21.39 10.35
C SER A 1111 -66.04 22.68 11.01
N PRO A 1112 -66.89 23.45 10.33
CA PRO A 1112 -67.19 24.86 10.56
C PRO A 1112 -67.94 25.07 11.87
N GLN A 1113 -67.45 26.01 12.67
CA GLN A 1113 -68.08 26.37 13.94
C GLN A 1113 -68.67 27.76 13.86
N VAL A 1114 -69.62 28.05 14.74
CA VAL A 1114 -70.22 29.38 14.81
C VAL A 1114 -69.22 30.37 15.42
N ILE A 1115 -69.18 31.57 14.85
CA ILE A 1115 -68.29 32.61 15.37
C ILE A 1115 -68.87 33.21 16.63
N THR A 1116 -68.15 33.04 17.74
CA THR A 1116 -68.60 33.52 19.04
C THR A 1116 -67.46 34.22 19.74
N THR A 1117 -67.77 34.88 20.85
CA THR A 1117 -66.76 35.59 21.63
C THR A 1117 -65.80 34.64 22.33
N ASP A 1118 -66.10 33.34 22.27
CA ASP A 1118 -65.24 32.33 22.88
C ASP A 1118 -64.22 31.77 21.90
N ASN A 1119 -64.51 31.89 20.60
CA ASN A 1119 -63.66 31.28 19.57
C ASN A 1119 -62.68 32.30 19.01
N THR A 1120 -62.84 33.54 19.41
CA THR A 1120 -62.03 34.65 18.93
C THR A 1120 -61.52 35.47 20.10
N PHE A 1121 -60.62 36.39 19.81
CA PHE A 1121 -60.20 37.36 20.81
C PHE A 1121 -60.28 38.76 20.22
N GLU A 1122 -60.55 39.74 21.08
CA GLU A 1122 -60.67 41.12 20.65
C GLU A 1122 -59.35 41.85 20.77
N SER A 1123 -58.87 42.38 19.65
CA SER A 1123 -57.62 43.12 19.63
C SER A 1123 -57.51 43.94 18.36
N GLY A 1124 -57.15 45.20 18.49
CA GLY A 1124 -56.98 46.06 17.33
C GLY A 1124 -58.18 46.99 17.15
N SER A 1125 -57.98 48.04 16.35
CA SER A 1125 -58.99 49.08 16.16
C SER A 1125 -59.73 49.02 14.82
N CYS A 1126 -59.80 47.83 14.19
CA CYS A 1126 -60.59 47.57 12.98
C CYS A 1126 -60.03 48.25 11.72
N ASP A 1127 -59.86 49.58 11.77
CA ASP A 1127 -59.43 50.34 10.60
C ASP A 1127 -57.95 50.16 10.30
N VAL A 1128 -57.27 49.35 11.09
CA VAL A 1128 -55.84 49.11 10.91
C VAL A 1128 -55.55 47.73 10.35
N VAL A 1129 -56.60 46.95 10.07
CA VAL A 1129 -56.43 45.61 9.54
C VAL A 1129 -56.85 45.52 8.07
N ILE A 1130 -55.91 45.15 7.21
CA ILE A 1130 -56.18 45.06 5.79
C ILE A 1130 -57.03 43.86 5.47
N GLY A 1131 -58.12 44.07 4.75
CA GLY A 1131 -58.96 42.96 4.32
C GLY A 1131 -60.02 42.57 5.34
N ILE A 1132 -60.15 43.37 6.39
CA ILE A 1132 -61.13 43.08 7.44
C ILE A 1132 -62.55 43.25 6.91
N VAL A 1133 -63.44 42.35 7.33
CA VAL A 1133 -64.84 42.41 6.90
C VAL A 1133 -65.75 42.53 8.11
N ASN A 1134 -66.97 43.03 7.92
CA ASN A 1134 -67.94 43.19 8.99
C ASN A 1134 -68.84 41.96 9.12
N ASN A 1135 -69.07 41.51 10.35
CA ASN A 1135 -69.96 40.39 10.66
C ASN A 1135 -70.40 40.47 12.11
N THR A 1136 -71.23 39.51 12.54
CA THR A 1136 -71.70 39.48 13.91
C THR A 1136 -71.00 38.39 14.71
N VAL A 1137 -70.41 38.78 15.83
CA VAL A 1137 -69.80 37.82 16.75
C VAL A 1137 -70.80 37.47 17.83
N TYR A 1138 -71.18 36.21 17.91
CA TYR A 1138 -72.26 35.81 18.80
C TYR A 1138 -71.83 35.77 20.26
N ASP A 1139 -72.63 36.42 21.10
CA ASP A 1139 -72.42 36.45 22.53
C ASP A 1139 -73.35 35.43 23.21
N PRO A 1140 -72.80 34.35 23.77
CA PRO A 1140 -73.51 33.18 24.29
C PRO A 1140 -74.39 33.53 25.48
N LEU A 1141 -74.20 34.71 26.05
CA LEU A 1141 -75.00 35.15 27.18
C LEU A 1141 -76.39 35.65 26.77
N GLN A 1142 -76.59 35.90 25.47
CA GLN A 1142 -77.85 36.43 24.93
C GLN A 1142 -78.76 35.30 24.49
N GLY B 35 63.79 32.84 -20.11
CA GLY B 35 62.50 33.10 -20.73
C GLY B 35 61.37 33.33 -19.70
N CYS B 36 61.71 33.88 -18.52
CA CYS B 36 60.73 34.19 -17.48
C CYS B 36 60.89 35.67 -17.07
N GLY B 37 59.74 36.27 -16.71
CA GLY B 37 59.77 37.62 -16.15
C GLY B 37 60.24 37.55 -14.70
N ILE B 38 60.95 38.58 -14.26
CA ILE B 38 61.47 38.61 -12.89
C ILE B 38 60.89 39.75 -12.07
N LEU B 39 60.23 39.40 -10.97
CA LEU B 39 59.72 40.38 -10.02
C LEU B 39 60.40 40.16 -8.68
N SER B 40 61.55 40.82 -8.50
CA SER B 40 62.41 40.56 -7.34
C SER B 40 61.90 41.11 -6.01
N ASN B 41 61.07 42.17 -6.04
CA ASN B 41 60.54 42.81 -4.84
C ASN B 41 59.04 43.05 -4.96
N LYS B 42 58.25 42.19 -4.31
CA LYS B 42 56.78 42.30 -4.44
C LYS B 42 56.14 42.58 -3.08
N SER B 43 55.07 43.37 -3.07
CA SER B 43 54.35 43.70 -1.84
C SER B 43 53.50 42.53 -1.37
N LYS B 44 53.06 42.57 -0.12
CA LYS B 44 52.20 41.52 0.42
C LYS B 44 50.74 41.76 0.07
N PRO B 45 49.95 40.69 -0.15
CA PRO B 45 48.54 40.70 -0.46
C PRO B 45 47.72 41.18 0.73
N ALA B 46 46.64 41.90 0.46
CA ALA B 46 45.77 42.41 1.51
C ALA B 46 44.83 41.32 2.05
N LEU B 47 44.41 40.41 1.17
CA LEU B 47 43.50 39.33 1.55
C LEU B 47 42.22 39.89 2.19
N THR B 48 41.71 40.98 1.62
CA THR B 48 40.48 41.60 2.10
C THR B 48 39.28 40.70 1.84
N GLN B 49 38.37 40.63 2.81
CA GLN B 49 37.20 39.78 2.66
C GLN B 49 36.01 40.55 2.11
N TYR B 50 35.28 39.94 1.18
CA TYR B 50 34.11 40.54 0.55
C TYR B 50 32.90 39.62 0.62
N SER B 51 31.71 40.19 0.54
CA SER B 51 30.47 39.41 0.54
C SER B 51 30.08 38.95 -0.85
N SER B 52 29.85 37.65 -0.98
CA SER B 52 29.53 37.02 -2.26
C SER B 52 28.12 37.33 -2.76
N SER B 53 27.29 37.89 -1.89
CA SER B 53 25.90 38.18 -2.22
C SER B 53 25.15 36.90 -2.59
N ARG B 54 24.52 36.89 -3.75
CA ARG B 54 23.78 35.72 -4.21
C ARG B 54 24.36 35.21 -5.52
N ARG B 55 25.63 35.49 -5.75
CA ARG B 55 26.31 35.12 -6.98
C ARG B 55 26.99 33.76 -6.88
N GLY B 56 27.30 33.17 -8.03
CA GLY B 56 28.07 31.91 -8.06
C GLY B 56 27.20 30.70 -8.40
N PHE B 57 25.92 30.92 -8.64
CA PHE B 57 25.04 29.83 -9.01
C PHE B 57 25.28 29.46 -10.47
N TYR B 58 25.11 28.19 -10.80
CA TYR B 58 25.37 27.72 -12.15
C TYR B 58 24.45 26.58 -12.54
N TYR B 59 24.34 26.31 -13.84
CA TYR B 59 23.55 25.19 -14.32
C TYR B 59 24.20 23.88 -13.93
N PHE B 60 23.46 23.09 -13.16
CA PHE B 60 23.99 21.88 -12.54
C PHE B 60 23.50 20.60 -13.20
N ASP B 61 22.86 20.74 -14.35
CA ASP B 61 22.26 19.59 -15.01
C ASP B 61 22.22 19.75 -16.53
N ASP B 62 22.06 18.63 -17.21
CA ASP B 62 21.92 18.58 -18.66
C ASP B 62 20.44 18.54 -19.05
N THR B 63 19.62 18.08 -18.11
CA THR B 63 18.20 17.89 -18.33
C THR B 63 17.48 19.20 -18.67
N PHE B 64 16.62 19.15 -19.69
CA PHE B 64 15.81 20.30 -20.05
C PHE B 64 14.60 20.39 -19.12
N ARG B 65 14.38 21.56 -18.56
CA ARG B 65 13.27 21.80 -17.65
C ARG B 65 12.54 23.07 -18.03
N SER B 66 11.27 23.17 -17.65
CA SER B 66 10.51 24.39 -17.82
C SER B 66 9.38 24.50 -16.79
N SER B 67 9.08 25.73 -16.39
CA SER B 67 7.98 26.01 -15.46
C SER B 67 7.97 25.05 -14.28
N VAL B 68 9.11 24.95 -13.58
CA VAL B 68 9.24 24.00 -12.49
C VAL B 68 10.23 24.45 -11.44
N ARG B 69 9.99 24.07 -10.19
CA ARG B 69 10.94 24.31 -9.12
C ARG B 69 11.49 22.99 -8.60
N VAL B 70 12.81 22.88 -8.54
CA VAL B 70 13.44 21.64 -8.12
C VAL B 70 14.39 21.88 -6.96
N LEU B 71 14.40 20.94 -6.02
CA LEU B 71 15.29 21.00 -4.87
C LEU B 71 16.45 20.06 -5.10
N THR B 72 17.66 20.61 -5.20
CA THR B 72 18.83 19.80 -5.55
C THR B 72 19.95 19.94 -4.54
N THR B 73 20.95 19.07 -4.66
CA THR B 73 22.12 19.14 -3.80
C THR B 73 23.40 19.07 -4.61
N GLY B 74 24.47 19.64 -4.08
CA GLY B 74 25.76 19.59 -4.75
C GLY B 74 26.67 20.68 -4.24
N TYR B 75 27.75 20.95 -4.97
CA TYR B 75 28.71 21.94 -4.53
C TYR B 75 28.44 23.31 -5.11
N PHE B 76 28.02 24.22 -4.25
CA PHE B 76 27.65 25.58 -4.65
C PHE B 76 28.28 26.59 -3.71
N LEU B 77 28.41 27.83 -4.17
CA LEU B 77 28.89 28.90 -3.31
C LEU B 77 27.72 29.35 -2.42
N PRO B 78 27.88 29.33 -1.09
CA PRO B 78 26.88 29.74 -0.12
C PRO B 78 26.51 31.21 -0.31
N PHE B 79 25.27 31.56 0.02
CA PHE B 79 24.87 32.96 -0.06
C PHE B 79 25.53 33.75 1.06
N ASN B 80 25.95 34.98 0.73
CA ASN B 80 26.66 35.84 1.67
C ASN B 80 27.89 35.16 2.25
N SER B 81 28.61 34.42 1.41
CA SER B 81 29.84 33.77 1.83
C SER B 81 30.99 34.77 1.79
N ASN B 82 32.15 34.39 2.39
CA ASN B 82 33.33 35.21 2.41
C ASN B 82 34.25 34.90 1.21
N LEU B 83 34.50 35.92 0.38
CA LEU B 83 35.43 35.83 -0.74
C LEU B 83 36.72 36.54 -0.38
N THR B 84 37.85 35.97 -0.76
CA THR B 84 39.14 36.61 -0.48
C THR B 84 39.59 37.38 -1.70
N GLY B 85 39.95 38.65 -1.51
CA GLY B 85 40.40 39.48 -2.61
C GLY B 85 41.92 39.45 -2.76
N TYR B 86 42.34 39.41 -4.01
CA TYR B 86 43.74 39.48 -4.41
C TYR B 86 43.84 40.50 -5.52
N SER B 87 44.96 41.18 -5.66
CA SER B 87 44.99 42.26 -6.65
C SER B 87 46.35 42.49 -7.30
N SER B 88 46.31 43.32 -8.33
CA SER B 88 47.49 43.77 -9.04
C SER B 88 47.57 45.29 -8.95
N ARG B 89 48.75 45.82 -8.63
CA ARG B 89 48.90 47.26 -8.52
C ARG B 89 50.19 47.75 -9.17
N ASN B 90 50.08 48.90 -9.83
CA ASN B 90 51.21 49.54 -10.48
C ASN B 90 52.26 49.98 -9.46
N ALA B 91 53.51 49.60 -9.70
CA ALA B 91 54.60 49.95 -8.81
C ALA B 91 54.92 51.43 -8.89
N VAL B 92 55.15 52.04 -7.75
CA VAL B 92 55.53 53.45 -7.66
C VAL B 92 56.71 53.60 -6.72
N THR B 93 57.30 54.78 -6.68
CA THR B 93 58.47 55.01 -5.85
C THR B 93 58.26 54.55 -4.41
N GLY B 94 57.09 54.82 -3.84
CA GLY B 94 56.82 54.52 -2.43
C GLY B 94 56.12 53.18 -2.21
N ARG B 95 55.99 52.36 -3.25
CA ARG B 95 55.27 51.10 -3.12
C ARG B 95 55.81 50.02 -4.06
N LEU B 96 56.06 48.83 -3.52
CA LEU B 96 56.55 47.72 -4.34
C LEU B 96 55.44 47.19 -5.23
N ILE B 97 55.81 46.61 -6.36
CA ILE B 97 54.81 46.08 -7.28
C ILE B 97 53.96 45.04 -6.59
N GLN B 98 52.66 45.08 -6.84
CA GLN B 98 51.78 44.10 -6.25
C GLN B 98 51.31 43.13 -7.32
N PHE B 99 51.73 41.90 -7.21
CA PHE B 99 51.42 40.87 -8.20
C PHE B 99 50.98 39.63 -7.45
N ASP B 100 49.71 39.60 -7.04
CA ASP B 100 49.24 38.54 -6.17
C ASP B 100 48.95 37.27 -6.95
N ASN B 101 49.79 36.26 -6.73
CA ASN B 101 49.67 34.98 -7.41
C ASN B 101 50.09 33.80 -6.54
N PRO B 102 49.45 33.62 -5.37
CA PRO B 102 49.67 32.57 -4.40
C PRO B 102 49.12 31.24 -4.89
N ASN B 103 49.54 30.15 -4.26
CA ASN B 103 48.99 28.84 -4.55
C ASN B 103 47.71 28.62 -3.76
N ILE B 104 46.59 28.59 -4.48
CA ILE B 104 45.28 28.49 -3.86
C ILE B 104 44.73 27.07 -3.95
N PRO B 105 44.33 26.47 -2.82
CA PRO B 105 43.71 25.15 -2.75
C PRO B 105 42.49 25.07 -3.64
N PHE B 106 42.33 23.95 -4.33
CA PHE B 106 41.18 23.75 -5.21
C PHE B 106 40.04 23.07 -4.47
N LYS B 107 40.39 22.23 -3.49
CA LYS B 107 39.42 21.49 -2.70
C LYS B 107 38.38 20.78 -3.55
N ASP B 108 37.11 21.07 -3.31
CA ASP B 108 36.01 20.38 -4.00
C ASP B 108 35.41 21.22 -5.11
N GLY B 109 36.10 22.30 -5.48
CA GLY B 109 35.61 23.19 -6.50
C GLY B 109 35.92 24.62 -6.12
N LEU B 110 36.09 25.48 -7.12
CA LEU B 110 36.50 26.86 -6.86
C LEU B 110 35.66 27.88 -7.62
N TYR B 111 35.30 28.95 -6.92
CA TYR B 111 34.61 30.08 -7.55
C TYR B 111 35.58 31.22 -7.79
N PHE B 112 35.61 31.72 -9.01
CA PHE B 112 36.54 32.78 -9.38
C PHE B 112 35.82 33.92 -10.06
N ALA B 113 36.12 35.15 -9.66
CA ALA B 113 35.53 36.30 -10.34
C ALA B 113 36.52 37.45 -10.35
N ALA B 114 36.43 38.31 -11.35
CA ALA B 114 37.33 39.45 -11.40
C ALA B 114 36.75 40.63 -12.14
N THR B 115 37.19 41.82 -11.74
CA THR B 115 36.83 43.07 -12.36
C THR B 115 38.05 43.70 -13.00
N GLU B 116 37.93 44.12 -14.26
CA GLU B 116 39.11 44.63 -14.97
C GLU B 116 38.81 45.79 -15.91
N ARG B 117 39.87 46.55 -16.24
CA ARG B 117 39.77 47.65 -17.20
C ARG B 117 40.61 47.43 -18.45
N SER B 118 41.31 46.31 -18.53
CA SER B 118 42.24 46.09 -19.64
C SER B 118 42.68 44.63 -19.79
N ASN B 119 41.81 43.70 -19.36
CA ASN B 119 42.10 42.29 -19.56
C ASN B 119 43.50 41.89 -19.08
N VAL B 120 43.80 42.14 -17.80
CA VAL B 120 45.09 41.75 -17.21
C VAL B 120 45.16 40.25 -16.98
N ILE B 121 44.08 39.67 -16.48
CA ILE B 121 44.02 38.23 -16.23
C ILE B 121 43.75 37.49 -17.53
N ARG B 122 44.62 36.53 -17.84
CA ARG B 122 44.51 35.82 -19.10
C ARG B 122 44.17 34.35 -18.93
N GLY B 123 44.57 33.77 -17.81
CA GLY B 123 44.35 32.33 -17.63
C GLY B 123 44.73 31.82 -16.27
N TRP B 124 44.69 30.50 -16.14
CA TRP B 124 44.93 29.84 -14.87
C TRP B 124 45.74 28.57 -15.04
N ILE B 125 46.43 28.17 -13.98
CA ILE B 125 47.14 26.90 -13.94
C ILE B 125 46.48 25.96 -12.95
N PHE B 126 46.13 24.77 -13.43
CA PHE B 126 45.48 23.75 -12.61
C PHE B 126 46.40 22.56 -12.45
N GLY B 127 46.72 22.21 -11.22
CA GLY B 127 47.63 21.08 -10.99
C GLY B 127 47.72 20.70 -9.53
N SER B 128 48.74 19.94 -9.18
CA SER B 128 48.95 19.49 -7.81
C SER B 128 50.22 20.10 -7.23
N THR B 129 51.37 19.58 -7.62
CA THR B 129 52.65 20.10 -7.13
C THR B 129 53.12 21.31 -7.94
N LEU B 130 52.49 21.56 -9.08
CA LEU B 130 52.79 22.72 -9.93
C LEU B 130 54.27 22.80 -10.31
N ASP B 131 54.86 21.65 -10.64
CA ASP B 131 56.24 21.58 -11.11
C ASP B 131 56.31 20.53 -12.21
N ASN B 132 57.53 20.08 -12.58
CA ASN B 132 57.71 19.15 -13.70
C ASN B 132 57.67 17.69 -13.25
N THR B 133 57.28 17.41 -12.00
CA THR B 133 57.16 16.05 -11.48
C THR B 133 55.85 15.40 -11.91
N THR B 134 54.80 16.20 -11.99
CA THR B 134 53.47 15.71 -12.36
C THR B 134 52.90 16.56 -13.48
N GLN B 135 51.82 16.10 -14.09
CA GLN B 135 51.17 16.87 -15.14
C GLN B 135 50.33 17.98 -14.57
N SER B 136 50.16 19.03 -15.35
CA SER B 136 49.28 20.14 -15.01
C SER B 136 48.65 20.72 -16.26
N ALA B 137 47.54 21.42 -16.07
CA ALA B 137 46.84 22.02 -17.19
C ALA B 137 47.00 23.53 -17.18
N VAL B 138 47.39 24.06 -18.32
CA VAL B 138 47.54 25.50 -18.46
C VAL B 138 46.53 26.04 -19.46
N LEU B 139 45.63 26.87 -18.97
CA LEU B 139 44.55 27.40 -19.79
C LEU B 139 44.60 28.91 -19.82
N PHE B 140 44.90 29.48 -20.98
CA PHE B 140 44.96 30.93 -21.06
C PHE B 140 44.60 31.46 -22.42
N ASN B 141 44.17 32.71 -22.45
CA ASN B 141 43.82 33.40 -23.68
C ASN B 141 44.98 34.27 -24.16
N ASN B 142 45.63 33.84 -25.25
CA ASN B 142 46.77 34.61 -25.81
C ASN B 142 46.22 35.54 -26.92
N GLY B 143 47.12 36.39 -27.42
CA GLY B 143 46.77 37.41 -28.43
C GLY B 143 45.72 37.00 -29.47
N THR B 144 45.84 35.82 -30.04
CA THR B 144 44.96 35.43 -31.13
C THR B 144 44.17 34.14 -30.90
N HIS B 145 44.53 33.36 -29.89
CA HIS B 145 43.88 32.07 -29.65
C HIS B 145 43.81 31.68 -28.18
N ILE B 146 42.80 30.86 -27.84
CA ILE B 146 42.72 30.26 -26.50
C ILE B 146 43.43 28.92 -26.51
N VAL B 147 44.40 28.76 -25.62
CA VAL B 147 45.24 27.59 -25.63
C VAL B 147 45.06 26.72 -24.39
N ILE B 148 44.71 25.45 -24.61
CA ILE B 148 44.55 24.49 -23.53
C ILE B 148 45.56 23.35 -23.65
N ASN B 149 46.51 23.28 -22.73
CA ASN B 149 47.52 22.23 -22.76
C ASN B 149 47.62 21.46 -21.44
N VAL B 150 47.85 20.15 -21.54
CA VAL B 150 48.14 19.34 -20.36
C VAL B 150 49.47 18.62 -20.56
N CYS B 151 50.48 19.01 -19.77
CA CYS B 151 51.85 18.56 -19.91
C CYS B 151 52.59 18.55 -18.60
N ASN B 152 53.80 18.03 -18.59
CA ASN B 152 54.71 18.19 -17.45
C ASN B 152 55.48 19.49 -17.67
N PHE B 153 55.08 20.54 -16.97
CA PHE B 153 55.62 21.87 -17.21
C PHE B 153 56.68 22.26 -16.21
N TYR B 154 57.68 22.99 -16.69
CA TYR B 154 58.64 23.65 -15.83
C TYR B 154 58.28 25.12 -15.75
N PHE B 155 57.51 25.47 -14.73
CA PHE B 155 56.89 26.79 -14.64
C PHE B 155 57.85 27.88 -14.20
N CYS B 156 57.58 29.12 -14.63
CA CYS B 156 58.28 30.31 -14.15
C CYS B 156 57.84 30.63 -12.72
N GLN B 157 58.69 31.32 -11.98
CA GLN B 157 58.35 31.68 -10.60
C GLN B 157 57.11 32.57 -10.55
N ASP B 158 56.98 33.44 -11.54
CA ASP B 158 55.87 34.38 -11.61
C ASP B 158 55.29 34.43 -13.02
N PRO B 159 54.53 33.42 -13.44
CA PRO B 159 54.08 33.20 -14.80
C PRO B 159 53.24 34.37 -15.26
N MET B 160 53.50 34.85 -16.46
CA MET B 160 52.84 36.05 -16.96
C MET B 160 52.89 36.19 -18.47
N LEU B 161 52.06 37.07 -18.99
CA LEU B 161 52.11 37.50 -20.38
C LEU B 161 52.54 38.96 -20.45
N THR B 162 53.13 39.37 -21.57
CA THR B 162 53.55 40.76 -21.73
C THR B 162 52.98 41.41 -23.00
N VAL B 163 52.60 42.69 -22.86
CA VAL B 163 52.06 43.49 -23.97
C VAL B 163 52.80 44.82 -24.11
N ALA B 164 53.06 45.24 -25.35
CA ALA B 164 53.79 46.48 -25.59
C ALA B 164 53.39 47.13 -26.92
N ASN B 165 53.35 48.47 -26.97
CA ASN B 165 53.07 49.24 -28.14
C ASN B 165 51.68 48.90 -28.82
N GLY B 166 50.70 48.61 -27.89
CA GLY B 166 49.33 48.30 -28.34
C GLY B 166 49.20 46.91 -28.94
N SER B 167 50.23 46.10 -28.79
CA SER B 167 50.24 44.77 -29.38
C SER B 167 50.87 43.73 -28.47
N HIS B 168 50.46 42.48 -28.67
CA HIS B 168 50.95 41.38 -27.87
C HIS B 168 52.43 41.15 -28.13
N TYR B 169 53.20 40.86 -27.09
CA TYR B 169 54.64 40.74 -27.22
C TYR B 169 55.14 39.31 -27.00
N LYS B 170 54.92 38.78 -25.80
CA LYS B 170 55.46 37.46 -25.45
C LYS B 170 54.63 36.76 -24.37
N SER B 171 54.90 35.47 -24.19
CA SER B 171 54.26 34.67 -23.15
C SER B 171 55.31 33.99 -22.27
N TRP B 172 55.33 34.36 -20.99
CA TRP B 172 56.32 33.86 -20.05
C TRP B 172 55.67 33.06 -18.92
N VAL B 173 55.00 31.97 -19.28
CA VAL B 173 54.32 31.16 -18.28
C VAL B 173 55.21 30.00 -17.83
N PHE B 174 55.87 29.37 -18.79
CA PHE B 174 56.72 28.22 -18.51
C PHE B 174 57.92 28.20 -19.44
N LEU B 175 58.93 27.44 -19.05
CA LEU B 175 60.13 27.28 -19.87
C LEU B 175 60.02 26.03 -20.75
N ASN B 176 60.08 24.84 -20.13
CA ASN B 176 60.00 23.57 -20.79
C ASN B 176 58.63 22.90 -20.63
N ALA B 177 58.28 22.04 -21.57
CA ALA B 177 57.12 21.16 -21.49
C ALA B 177 57.46 19.86 -22.20
N THR B 178 57.17 18.73 -21.58
CA THR B 178 57.56 17.45 -22.16
C THR B 178 56.38 16.55 -22.55
N ASN B 179 55.93 15.68 -21.64
CA ASN B 179 54.95 14.64 -21.94
C ASN B 179 53.54 15.21 -22.02
N CYS B 180 53.23 15.87 -23.14
CA CYS B 180 51.92 16.46 -23.38
C CYS B 180 50.93 15.40 -23.84
N THR B 181 49.78 15.35 -23.17
CA THR B 181 48.77 14.37 -23.51
C THR B 181 47.50 15.01 -24.04
N TYR B 182 47.36 16.32 -23.84
CA TYR B 182 46.17 17.01 -24.31
C TYR B 182 46.56 18.37 -24.90
N ASN B 183 46.04 18.67 -26.09
CA ASN B 183 46.33 19.95 -26.74
C ASN B 183 45.17 20.39 -27.62
N ARG B 184 44.50 21.46 -27.20
CA ARG B 184 43.39 22.01 -27.96
C ARG B 184 43.52 23.53 -28.07
N VAL B 185 43.28 24.05 -29.27
CA VAL B 185 43.32 25.48 -29.50
C VAL B 185 42.00 26.00 -30.06
N HIS B 186 41.43 26.99 -29.39
CA HIS B 186 40.16 27.58 -29.81
C HIS B 186 40.36 28.98 -30.38
N ALA B 187 39.55 29.32 -31.38
CA ALA B 187 39.60 30.68 -31.94
C ALA B 187 39.04 31.68 -30.95
N PHE B 188 39.65 32.87 -30.91
CA PHE B 188 39.19 33.95 -30.05
C PHE B 188 40.03 35.20 -30.29
N GLU B 189 39.49 36.37 -29.91
CA GLU B 189 40.28 37.59 -30.06
C GLU B 189 40.30 38.42 -28.80
N ILE B 190 41.50 38.80 -28.38
CA ILE B 190 41.67 39.70 -27.25
C ILE B 190 42.41 40.96 -27.72
N ASP B 191 41.82 42.12 -27.44
CA ASP B 191 42.38 43.41 -27.86
C ASP B 191 42.45 44.40 -26.71
N PRO B 192 43.37 44.17 -25.77
CA PRO B 192 43.52 44.85 -24.49
C PRO B 192 44.11 46.23 -24.69
N SER B 193 43.70 47.18 -23.87
CA SER B 193 44.25 48.53 -23.96
C SER B 193 44.13 49.30 -22.66
N LEU B 194 44.68 50.53 -22.68
CA LEU B 194 44.58 51.41 -21.52
C LEU B 194 43.38 52.34 -21.67
N ASN B 195 42.41 52.18 -20.79
CA ASN B 195 41.20 53.01 -20.86
C ASN B 195 41.11 54.01 -19.73
N THR B 196 42.25 54.22 -19.04
CA THR B 196 42.39 55.21 -17.98
C THR B 196 41.08 55.47 -17.22
N GLY B 197 40.37 54.37 -16.88
CA GLY B 197 39.08 54.51 -16.22
C GLY B 197 39.03 53.67 -14.96
N ALA B 198 37.99 52.85 -14.86
CA ALA B 198 37.77 51.95 -13.74
C ALA B 198 37.28 50.61 -14.26
N PHE B 199 36.73 49.77 -13.38
CA PHE B 199 36.30 48.46 -13.84
C PHE B 199 34.88 48.55 -14.39
N ILE B 200 34.74 48.20 -15.66
CA ILE B 200 33.50 48.35 -16.39
C ILE B 200 32.84 47.01 -16.68
N HIS B 201 33.59 45.94 -16.52
CA HIS B 201 33.06 44.60 -16.76
C HIS B 201 33.48 43.62 -15.67
N LEU B 202 32.55 42.73 -15.35
CA LEU B 202 32.78 41.66 -14.38
C LEU B 202 32.71 40.30 -15.06
N ARG B 203 33.75 39.48 -14.80
CA ARG B 203 33.79 38.12 -15.34
C ARG B 203 33.69 37.10 -14.21
N GLU B 204 32.89 36.06 -14.43
CA GLU B 204 32.69 35.04 -13.40
C GLU B 204 32.90 33.64 -13.96
N HIS B 205 33.60 32.82 -13.18
CA HIS B 205 33.86 31.44 -13.56
C HIS B 205 33.69 30.47 -12.39
N VAL B 206 33.24 29.27 -12.70
CA VAL B 206 33.23 28.17 -11.73
C VAL B 206 34.00 26.97 -12.26
N PHE B 207 34.93 26.47 -11.45
CA PHE B 207 35.76 25.35 -11.84
C PHE B 207 35.47 24.12 -10.99
N ARG B 208 35.15 23.02 -11.65
CA ARG B 208 34.88 21.75 -10.97
C ARG B 208 35.59 20.59 -11.66
N ASN B 209 36.19 19.71 -10.87
CA ASN B 209 36.90 18.56 -11.44
C ASN B 209 36.25 17.25 -11.03
N VAL B 210 35.41 16.71 -11.92
CA VAL B 210 34.62 15.52 -11.59
C VAL B 210 34.73 14.43 -12.65
N ASP B 211 35.05 13.23 -12.21
CA ASP B 211 35.15 12.05 -13.07
C ASP B 211 36.08 12.26 -14.26
N GLY B 212 37.19 12.93 -14.02
CA GLY B 212 38.21 13.12 -15.06
C GLY B 212 37.97 14.35 -15.91
N PHE B 213 36.83 15.02 -15.74
CA PHE B 213 36.52 16.19 -16.54
C PHE B 213 36.65 17.49 -15.77
N LEU B 214 37.27 18.48 -16.40
CA LEU B 214 37.30 19.81 -15.85
C LEU B 214 36.17 20.63 -16.44
N TYR B 215 35.21 20.98 -15.60
CA TYR B 215 34.04 21.74 -16.01
C TYR B 215 34.27 23.21 -15.80
N VAL B 216 33.96 24.01 -16.81
CA VAL B 216 34.08 25.44 -16.67
C VAL B 216 32.76 26.12 -16.99
N TYR B 217 32.27 26.90 -16.04
CA TYR B 217 31.04 27.67 -16.23
C TYR B 217 31.41 29.13 -16.32
N HIS B 218 30.65 29.91 -17.08
CA HIS B 218 31.01 31.29 -17.37
C HIS B 218 29.83 32.24 -17.44
N ASN B 219 30.07 33.48 -16.99
CA ASN B 219 29.12 34.58 -17.15
C ASN B 219 29.86 35.90 -17.36
N TYR B 220 29.17 36.86 -17.94
CA TYR B 220 29.76 38.16 -18.25
C TYR B 220 28.72 39.26 -18.18
N GLU B 221 29.01 40.31 -17.42
CA GLU B 221 28.07 41.43 -17.26
C GLU B 221 28.80 42.75 -17.02
N ARG B 222 28.09 43.85 -17.24
CA ARG B 222 28.64 45.18 -16.98
C ARG B 222 28.68 45.48 -15.49
N ALA B 223 29.70 46.21 -15.07
CA ALA B 223 29.86 46.63 -13.68
C ALA B 223 30.37 48.06 -13.61
N ASN B 224 30.14 48.73 -12.49
CA ASN B 224 30.66 50.08 -12.32
C ASN B 224 31.27 50.27 -10.94
N VAL B 225 32.44 49.66 -10.71
CA VAL B 225 33.10 49.78 -9.42
C VAL B 225 34.58 50.09 -9.60
N TYR B 226 35.24 50.49 -8.51
CA TYR B 226 36.67 50.69 -8.55
C TYR B 226 37.42 49.61 -7.78
N ASP B 227 36.91 49.28 -6.60
CA ASP B 227 37.59 48.30 -5.75
C ASP B 227 36.60 47.61 -4.80
N ASN B 228 35.73 46.78 -5.36
CA ASN B 228 34.73 46.07 -4.59
C ASN B 228 34.18 44.90 -5.40
N PHE B 229 33.25 44.15 -4.81
CA PHE B 229 32.60 43.04 -5.48
C PHE B 229 31.11 43.31 -5.65
N PRO B 230 30.64 43.57 -6.88
CA PRO B 230 29.27 43.91 -7.22
C PRO B 230 28.29 42.88 -6.68
N SER B 231 27.23 43.37 -6.04
CA SER B 231 26.21 42.51 -5.46
C SER B 231 25.17 42.11 -6.49
N GLY B 232 24.33 41.13 -6.15
CA GLY B 232 23.26 40.70 -7.03
C GLY B 232 23.17 39.17 -7.13
N PHE B 233 22.40 38.71 -8.10
CA PHE B 233 22.21 37.28 -8.35
C PHE B 233 22.50 36.97 -9.81
N SER B 234 23.19 35.86 -10.06
CA SER B 234 23.53 35.47 -11.42
C SER B 234 23.62 33.96 -11.57
N VAL B 235 23.45 33.49 -12.80
CA VAL B 235 23.60 32.08 -13.11
C VAL B 235 24.60 31.89 -14.25
N LEU B 236 25.58 31.02 -14.03
CA LEU B 236 26.62 30.77 -15.02
C LEU B 236 26.30 29.57 -15.89
N LYS B 237 26.66 29.64 -17.17
CA LYS B 237 26.42 28.56 -18.10
C LYS B 237 27.70 27.83 -18.46
N PRO B 238 27.64 26.52 -18.72
CA PRO B 238 28.75 25.68 -19.09
C PRO B 238 29.34 26.07 -20.43
N ILE B 239 30.66 26.11 -20.52
CA ILE B 239 31.34 26.40 -21.77
C ILE B 239 32.31 25.27 -22.15
N LEU B 240 33.00 24.72 -21.16
CA LEU B 240 34.00 23.69 -21.42
C LEU B 240 33.76 22.45 -20.57
N LYS B 241 34.10 21.29 -21.13
CA LYS B 241 34.06 20.01 -20.43
C LYS B 241 35.24 19.17 -20.91
N LEU B 242 36.40 19.37 -20.29
CA LEU B 242 37.66 18.88 -20.83
C LEU B 242 38.14 17.57 -20.16
N PRO B 243 38.29 16.49 -20.94
CA PRO B 243 38.68 15.16 -20.51
C PRO B 243 40.17 15.05 -20.24
N PHE B 244 40.63 15.72 -19.18
CA PHE B 244 42.05 15.72 -18.84
C PHE B 244 42.51 14.46 -18.12
N GLY B 245 41.70 13.99 -17.16
CA GLY B 245 42.11 12.90 -16.28
C GLY B 245 43.16 13.40 -15.27
N LEU B 246 43.10 14.68 -14.97
CA LEU B 246 44.08 15.37 -14.13
C LEU B 246 43.62 15.47 -12.68
N ASN B 247 44.58 15.52 -11.74
CA ASN B 247 44.38 15.56 -10.34
C ASN B 247 44.73 16.98 -9.74
N ILE B 248 43.77 17.89 -9.87
CA ILE B 248 43.94 19.30 -9.47
C ILE B 248 43.71 19.48 -7.97
N THR B 249 44.71 20.02 -7.29
CA THR B 249 44.59 20.32 -5.87
C THR B 249 44.99 21.76 -5.58
N GLN B 250 45.69 22.38 -6.53
CA GLN B 250 46.18 23.75 -6.42
C GLN B 250 45.81 24.57 -7.65
N PHE B 251 45.64 25.88 -7.44
CA PHE B 251 45.21 26.81 -8.48
C PHE B 251 46.08 28.09 -8.48
N LYS B 252 46.48 28.52 -9.67
CA LYS B 252 47.25 29.78 -9.80
C LYS B 252 46.73 30.64 -10.96
N VAL B 253 46.86 31.96 -10.82
CA VAL B 253 46.39 32.91 -11.82
C VAL B 253 47.53 33.49 -12.66
N ILE B 254 47.32 33.53 -13.97
CA ILE B 254 48.28 34.13 -14.92
C ILE B 254 47.83 35.53 -15.34
N MET B 255 48.67 36.52 -15.06
CA MET B 255 48.36 37.93 -15.33
C MET B 255 49.29 38.55 -16.37
N THR B 256 48.83 39.64 -16.98
CA THR B 256 49.61 40.36 -17.98
C THR B 256 50.25 41.64 -17.45
N LEU B 257 51.51 41.85 -17.79
CA LEU B 257 52.17 43.12 -17.53
C LEU B 257 52.23 43.95 -18.79
N PHE B 258 52.24 45.27 -18.64
CA PHE B 258 52.26 46.19 -19.76
C PHE B 258 53.46 47.13 -19.75
N SER B 259 54.03 47.39 -20.93
CA SER B 259 55.01 48.48 -21.10
C SER B 259 55.56 48.55 -22.53
N PRO B 260 55.59 49.75 -23.14
CA PRO B 260 56.16 50.06 -24.44
C PRO B 260 57.68 50.03 -24.35
N THR B 261 58.34 49.80 -25.48
CA THR B 261 59.80 49.81 -25.58
C THR B 261 60.44 48.60 -24.88
N THR B 262 59.64 47.90 -24.09
CA THR B 262 60.01 46.68 -23.37
C THR B 262 61.41 46.73 -22.77
N SER B 263 61.73 47.84 -22.09
CA SER B 263 62.94 47.89 -21.27
C SER B 263 62.65 47.34 -19.88
N SER B 264 61.38 47.47 -19.46
CA SER B 264 60.91 46.95 -18.18
C SER B 264 59.40 46.86 -18.24
N PHE B 265 58.78 46.12 -17.32
CA PHE B 265 57.33 46.02 -17.31
C PHE B 265 56.74 46.39 -15.95
N ASN B 266 55.53 46.94 -15.98
CA ASN B 266 54.78 47.21 -14.75
C ASN B 266 53.40 46.56 -14.82
N ALA B 267 52.63 46.70 -13.75
CA ALA B 267 51.28 46.14 -13.71
C ALA B 267 50.22 47.23 -13.72
N ASP B 268 49.08 46.93 -14.31
CA ASP B 268 47.93 47.82 -14.16
C ASP B 268 47.15 47.38 -12.92
N ALA B 269 46.07 48.09 -12.61
CA ALA B 269 45.26 47.72 -11.46
C ALA B 269 44.21 46.72 -11.90
N SER B 270 44.07 45.66 -11.12
CA SER B 270 43.03 44.66 -11.36
C SER B 270 42.71 43.94 -10.07
N VAL B 271 41.47 43.46 -9.91
CA VAL B 271 41.15 42.70 -8.71
C VAL B 271 40.40 41.42 -9.03
N TYR B 272 40.82 40.34 -8.40
CA TYR B 272 40.09 39.10 -8.51
C TYR B 272 39.74 38.56 -7.13
N PHE B 273 38.69 37.78 -7.08
CA PHE B 273 38.14 37.27 -5.83
C PHE B 273 38.00 35.75 -5.90
N VAL B 274 38.26 35.07 -4.80
CA VAL B 274 38.15 33.62 -4.79
C VAL B 274 37.31 33.10 -3.63
N GLY B 275 36.40 32.19 -3.96
CA GLY B 275 35.58 31.53 -2.97
C GLY B 275 35.70 30.02 -3.13
N HIS B 276 35.02 29.27 -2.27
CA HIS B 276 35.05 27.82 -2.34
C HIS B 276 33.65 27.25 -2.33
N LEU B 277 33.45 26.16 -3.05
CA LEU B 277 32.14 25.53 -3.11
C LEU B 277 31.95 24.56 -1.94
N LYS B 278 30.73 24.49 -1.43
CA LYS B 278 30.39 23.62 -0.31
C LYS B 278 29.17 22.76 -0.65
N PRO B 279 29.02 21.60 -0.01
CA PRO B 279 27.90 20.69 -0.14
C PRO B 279 26.63 21.27 0.46
N LEU B 280 25.83 21.91 -0.38
CA LEU B 280 24.63 22.61 0.05
C LEU B 280 23.38 22.06 -0.59
N THR B 281 22.25 22.33 0.03
CA THR B 281 20.95 22.05 -0.56
C THR B 281 20.34 23.36 -1.02
N MET B 282 19.88 23.41 -2.27
CA MET B 282 19.35 24.64 -2.83
C MET B 282 18.12 24.42 -3.69
N LEU B 283 17.21 25.39 -3.65
CA LEU B 283 16.01 25.37 -4.48
C LEU B 283 16.22 26.24 -5.71
N ALA B 284 15.89 25.73 -6.89
CA ALA B 284 16.05 26.50 -8.12
C ALA B 284 14.77 26.54 -8.93
N GLU B 285 14.44 27.72 -9.47
CA GLU B 285 13.24 27.88 -10.26
C GLU B 285 13.53 28.11 -11.74
N PHE B 286 12.94 27.27 -12.58
CA PHE B 286 13.07 27.37 -14.03
C PHE B 286 11.83 28.01 -14.62
N ASP B 287 12.03 29.00 -15.49
CA ASP B 287 10.92 29.70 -16.12
C ASP B 287 10.44 28.94 -17.35
N GLU B 288 9.55 29.57 -18.12
CA GLU B 288 8.93 28.95 -19.28
C GLU B 288 9.92 28.51 -20.37
N ASN B 289 11.09 29.14 -20.43
CA ASN B 289 12.11 28.85 -21.46
C ASN B 289 13.26 28.03 -20.88
N GLY B 290 13.12 27.53 -19.66
CA GLY B 290 14.14 26.71 -19.00
C GLY B 290 15.29 27.53 -18.41
N THR B 291 15.05 28.81 -18.17
CA THR B 291 16.07 29.67 -17.61
C THR B 291 15.92 29.76 -16.10
N ILE B 292 17.03 29.66 -15.37
CA ILE B 292 16.99 29.78 -13.93
C ILE B 292 16.89 31.27 -13.59
N THR B 293 15.83 31.64 -12.89
CA THR B 293 15.56 33.05 -12.61
C THR B 293 15.77 33.40 -11.15
N ASP B 294 15.75 32.38 -10.30
CA ASP B 294 15.89 32.58 -8.87
C ASP B 294 16.38 31.30 -8.19
N ALA B 295 16.98 31.46 -7.02
CA ALA B 295 17.44 30.31 -6.24
C ALA B 295 17.52 30.64 -4.75
N VAL B 296 17.33 29.62 -3.92
CA VAL B 296 17.38 29.78 -2.47
C VAL B 296 18.38 28.87 -1.79
N ASP B 297 19.20 29.46 -0.92
CA ASP B 297 20.12 28.72 -0.06
C ASP B 297 19.39 28.29 1.20
N CYS B 298 19.08 26.99 1.31
CA CYS B 298 18.16 26.46 2.31
C CYS B 298 18.71 26.57 3.72
N SER B 299 20.00 26.85 3.85
CA SER B 299 20.65 26.85 5.16
C SER B 299 20.90 28.24 5.72
N GLN B 300 20.46 29.27 4.99
CA GLN B 300 20.81 30.67 5.36
C GLN B 300 19.97 31.25 6.50
N ASP B 301 18.64 31.18 6.40
CA ASP B 301 17.77 31.85 7.40
C ASP B 301 16.48 31.03 7.54
N PRO B 302 15.63 31.29 8.54
CA PRO B 302 14.36 30.59 8.67
C PRO B 302 13.36 30.71 7.51
N LEU B 303 13.37 31.82 6.78
CA LEU B 303 12.50 32.01 5.58
C LEU B 303 12.96 31.14 4.41
N SER B 304 14.27 31.01 4.19
CA SER B 304 14.79 30.09 3.13
C SER B 304 14.46 28.64 3.49
N GLU B 305 14.60 28.27 4.75
CA GLU B 305 14.27 26.89 5.20
C GLU B 305 12.78 26.63 4.96
N LEU B 306 11.95 27.67 5.12
CA LEU B 306 10.54 27.49 4.81
C LEU B 306 10.29 27.40 3.31
N LYS B 307 10.91 28.29 2.53
CA LYS B 307 10.75 28.24 1.07
C LYS B 307 11.19 26.90 0.48
N CYS B 308 12.30 26.34 0.97
CA CYS B 308 12.80 25.05 0.50
C CYS B 308 11.88 23.91 0.92
N THR B 309 11.39 23.95 2.14
CA THR B 309 10.50 22.91 2.64
C THR B 309 9.24 22.79 1.80
N THR B 310 8.66 23.93 1.44
CA THR B 310 7.41 23.95 0.68
C THR B 310 7.67 23.95 -0.83
N LYS B 311 8.95 23.95 -1.21
CA LYS B 311 9.34 23.99 -2.61
C LYS B 311 8.65 25.11 -3.37
N SER B 312 8.61 26.29 -2.76
CA SER B 312 7.95 27.43 -3.37
C SER B 312 8.60 28.72 -2.94
N LEU B 313 8.82 29.62 -3.89
CA LEU B 313 9.47 30.89 -3.61
C LEU B 313 8.45 31.90 -3.09
N THR B 314 7.19 31.51 -3.14
CA THR B 314 6.09 32.30 -2.60
C THR B 314 5.41 31.51 -1.49
N VAL B 315 5.27 32.12 -0.32
CA VAL B 315 4.65 31.44 0.82
C VAL B 315 3.47 32.24 1.35
N GLU B 316 2.37 31.54 1.60
CA GLU B 316 1.14 32.14 2.08
C GLU B 316 1.17 32.37 3.58
N LYS B 317 0.30 33.25 4.05
CA LYS B 317 0.16 33.57 5.47
C LYS B 317 -0.18 32.34 6.30
N GLY B 318 0.49 32.17 7.43
CA GLY B 318 0.21 31.06 8.32
C GLY B 318 1.45 30.52 9.03
N ILE B 319 1.28 29.44 9.77
CA ILE B 319 2.37 28.80 10.49
C ILE B 319 2.70 27.43 9.89
N TYR B 320 3.97 27.22 9.57
CA TYR B 320 4.38 25.99 8.92
C TYR B 320 5.47 25.25 9.69
N GLN B 321 5.42 23.93 9.65
CA GLN B 321 6.51 23.13 10.19
C GLN B 321 7.55 22.92 9.10
N THR B 322 8.82 23.02 9.46
CA THR B 322 9.87 22.95 8.45
C THR B 322 10.83 21.80 8.64
N SER B 323 11.52 21.44 7.55
CA SER B 323 12.56 20.41 7.58
C SER B 323 13.87 20.99 8.07
N ASN B 324 14.78 20.13 8.48
CA ASN B 324 16.07 20.60 8.96
C ASN B 324 17.09 20.78 7.85
N PHE B 325 17.26 22.03 7.40
CA PHE B 325 18.30 22.37 6.44
C PHE B 325 19.34 23.23 7.14
N ARG B 326 19.20 23.31 8.46
CA ARG B 326 19.94 24.22 9.31
C ARG B 326 21.27 23.66 9.83
N VAL B 327 21.24 22.45 10.41
CA VAL B 327 22.48 21.93 11.05
C VAL B 327 23.04 20.76 10.26
N SER B 328 24.33 20.80 9.95
CA SER B 328 25.07 19.79 9.21
C SER B 328 26.48 19.65 9.78
N PRO B 329 27.00 18.42 9.89
CA PRO B 329 28.31 18.09 10.42
C PRO B 329 29.40 18.58 9.48
N SER B 330 30.56 18.91 10.06
CA SER B 330 31.70 19.33 9.24
C SER B 330 32.94 18.45 9.48
N THR B 331 32.90 17.65 10.54
CA THR B 331 34.03 16.80 10.89
C THR B 331 33.56 15.38 11.18
N GLU B 332 34.50 14.51 11.51
CA GLU B 332 34.21 13.12 11.80
C GLU B 332 35.04 12.59 12.97
N VAL B 333 34.40 11.84 13.84
CA VAL B 333 35.06 11.22 14.97
C VAL B 333 35.26 9.72 14.75
N VAL B 334 36.51 9.33 14.56
CA VAL B 334 36.82 7.94 14.27
C VAL B 334 37.56 7.28 15.43
N ARG B 335 37.00 6.19 15.95
CA ARG B 335 37.59 5.55 17.11
C ARG B 335 37.74 4.04 16.91
N PHE B 336 38.98 3.56 16.97
CA PHE B 336 39.29 2.14 16.82
C PHE B 336 40.12 1.64 17.99
N PRO B 337 40.12 0.32 18.25
CA PRO B 337 40.82 -0.34 19.35
C PRO B 337 42.32 -0.21 19.21
N ASN B 338 43.05 -0.45 20.29
CA ASN B 338 44.50 -0.38 20.32
C ASN B 338 45.10 -1.66 19.73
N ILE B 339 45.34 -1.68 18.41
CA ILE B 339 45.98 -2.82 17.73
C ILE B 339 47.14 -2.33 16.87
N THR B 340 48.33 -2.89 17.10
CA THR B 340 49.52 -2.47 16.36
C THR B 340 50.06 -3.54 15.42
N ASN B 341 49.65 -4.79 15.62
CA ASN B 341 50.18 -5.88 14.83
C ASN B 341 49.37 -6.13 13.56
N LEU B 342 50.06 -6.46 12.47
CA LEU B 342 49.40 -6.86 11.24
C LEU B 342 49.03 -8.34 11.30
N CYS B 343 47.94 -8.70 10.61
CA CYS B 343 47.52 -10.12 10.54
C CYS B 343 48.53 -10.94 9.78
N PRO B 344 48.85 -12.15 10.26
CA PRO B 344 49.84 -13.06 9.73
C PRO B 344 49.36 -13.75 8.47
N PHE B 345 49.10 -12.94 7.44
CA PHE B 345 48.62 -13.48 6.18
C PHE B 345 49.69 -14.32 5.53
N GLY B 346 50.94 -13.94 5.71
CA GLY B 346 52.06 -14.68 5.14
C GLY B 346 52.05 -16.13 5.60
N GLN B 347 51.57 -16.37 6.82
CA GLN B 347 51.51 -17.70 7.40
C GLN B 347 50.67 -18.67 6.57
N VAL B 348 49.61 -18.15 5.95
CA VAL B 348 48.71 -18.99 5.17
C VAL B 348 48.94 -18.83 3.68
N PHE B 349 49.10 -17.59 3.23
CA PHE B 349 49.25 -17.32 1.81
C PHE B 349 50.63 -17.69 1.24
N ASN B 350 51.67 -17.66 2.10
CA ASN B 350 53.05 -18.00 1.67
C ASN B 350 53.56 -19.23 2.42
N ALA B 351 52.67 -20.16 2.78
CA ALA B 351 53.02 -21.39 3.47
C ALA B 351 53.82 -22.32 2.56
N SER B 352 54.71 -23.10 3.14
CA SER B 352 55.49 -24.07 2.38
C SER B 352 54.67 -25.29 1.98
N LYS B 353 53.54 -25.51 2.67
CA LYS B 353 52.73 -26.69 2.41
C LYS B 353 51.26 -26.48 2.77
N PHE B 354 50.37 -26.84 1.83
CA PHE B 354 48.94 -26.88 2.08
C PHE B 354 48.42 -28.31 2.19
N PRO B 355 47.35 -28.51 2.95
CA PRO B 355 46.60 -29.75 3.10
C PRO B 355 45.74 -30.04 1.87
N SER B 356 45.36 -31.31 1.74
CA SER B 356 44.43 -31.73 0.70
C SER B 356 43.00 -31.32 1.03
N VAL B 357 42.14 -31.30 0.02
CA VAL B 357 40.77 -30.83 0.20
C VAL B 357 39.92 -31.72 1.11
N TYR B 358 40.20 -33.02 1.11
CA TYR B 358 39.42 -33.94 1.94
C TYR B 358 39.78 -33.78 3.41
N ALA B 359 40.91 -33.12 3.67
CA ALA B 359 41.43 -32.96 5.01
C ALA B 359 41.91 -31.54 5.22
N TRP B 360 40.99 -30.59 5.07
CA TRP B 360 41.32 -29.17 5.12
C TRP B 360 41.61 -28.71 6.53
N GLU B 361 42.35 -27.59 6.65
CA GLU B 361 42.73 -27.06 7.95
C GLU B 361 42.07 -25.74 8.26
N ARG B 362 41.93 -25.43 9.55
CA ARG B 362 41.36 -24.16 10.00
C ARG B 362 42.30 -23.42 10.95
N LEU B 363 42.47 -22.14 10.70
CA LEU B 363 43.29 -21.27 11.54
C LEU B 363 42.47 -20.08 12.04
N ARG B 364 42.61 -19.75 13.33
CA ARG B 364 41.87 -18.59 13.89
C ARG B 364 42.74 -17.33 13.88
N ILE B 365 42.17 -16.21 13.45
CA ILE B 365 42.86 -14.93 13.35
C ILE B 365 42.31 -13.93 14.38
N SER B 366 43.19 -13.36 15.20
CA SER B 366 42.76 -12.43 16.23
C SER B 366 43.85 -11.44 16.64
N ASP B 367 43.44 -10.35 17.28
CA ASP B 367 44.33 -9.32 17.80
C ASP B 367 45.30 -8.79 16.75
N CYS B 368 44.77 -8.43 15.58
CA CYS B 368 45.59 -7.94 14.47
C CYS B 368 44.83 -6.99 13.55
N VAL B 369 45.59 -6.33 12.67
CA VAL B 369 45.03 -5.43 11.67
C VAL B 369 44.89 -6.12 10.33
N ALA B 370 43.67 -6.13 9.81
CA ALA B 370 43.37 -6.81 8.56
C ALA B 370 43.67 -5.90 7.38
N ASP B 371 44.96 -5.66 7.15
CA ASP B 371 45.39 -4.83 6.04
C ASP B 371 45.63 -5.71 4.82
N TYR B 372 44.76 -5.60 3.82
CA TYR B 372 44.81 -6.49 2.67
C TYR B 372 45.60 -5.90 1.52
N SER B 373 46.19 -4.72 1.73
CA SER B 373 46.97 -4.07 0.69
C SER B 373 48.40 -4.60 0.69
N VAL B 374 48.76 -5.31 1.74
CA VAL B 374 50.10 -5.87 1.89
C VAL B 374 50.27 -7.00 0.89
N LEU B 375 49.15 -7.56 0.47
CA LEU B 375 49.13 -8.70 -0.43
C LEU B 375 49.42 -8.26 -1.85
N TYR B 376 49.55 -6.96 -2.06
CA TYR B 376 49.91 -6.43 -3.37
C TYR B 376 51.39 -6.68 -3.69
N ASN B 377 52.24 -6.73 -2.65
CA ASN B 377 53.68 -6.87 -2.78
C ASN B 377 54.16 -8.27 -2.34
N SER B 378 53.52 -8.83 -1.29
CA SER B 378 54.01 -10.05 -0.63
C SER B 378 53.22 -11.31 -0.99
N SER B 379 52.42 -11.24 -2.05
CA SER B 379 51.60 -12.39 -2.43
C SER B 379 51.38 -12.50 -3.93
N SER B 380 51.15 -13.72 -4.41
CA SER B 380 50.81 -13.96 -5.79
C SER B 380 49.44 -13.38 -6.09
N SER B 381 49.23 -12.96 -7.34
CA SER B 381 47.95 -12.38 -7.72
C SER B 381 46.83 -13.40 -7.59
N PHE B 382 45.67 -12.93 -7.13
CA PHE B 382 44.53 -13.82 -6.96
C PHE B 382 43.69 -13.86 -8.22
N SER B 383 43.45 -15.08 -8.71
CA SER B 383 42.62 -15.26 -9.89
C SER B 383 41.15 -15.17 -9.49
N THR B 384 40.88 -15.52 -8.24
CA THR B 384 39.54 -15.39 -7.67
C THR B 384 39.59 -14.63 -6.36
N PHE B 385 38.71 -13.65 -6.22
CA PHE B 385 38.56 -12.90 -4.99
C PHE B 385 37.11 -12.47 -4.87
N LYS B 386 36.28 -13.37 -4.37
CA LYS B 386 34.84 -13.14 -4.34
C LYS B 386 34.30 -13.08 -2.91
N CYS B 387 33.74 -11.93 -2.53
CA CYS B 387 33.14 -11.76 -1.21
C CYS B 387 31.62 -11.85 -1.30
N TYR B 388 31.05 -12.60 -0.37
CA TYR B 388 29.61 -12.80 -0.34
C TYR B 388 28.98 -12.02 0.80
N GLY B 389 29.67 -12.00 1.94
CA GLY B 389 29.17 -11.34 3.14
C GLY B 389 29.15 -9.84 3.00
N VAL B 390 30.29 -9.29 2.61
CA VAL B 390 30.47 -7.85 2.50
C VAL B 390 31.11 -7.51 1.17
N SER B 391 31.04 -6.25 0.76
CA SER B 391 31.77 -5.80 -0.40
C SER B 391 33.25 -5.72 -0.06
N PRO B 392 34.13 -6.17 -0.97
CA PRO B 392 35.58 -6.24 -0.80
C PRO B 392 36.21 -4.87 -0.62
N THR B 393 35.47 -3.83 -0.97
CA THR B 393 35.92 -2.45 -0.85
C THR B 393 35.75 -1.93 0.56
N LYS B 394 34.98 -2.65 1.36
CA LYS B 394 34.63 -2.21 2.71
C LYS B 394 35.48 -2.87 3.78
N LEU B 395 36.27 -3.86 3.39
CA LEU B 395 36.99 -4.67 4.37
C LEU B 395 37.90 -3.83 5.26
N ASN B 396 38.48 -2.79 4.70
CA ASN B 396 39.42 -1.97 5.45
C ASN B 396 38.73 -1.01 6.42
N ASP B 397 37.40 -0.93 6.35
CA ASP B 397 36.63 -0.04 7.20
C ASP B 397 35.88 -0.79 8.32
N LEU B 398 36.03 -2.11 8.35
CA LEU B 398 35.26 -2.92 9.28
C LEU B 398 36.10 -3.50 10.42
N CYS B 399 35.43 -3.81 11.52
CA CYS B 399 35.97 -4.61 12.61
C CYS B 399 35.13 -5.88 12.78
N PHE B 400 35.80 -6.99 13.03
CA PHE B 400 35.14 -8.28 13.16
C PHE B 400 35.30 -8.84 14.56
N SER B 401 34.28 -9.54 15.03
CA SER B 401 34.30 -10.15 16.36
C SER B 401 34.97 -11.51 16.32
N SER B 402 35.11 -12.05 15.11
CA SER B 402 35.75 -13.34 14.90
C SER B 402 36.11 -13.55 13.44
N VAL B 403 37.30 -14.09 13.20
CA VAL B 403 37.73 -14.41 11.85
C VAL B 403 38.37 -15.80 11.78
N TYR B 404 37.92 -16.63 10.85
CA TYR B 404 38.51 -17.94 10.63
C TYR B 404 38.98 -18.12 9.20
N ALA B 405 40.14 -18.76 9.02
CA ALA B 405 40.68 -19.03 7.70
C ALA B 405 40.77 -20.53 7.43
N ASP B 406 40.01 -20.98 6.44
CA ASP B 406 40.02 -22.39 6.04
C ASP B 406 40.78 -22.54 4.73
N TYR B 407 41.77 -23.42 4.69
CA TYR B 407 42.58 -23.52 3.47
C TYR B 407 42.90 -24.95 3.04
N PHE B 408 43.04 -25.12 1.71
CA PHE B 408 43.29 -26.41 1.06
C PHE B 408 43.67 -26.27 -0.43
N VAL B 409 44.06 -27.39 -1.04
CA VAL B 409 44.34 -27.40 -2.50
C VAL B 409 43.34 -28.23 -3.31
N VAL B 410 42.84 -27.63 -4.39
CA VAL B 410 41.96 -28.28 -5.38
C VAL B 410 42.47 -27.96 -6.78
N LYS B 411 41.97 -28.68 -7.79
CA LYS B 411 42.33 -28.34 -9.17
C LYS B 411 41.50 -27.16 -9.66
N GLY B 412 41.99 -26.49 -10.68
CA GLY B 412 41.34 -25.30 -11.24
C GLY B 412 39.84 -25.45 -11.46
N ASP B 413 39.43 -26.51 -12.14
CA ASP B 413 38.01 -26.70 -12.45
C ASP B 413 37.13 -26.88 -11.21
N ASP B 414 37.74 -27.19 -10.07
CA ASP B 414 36.99 -27.39 -8.84
C ASP B 414 36.89 -26.12 -7.99
N VAL B 415 37.55 -25.06 -8.43
CA VAL B 415 37.54 -23.81 -7.67
C VAL B 415 36.15 -23.20 -7.64
N ARG B 416 35.39 -23.39 -8.71
CA ARG B 416 34.05 -22.84 -8.81
C ARG B 416 33.08 -23.47 -7.81
N GLN B 417 33.47 -24.59 -7.21
CA GLN B 417 32.59 -25.26 -6.25
C GLN B 417 32.72 -24.70 -4.85
N ILE B 418 33.67 -23.80 -4.64
CA ILE B 418 33.84 -23.25 -3.30
C ILE B 418 32.94 -22.04 -3.13
N ALA B 419 31.67 -22.31 -2.87
CA ALA B 419 30.65 -21.29 -2.77
C ALA B 419 29.39 -21.91 -2.15
N PRO B 420 28.47 -21.09 -1.64
CA PRO B 420 27.12 -21.45 -1.22
C PRO B 420 26.31 -22.03 -2.37
N ALA B 421 25.42 -22.97 -2.04
CA ALA B 421 24.48 -23.57 -3.00
C ALA B 421 25.17 -24.17 -4.22
N GLN B 422 26.25 -24.91 -4.00
CA GLN B 422 26.95 -25.58 -5.10
C GLN B 422 26.76 -27.10 -5.06
N THR B 423 27.02 -27.73 -6.20
CA THR B 423 27.03 -29.19 -6.30
C THR B 423 28.35 -29.65 -6.88
N GLY B 424 28.65 -30.94 -6.70
CA GLY B 424 29.85 -31.51 -7.30
C GLY B 424 30.60 -32.34 -6.28
N VAL B 425 31.72 -32.91 -6.70
CA VAL B 425 32.47 -33.80 -5.83
C VAL B 425 32.96 -33.07 -4.58
N ILE B 426 33.41 -31.85 -4.74
CA ILE B 426 33.96 -31.13 -3.61
C ILE B 426 32.85 -30.59 -2.74
N ALA B 427 31.88 -29.95 -3.38
CA ALA B 427 30.77 -29.36 -2.64
C ALA B 427 30.01 -30.42 -1.84
N ASP B 428 29.92 -31.64 -2.37
CA ASP B 428 29.14 -32.67 -1.71
C ASP B 428 29.93 -33.56 -0.74
N TYR B 429 31.19 -33.88 -1.06
CA TYR B 429 31.92 -34.86 -0.26
C TYR B 429 33.13 -34.33 0.52
N ASN B 430 33.62 -33.14 0.18
CA ASN B 430 34.90 -32.69 0.75
C ASN B 430 34.80 -31.40 1.57
N TYR B 431 34.21 -30.36 1.00
CA TYR B 431 34.15 -29.07 1.68
C TYR B 431 32.91 -28.30 1.29
N LYS B 432 32.09 -27.95 2.27
CA LYS B 432 30.83 -27.28 2.00
C LYS B 432 30.64 -26.01 2.83
N LEU B 433 30.11 -24.98 2.19
CA LEU B 433 29.72 -23.74 2.84
C LEU B 433 28.21 -23.67 2.96
N PRO B 434 27.69 -23.03 4.01
CA PRO B 434 26.29 -22.81 4.29
C PRO B 434 25.69 -21.79 3.33
N ASP B 435 24.37 -21.83 3.15
CA ASP B 435 23.71 -20.87 2.28
C ASP B 435 23.89 -19.46 2.80
N ASP B 436 23.79 -19.29 4.11
CA ASP B 436 23.99 -17.99 4.73
C ASP B 436 25.47 -17.77 5.08
N PHE B 437 26.30 -17.72 4.06
CA PHE B 437 27.73 -17.57 4.25
C PHE B 437 28.15 -16.11 4.25
N THR B 438 28.87 -15.72 5.30
CA THR B 438 29.42 -14.38 5.41
C THR B 438 30.95 -14.47 5.40
N GLY B 439 31.56 -13.98 4.33
CA GLY B 439 33.00 -14.13 4.18
C GLY B 439 33.46 -13.93 2.73
N CYS B 440 34.74 -14.23 2.48
CA CYS B 440 35.39 -14.07 1.18
C CYS B 440 36.17 -15.32 0.77
N VAL B 441 36.12 -15.66 -0.51
CA VAL B 441 36.88 -16.78 -1.05
C VAL B 441 38.00 -16.31 -1.97
N LEU B 442 39.23 -16.71 -1.66
CA LEU B 442 40.40 -16.32 -2.43
C LEU B 442 41.10 -17.54 -3.01
N ALA B 443 41.56 -17.46 -4.25
CA ALA B 443 42.31 -18.57 -4.84
C ALA B 443 43.36 -18.11 -5.83
N TRP B 444 44.46 -18.86 -5.93
CA TRP B 444 45.51 -18.56 -6.90
C TRP B 444 46.20 -19.82 -7.42
N ASN B 445 46.74 -19.72 -8.64
CA ASN B 445 47.40 -20.82 -9.32
C ASN B 445 48.81 -21.08 -8.79
N THR B 446 49.07 -22.32 -8.39
CA THR B 446 50.37 -22.69 -7.83
C THR B 446 50.99 -23.88 -8.56
N ASN B 447 50.81 -23.92 -9.87
CA ASN B 447 51.36 -25.01 -10.68
C ASN B 447 52.88 -25.15 -10.52
N SER B 448 53.55 -24.02 -10.30
CA SER B 448 55.00 -24.02 -10.19
C SER B 448 55.51 -24.52 -8.84
N VAL B 449 54.60 -24.68 -7.88
CA VAL B 449 54.98 -25.07 -6.53
C VAL B 449 54.44 -26.44 -6.13
N ASP B 450 53.16 -26.68 -6.41
CA ASP B 450 52.48 -27.88 -5.92
C ASP B 450 52.40 -29.00 -6.95
N SER B 451 53.20 -28.91 -8.02
CA SER B 451 53.20 -29.93 -9.06
C SER B 451 54.55 -30.63 -9.14
N LYS B 452 55.16 -30.85 -7.99
CA LYS B 452 56.45 -31.53 -7.93
C LYS B 452 56.25 -33.04 -7.85
N GLN B 453 57.31 -33.78 -8.10
CA GLN B 453 57.23 -35.25 -8.12
C GLN B 453 56.76 -35.83 -6.80
N GLY B 454 57.05 -35.14 -5.70
CA GLY B 454 56.74 -35.66 -4.38
C GLY B 454 55.40 -35.16 -3.81
N ASN B 455 54.56 -34.57 -4.66
CA ASN B 455 53.28 -34.06 -4.15
C ASN B 455 52.29 -35.20 -3.87
N ASN B 456 51.41 -34.97 -2.90
CA ASN B 456 50.41 -35.97 -2.53
C ASN B 456 49.06 -35.33 -2.23
N PHE B 457 48.31 -34.97 -3.27
CA PHE B 457 47.02 -34.33 -3.06
C PHE B 457 45.89 -35.26 -3.44
N TYR B 458 44.90 -35.37 -2.55
CA TYR B 458 43.76 -36.25 -2.75
C TYR B 458 42.43 -35.55 -2.51
N TYR B 459 41.37 -36.10 -3.11
CA TYR B 459 40.01 -35.69 -2.81
C TYR B 459 39.14 -36.92 -2.63
N ARG B 460 38.05 -36.78 -1.91
CA ARG B 460 37.14 -37.90 -1.72
C ARG B 460 36.21 -38.02 -2.91
N LEU B 461 36.16 -39.21 -3.50
CA LEU B 461 35.35 -39.48 -4.68
C LEU B 461 34.10 -40.28 -4.35
N PHE B 462 34.22 -41.22 -3.41
CA PHE B 462 33.09 -42.07 -3.08
C PHE B 462 32.63 -41.87 -1.65
N ARG B 463 31.32 -41.72 -1.48
CA ARG B 463 30.73 -41.54 -0.16
C ARG B 463 29.28 -41.97 -0.16
N HIS B 464 28.77 -42.32 1.01
CA HIS B 464 27.33 -42.53 1.17
C HIS B 464 26.70 -41.31 1.82
N GLY B 465 25.90 -40.58 1.06
CA GLY B 465 25.31 -39.34 1.54
C GLY B 465 26.23 -38.15 1.31
N LYS B 466 25.96 -37.06 2.01
CA LYS B 466 26.69 -35.81 1.85
C LYS B 466 27.16 -35.27 3.18
N ILE B 467 28.19 -34.44 3.16
CA ILE B 467 28.68 -33.79 4.38
C ILE B 467 27.86 -32.56 4.71
N LYS B 468 27.91 -32.12 5.96
CA LYS B 468 27.29 -30.87 6.35
C LYS B 468 28.31 -29.75 6.26
N PRO B 469 27.88 -28.48 6.21
CA PRO B 469 28.72 -27.31 6.18
C PRO B 469 29.76 -27.32 7.30
N TYR B 470 31.00 -27.03 6.92
CA TYR B 470 32.15 -26.97 7.81
C TYR B 470 32.49 -28.27 8.54
N GLU B 471 32.09 -29.40 7.97
CA GLU B 471 32.53 -30.68 8.53
C GLU B 471 33.75 -31.24 7.81
N ARG B 472 34.47 -32.12 8.52
CA ARG B 472 35.59 -32.87 7.96
C ARG B 472 35.39 -34.37 8.09
N ASP B 473 35.91 -35.10 7.13
CA ASP B 473 35.95 -36.55 7.20
C ASP B 473 37.27 -37.05 6.66
N ILE B 474 38.13 -37.53 7.54
CA ILE B 474 39.47 -37.94 7.15
C ILE B 474 39.66 -39.44 7.31
N SER B 475 38.54 -40.17 7.38
CA SER B 475 38.60 -41.62 7.50
C SER B 475 39.00 -42.22 6.15
N ASN B 476 39.49 -43.46 6.18
CA ASN B 476 39.91 -44.11 4.95
C ASN B 476 39.61 -45.60 4.98
N VAL B 477 38.39 -45.96 4.59
CA VAL B 477 37.97 -47.34 4.53
C VAL B 477 37.40 -47.63 3.16
N LEU B 478 37.35 -48.90 2.78
CA LEU B 478 36.85 -49.24 1.46
C LEU B 478 35.37 -48.94 1.32
N TYR B 479 35.02 -48.39 0.16
CA TYR B 479 33.66 -48.06 -0.17
C TYR B 479 32.99 -49.22 -0.86
N ASN B 480 31.88 -49.69 -0.30
CA ASN B 480 31.12 -50.77 -0.88
C ASN B 480 29.91 -50.18 -1.59
N SER B 481 29.91 -50.24 -2.92
CA SER B 481 28.87 -49.59 -3.69
C SER B 481 27.51 -50.24 -3.50
N ALA B 482 27.51 -51.45 -2.96
CA ALA B 482 26.27 -52.19 -2.72
C ALA B 482 25.72 -51.90 -1.31
N GLY B 483 26.44 -51.08 -0.56
CA GLY B 483 26.05 -50.75 0.80
C GLY B 483 26.80 -51.61 1.80
N GLY B 484 26.96 -51.11 3.01
CA GLY B 484 27.71 -51.82 4.04
C GLY B 484 29.21 -51.64 3.82
N THR B 485 29.99 -52.61 4.26
CA THR B 485 31.45 -52.53 4.18
C THR B 485 31.99 -53.70 3.37
N CYS B 486 33.30 -53.65 3.06
CA CYS B 486 33.95 -54.74 2.31
C CYS B 486 35.46 -54.72 2.61
N SER B 487 36.15 -55.72 2.03
CA SER B 487 37.58 -55.85 2.25
C SER B 487 38.29 -56.28 0.96
N SER B 488 39.62 -56.35 1.01
CA SER B 488 40.46 -56.84 -0.10
C SER B 488 40.58 -55.86 -1.27
N THR B 489 39.45 -55.28 -1.68
CA THR B 489 39.35 -54.35 -2.81
C THR B 489 39.21 -55.10 -4.14
N SER B 490 39.24 -56.42 -4.07
CA SER B 490 39.07 -57.28 -5.24
C SER B 490 37.68 -57.91 -5.27
N GLN B 491 36.79 -57.42 -4.41
CA GLN B 491 35.45 -57.98 -4.28
C GLN B 491 34.42 -57.26 -5.15
N LEU B 492 34.83 -56.88 -6.36
CA LEU B 492 33.97 -56.32 -7.41
C LEU B 492 33.43 -54.91 -7.10
N GLY B 493 32.68 -54.78 -6.01
CA GLY B 493 32.02 -53.52 -5.68
C GLY B 493 32.80 -52.63 -4.71
N CYS B 494 34.08 -52.95 -4.47
CA CYS B 494 34.93 -52.21 -3.54
C CYS B 494 35.80 -51.18 -4.24
N TYR B 495 35.78 -49.97 -3.71
CA TYR B 495 36.59 -48.88 -4.27
C TYR B 495 37.35 -48.16 -3.18
N GLU B 496 38.49 -47.58 -3.54
CA GLU B 496 39.19 -46.71 -2.62
C GLU B 496 38.51 -45.35 -2.63
N PRO B 497 38.08 -44.84 -1.45
CA PRO B 497 37.25 -43.67 -1.29
C PRO B 497 37.94 -42.40 -1.76
N LEU B 498 39.26 -42.40 -1.76
CA LEU B 498 40.04 -41.24 -2.15
C LEU B 498 40.62 -41.41 -3.54
N LYS B 499 40.69 -40.31 -4.27
CA LYS B 499 41.25 -40.29 -5.61
C LYS B 499 42.31 -39.19 -5.69
N SER B 500 43.48 -39.54 -6.19
CA SER B 500 44.56 -38.59 -6.26
C SER B 500 44.34 -37.57 -7.37
N TYR B 501 44.93 -36.39 -7.19
CA TYR B 501 44.98 -35.42 -8.27
C TYR B 501 46.22 -35.66 -9.11
N GLY B 502 46.04 -35.72 -10.43
CA GLY B 502 47.17 -35.94 -11.33
C GLY B 502 47.91 -34.64 -11.58
N PHE B 503 48.45 -34.05 -10.51
CA PHE B 503 49.08 -32.74 -10.59
C PHE B 503 50.49 -32.82 -11.15
N THR B 504 50.59 -32.96 -12.45
CA THR B 504 51.87 -32.93 -13.15
C THR B 504 52.07 -31.52 -13.71
N PRO B 505 53.32 -31.04 -13.78
CA PRO B 505 53.70 -29.69 -14.17
C PRO B 505 53.35 -29.35 -15.61
N THR B 506 53.13 -30.37 -16.43
CA THR B 506 52.83 -30.18 -17.85
C THR B 506 51.36 -30.37 -18.16
N VAL B 507 50.53 -30.48 -17.13
CA VAL B 507 49.10 -30.70 -17.33
C VAL B 507 48.43 -29.39 -17.75
N GLY B 508 47.39 -29.50 -18.58
CA GLY B 508 46.70 -28.32 -19.09
C GLY B 508 45.94 -27.58 -18.00
N VAL B 509 45.60 -26.33 -18.28
CA VAL B 509 44.90 -25.48 -17.35
C VAL B 509 43.53 -26.05 -17.03
N GLY B 510 43.20 -26.07 -15.75
CA GLY B 510 41.96 -26.66 -15.26
C GLY B 510 42.27 -27.91 -14.46
N TYR B 511 43.43 -28.51 -14.73
CA TYR B 511 43.90 -29.65 -13.96
C TYR B 511 45.06 -29.26 -13.07
N GLN B 512 45.49 -28.01 -13.19
CA GLN B 512 46.58 -27.47 -12.39
C GLN B 512 46.05 -27.16 -11.00
N PRO B 513 46.88 -27.29 -9.96
CA PRO B 513 46.56 -27.04 -8.57
C PRO B 513 46.34 -25.57 -8.26
N TYR B 514 45.34 -25.30 -7.43
CA TYR B 514 45.06 -23.98 -6.90
C TYR B 514 44.98 -23.99 -5.40
N ARG B 515 45.53 -22.96 -4.77
CA ARG B 515 45.44 -22.83 -3.33
C ARG B 515 44.26 -21.97 -2.97
N VAL B 516 43.39 -22.49 -2.11
CA VAL B 516 42.17 -21.79 -1.75
C VAL B 516 42.16 -21.41 -0.28
N VAL B 517 41.84 -20.16 -0.01
CA VAL B 517 41.68 -19.66 1.35
C VAL B 517 40.31 -19.03 1.53
N VAL B 518 39.56 -19.51 2.51
CA VAL B 518 38.22 -18.99 2.78
C VAL B 518 38.19 -18.25 4.11
N LEU B 519 37.83 -16.98 4.07
CA LEU B 519 37.77 -16.15 5.26
C LEU B 519 36.34 -15.99 5.75
N SER B 520 36.05 -16.54 6.92
CA SER B 520 34.71 -16.47 7.50
C SER B 520 34.64 -15.35 8.52
N PHE B 521 33.65 -14.47 8.38
CA PHE B 521 33.55 -13.30 9.24
C PHE B 521 32.30 -13.30 10.12
N GLU B 522 32.45 -12.78 11.34
CA GLU B 522 31.30 -12.51 12.21
C GLU B 522 31.25 -11.05 12.61
N LEU B 523 30.04 -10.48 12.60
CA LEU B 523 29.83 -9.08 12.98
C LEU B 523 28.77 -8.97 14.07
N LEU B 524 29.17 -9.24 15.31
CA LEU B 524 28.26 -9.28 16.44
C LEU B 524 28.44 -8.10 17.37
N ASN B 525 27.51 -7.94 18.31
CA ASN B 525 27.66 -6.92 19.35
C ASN B 525 28.61 -7.45 20.40
N ALA B 526 29.88 -7.48 20.04
CA ALA B 526 30.92 -8.08 20.87
C ALA B 526 32.26 -7.42 20.55
N PRO B 527 33.24 -7.50 21.45
CA PRO B 527 34.58 -6.93 21.31
C PRO B 527 35.23 -7.35 20.01
N ALA B 528 35.83 -6.40 19.30
CA ALA B 528 36.52 -6.69 18.05
C ALA B 528 37.81 -7.44 18.31
N THR B 529 38.13 -8.39 17.44
CA THR B 529 39.38 -9.10 17.51
C THR B 529 40.28 -8.75 16.33
N VAL B 530 39.64 -8.37 15.23
CA VAL B 530 40.35 -7.97 14.02
C VAL B 530 39.74 -6.69 13.46
N CYS B 531 40.59 -5.68 13.15
CA CYS B 531 40.13 -4.41 12.60
C CYS B 531 40.97 -4.00 11.40
N GLY B 532 40.36 -3.28 10.47
CA GLY B 532 41.11 -2.76 9.31
C GLY B 532 42.06 -1.65 9.74
N PRO B 533 42.91 -1.19 8.82
CA PRO B 533 43.97 -0.20 9.00
C PRO B 533 43.44 1.22 9.01
N LYS B 534 42.62 1.54 10.00
CA LYS B 534 42.07 2.88 10.14
C LYS B 534 42.80 3.65 11.22
N LYS B 535 42.80 4.97 11.11
CA LYS B 535 43.41 5.82 12.11
C LYS B 535 42.35 6.51 12.95
N SER B 536 42.62 6.65 14.24
CA SER B 536 41.69 7.29 15.16
C SER B 536 41.89 8.79 15.25
N THR B 537 40.85 9.48 15.70
CA THR B 537 40.86 10.93 15.87
C THR B 537 40.48 11.29 17.30
N GLU B 538 40.58 12.58 17.62
CA GLU B 538 40.17 13.10 18.92
C GLU B 538 38.67 12.95 19.09
N LEU B 539 38.24 12.70 20.32
CA LEU B 539 36.82 12.57 20.61
C LEU B 539 36.16 13.94 20.77
N VAL B 540 35.15 14.23 19.96
CA VAL B 540 34.43 15.55 20.06
C VAL B 540 33.03 15.31 20.63
N LYS B 541 32.57 16.17 21.54
CA LYS B 541 31.27 15.97 22.21
C LYS B 541 30.43 17.24 22.15
N ASN B 542 29.10 17.11 22.10
CA ASN B 542 28.19 18.30 22.13
C ASN B 542 28.17 18.99 20.77
N LYS B 543 28.69 18.35 19.72
CA LYS B 543 28.64 18.92 18.36
C LYS B 543 28.03 17.91 17.39
N CYS B 544 27.22 18.36 16.43
CA CYS B 544 26.72 17.42 15.40
C CYS B 544 27.98 16.97 14.65
N VAL B 545 28.14 15.67 14.38
CA VAL B 545 29.41 15.17 13.78
C VAL B 545 29.15 13.82 13.13
N ASN B 546 30.04 13.38 12.23
CA ASN B 546 29.91 12.04 11.72
C ASN B 546 30.75 11.18 12.65
N PHE B 547 30.44 9.90 12.75
CA PHE B 547 31.26 9.04 13.60
C PHE B 547 31.40 7.63 13.08
N ASN B 548 32.41 6.94 13.60
CA ASN B 548 32.68 5.54 13.31
C ASN B 548 33.35 4.86 14.50
N PHE B 549 32.61 3.98 15.20
CA PHE B 549 33.17 3.24 16.33
C PHE B 549 33.26 1.76 15.97
N ASN B 550 34.47 1.24 15.75
CA ASN B 550 34.65 -0.14 15.30
C ASN B 550 33.83 -0.44 14.06
N GLY B 551 33.72 0.53 13.15
CA GLY B 551 32.95 0.33 11.93
C GLY B 551 31.49 0.76 12.05
N LEU B 552 31.04 1.06 13.27
CA LEU B 552 29.64 1.45 13.50
C LEU B 552 29.44 2.94 13.26
N THR B 553 28.89 3.28 12.09
CA THR B 553 28.84 4.68 11.67
C THR B 553 27.47 5.33 11.87
N GLY B 554 27.45 6.65 11.74
CA GLY B 554 26.23 7.44 11.77
C GLY B 554 26.53 8.90 12.00
N THR B 555 25.49 9.73 12.10
CA THR B 555 25.65 11.16 12.34
C THR B 555 24.84 11.62 13.53
N GLY B 556 25.44 12.44 14.40
CA GLY B 556 24.67 12.81 15.59
C GLY B 556 25.47 13.60 16.59
N VAL B 557 24.96 13.71 17.82
CA VAL B 557 25.66 14.51 18.86
C VAL B 557 26.14 13.54 19.94
N LEU B 558 27.42 13.60 20.29
CA LEU B 558 27.98 12.64 21.27
C LEU B 558 28.11 13.33 22.63
N THR B 559 27.50 12.75 23.65
CA THR B 559 27.53 13.28 25.02
C THR B 559 27.89 12.16 26.01
N SER B 560 28.01 12.50 27.28
CA SER B 560 28.36 11.51 28.30
C SER B 560 27.12 10.76 28.81
N SER B 561 27.21 9.43 28.88
CA SER B 561 26.07 8.61 29.31
C SER B 561 26.12 8.27 30.77
N THR B 562 24.96 7.94 31.31
CA THR B 562 24.83 7.48 32.68
C THR B 562 24.34 6.02 32.70
N LYS B 563 24.27 5.42 31.51
CA LYS B 563 23.80 4.06 31.34
C LYS B 563 24.91 3.07 31.63
N LYS B 564 24.55 1.83 31.90
CA LYS B 564 25.55 0.80 32.14
C LYS B 564 25.46 -0.31 31.10
N PHE B 565 26.63 -0.79 30.68
CA PHE B 565 26.73 -1.88 29.70
C PHE B 565 27.13 -3.20 30.33
N GLN B 566 26.72 -4.29 29.71
CA GLN B 566 27.21 -5.61 30.09
C GLN B 566 28.71 -5.67 29.77
N PRO B 567 29.47 -6.55 30.41
CA PRO B 567 30.90 -6.71 30.25
C PRO B 567 31.36 -6.74 28.79
N PHE B 568 30.56 -7.34 27.91
CA PHE B 568 30.95 -7.48 26.52
C PHE B 568 30.01 -6.77 25.55
N GLN B 569 29.31 -5.75 26.05
CA GLN B 569 28.41 -4.97 25.22
C GLN B 569 29.15 -3.78 24.61
N GLN B 570 29.00 -3.58 23.30
CA GLN B 570 29.71 -2.50 22.61
C GLN B 570 28.76 -1.36 22.28
N PHE B 571 27.49 -1.68 22.09
CA PHE B 571 26.48 -0.65 21.82
C PHE B 571 25.09 -1.05 22.31
N GLY B 572 24.22 -0.07 22.50
CA GLY B 572 22.83 -0.31 22.89
C GLY B 572 21.87 0.36 21.91
N ARG B 573 20.69 -0.26 21.76
CA ARG B 573 19.66 0.25 20.85
C ARG B 573 18.28 0.19 21.50
N ASP B 574 17.41 1.13 21.12
CA ASP B 574 16.05 1.17 21.66
C ASP B 574 15.08 0.39 20.77
N VAL B 575 13.79 0.57 21.01
CA VAL B 575 12.73 -0.23 20.39
C VAL B 575 12.60 -0.02 18.88
N SER B 576 13.21 1.04 18.37
CA SER B 576 13.18 1.34 16.94
C SER B 576 14.48 0.92 16.28
N ASP B 577 15.29 0.20 17.07
CA ASP B 577 16.64 -0.18 16.66
C ASP B 577 17.48 1.04 16.35
N PHE B 578 17.26 2.10 17.13
CA PHE B 578 18.07 3.30 17.03
C PHE B 578 19.18 3.22 18.05
N THR B 579 20.41 3.41 17.60
CA THR B 579 21.53 3.32 18.53
C THR B 579 21.64 4.60 19.32
N ASP B 580 21.57 4.47 20.63
CA ASP B 580 21.59 5.62 21.50
C ASP B 580 22.77 5.56 22.47
N SER B 581 23.52 4.44 22.43
CA SER B 581 24.69 4.32 23.31
C SER B 581 25.81 3.52 22.62
N VAL B 582 27.07 3.97 22.79
CA VAL B 582 28.22 3.21 22.32
C VAL B 582 29.35 3.24 23.34
N ARG B 583 30.13 2.17 23.41
CA ARG B 583 31.34 2.14 24.24
C ARG B 583 32.56 2.57 23.43
N ASP B 584 33.26 3.60 23.91
CA ASP B 584 34.46 4.06 23.21
C ASP B 584 35.56 3.00 23.32
N PRO B 585 36.07 2.51 22.18
CA PRO B 585 37.09 1.49 22.01
C PRO B 585 38.40 1.70 22.76
N LYS B 586 38.74 2.97 23.06
CA LYS B 586 40.02 3.24 23.71
C LYS B 586 39.83 3.70 25.16
N THR B 587 38.81 4.49 25.41
CA THR B 587 38.51 4.91 26.77
C THR B 587 37.24 4.23 27.23
N LEU B 588 37.33 3.44 28.28
CA LEU B 588 36.20 2.63 28.70
C LEU B 588 35.12 3.49 29.34
N GLU B 589 34.38 4.18 28.49
CA GLU B 589 33.33 5.09 28.85
C GLU B 589 32.18 5.02 27.85
N ILE B 590 30.96 4.98 28.38
CA ILE B 590 29.77 4.95 27.54
C ILE B 590 29.32 6.36 27.17
N LEU B 591 29.07 6.56 25.88
CA LEU B 591 28.57 7.83 25.39
C LEU B 591 27.09 7.71 25.04
N ASP B 592 26.41 8.86 25.01
CA ASP B 592 25.04 8.99 24.58
C ASP B 592 24.95 9.59 23.20
N ILE B 593 24.08 9.08 22.36
CA ILE B 593 23.92 9.59 21.01
C ILE B 593 22.54 10.21 20.75
N SER B 594 22.53 11.49 20.36
CA SER B 594 21.25 12.18 20.13
C SER B 594 21.13 12.54 18.66
N PRO B 595 19.91 12.62 18.10
CA PRO B 595 19.73 13.10 16.74
C PRO B 595 20.16 14.57 16.76
N CYS B 596 20.76 15.09 15.68
CA CYS B 596 21.28 16.49 15.71
C CYS B 596 20.13 17.49 15.93
N SER B 597 18.96 17.29 15.30
CA SER B 597 17.77 18.13 15.59
C SER B 597 16.59 17.25 16.01
N TYR B 598 15.87 17.60 17.08
CA TYR B 598 14.65 16.79 17.43
C TYR B 598 13.62 17.55 18.27
N GLY B 599 12.33 17.43 17.96
CA GLY B 599 11.23 17.99 18.72
C GLY B 599 10.30 18.83 17.83
N GLY B 600 10.84 19.31 16.72
CA GLY B 600 10.05 20.05 15.73
C GLY B 600 10.25 21.56 15.84
N VAL B 601 10.29 22.22 14.69
CA VAL B 601 10.42 23.67 14.62
C VAL B 601 9.43 24.24 13.59
N SER B 602 8.73 25.30 13.96
CA SER B 602 7.78 25.94 13.05
C SER B 602 8.16 27.38 12.74
N VAL B 603 7.88 27.79 11.50
CA VAL B 603 8.15 29.15 11.07
C VAL B 603 6.84 29.89 10.78
N ILE B 604 6.69 31.05 11.40
CA ILE B 604 5.50 31.86 11.29
C ILE B 604 5.70 33.01 10.32
N THR B 605 4.82 33.11 9.33
CA THR B 605 4.93 34.17 8.34
C THR B 605 3.59 34.85 8.09
N PRO B 606 3.59 36.19 7.93
CA PRO B 606 2.45 37.02 7.58
C PRO B 606 2.12 36.92 6.10
N GLY B 607 2.96 36.22 5.36
CA GLY B 607 2.84 36.12 3.91
C GLY B 607 3.97 36.88 3.25
N THR B 608 4.58 36.27 2.23
CA THR B 608 5.72 36.87 1.54
C THR B 608 5.34 38.08 0.69
N ASN B 609 4.04 38.28 0.46
CA ASN B 609 3.51 39.42 -0.27
C ASN B 609 3.18 40.60 0.67
N THR B 610 3.48 40.44 1.96
CA THR B 610 3.27 41.47 2.98
C THR B 610 4.62 41.93 3.54
N SER B 611 5.43 40.99 3.98
CA SER B 611 6.75 41.28 4.51
C SER B 611 7.61 40.03 4.49
N LYS B 612 8.88 40.19 4.78
CA LYS B 612 9.79 39.05 4.84
C LYS B 612 10.11 38.69 6.28
N ALA B 613 9.34 39.26 7.20
CA ALA B 613 9.54 39.01 8.63
C ALA B 613 9.02 37.63 9.00
N VAL B 614 9.77 36.93 9.84
CA VAL B 614 9.33 35.64 10.35
C VAL B 614 9.56 35.53 11.84
N ALA B 615 8.86 34.60 12.46
CA ALA B 615 9.11 34.23 13.85
C ALA B 615 9.27 32.72 13.94
N VAL B 616 10.09 32.26 14.87
CA VAL B 616 10.35 30.83 14.97
C VAL B 616 9.87 30.25 16.29
N LEU B 617 9.09 29.19 16.20
CA LEU B 617 8.62 28.47 17.37
C LEU B 617 9.39 27.18 17.57
N TYR B 618 10.06 27.06 18.70
CA TYR B 618 10.77 25.84 19.04
C TYR B 618 9.88 25.00 19.93
N GLN B 619 9.42 23.86 19.42
CA GLN B 619 8.37 23.11 20.09
C GLN B 619 8.88 22.37 21.32
N ASP B 620 8.12 22.48 22.42
CA ASP B 620 8.39 21.75 23.65
C ASP B 620 9.80 21.97 24.21
N VAL B 621 10.28 23.21 24.18
CA VAL B 621 11.55 23.53 24.81
C VAL B 621 11.41 24.79 25.65
N ASN B 622 12.33 25.01 26.57
CA ASN B 622 12.44 26.27 27.29
C ASN B 622 13.19 27.29 26.44
N CYS B 623 13.09 28.57 26.83
CA CYS B 623 13.82 29.65 26.10
C CYS B 623 15.23 29.78 26.62
N THR B 624 15.61 28.99 27.58
CA THR B 624 16.96 29.00 28.15
C THR B 624 17.82 27.92 27.49
N ASP B 625 17.14 26.97 26.84
CA ASP B 625 17.80 25.82 26.23
C ASP B 625 17.86 25.93 24.72
N VAL B 626 17.31 26.99 24.16
CA VAL B 626 17.29 27.14 22.71
C VAL B 626 18.70 27.14 22.11
N PRO B 627 19.67 27.86 22.71
CA PRO B 627 21.06 27.95 22.27
C PRO B 627 21.79 26.61 22.32
N THR B 628 21.18 25.61 22.97
CA THR B 628 21.79 24.29 23.09
C THR B 628 21.11 23.30 22.15
N MET B 629 19.78 23.36 22.07
CA MET B 629 19.03 22.46 21.15
C MET B 629 19.37 22.85 19.72
N LEU B 630 19.62 24.13 19.48
CA LEU B 630 20.06 24.61 18.18
C LEU B 630 21.36 24.11 17.58
N HIS B 631 22.49 24.63 18.07
CA HIS B 631 23.81 24.28 17.46
C HIS B 631 24.23 25.63 16.90
N VAL B 632 24.13 26.69 17.70
CA VAL B 632 24.39 28.06 17.31
C VAL B 632 25.84 28.31 16.95
N GLU B 633 26.75 27.77 17.75
CA GLU B 633 28.19 28.05 17.54
C GLU B 633 28.75 27.13 16.48
N GLN B 634 27.98 26.15 16.02
CA GLN B 634 28.58 25.14 15.11
C GLN B 634 28.26 25.43 13.65
N VAL B 635 26.99 25.67 13.35
CA VAL B 635 26.58 25.78 11.96
C VAL B 635 25.87 27.10 11.66
N SER B 636 25.05 27.57 12.59
CA SER B 636 24.17 28.70 12.32
C SER B 636 24.91 29.96 11.93
N THR B 637 24.36 30.69 10.96
CA THR B 637 24.88 31.98 10.54
C THR B 637 23.88 33.09 10.86
N ASP B 638 22.98 33.38 9.93
CA ASP B 638 21.95 34.39 10.16
C ASP B 638 20.96 33.89 11.21
N TRP B 639 20.88 32.56 11.34
CA TRP B 639 20.05 31.88 12.32
C TRP B 639 20.36 32.30 13.75
N ARG B 640 21.56 32.83 13.98
CA ARG B 640 21.99 33.18 15.32
C ARG B 640 21.04 34.18 15.98
N VAL B 641 20.43 35.05 15.18
CA VAL B 641 19.56 36.09 15.71
C VAL B 641 18.28 35.52 16.31
N TYR B 642 17.91 34.31 15.91
CA TYR B 642 16.71 33.67 16.41
C TYR B 642 17.03 32.73 17.56
N ALA B 643 18.21 32.14 17.53
CA ALA B 643 18.58 31.17 18.55
C ALA B 643 19.01 31.85 19.85
N LEU B 644 19.59 33.04 19.75
CA LEU B 644 20.09 33.72 20.93
C LEU B 644 19.06 34.70 21.49
N SER B 645 19.01 34.78 22.82
CA SER B 645 18.06 35.64 23.50
C SER B 645 18.48 37.10 23.43
N ALA B 646 17.51 37.98 23.65
CA ALA B 646 17.71 39.43 23.71
C ALA B 646 16.48 40.06 24.33
N ASP B 647 16.56 41.34 24.66
CA ASP B 647 15.43 42.01 25.28
C ASP B 647 14.27 42.13 24.31
N GLY B 648 13.18 41.41 24.61
CA GLY B 648 11.98 41.44 23.78
C GLY B 648 12.08 40.50 22.57
N ASN B 649 13.08 39.62 22.56
CA ASN B 649 13.25 38.71 21.44
C ASN B 649 12.53 37.37 21.68
N MET B 650 12.49 36.92 22.92
CA MET B 650 11.91 35.61 23.22
C MET B 650 10.73 35.69 24.17
N PHE B 651 9.72 34.88 23.88
CA PHE B 651 8.52 34.75 24.70
C PHE B 651 8.19 33.29 24.96
N GLN B 652 8.09 32.93 26.23
CA GLN B 652 7.86 31.54 26.60
C GLN B 652 6.36 31.21 26.65
N THR B 653 5.95 30.20 25.89
CA THR B 653 4.57 29.74 25.90
C THR B 653 4.52 28.26 26.27
N GLN B 654 3.30 27.72 26.35
CA GLN B 654 3.13 26.31 26.69
C GLN B 654 3.53 25.41 25.52
N ALA B 655 3.29 25.88 24.31
CA ALA B 655 3.61 25.13 23.10
C ALA B 655 5.12 24.99 22.91
N GLY B 656 5.87 26.00 23.33
CA GLY B 656 7.31 26.04 23.13
C GLY B 656 7.85 27.45 23.29
N CYS B 657 9.06 27.70 22.78
CA CYS B 657 9.69 29.02 22.86
C CYS B 657 9.51 29.78 21.54
N LEU B 658 8.89 30.94 21.60
CA LEU B 658 8.65 31.75 20.41
C LEU B 658 9.62 32.91 20.33
N VAL B 659 10.38 32.97 19.24
CA VAL B 659 11.36 34.03 19.08
C VAL B 659 11.14 34.84 17.80
N GLY B 660 11.35 36.16 17.90
CA GLY B 660 11.25 37.04 16.75
C GLY B 660 9.94 37.81 16.76
N ALA B 661 9.00 37.37 17.60
CA ALA B 661 7.72 38.05 17.75
C ALA B 661 7.66 38.73 19.10
N THR B 662 6.94 39.85 19.17
CA THR B 662 6.75 40.53 20.43
C THR B 662 5.47 40.04 21.09
N TYR B 663 5.17 40.54 22.27
CA TYR B 663 3.94 40.15 22.94
C TYR B 663 3.14 41.38 23.33
N GLU B 664 1.91 41.44 22.87
CA GLU B 664 1.06 42.62 23.02
C GLU B 664 0.55 42.87 24.44
N ASN B 665 0.32 41.81 25.20
CA ASN B 665 -0.33 41.95 26.53
C ASN B 665 -1.73 42.52 26.36
N SER B 666 -2.52 41.90 25.48
CA SER B 666 -3.93 42.23 25.22
C SER B 666 -4.60 41.04 24.56
N THR B 667 -5.90 41.14 24.34
CA THR B 667 -6.61 40.04 23.71
C THR B 667 -7.32 40.48 22.44
N TYR B 668 -7.37 39.57 21.47
CA TYR B 668 -8.02 39.84 20.21
C TYR B 668 -8.57 38.56 19.62
N GLU B 669 -9.24 38.66 18.49
CA GLU B 669 -9.67 37.47 17.78
C GLU B 669 -8.44 36.80 17.18
N CYS B 670 -8.42 35.45 17.16
CA CYS B 670 -7.29 34.70 16.66
C CYS B 670 -7.16 34.84 15.15
N ASP B 671 -5.91 35.03 14.70
CA ASP B 671 -5.59 35.13 13.28
C ASP B 671 -4.71 33.94 12.89
N ILE B 672 -3.42 34.01 13.21
CA ILE B 672 -2.55 32.84 13.03
C ILE B 672 -2.34 32.16 14.37
N PRO B 673 -2.86 30.95 14.57
CA PRO B 673 -2.74 30.18 15.79
C PRO B 673 -1.32 29.67 15.92
N ILE B 674 -0.75 29.79 17.12
CA ILE B 674 0.60 29.31 17.37
C ILE B 674 0.61 28.14 18.33
N GLY B 675 0.01 28.36 19.49
CA GLY B 675 0.03 27.37 20.56
C GLY B 675 -1.32 27.27 21.22
N ALA B 676 -1.32 26.98 22.51
CA ALA B 676 -2.56 26.83 23.26
C ALA B 676 -2.92 28.15 23.93
N GLY B 677 -3.87 28.87 23.34
CA GLY B 677 -4.30 30.17 23.83
C GLY B 677 -3.54 31.32 23.16
N ILE B 678 -2.47 31.00 22.44
CA ILE B 678 -1.64 32.04 21.82
C ILE B 678 -1.78 32.05 20.29
N CYS B 679 -2.04 33.25 19.75
CA CYS B 679 -2.14 33.52 18.32
C CYS B 679 -1.26 34.72 17.96
N ALA B 680 -1.11 35.01 16.68
CA ALA B 680 -0.33 36.17 16.27
C ALA B 680 -0.88 36.85 15.04
N LYS B 681 -0.53 38.12 14.89
CA LYS B 681 -0.91 38.95 13.76
C LYS B 681 0.29 39.72 13.24
N PHE B 682 0.21 40.19 12.00
CA PHE B 682 1.27 41.04 11.45
C PHE B 682 1.35 42.40 12.15
N GLY B 683 0.21 43.08 12.27
CA GLY B 683 0.14 44.42 12.86
C GLY B 683 0.53 44.40 14.34
N SER B 691 6.35 43.68 11.73
CA SER B 691 6.90 42.44 12.29
C SER B 691 5.81 41.44 12.62
N ILE B 692 5.94 40.77 13.77
CA ILE B 692 4.94 39.81 14.22
C ILE B 692 4.58 40.06 15.68
N VAL B 693 3.29 40.09 15.96
CA VAL B 693 2.80 40.33 17.31
C VAL B 693 2.04 39.15 17.86
N ALA B 694 2.49 38.62 18.98
CA ALA B 694 1.80 37.52 19.66
C ALA B 694 0.86 38.07 20.71
N TYR B 695 -0.26 37.38 20.91
CA TYR B 695 -1.24 37.78 21.90
C TYR B 695 -2.08 36.60 22.36
N THR B 696 -2.77 36.76 23.48
CA THR B 696 -3.72 35.77 23.94
C THR B 696 -5.05 35.98 23.22
N MET B 697 -5.63 34.90 22.72
CA MET B 697 -6.87 35.02 21.96
C MET B 697 -8.07 35.23 22.89
N SER B 698 -9.03 36.01 22.42
CA SER B 698 -10.27 36.25 23.14
C SER B 698 -11.28 35.15 22.86
N ILE B 699 -12.15 34.89 23.83
CA ILE B 699 -13.20 33.90 23.66
C ILE B 699 -14.59 34.55 23.71
N GLY B 700 -14.63 35.87 23.52
CA GLY B 700 -15.88 36.60 23.53
C GLY B 700 -15.82 37.74 24.54
N GLU B 701 -16.78 38.66 24.43
CA GLU B 701 -16.85 39.80 25.33
C GLU B 701 -17.44 39.38 26.67
N ASP B 702 -17.16 40.15 27.71
CA ASP B 702 -17.70 39.88 29.04
C ASP B 702 -19.03 40.58 29.28
N GLN B 703 -19.97 39.83 29.82
CA GLN B 703 -21.28 40.37 30.20
C GLN B 703 -21.66 39.92 31.59
N SER B 704 -22.52 40.68 32.25
CA SER B 704 -22.99 40.30 33.57
C SER B 704 -24.48 40.56 33.74
N ILE B 705 -25.23 39.49 34.01
CA ILE B 705 -26.65 39.61 34.26
C ILE B 705 -26.91 39.40 35.73
N ALA B 706 -27.35 40.46 36.41
CA ALA B 706 -27.63 40.37 37.83
C ALA B 706 -28.85 39.52 38.03
N TYR B 707 -28.83 38.64 39.02
CA TYR B 707 -29.99 37.81 39.27
C TYR B 707 -30.99 38.51 40.16
N SER B 708 -32.25 38.45 39.77
CA SER B 708 -33.34 38.95 40.57
C SER B 708 -34.51 38.00 40.45
N ASN B 709 -35.35 37.96 41.48
CA ASN B 709 -36.45 36.99 41.58
C ASN B 709 -37.83 37.66 41.44
N ASN B 710 -37.87 38.99 41.29
CA ASN B 710 -39.14 39.73 41.25
C ASN B 710 -39.33 40.58 40.00
N THR B 711 -38.48 40.39 39.00
CA THR B 711 -38.62 41.10 37.72
C THR B 711 -38.45 40.17 36.54
N ILE B 712 -38.94 40.59 35.38
CA ILE B 712 -38.79 39.83 34.15
C ILE B 712 -38.60 40.76 32.96
N ALA B 713 -37.75 40.36 32.01
CA ALA B 713 -37.53 41.14 30.80
C ALA B 713 -38.37 40.62 29.65
N ILE B 714 -39.07 41.53 28.98
CA ILE B 714 -39.91 41.19 27.84
C ILE B 714 -39.71 42.17 26.69
N PRO B 715 -39.46 41.70 25.46
CA PRO B 715 -39.27 42.49 24.26
C PRO B 715 -40.54 43.24 23.90
N THR B 716 -40.39 44.51 23.53
CA THR B 716 -41.52 45.33 23.10
C THR B 716 -41.52 45.59 21.59
N ASN B 717 -40.47 45.12 20.90
CA ASN B 717 -40.28 45.32 19.46
C ASN B 717 -39.63 44.06 18.87
N PHE B 718 -39.59 43.99 17.53
CA PHE B 718 -38.97 42.86 16.83
C PHE B 718 -38.54 43.23 15.42
N SER B 719 -37.70 42.40 14.83
CA SER B 719 -37.30 42.58 13.46
C SER B 719 -37.17 41.25 12.73
N ILE B 720 -37.32 41.29 11.42
CA ILE B 720 -37.11 40.12 10.58
C ILE B 720 -35.72 40.14 9.98
N SER B 721 -35.00 39.05 10.15
CA SER B 721 -33.64 38.96 9.61
C SER B 721 -33.50 37.74 8.71
N VAL B 722 -32.57 37.81 7.76
CA VAL B 722 -32.30 36.68 6.89
C VAL B 722 -30.83 36.32 6.92
N THR B 723 -30.54 35.04 7.20
CA THR B 723 -29.17 34.57 7.26
C THR B 723 -28.90 33.52 6.19
N THR B 724 -27.63 33.31 5.86
CA THR B 724 -27.26 32.37 4.81
C THR B 724 -26.48 31.18 5.34
N GLU B 725 -26.90 29.99 4.91
CA GLU B 725 -26.21 28.75 5.27
C GLU B 725 -25.79 27.98 4.02
N VAL B 726 -24.54 27.53 3.99
CA VAL B 726 -24.00 26.86 2.81
C VAL B 726 -23.59 25.43 3.08
N LEU B 727 -24.10 24.50 2.26
CA LEU B 727 -23.73 23.09 2.38
C LEU B 727 -23.28 22.52 1.02
N PRO B 728 -22.15 21.80 0.99
CA PRO B 728 -21.71 20.94 -0.09
C PRO B 728 -22.70 19.79 -0.30
N VAL B 729 -22.91 19.41 -1.55
CA VAL B 729 -23.78 18.28 -1.85
C VAL B 729 -23.07 17.21 -2.66
N SER B 730 -22.21 17.60 -3.60
CA SER B 730 -21.60 16.61 -4.49
C SER B 730 -20.15 16.93 -4.86
N MET B 731 -19.45 15.88 -5.31
CA MET B 731 -18.07 15.97 -5.78
C MET B 731 -18.00 15.95 -7.30
N THR B 732 -16.81 16.22 -7.81
CA THR B 732 -16.53 16.03 -9.23
C THR B 732 -16.33 14.54 -9.49
N LYS B 733 -17.01 14.02 -10.50
CA LYS B 733 -16.91 12.60 -10.80
C LYS B 733 -15.73 12.32 -11.71
N THR B 734 -14.83 11.46 -11.26
CA THR B 734 -13.64 11.16 -12.06
C THR B 734 -13.64 9.70 -12.51
N SER B 735 -12.80 9.40 -13.49
CA SER B 735 -12.63 8.04 -13.99
C SER B 735 -11.20 7.82 -14.42
N VAL B 736 -10.67 6.64 -14.12
CA VAL B 736 -9.29 6.34 -14.45
C VAL B 736 -9.15 5.10 -15.33
N ASP B 737 -8.39 5.24 -16.41
CA ASP B 737 -8.02 4.11 -17.23
C ASP B 737 -6.76 3.52 -16.63
N CYS B 738 -6.89 2.39 -15.96
CA CYS B 738 -5.86 1.85 -15.10
C CYS B 738 -4.71 1.22 -15.91
N ASN B 739 -4.96 1.01 -17.21
CA ASN B 739 -3.92 0.49 -18.06
C ASN B 739 -3.11 1.64 -18.66
N MET B 740 -3.82 2.69 -19.10
CA MET B 740 -3.17 3.83 -19.75
C MET B 740 -2.31 4.60 -18.75
N TYR B 741 -2.75 4.63 -17.50
CA TYR B 741 -2.04 5.32 -16.44
C TYR B 741 -0.75 4.59 -16.05
N ILE B 742 -0.85 3.28 -15.86
CA ILE B 742 0.28 2.49 -15.36
C ILE B 742 1.31 2.18 -16.45
N CYS B 743 0.87 1.70 -17.62
CA CYS B 743 1.73 1.20 -18.65
C CYS B 743 1.83 2.13 -19.87
N GLY B 744 0.70 2.78 -20.17
CA GLY B 744 0.67 3.64 -21.35
C GLY B 744 0.76 2.82 -22.63
N ASP B 745 1.76 3.11 -23.46
CA ASP B 745 1.95 2.43 -24.72
C ASP B 745 2.88 1.22 -24.63
N SER B 746 3.30 0.87 -23.42
CA SER B 746 4.20 -0.26 -23.26
C SER B 746 3.43 -1.57 -23.21
N THR B 747 3.61 -2.40 -24.23
CA THR B 747 2.90 -3.67 -24.30
C THR B 747 3.57 -4.72 -23.42
N GLU B 748 4.86 -4.55 -23.18
CA GLU B 748 5.59 -5.43 -22.26
C GLU B 748 5.09 -5.22 -20.83
N CYS B 749 4.88 -3.95 -20.44
CA CYS B 749 4.32 -3.60 -19.14
C CYS B 749 2.92 -4.18 -19.01
N SER B 750 2.11 -4.06 -20.05
CA SER B 750 0.74 -4.56 -20.00
C SER B 750 0.73 -6.03 -19.63
N ASN B 751 1.60 -6.81 -20.26
CA ASN B 751 1.68 -8.24 -19.97
C ASN B 751 2.07 -8.49 -18.52
N LEU B 752 2.88 -7.61 -17.95
CA LEU B 752 3.32 -7.73 -16.57
C LEU B 752 2.25 -7.24 -15.61
N LEU B 753 1.45 -6.28 -16.04
CA LEU B 753 0.39 -5.74 -15.20
C LEU B 753 -0.74 -6.75 -15.00
N LEU B 754 -0.88 -7.67 -15.95
CA LEU B 754 -1.88 -8.72 -15.86
C LEU B 754 -1.52 -9.72 -14.77
N GLN B 755 -0.32 -9.60 -14.21
CA GLN B 755 0.15 -10.53 -13.19
C GLN B 755 -0.29 -10.07 -11.80
N TYR B 756 -0.98 -8.94 -11.74
CA TYR B 756 -1.45 -8.38 -10.47
C TYR B 756 -2.94 -8.63 -10.25
N GLY B 757 -3.49 -9.54 -11.03
CA GLY B 757 -4.86 -10.00 -10.86
C GLY B 757 -5.89 -8.91 -11.09
N SER B 758 -6.82 -8.80 -10.15
CA SER B 758 -7.93 -7.85 -10.26
C SER B 758 -7.62 -6.53 -9.59
N PHE B 759 -6.42 -6.39 -9.04
CA PHE B 759 -6.09 -5.16 -8.33
C PHE B 759 -6.48 -3.92 -9.13
N CYS B 760 -6.16 -3.93 -10.42
CA CYS B 760 -6.46 -2.84 -11.36
C CYS B 760 -7.97 -2.64 -11.49
N THR B 761 -8.70 -3.73 -11.65
CA THR B 761 -10.16 -3.71 -11.79
C THR B 761 -10.84 -3.14 -10.54
N GLN B 762 -10.34 -3.51 -9.37
CA GLN B 762 -10.92 -3.06 -8.12
C GLN B 762 -10.89 -1.55 -7.99
N LEU B 763 -9.82 -0.94 -8.49
CA LEU B 763 -9.67 0.51 -8.44
C LEU B 763 -10.75 1.17 -9.28
N ASN B 764 -11.02 0.59 -10.44
CA ASN B 764 -12.03 1.14 -11.34
C ASN B 764 -13.41 1.03 -10.73
N ARG B 765 -13.66 -0.08 -10.04
CA ARG B 765 -14.95 -0.33 -9.43
C ARG B 765 -15.23 0.65 -8.30
N ALA B 766 -14.22 0.94 -7.49
CA ALA B 766 -14.38 1.87 -6.38
C ALA B 766 -14.74 3.26 -6.86
N LEU B 767 -14.06 3.72 -7.93
CA LEU B 767 -14.34 5.06 -8.46
C LEU B 767 -15.70 5.12 -9.12
N SER B 768 -16.11 4.02 -9.76
CA SER B 768 -17.42 3.96 -10.40
C SER B 768 -18.53 4.11 -9.36
N GLY B 769 -18.36 3.43 -8.22
CA GLY B 769 -19.33 3.50 -7.14
C GLY B 769 -19.50 4.93 -6.63
N ILE B 770 -18.39 5.65 -6.49
CA ILE B 770 -18.44 7.03 -6.04
C ILE B 770 -19.20 7.89 -7.03
N ALA B 771 -18.89 7.72 -8.31
CA ALA B 771 -19.49 8.52 -9.36
C ALA B 771 -21.02 8.42 -9.32
N VAL B 772 -21.54 7.22 -9.07
CA VAL B 772 -22.97 7.04 -8.99
C VAL B 772 -23.56 7.74 -7.77
N GLU B 773 -22.90 7.61 -6.63
CA GLU B 773 -23.36 8.21 -5.40
C GLU B 773 -23.52 9.73 -5.54
N GLN B 774 -22.65 10.36 -6.31
CA GLN B 774 -22.67 11.81 -6.43
C GLN B 774 -23.95 12.31 -7.12
N ASP B 775 -24.54 11.49 -7.99
CA ASP B 775 -25.79 11.88 -8.62
C ASP B 775 -26.95 11.66 -7.68
N ARG B 776 -26.83 10.65 -6.83
CA ARG B 776 -27.84 10.39 -5.81
C ARG B 776 -27.84 11.50 -4.78
N ASN B 777 -26.66 12.01 -4.45
CA ASN B 777 -26.55 13.08 -3.46
C ASN B 777 -27.32 14.30 -3.92
N THR B 778 -27.18 14.65 -5.18
CA THR B 778 -27.87 15.82 -5.72
C THR B 778 -29.37 15.61 -5.75
N ARG B 779 -29.79 14.45 -6.25
CA ARG B 779 -31.21 14.16 -6.38
C ARG B 779 -31.92 14.16 -5.02
N ASP B 780 -31.26 13.61 -4.00
CA ASP B 780 -31.85 13.47 -2.67
C ASP B 780 -32.02 14.81 -1.96
N VAL B 781 -31.44 15.87 -2.50
CA VAL B 781 -31.53 17.19 -1.88
C VAL B 781 -32.52 18.08 -2.61
N PHE B 782 -32.42 18.12 -3.94
CA PHE B 782 -33.21 19.06 -4.71
C PHE B 782 -34.57 18.51 -5.13
N ALA B 783 -34.65 17.21 -5.41
CA ALA B 783 -35.90 16.63 -5.97
C ALA B 783 -36.91 16.28 -4.87
N GLN B 784 -37.14 17.20 -3.93
CA GLN B 784 -38.09 16.97 -2.80
C GLN B 784 -39.54 16.80 -3.26
N THR B 785 -40.01 17.58 -4.24
CA THR B 785 -41.39 17.39 -4.77
C THR B 785 -41.36 17.06 -6.25
N LYS B 786 -42.09 16.01 -6.66
CA LYS B 786 -42.17 15.63 -8.10
C LYS B 786 -42.86 16.74 -8.90
N ALA B 787 -43.93 17.34 -8.35
CA ALA B 787 -44.68 18.38 -9.09
C ALA B 787 -43.77 19.59 -9.32
N ILE B 788 -43.82 20.17 -10.51
CA ILE B 788 -42.98 21.34 -10.85
C ILE B 788 -43.93 22.51 -11.00
N TYR B 789 -43.76 23.55 -10.20
CA TYR B 789 -44.75 24.60 -10.23
C TYR B 789 -44.29 25.76 -11.10
N LYS B 790 -45.18 26.23 -11.94
CA LYS B 790 -44.88 27.35 -12.83
C LYS B 790 -44.56 28.59 -12.01
N THR B 791 -43.45 29.24 -12.34
CA THR B 791 -43.06 30.47 -11.67
C THR B 791 -44.05 31.58 -12.04
N PRO B 792 -44.70 32.21 -11.05
CA PRO B 792 -45.73 33.21 -11.22
C PRO B 792 -45.15 34.50 -11.79
N ASN B 793 -45.98 35.24 -12.52
CA ASN B 793 -45.58 36.53 -13.07
C ASN B 793 -45.65 37.62 -12.00
N ILE B 794 -46.26 37.29 -10.88
CA ILE B 794 -46.39 38.21 -9.77
C ILE B 794 -45.38 37.89 -8.69
N LYS B 795 -44.53 38.85 -8.36
CA LYS B 795 -43.49 38.66 -7.36
C LYS B 795 -43.84 39.39 -6.07
N ASP B 796 -45.03 39.97 -6.04
CA ASP B 796 -45.55 40.70 -4.89
C ASP B 796 -46.67 39.91 -4.22
N PHE B 797 -46.38 39.35 -3.05
CA PHE B 797 -47.34 38.52 -2.35
C PHE B 797 -47.76 39.15 -1.03
N GLY B 798 -48.58 40.20 -1.11
CA GLY B 798 -49.03 40.92 0.08
C GLY B 798 -47.99 41.90 0.60
N GLY B 799 -47.16 42.42 -0.31
CA GLY B 799 -46.12 43.36 0.05
C GLY B 799 -44.76 42.69 0.14
N PHE B 800 -44.76 41.36 0.15
CA PHE B 800 -43.54 40.59 0.23
C PHE B 800 -42.93 40.36 -1.18
N ASN B 801 -41.71 40.85 -1.38
CA ASN B 801 -41.00 40.87 -2.69
C ASN B 801 -40.09 39.65 -2.83
N PHE B 802 -40.48 38.82 -3.84
CA PHE B 802 -39.79 37.54 -4.11
C PHE B 802 -38.94 37.59 -5.39
N SER B 803 -38.80 38.78 -5.96
CA SER B 803 -38.17 38.91 -7.27
C SER B 803 -36.67 38.58 -7.25
N GLN B 804 -36.08 38.52 -6.06
CA GLN B 804 -34.65 38.23 -5.98
C GLN B 804 -34.35 36.74 -5.77
N ILE B 805 -35.37 35.96 -5.44
CA ILE B 805 -35.16 34.53 -5.22
C ILE B 805 -35.84 33.66 -6.28
N LEU B 806 -36.76 34.26 -7.03
CA LEU B 806 -37.37 33.59 -8.18
C LEU B 806 -36.76 34.10 -9.49
N PRO B 807 -36.64 33.24 -10.50
CA PRO B 807 -36.13 33.54 -11.82
C PRO B 807 -37.08 34.46 -12.58
N ASP B 808 -36.52 35.33 -13.39
CA ASP B 808 -37.32 36.24 -14.20
C ASP B 808 -37.51 35.69 -15.62
N PRO B 809 -38.75 35.28 -15.98
CA PRO B 809 -39.10 34.58 -17.21
C PRO B 809 -38.95 35.46 -18.44
N LYS B 810 -38.77 36.76 -18.22
CA LYS B 810 -38.63 37.71 -19.32
C LYS B 810 -37.16 37.94 -19.68
N LYS B 811 -36.25 37.31 -18.93
CA LYS B 811 -34.83 37.48 -19.16
C LYS B 811 -34.22 36.22 -19.79
N PRO B 812 -33.05 36.34 -20.44
CA PRO B 812 -32.23 35.26 -20.96
C PRO B 812 -31.82 34.22 -19.92
N SER B 813 -31.79 34.63 -18.65
CA SER B 813 -31.37 33.74 -17.57
C SER B 813 -32.54 32.96 -16.99
N TYR B 814 -32.27 31.73 -16.55
CA TYR B 814 -33.29 30.90 -15.92
C TYR B 814 -33.08 30.83 -14.41
N ARG B 815 -32.16 31.63 -13.91
CA ARG B 815 -31.83 31.64 -12.50
C ARG B 815 -32.20 32.97 -11.86
N SER B 816 -32.37 32.95 -10.54
CA SER B 816 -32.67 34.17 -9.80
C SER B 816 -31.40 35.03 -9.68
N PRO B 817 -31.53 36.34 -9.46
CA PRO B 817 -30.46 37.28 -9.20
C PRO B 817 -29.45 36.78 -8.17
N ILE B 818 -29.95 36.25 -7.05
CA ILE B 818 -29.05 35.72 -6.04
C ILE B 818 -28.29 34.51 -6.54
N GLU B 819 -28.97 33.61 -7.25
CA GLU B 819 -28.30 32.43 -7.78
C GLU B 819 -27.20 32.78 -8.76
N ASP B 820 -27.44 33.75 -9.63
CA ASP B 820 -26.40 34.16 -10.58
C ASP B 820 -25.17 34.64 -9.85
N LEU B 821 -25.37 35.37 -8.76
CA LEU B 821 -24.26 35.84 -7.96
C LEU B 821 -23.49 34.67 -7.34
N LEU B 822 -24.22 33.66 -6.85
CA LEU B 822 -23.57 32.51 -6.23
C LEU B 822 -22.71 31.78 -7.24
N TYR B 823 -23.23 31.60 -8.45
CA TYR B 823 -22.53 30.86 -9.49
C TYR B 823 -21.21 31.51 -9.89
N ASN B 824 -21.19 32.84 -9.93
CA ASN B 824 -20.01 33.57 -10.39
C ASN B 824 -18.96 33.75 -9.28
N LYS B 825 -19.23 33.22 -8.10
CA LYS B 825 -18.30 33.37 -6.98
C LYS B 825 -17.52 32.10 -6.66
N VAL B 826 -18.03 30.95 -7.08
CA VAL B 826 -17.35 29.69 -6.77
C VAL B 826 -16.86 29.00 -8.04
N THR B 827 -16.98 29.67 -9.17
CA THR B 827 -16.50 29.12 -10.44
C THR B 827 -14.99 28.85 -10.41
N LEU B 828 -14.23 29.80 -9.83
CA LEU B 828 -12.77 29.70 -9.69
C LEU B 828 -12.08 29.52 -11.03
N ASP B 848 -1.13 21.53 -21.57
CA ASP B 848 -2.26 21.87 -20.66
C ASP B 848 -2.40 20.74 -19.63
N LEU B 849 -2.47 21.09 -18.34
CA LEU B 849 -2.70 20.07 -17.32
C LEU B 849 -3.83 19.13 -17.70
N ILE B 850 -4.84 19.67 -18.39
CA ILE B 850 -5.96 18.85 -18.81
C ILE B 850 -5.51 17.83 -19.85
N CYS B 851 -4.64 18.26 -20.76
CA CYS B 851 -4.11 17.37 -21.77
C CYS B 851 -3.26 16.29 -21.12
N ALA B 852 -2.46 16.68 -20.13
CA ALA B 852 -1.62 15.72 -19.42
C ALA B 852 -2.50 14.68 -18.73
N GLN B 853 -3.61 15.13 -18.17
CA GLN B 853 -4.53 14.20 -17.50
C GLN B 853 -5.13 13.22 -18.49
N LYS B 854 -5.59 13.71 -19.64
CA LYS B 854 -6.22 12.85 -20.63
C LYS B 854 -5.24 11.83 -21.21
N PHE B 855 -4.02 12.27 -21.47
CA PHE B 855 -3.01 11.40 -22.06
C PHE B 855 -2.60 10.28 -21.11
N ASN B 856 -2.74 10.53 -19.81
CA ASN B 856 -2.37 9.55 -18.81
C ASN B 856 -3.57 8.78 -18.27
N GLY B 857 -4.70 8.85 -18.96
CA GLY B 857 -5.85 8.02 -18.62
C GLY B 857 -6.76 8.60 -17.53
N LEU B 858 -6.67 9.90 -17.28
CA LEU B 858 -7.51 10.51 -16.25
C LEU B 858 -8.55 11.43 -16.87
N THR B 859 -9.82 11.17 -16.62
CA THR B 859 -10.87 12.00 -17.17
C THR B 859 -11.89 12.43 -16.12
N VAL B 860 -12.80 13.30 -16.52
CA VAL B 860 -13.87 13.79 -15.66
C VAL B 860 -15.22 13.64 -16.32
N LEU B 861 -16.19 13.12 -15.58
CA LEU B 861 -17.51 12.88 -16.11
C LEU B 861 -18.50 13.95 -15.63
N PRO B 862 -19.45 14.34 -16.48
CA PRO B 862 -20.51 15.29 -16.21
C PRO B 862 -21.56 14.69 -15.27
N PRO B 863 -22.28 15.53 -14.53
CA PRO B 863 -23.42 15.21 -13.69
C PRO B 863 -24.64 14.89 -14.53
N LEU B 864 -25.54 14.07 -13.99
CA LEU B 864 -26.77 13.72 -14.68
C LEU B 864 -27.70 14.92 -14.81
N LEU B 865 -27.76 15.74 -13.76
CA LEU B 865 -28.63 16.92 -13.77
C LEU B 865 -27.86 18.17 -14.15
N THR B 866 -28.37 18.90 -15.13
CA THR B 866 -27.77 20.15 -15.56
C THR B 866 -28.13 21.24 -14.57
N ASP B 867 -27.50 22.40 -14.70
CA ASP B 867 -27.73 23.50 -13.77
C ASP B 867 -29.12 24.08 -13.93
N ASP B 868 -29.65 24.04 -15.14
CA ASP B 868 -31.00 24.52 -15.41
C ASP B 868 -32.04 23.63 -14.75
N MET B 869 -31.74 22.34 -14.63
CA MET B 869 -32.66 21.39 -14.00
C MET B 869 -32.65 21.58 -12.49
N ILE B 870 -31.49 21.90 -11.93
CA ILE B 870 -31.41 22.19 -10.51
C ILE B 870 -32.17 23.46 -10.21
N ALA B 871 -31.98 24.47 -11.05
CA ALA B 871 -32.69 25.73 -10.91
C ALA B 871 -34.19 25.53 -11.00
N ALA B 872 -34.62 24.61 -11.87
CA ALA B 872 -36.04 24.31 -12.02
C ALA B 872 -36.61 23.75 -10.72
N TYR B 873 -35.82 22.96 -10.00
CA TYR B 873 -36.28 22.39 -8.75
C TYR B 873 -36.43 23.47 -7.68
N THR B 874 -35.45 24.36 -7.58
CA THR B 874 -35.50 25.39 -6.55
C THR B 874 -36.61 26.39 -6.84
N ALA B 875 -36.84 26.69 -8.12
CA ALA B 875 -37.90 27.60 -8.50
C ALA B 875 -39.26 27.00 -8.12
N ALA B 876 -39.42 25.70 -8.33
CA ALA B 876 -40.66 25.01 -7.99
C ALA B 876 -40.90 25.01 -6.50
N LEU B 877 -39.84 24.81 -5.72
CA LEU B 877 -39.97 24.76 -4.26
C LEU B 877 -40.40 26.11 -3.70
N ILE B 878 -39.87 27.19 -4.24
CA ILE B 878 -40.24 28.52 -3.78
C ILE B 878 -41.63 28.89 -4.27
N SER B 879 -41.91 28.64 -5.55
CA SER B 879 -43.18 29.01 -6.16
C SER B 879 -44.35 28.30 -5.48
N GLY B 880 -44.13 27.06 -5.09
CA GLY B 880 -45.17 26.27 -4.45
C GLY B 880 -45.31 26.58 -2.97
N THR B 881 -44.43 27.43 -2.43
CA THR B 881 -44.48 27.82 -1.03
C THR B 881 -45.14 29.19 -0.89
N ALA B 882 -44.86 30.07 -1.85
CA ALA B 882 -45.41 31.41 -1.85
C ALA B 882 -46.91 31.39 -2.11
N THR B 883 -47.38 30.30 -2.69
CA THR B 883 -48.77 30.20 -3.12
C THR B 883 -49.61 29.13 -2.40
N ALA B 884 -48.96 28.23 -1.66
CA ALA B 884 -49.70 27.12 -1.05
C ALA B 884 -49.01 26.54 0.18
N GLY B 885 -49.78 25.82 1.00
CA GLY B 885 -49.25 25.08 2.13
C GLY B 885 -49.30 23.58 1.87
N TYR B 886 -48.95 22.78 2.88
CA TYR B 886 -48.90 21.32 2.76
C TYR B 886 -48.11 20.90 1.52
N THR B 887 -46.97 21.56 1.32
CA THR B 887 -46.13 21.34 0.15
C THR B 887 -45.22 20.14 0.32
N PHE B 888 -45.09 19.66 1.55
CA PHE B 888 -44.24 18.51 1.81
C PHE B 888 -44.92 17.23 1.37
N GLY B 889 -46.25 17.24 1.43
CA GLY B 889 -47.04 16.12 0.96
C GLY B 889 -47.39 16.34 -0.51
N ALA B 890 -47.99 17.49 -0.79
CA ALA B 890 -48.32 17.93 -2.14
C ALA B 890 -49.23 16.95 -2.87
N GLY B 891 -49.84 16.03 -2.14
CA GLY B 891 -50.83 15.13 -2.73
C GLY B 891 -52.16 15.87 -2.80
N ALA B 892 -52.22 16.98 -2.08
CA ALA B 892 -53.37 17.84 -2.02
C ALA B 892 -52.93 19.24 -1.63
N ALA B 893 -52.09 19.86 -2.46
CA ALA B 893 -51.54 21.16 -2.11
C ALA B 893 -52.69 22.12 -1.81
N LEU B 894 -52.55 22.87 -0.73
CA LEU B 894 -53.64 23.74 -0.29
C LEU B 894 -53.33 25.20 -0.51
N GLN B 895 -54.07 25.84 -1.41
CA GLN B 895 -53.88 27.24 -1.72
C GLN B 895 -54.14 28.12 -0.50
N ILE B 896 -53.26 29.09 -0.29
CA ILE B 896 -53.41 30.05 0.81
C ILE B 896 -52.76 31.39 0.44
N PRO B 897 -53.34 32.52 0.84
CA PRO B 897 -52.76 33.85 0.77
C PRO B 897 -51.45 33.88 1.55
N PHE B 898 -50.46 34.59 1.04
CA PHE B 898 -49.16 34.59 1.71
C PHE B 898 -49.23 35.19 3.11
N PRO B 899 -49.88 36.35 3.32
CA PRO B 899 -50.04 37.01 4.61
C PRO B 899 -50.65 36.08 5.65
N MET B 900 -51.54 35.19 5.21
CA MET B 900 -52.16 34.25 6.14
C MET B 900 -51.22 33.11 6.48
N GLN B 901 -50.35 32.76 5.54
CA GLN B 901 -49.36 31.74 5.80
C GLN B 901 -48.39 32.27 6.85
N MET B 902 -48.05 33.56 6.73
CA MET B 902 -47.18 34.20 7.69
C MET B 902 -47.81 34.25 9.08
N ALA B 903 -49.12 34.51 9.12
CA ALA B 903 -49.85 34.55 10.39
C ALA B 903 -49.71 33.22 11.11
N TYR B 904 -49.84 32.14 10.37
CA TYR B 904 -49.68 30.80 10.91
C TYR B 904 -48.28 30.61 11.46
N ARG B 905 -47.29 31.04 10.68
CA ARG B 905 -45.89 30.92 11.07
C ARG B 905 -45.57 31.73 12.33
N PHE B 906 -46.25 32.86 12.52
CA PHE B 906 -46.09 33.68 13.72
C PHE B 906 -46.68 32.98 14.95
N ASN B 907 -47.85 32.37 14.79
CA ASN B 907 -48.45 31.63 15.90
C ASN B 907 -47.51 30.51 16.35
N GLY B 908 -46.80 29.94 15.38
CA GLY B 908 -45.87 28.84 15.62
C GLY B 908 -44.67 29.22 16.48
N ILE B 909 -44.44 30.52 16.68
CA ILE B 909 -43.32 30.96 17.49
C ILE B 909 -43.79 31.63 18.77
N GLY B 910 -45.08 31.47 19.09
CA GLY B 910 -45.63 32.00 20.32
C GLY B 910 -46.01 33.47 20.24
N VAL B 911 -46.25 33.97 19.04
CA VAL B 911 -46.64 35.37 18.88
C VAL B 911 -48.02 35.46 18.27
N THR B 912 -48.94 36.12 18.97
CA THR B 912 -50.32 36.22 18.51
C THR B 912 -50.38 36.81 17.10
N GLN B 913 -51.18 36.21 16.23
CA GLN B 913 -51.21 36.57 14.82
C GLN B 913 -51.69 37.99 14.53
N ASN B 914 -52.32 38.62 15.50
CA ASN B 914 -52.79 39.99 15.29
C ASN B 914 -51.61 40.92 15.13
N VAL B 915 -50.44 40.49 15.63
CA VAL B 915 -49.24 41.29 15.55
C VAL B 915 -48.83 41.46 14.10
N LEU B 916 -48.88 40.38 13.33
CA LEU B 916 -48.54 40.42 11.92
C LEU B 916 -49.46 41.35 11.15
N TYR B 917 -50.76 41.17 11.34
CA TYR B 917 -51.71 41.92 10.53
C TYR B 917 -51.62 43.41 10.81
N GLU B 918 -51.50 43.79 12.08
CA GLU B 918 -51.40 45.19 12.43
C GLU B 918 -50.11 45.82 11.92
N ASN B 919 -49.04 45.04 11.90
CA ASN B 919 -47.74 45.53 11.48
C ASN B 919 -47.32 44.94 10.13
N GLN B 920 -48.28 44.52 9.32
CA GLN B 920 -47.95 43.87 8.05
C GLN B 920 -47.06 44.73 7.16
N LYS B 921 -47.29 46.03 7.14
CA LYS B 921 -46.52 46.92 6.28
C LYS B 921 -45.06 46.97 6.68
N GLN B 922 -44.78 47.07 7.98
CA GLN B 922 -43.38 47.12 8.47
C GLN B 922 -42.71 45.77 8.27
N ILE B 923 -43.44 44.69 8.55
CA ILE B 923 -42.87 43.35 8.43
C ILE B 923 -42.47 43.06 6.99
N ALA B 924 -43.34 43.41 6.05
CA ALA B 924 -43.03 43.22 4.64
C ALA B 924 -41.80 44.04 4.25
N ASN B 925 -41.67 45.25 4.79
CA ASN B 925 -40.54 46.10 4.48
C ASN B 925 -39.24 45.53 5.04
N GLN B 926 -39.28 45.00 6.26
CA GLN B 926 -38.10 44.40 6.86
C GLN B 926 -37.67 43.16 6.08
N PHE B 927 -38.64 42.39 5.63
CA PHE B 927 -38.37 41.21 4.83
C PHE B 927 -37.66 41.60 3.54
N ASN B 928 -38.20 42.58 2.84
CA ASN B 928 -37.67 43.00 1.56
C ASN B 928 -36.25 43.55 1.69
N ASN B 929 -35.99 44.26 2.78
CA ASN B 929 -34.67 44.82 3.01
C ASN B 929 -33.67 43.72 3.36
N ALA B 930 -34.09 42.78 4.18
CA ALA B 930 -33.23 41.69 4.62
C ALA B 930 -32.78 40.85 3.44
N ILE B 931 -33.67 40.65 2.46
CA ILE B 931 -33.33 39.89 1.26
C ILE B 931 -32.33 40.67 0.40
N SER B 932 -32.55 41.97 0.25
CA SER B 932 -31.67 42.79 -0.57
C SER B 932 -30.24 42.76 -0.02
N LYS B 933 -30.11 42.71 1.29
CA LYS B 933 -28.81 42.67 1.93
C LYS B 933 -28.04 41.40 1.64
N ILE B 934 -28.72 40.36 1.16
CA ILE B 934 -28.06 39.09 0.89
C ILE B 934 -27.09 39.23 -0.27
N GLN B 935 -27.51 39.93 -1.33
CA GLN B 935 -26.63 40.11 -2.47
C GLN B 935 -25.44 40.97 -2.10
N ASP B 936 -25.65 41.99 -1.27
CA ASP B 936 -24.55 42.85 -0.87
C ASP B 936 -23.56 42.09 0.00
N SER B 937 -24.09 41.25 0.88
CA SER B 937 -23.24 40.47 1.78
C SER B 937 -22.38 39.50 0.99
N LEU B 938 -22.98 38.79 0.03
CA LEU B 938 -22.26 37.83 -0.78
C LEU B 938 -21.24 38.52 -1.71
N THR B 939 -21.65 39.62 -2.33
CA THR B 939 -20.77 40.31 -3.27
C THR B 939 -19.48 40.77 -2.62
N THR B 940 -19.59 41.29 -1.40
CA THR B 940 -18.45 41.84 -0.70
C THR B 940 -17.74 40.85 0.22
N THR B 941 -18.20 39.59 0.23
CA THR B 941 -17.60 38.57 1.08
C THR B 941 -17.30 37.29 0.32
N PRO B 942 -16.16 37.22 -0.40
CA PRO B 942 -15.72 36.11 -1.22
C PRO B 942 -15.61 34.81 -0.44
N ALA B 943 -15.42 34.92 0.87
CA ALA B 943 -15.26 33.76 1.74
C ALA B 943 -16.60 33.15 2.11
N ALA B 944 -17.70 33.80 1.75
CA ALA B 944 -19.03 33.35 2.14
C ALA B 944 -19.30 31.94 1.63
N LEU B 945 -18.78 31.63 0.46
CA LEU B 945 -19.00 30.34 -0.17
C LEU B 945 -17.75 29.48 -0.15
N GLY B 946 -16.85 29.77 0.78
CA GLY B 946 -15.57 29.09 0.86
C GLY B 946 -15.70 27.58 0.91
N LYS B 947 -16.78 27.09 1.51
CA LYS B 947 -17.01 25.65 1.62
C LYS B 947 -17.11 24.98 0.26
N LEU B 948 -17.69 25.67 -0.72
CA LEU B 948 -17.88 25.08 -2.03
C LEU B 948 -16.60 25.20 -2.83
N GLN B 949 -15.85 26.26 -2.58
CA GLN B 949 -14.57 26.47 -3.23
C GLN B 949 -13.57 25.40 -2.79
N ASP B 950 -13.63 25.03 -1.52
CA ASP B 950 -12.73 24.01 -0.99
C ASP B 950 -12.95 22.67 -1.66
N VAL B 951 -14.20 22.33 -1.94
CA VAL B 951 -14.49 21.06 -2.61
C VAL B 951 -13.86 21.03 -4.00
N ILE B 952 -14.00 22.13 -4.74
CA ILE B 952 -13.46 22.22 -6.07
C ILE B 952 -11.94 22.12 -6.07
N ASN B 953 -11.31 22.84 -5.16
CA ASN B 953 -9.85 22.89 -5.10
C ASN B 953 -9.25 21.56 -4.66
N GLN B 954 -9.89 20.88 -3.72
CA GLN B 954 -9.37 19.60 -3.25
C GLN B 954 -9.33 18.56 -4.36
N ASN B 955 -10.35 18.56 -5.20
CA ASN B 955 -10.42 17.59 -6.28
C ASN B 955 -9.41 17.93 -7.38
N ALA B 956 -9.24 19.21 -7.66
CA ALA B 956 -8.29 19.65 -8.67
C ALA B 956 -6.86 19.27 -8.29
N VAL B 957 -6.54 19.44 -7.01
CA VAL B 957 -5.20 19.12 -6.53
C VAL B 957 -4.93 17.63 -6.59
N ALA B 958 -5.90 16.81 -6.17
CA ALA B 958 -5.71 15.37 -6.16
C ALA B 958 -5.38 14.84 -7.55
N LEU B 959 -6.05 15.35 -8.58
CA LEU B 959 -5.79 14.89 -9.93
C LEU B 959 -4.43 15.34 -10.45
N ASN B 960 -4.05 16.57 -10.16
CA ASN B 960 -2.76 17.08 -10.62
C ASN B 960 -1.63 16.40 -9.90
N THR B 961 -1.84 16.09 -8.62
CA THR B 961 -0.83 15.40 -7.85
C THR B 961 -0.60 14.01 -8.42
N LEU B 962 -1.68 13.33 -8.79
CA LEU B 962 -1.59 11.99 -9.33
C LEU B 962 -0.78 11.96 -10.63
N VAL B 963 -1.03 12.92 -11.52
CA VAL B 963 -0.30 12.97 -12.79
C VAL B 963 1.19 13.15 -12.57
N LYS B 964 1.54 14.02 -11.64
CA LYS B 964 2.93 14.36 -11.36
C LYS B 964 3.72 13.22 -10.71
N GLN B 965 3.04 12.13 -10.36
CA GLN B 965 3.71 10.98 -9.71
C GLN B 965 4.18 10.01 -10.79
N LEU B 966 3.97 10.34 -12.06
CA LEU B 966 4.44 9.52 -13.16
C LEU B 966 5.87 9.91 -13.54
N SER B 967 6.35 11.01 -12.96
CA SER B 967 7.71 11.46 -13.21
C SER B 967 8.69 10.83 -12.23
N SER B 968 8.16 10.09 -11.26
CA SER B 968 9.00 9.46 -10.25
C SER B 968 9.65 8.18 -10.76
N ASN B 969 10.90 7.95 -10.31
CA ASN B 969 11.64 6.77 -10.68
C ASN B 969 11.31 5.58 -9.79
N PHE B 970 10.96 5.85 -8.54
CA PHE B 970 10.64 4.80 -7.57
C PHE B 970 11.78 3.81 -7.37
N GLY B 971 13.01 4.26 -7.59
CA GLY B 971 14.19 3.43 -7.41
C GLY B 971 14.71 2.86 -8.72
N ALA B 972 13.92 3.00 -9.78
CA ALA B 972 14.31 2.51 -11.09
C ALA B 972 15.30 3.48 -11.74
N ILE B 973 16.02 3.00 -12.75
CA ILE B 973 16.96 3.83 -13.49
C ILE B 973 16.27 4.93 -14.27
N SER B 974 14.98 4.76 -14.54
CA SER B 974 14.24 5.73 -15.32
C SER B 974 12.77 5.70 -14.99
N SER B 975 12.12 6.85 -15.14
CA SER B 975 10.68 6.97 -14.98
C SER B 975 9.95 6.56 -16.25
N VAL B 976 10.70 6.35 -17.33
CA VAL B 976 10.12 6.05 -18.62
C VAL B 976 10.32 4.59 -19.02
N LEU B 977 9.22 3.88 -19.24
CA LEU B 977 9.26 2.46 -19.56
C LEU B 977 9.96 2.20 -20.89
N ASN B 978 9.79 3.09 -21.85
CA ASN B 978 10.39 2.91 -23.16
C ASN B 978 11.91 2.99 -23.09
N ASP B 979 12.44 3.80 -22.16
CA ASP B 979 13.88 3.95 -22.03
C ASP B 979 14.49 2.71 -21.37
N ILE B 980 13.74 2.12 -20.44
CA ILE B 980 14.18 0.89 -19.81
C ILE B 980 14.21 -0.25 -20.81
N LEU B 981 13.14 -0.36 -21.61
CA LEU B 981 13.03 -1.41 -22.62
C LEU B 981 14.03 -1.23 -23.74
N SER B 982 14.32 0.03 -24.08
CA SER B 982 15.29 0.34 -25.12
C SER B 982 16.69 -0.13 -24.75
N ARG B 983 17.05 0.03 -23.48
CA ARG B 983 18.40 -0.25 -23.02
C ARG B 983 18.63 -1.68 -22.48
N LEU B 984 17.61 -2.26 -21.85
CA LEU B 984 17.81 -3.54 -21.16
C LEU B 984 17.00 -4.70 -21.74
N ASP B 985 17.55 -5.91 -21.62
CA ASP B 985 16.83 -7.14 -21.91
C ASP B 985 16.05 -7.59 -20.67
N PRO B 986 15.00 -8.40 -20.83
CA PRO B 986 14.09 -8.86 -19.79
C PRO B 986 14.75 -9.28 -18.46
N PRO B 987 15.85 -10.03 -18.43
CA PRO B 987 16.49 -10.50 -17.21
C PRO B 987 16.82 -9.35 -16.27
N GLU B 988 17.01 -8.15 -16.82
CA GLU B 988 17.32 -6.97 -16.03
C GLU B 988 16.20 -5.93 -16.12
N ALA B 989 15.54 -5.89 -17.29
CA ALA B 989 14.50 -4.90 -17.54
C ALA B 989 13.31 -5.13 -16.62
N GLU B 990 13.01 -6.40 -16.34
CA GLU B 990 11.86 -6.74 -15.52
C GLU B 990 12.01 -6.19 -14.11
N VAL B 991 13.24 -6.14 -13.61
CA VAL B 991 13.49 -5.61 -12.28
C VAL B 991 13.19 -4.13 -12.25
N GLN B 992 13.66 -3.41 -13.26
CA GLN B 992 13.45 -1.98 -13.33
C GLN B 992 11.97 -1.64 -13.55
N ILE B 993 11.30 -2.46 -14.35
CA ILE B 993 9.89 -2.25 -14.64
C ILE B 993 9.03 -2.54 -13.42
N ASP B 994 9.32 -3.63 -12.72
CA ASP B 994 8.55 -3.97 -11.52
C ASP B 994 8.57 -2.83 -10.52
N ARG B 995 9.71 -2.15 -10.40
CA ARG B 995 9.80 -1.01 -9.49
C ARG B 995 8.84 0.11 -9.89
N LEU B 996 8.72 0.36 -11.19
CA LEU B 996 7.81 1.40 -11.66
C LEU B 996 6.35 0.99 -11.53
N ILE B 997 6.04 -0.26 -11.82
CA ILE B 997 4.65 -0.71 -11.72
C ILE B 997 4.17 -0.65 -10.29
N THR B 998 5.01 -1.11 -9.35
CA THR B 998 4.60 -1.13 -7.93
C THR B 998 4.32 0.30 -7.47
N GLY B 999 5.26 1.23 -7.70
CA GLY B 999 5.09 2.62 -7.24
C GLY B 999 3.91 3.32 -7.87
N ARG B 1000 3.70 3.14 -9.17
CA ARG B 1000 2.53 3.74 -9.88
C ARG B 1000 1.22 3.16 -9.32
N LEU B 1001 1.19 1.86 -9.07
CA LEU B 1001 -0.02 1.20 -8.49
C LEU B 1001 -0.32 1.74 -7.09
N GLN B 1002 0.72 1.93 -6.27
CA GLN B 1002 0.53 2.46 -4.91
C GLN B 1002 -0.02 3.88 -4.99
N SER B 1003 0.49 4.68 -5.93
CA SER B 1003 0.02 6.07 -6.10
C SER B 1003 -1.46 6.10 -6.51
N LEU B 1004 -1.88 5.22 -7.41
CA LEU B 1004 -3.31 5.11 -7.82
C LEU B 1004 -4.15 4.66 -6.62
N GLN B 1005 -3.65 3.70 -5.85
CA GLN B 1005 -4.40 3.15 -4.69
C GLN B 1005 -4.62 4.24 -3.65
N THR B 1006 -3.63 5.09 -3.42
CA THR B 1006 -3.75 6.17 -2.41
C THR B 1006 -4.76 7.20 -2.91
N TYR B 1007 -4.78 7.46 -4.22
CA TYR B 1007 -5.78 8.37 -4.76
C TYR B 1007 -7.19 7.86 -4.53
N VAL B 1008 -7.43 6.60 -4.88
CA VAL B 1008 -8.76 6.03 -4.76
C VAL B 1008 -9.22 5.98 -3.31
N THR B 1009 -8.32 5.58 -2.42
CA THR B 1009 -8.65 5.51 -1.00
C THR B 1009 -9.10 6.86 -0.46
N GLN B 1010 -8.39 7.93 -0.80
CA GLN B 1010 -8.73 9.27 -0.28
C GLN B 1010 -10.03 9.77 -0.91
N GLN B 1011 -10.37 9.32 -2.12
CA GLN B 1011 -11.64 9.70 -2.73
C GLN B 1011 -12.80 9.03 -2.01
N LEU B 1012 -12.60 7.81 -1.54
CA LEU B 1012 -13.64 7.10 -0.80
C LEU B 1012 -13.91 7.76 0.54
N ILE B 1013 -12.83 8.20 1.20
CA ILE B 1013 -12.97 8.89 2.48
C ILE B 1013 -13.70 10.22 2.28
N ARG B 1014 -13.30 10.98 1.27
CA ARG B 1014 -13.93 12.26 0.98
C ARG B 1014 -15.39 12.08 0.59
N ALA B 1015 -15.69 11.02 -0.16
CA ALA B 1015 -17.05 10.75 -0.59
C ALA B 1015 -17.97 10.55 0.60
N ALA B 1016 -17.46 9.90 1.64
CA ALA B 1016 -18.24 9.67 2.84
C ALA B 1016 -18.59 10.98 3.52
N GLU B 1017 -17.66 11.93 3.50
CA GLU B 1017 -17.88 13.24 4.13
C GLU B 1017 -18.93 14.05 3.38
N ILE B 1018 -18.88 13.99 2.05
CA ILE B 1018 -19.85 14.69 1.22
C ILE B 1018 -21.23 14.07 1.32
N ARG B 1019 -21.31 12.74 1.41
CA ARG B 1019 -22.61 12.09 1.57
C ARG B 1019 -23.26 12.53 2.86
N ALA B 1020 -22.47 12.63 3.93
CA ALA B 1020 -23.00 13.09 5.21
C ALA B 1020 -23.56 14.50 5.10
N SER B 1021 -22.86 15.36 4.35
CA SER B 1021 -23.31 16.73 4.14
C SER B 1021 -24.58 16.77 3.28
N ALA B 1022 -24.64 15.90 2.28
CA ALA B 1022 -25.81 15.83 1.42
C ALA B 1022 -27.03 15.40 2.20
N ASN B 1023 -26.84 14.48 3.15
CA ASN B 1023 -27.94 14.01 3.98
C ASN B 1023 -28.47 15.11 4.87
N LEU B 1024 -27.57 15.94 5.37
CA LEU B 1024 -27.96 17.08 6.20
C LEU B 1024 -28.72 18.10 5.38
N ALA B 1025 -28.24 18.36 4.17
CA ALA B 1025 -28.89 19.31 3.28
C ALA B 1025 -30.30 18.85 2.94
N ALA B 1026 -30.47 17.56 2.71
CA ALA B 1026 -31.78 16.99 2.39
C ALA B 1026 -32.72 17.13 3.58
N THR B 1027 -32.19 16.94 4.78
CA THR B 1027 -33.00 17.06 6.00
C THR B 1027 -33.48 18.49 6.16
N LYS B 1028 -32.60 19.46 5.93
CA LYS B 1028 -32.96 20.87 6.02
C LYS B 1028 -33.99 21.24 4.97
N MET B 1029 -33.89 20.66 3.78
CA MET B 1029 -34.88 20.95 2.75
C MET B 1029 -36.27 20.55 3.25
N SER B 1030 -36.36 19.41 3.92
CA SER B 1030 -37.63 18.91 4.43
C SER B 1030 -38.13 19.68 5.65
N GLU B 1031 -37.24 20.01 6.57
CA GLU B 1031 -37.64 20.60 7.84
C GLU B 1031 -37.61 22.13 7.90
N CYS B 1032 -36.78 22.77 7.07
CA CYS B 1032 -36.62 24.24 7.07
C CYS B 1032 -37.41 24.86 5.93
N VAL B 1033 -37.38 24.25 4.76
CA VAL B 1033 -38.05 24.81 3.58
C VAL B 1033 -39.48 24.34 3.42
N LEU B 1034 -39.70 23.04 3.54
CA LEU B 1034 -41.05 22.47 3.34
C LEU B 1034 -41.85 22.42 4.62
N GLY B 1035 -41.34 23.06 5.67
CA GLY B 1035 -42.03 23.11 6.95
C GLY B 1035 -41.41 24.13 7.89
N GLN B 1036 -41.90 24.16 9.13
CA GLN B 1036 -41.37 25.08 10.14
C GLN B 1036 -40.71 24.28 11.25
N SER B 1037 -39.47 24.64 11.58
CA SER B 1037 -38.71 23.88 12.57
C SER B 1037 -38.91 24.39 13.99
N LYS B 1038 -38.91 23.45 14.93
CA LYS B 1038 -38.98 23.76 16.35
C LYS B 1038 -37.64 23.53 17.03
N ARG B 1039 -36.64 23.18 16.23
CA ARG B 1039 -35.31 22.85 16.74
C ARG B 1039 -34.46 24.11 16.82
N VAL B 1040 -33.82 24.30 17.97
CA VAL B 1040 -33.00 25.49 18.21
C VAL B 1040 -31.73 25.48 17.38
N ASP B 1041 -31.47 26.60 16.72
CA ASP B 1041 -30.28 26.79 15.89
C ASP B 1041 -30.13 25.72 14.82
N PHE B 1042 -31.25 25.34 14.21
CA PHE B 1042 -31.22 24.39 13.10
C PHE B 1042 -31.48 25.07 11.75
N CYS B 1043 -32.40 26.05 11.75
CA CYS B 1043 -32.81 26.77 10.55
C CYS B 1043 -32.61 28.28 10.76
N GLY B 1044 -31.42 28.67 11.18
CA GLY B 1044 -31.15 30.07 11.47
C GLY B 1044 -30.73 30.27 12.92
N LYS B 1045 -30.67 31.52 13.35
CA LYS B 1045 -30.19 31.83 14.70
C LYS B 1045 -31.32 32.29 15.64
N GLY B 1046 -32.41 32.78 15.08
CA GLY B 1046 -33.53 33.29 15.87
C GLY B 1046 -34.68 32.29 15.85
N TYR B 1047 -35.91 32.79 15.89
CA TYR B 1047 -37.08 31.92 15.84
C TYR B 1047 -37.45 31.68 14.38
N HIS B 1048 -37.46 30.42 13.96
CA HIS B 1048 -37.65 30.10 12.55
C HIS B 1048 -39.06 30.38 12.07
N LEU B 1049 -39.16 31.09 10.94
CA LEU B 1049 -40.43 31.32 10.27
C LEU B 1049 -40.51 30.51 8.98
N MET B 1050 -39.57 30.79 8.06
CA MET B 1050 -39.57 30.12 6.73
C MET B 1050 -38.17 30.12 6.09
N SER B 1051 -37.91 29.23 5.13
CA SER B 1051 -36.63 29.21 4.42
C SER B 1051 -36.83 29.08 2.92
N PHE B 1052 -35.83 29.52 2.15
CA PHE B 1052 -35.84 29.37 0.71
C PHE B 1052 -34.48 28.86 0.22
N PRO B 1053 -34.44 27.81 -0.60
CA PRO B 1053 -33.25 27.24 -1.21
C PRO B 1053 -32.80 28.06 -2.41
N GLN B 1054 -31.49 28.05 -2.66
CA GLN B 1054 -30.91 28.62 -3.87
C GLN B 1054 -29.87 27.66 -4.43
N ALA B 1055 -29.83 27.51 -5.75
CA ALA B 1055 -28.87 26.63 -6.40
C ALA B 1055 -27.46 27.20 -6.35
N ALA B 1056 -26.47 26.32 -6.27
CA ALA B 1056 -25.07 26.70 -6.34
C ALA B 1056 -24.26 25.53 -6.89
N PRO B 1057 -23.11 25.77 -7.51
CA PRO B 1057 -22.16 24.76 -7.95
C PRO B 1057 -21.75 23.85 -6.80
N HIS B 1058 -21.92 22.55 -7.01
CA HIS B 1058 -21.52 21.51 -6.08
C HIS B 1058 -22.20 21.60 -4.70
N GLY B 1059 -23.29 22.35 -4.59
CA GLY B 1059 -23.95 22.45 -3.30
C GLY B 1059 -25.22 23.29 -3.32
N VAL B 1060 -25.75 23.54 -2.12
CA VAL B 1060 -27.00 24.27 -1.96
C VAL B 1060 -26.83 25.39 -0.94
N VAL B 1061 -27.49 26.51 -1.17
CA VAL B 1061 -27.47 27.63 -0.25
C VAL B 1061 -28.87 27.90 0.29
N PHE B 1062 -28.99 27.98 1.61
CA PHE B 1062 -30.29 28.24 2.23
C PHE B 1062 -30.38 29.65 2.78
N LEU B 1063 -31.49 30.32 2.52
CA LEU B 1063 -31.78 31.60 3.13
C LEU B 1063 -32.84 31.41 4.22
N HIS B 1064 -32.45 31.67 5.46
CA HIS B 1064 -33.32 31.41 6.59
C HIS B 1064 -33.94 32.69 7.11
N VAL B 1065 -35.26 32.73 7.16
CA VAL B 1065 -35.98 33.91 7.63
C VAL B 1065 -36.41 33.68 9.07
N THR B 1066 -35.92 34.51 9.98
CA THR B 1066 -36.20 34.33 11.40
C THR B 1066 -36.73 35.58 12.07
N TYR B 1067 -37.46 35.36 13.16
CA TYR B 1067 -37.99 36.41 14.01
C TYR B 1067 -37.04 36.69 15.16
N VAL B 1068 -36.65 37.95 15.31
CA VAL B 1068 -35.73 38.33 16.38
C VAL B 1068 -36.34 39.43 17.25
N PRO B 1069 -36.45 39.20 18.57
CA PRO B 1069 -36.97 40.13 19.56
C PRO B 1069 -35.97 41.24 19.83
N SER B 1070 -36.47 42.42 20.20
CA SER B 1070 -35.59 43.53 20.55
C SER B 1070 -36.28 44.52 21.48
N GLN B 1071 -35.49 45.47 22.01
CA GLN B 1071 -36.02 46.53 22.87
C GLN B 1071 -36.78 45.98 24.08
N GLN B 1072 -36.04 45.26 24.92
CA GLN B 1072 -36.65 44.61 26.10
C GLN B 1072 -36.82 45.59 27.24
N GLN B 1073 -37.93 45.45 27.97
CA GLN B 1073 -38.11 46.24 29.18
C GLN B 1073 -38.34 45.32 30.36
N ASN B 1074 -37.95 45.78 31.54
CA ASN B 1074 -38.15 44.99 32.79
C ASN B 1074 -39.43 45.44 33.48
N PHE B 1075 -40.17 44.42 34.00
CA PHE B 1075 -41.42 44.62 34.74
C PHE B 1075 -41.36 43.85 36.05
N THR B 1076 -42.09 44.31 37.07
CA THR B 1076 -42.22 43.54 38.29
C THR B 1076 -43.14 42.36 38.01
N THR B 1077 -42.79 41.18 38.49
CA THR B 1077 -43.59 39.99 38.22
C THR B 1077 -44.04 39.26 39.48
N ALA B 1078 -44.86 38.23 39.28
CA ALA B 1078 -45.36 37.40 40.36
C ALA B 1078 -45.79 36.04 39.80
N PRO B 1079 -45.57 34.95 40.54
CA PRO B 1079 -45.91 33.58 40.20
C PRO B 1079 -47.41 33.33 40.18
N ALA B 1080 -48.17 34.14 40.91
CA ALA B 1080 -49.61 33.95 41.01
C ALA B 1080 -50.28 35.19 41.58
N ILE B 1081 -51.58 35.29 41.37
CA ILE B 1081 -52.39 36.29 42.03
C ILE B 1081 -53.48 35.68 42.90
N CYS B 1082 -53.60 36.16 44.13
CA CYS B 1082 -54.63 35.81 45.09
C CYS B 1082 -55.84 36.74 45.01
N HIS B 1083 -56.97 36.24 44.61
CA HIS B 1083 -58.17 37.06 44.48
C HIS B 1083 -58.99 37.14 45.77
N ASN B 1084 -59.54 36.00 46.19
CA ASN B 1084 -60.38 35.94 47.37
C ASN B 1084 -59.98 34.76 48.25
N GLY B 1085 -58.67 34.60 48.46
CA GLY B 1085 -58.15 33.48 49.22
C GLY B 1085 -57.88 32.28 48.33
N LYS B 1086 -58.06 32.48 47.02
CA LYS B 1086 -57.82 31.40 46.04
C LYS B 1086 -56.72 31.87 45.08
N ALA B 1087 -55.81 30.98 44.71
CA ALA B 1087 -54.71 31.32 43.82
C ALA B 1087 -55.13 31.23 42.35
N TYR B 1088 -54.74 32.23 41.57
CA TYR B 1088 -54.98 32.23 40.14
C TYR B 1088 -53.67 32.25 39.35
N PHE B 1089 -53.58 31.35 38.38
CA PHE B 1089 -52.42 31.23 37.52
C PHE B 1089 -52.83 31.50 36.08
N PRO B 1090 -51.95 32.08 35.26
CA PRO B 1090 -52.19 32.39 33.87
C PRO B 1090 -52.27 31.11 33.07
N ARG B 1091 -53.14 31.09 32.07
CA ARG B 1091 -53.21 29.94 31.17
C ARG B 1091 -51.96 29.89 30.31
N GLU B 1092 -51.47 31.07 29.94
CA GLU B 1092 -50.24 31.22 29.17
C GLU B 1092 -49.67 32.62 29.45
N GLY B 1093 -48.37 32.77 29.26
CA GLY B 1093 -47.73 34.06 29.46
C GLY B 1093 -47.38 34.30 30.92
N VAL B 1094 -47.14 35.55 31.26
CA VAL B 1094 -46.72 35.91 32.61
C VAL B 1094 -47.51 37.09 33.17
N PHE B 1095 -47.53 37.20 34.49
CA PHE B 1095 -48.08 38.37 35.17
C PHE B 1095 -47.02 39.45 35.30
N VAL B 1096 -47.35 40.65 34.84
CA VAL B 1096 -46.42 41.77 34.97
C VAL B 1096 -47.11 43.02 35.48
N MET B 1097 -46.37 43.87 36.22
CA MET B 1097 -46.92 45.18 36.65
C MET B 1097 -46.26 46.27 35.80
N ASN B 1098 -47.05 47.17 35.22
CA ASN B 1098 -46.55 48.24 34.31
C ASN B 1098 -46.09 49.48 35.10
N GLY B 1099 -46.13 49.38 36.45
CA GLY B 1099 -45.79 50.47 37.37
C GLY B 1099 -47.03 50.85 38.19
N THR B 1100 -48.23 50.56 37.66
CA THR B 1100 -49.46 50.87 38.37
C THR B 1100 -50.43 49.70 38.41
N HIS B 1101 -50.57 49.01 37.30
CA HIS B 1101 -51.54 47.93 37.22
C HIS B 1101 -50.91 46.65 36.68
N TRP B 1102 -51.48 45.54 37.08
CA TRP B 1102 -51.02 44.22 36.65
C TRP B 1102 -51.77 43.74 35.41
N PHE B 1103 -51.04 43.10 34.51
CA PHE B 1103 -51.57 42.59 33.25
C PHE B 1103 -51.00 41.21 32.92
N ILE B 1104 -51.62 40.54 31.95
CA ILE B 1104 -51.06 39.29 31.42
C ILE B 1104 -50.51 39.50 30.02
N THR B 1105 -49.27 39.14 29.81
CA THR B 1105 -48.66 39.32 28.50
C THR B 1105 -47.91 38.08 28.05
N GLN B 1106 -47.60 38.01 26.75
CA GLN B 1106 -46.83 36.87 26.23
C GLN B 1106 -45.34 37.16 26.45
N ARG B 1107 -44.49 36.13 26.49
CA ARG B 1107 -43.06 36.26 26.74
C ARG B 1107 -42.29 36.77 25.53
N ASN B 1108 -42.77 36.47 24.32
CA ASN B 1108 -42.02 36.81 23.12
C ASN B 1108 -42.44 38.15 22.51
N PHE B 1109 -43.41 38.82 23.12
CA PHE B 1109 -43.84 40.13 22.65
C PHE B 1109 -44.77 40.79 23.66
N TYR B 1110 -44.39 41.97 24.13
CA TYR B 1110 -45.19 42.67 25.13
C TYR B 1110 -46.49 43.20 24.54
N SER B 1111 -47.60 42.75 25.09
CA SER B 1111 -48.93 43.16 24.66
C SER B 1111 -49.96 42.88 25.74
N PRO B 1112 -50.02 43.73 26.77
CA PRO B 1112 -50.65 43.48 28.05
C PRO B 1112 -52.17 43.39 27.96
N GLN B 1113 -52.71 42.34 28.56
CA GLN B 1113 -54.15 42.12 28.59
C GLN B 1113 -54.69 42.28 30.00
N VAL B 1114 -55.98 42.56 30.12
CA VAL B 1114 -56.62 42.66 31.43
C VAL B 1114 -56.74 41.28 32.07
N ILE B 1115 -56.49 41.21 33.37
CA ILE B 1115 -56.60 39.96 34.10
C ILE B 1115 -58.06 39.63 34.35
N THR B 1116 -58.52 38.54 33.78
CA THR B 1116 -59.91 38.12 33.90
C THR B 1116 -59.98 36.64 34.23
N THR B 1117 -61.17 36.17 34.55
CA THR B 1117 -61.38 34.76 34.88
C THR B 1117 -61.22 33.86 33.66
N ASP B 1118 -61.10 34.46 32.49
CA ASP B 1118 -60.93 33.71 31.25
C ASP B 1118 -59.46 33.52 30.90
N ASN B 1119 -58.59 34.38 31.43
CA ASN B 1119 -57.17 34.36 31.06
C ASN B 1119 -56.36 33.59 32.08
N THR B 1120 -57.01 33.19 33.16
CA THR B 1120 -56.38 32.48 34.25
C THR B 1120 -57.20 31.25 34.63
N PHE B 1121 -56.64 30.41 35.48
CA PHE B 1121 -57.39 29.32 36.06
C PHE B 1121 -57.22 29.32 37.56
N GLU B 1122 -58.25 28.86 38.26
CA GLU B 1122 -58.23 28.81 39.72
C GLU B 1122 -57.73 27.48 40.22
N SER B 1123 -56.66 27.51 41.00
CA SER B 1123 -56.08 26.31 41.57
C SER B 1123 -55.14 26.65 42.71
N GLY B 1124 -55.28 25.96 43.83
CA GLY B 1124 -54.41 26.19 44.97
C GLY B 1124 -55.10 27.02 46.05
N SER B 1125 -54.55 26.98 47.26
CA SER B 1125 -55.16 27.64 48.41
C SER B 1125 -54.48 28.95 48.84
N CYS B 1126 -53.78 29.63 47.90
CA CYS B 1126 -53.19 30.97 48.11
C CYS B 1126 -51.99 30.97 49.07
N ASP B 1127 -52.18 30.47 50.29
CA ASP B 1127 -51.14 30.50 51.32
C ASP B 1127 -50.03 29.48 51.06
N VAL B 1128 -50.15 28.73 49.97
CA VAL B 1128 -49.15 27.71 49.65
C VAL B 1128 -48.28 28.12 48.47
N VAL B 1129 -48.50 29.32 47.94
CA VAL B 1129 -47.72 29.79 46.81
C VAL B 1129 -46.76 30.89 47.21
N ILE B 1130 -45.46 30.66 47.01
CA ILE B 1130 -44.45 31.63 47.38
C ILE B 1130 -44.44 32.80 46.42
N GLY B 1131 -44.50 34.01 46.96
CA GLY B 1131 -44.41 35.21 46.14
C GLY B 1131 -45.75 35.67 45.59
N ILE B 1132 -46.82 35.03 46.04
CA ILE B 1132 -48.16 35.37 45.57
C ILE B 1132 -48.56 36.77 46.05
N VAL B 1133 -49.23 37.53 45.18
CA VAL B 1133 -49.67 38.87 45.52
C VAL B 1133 -51.18 38.99 45.37
N ASN B 1134 -51.80 39.95 46.05
CA ASN B 1134 -53.23 40.17 45.99
C ASN B 1134 -53.61 41.15 44.89
N ASN B 1135 -54.65 40.83 44.11
CA ASN B 1135 -55.19 41.71 43.07
C ASN B 1135 -56.62 41.31 42.76
N THR B 1136 -57.25 42.02 41.82
CA THR B 1136 -58.61 41.72 41.43
C THR B 1136 -58.66 41.03 40.08
N VAL B 1137 -59.32 39.87 40.05
CA VAL B 1137 -59.53 39.16 38.79
C VAL B 1137 -60.91 39.51 38.26
N TYR B 1138 -60.94 40.12 37.08
CA TYR B 1138 -62.19 40.65 36.55
C TYR B 1138 -63.13 39.57 36.04
N ASP B 1139 -64.37 39.64 36.50
CA ASP B 1139 -65.42 38.73 36.07
C ASP B 1139 -66.29 39.42 35.01
N PRO B 1140 -66.24 38.96 33.75
CA PRO B 1140 -66.84 39.58 32.57
C PRO B 1140 -68.35 39.62 32.63
N LEU B 1141 -68.93 38.87 33.58
CA LEU B 1141 -70.38 38.84 33.74
C LEU B 1141 -70.92 40.05 34.50
N GLN B 1142 -70.02 40.82 35.14
CA GLN B 1142 -70.39 41.98 35.95
C GLN B 1142 -70.32 43.25 35.11
N GLY C 35 45.63 -50.78 29.84
CA GLY C 35 45.37 -49.47 30.43
C GLY C 35 43.86 -49.12 30.47
N CYS C 36 43.01 -50.14 30.60
CA CYS C 36 41.55 -49.94 30.69
C CYS C 36 41.03 -50.67 31.95
N GLY C 37 39.99 -50.05 32.54
CA GLY C 37 39.30 -50.71 33.65
C GLY C 37 38.40 -51.82 33.10
N ILE C 38 38.24 -52.89 33.86
CA ILE C 38 37.42 -54.02 33.42
C ILE C 38 36.22 -54.25 34.32
N LEU C 39 35.02 -54.17 33.73
CA LEU C 39 33.79 -54.49 34.45
C LEU C 39 33.13 -55.68 33.76
N SER C 40 33.50 -56.88 34.20
CA SER C 40 33.09 -58.11 33.50
C SER C 40 31.62 -58.51 33.69
N ASN C 41 30.99 -58.07 34.79
CA ASN C 41 29.60 -58.42 35.11
C ASN C 41 28.83 -57.19 35.55
N LYS C 42 28.02 -56.64 34.63
CA LYS C 42 27.28 -55.39 34.93
C LYS C 42 25.77 -55.62 34.86
N SER C 43 25.02 -54.96 35.73
CA SER C 43 23.56 -55.07 35.76
C SER C 43 22.93 -54.31 34.60
N LYS C 44 21.66 -54.59 34.33
CA LYS C 44 20.94 -53.89 33.26
C LYS C 44 20.37 -52.57 33.77
N PRO C 45 20.31 -51.53 32.90
CA PRO C 45 19.77 -50.21 33.17
C PRO C 45 18.26 -50.27 33.35
N ALA C 46 17.75 -49.43 34.25
CA ALA C 46 16.31 -49.38 34.51
C ALA C 46 15.56 -48.60 33.43
N LEU C 47 16.20 -47.58 32.87
CA LEU C 47 15.59 -46.73 31.85
C LEU C 47 14.26 -46.15 32.33
N THR C 48 14.23 -45.73 33.58
CA THR C 48 13.04 -45.12 34.18
C THR C 48 12.75 -43.77 33.53
N GLN C 49 11.48 -43.48 33.28
CA GLN C 49 11.10 -42.23 32.66
C GLN C 49 10.74 -41.17 33.69
N TYR C 50 11.20 -39.95 33.47
CA TYR C 50 10.95 -38.81 34.36
C TYR C 50 10.38 -37.63 33.60
N SER C 51 9.68 -36.75 34.31
CA SER C 51 9.13 -35.53 33.72
C SER C 51 10.13 -34.38 33.73
N SER C 52 10.36 -33.79 32.57
CA SER C 52 11.33 -32.71 32.39
C SER C 52 10.89 -31.39 32.99
N SER C 53 9.62 -31.29 33.36
CA SER C 53 9.06 -30.05 33.88
C SER C 53 9.18 -28.92 32.87
N ARG C 54 9.77 -27.81 33.29
CA ARG C 54 9.94 -26.67 32.39
C ARG C 54 11.42 -26.35 32.23
N ARG C 55 12.26 -27.35 32.42
CA ARG C 55 13.70 -27.19 32.36
C ARG C 55 14.26 -27.44 30.96
N GLY C 56 15.47 -26.97 30.71
CA GLY C 56 16.16 -27.26 29.44
C GLY C 56 16.18 -26.06 28.50
N PHE C 57 15.62 -24.95 28.92
CA PHE C 57 15.63 -23.75 28.10
C PHE C 57 17.02 -23.10 28.16
N TYR C 58 17.43 -22.47 27.08
CA TYR C 58 18.76 -21.89 27.00
C TYR C 58 18.77 -20.63 26.14
N TYR C 59 19.82 -19.82 26.29
CA TYR C 59 19.98 -18.63 25.46
C TYR C 59 20.26 -19.02 24.03
N PHE C 60 19.38 -18.61 23.13
CA PHE C 60 19.40 -19.04 21.74
C PHE C 60 19.89 -17.98 20.79
N ASP C 61 20.45 -16.89 21.33
CA ASP C 61 20.86 -15.76 20.51
C ASP C 61 22.04 -15.01 21.11
N ASP C 62 22.71 -14.25 20.27
CA ASP C 62 23.81 -13.39 20.68
C ASP C 62 23.31 -11.96 20.92
N THR C 63 22.18 -11.65 20.30
CA THR C 63 21.61 -10.31 20.35
C THR C 63 21.23 -9.88 21.77
N PHE C 64 21.59 -8.65 22.13
CA PHE C 64 21.21 -8.09 23.41
C PHE C 64 19.77 -7.59 23.36
N ARG C 65 18.98 -8.01 24.34
CA ARG C 65 17.58 -7.62 24.42
C ARG C 65 17.23 -7.15 25.82
N SER C 66 16.20 -6.32 25.93
CA SER C 66 15.68 -5.93 27.24
C SER C 66 14.21 -5.55 27.15
N SER C 67 13.48 -5.82 28.24
CA SER C 67 12.07 -5.46 28.35
C SER C 67 11.28 -5.81 27.09
N VAL C 68 11.38 -7.06 26.66
CA VAL C 68 10.74 -7.48 25.42
C VAL C 68 10.36 -8.95 25.42
N ARG C 69 9.29 -9.28 24.71
CA ARG C 69 8.90 -10.67 24.50
C ARG C 69 9.04 -11.03 23.04
N VAL C 70 9.75 -12.12 22.77
CA VAL C 70 9.99 -12.54 21.40
C VAL C 70 9.54 -13.97 21.17
N LEU C 71 8.96 -14.20 20.00
CA LEU C 71 8.52 -15.54 19.62
C LEU C 71 9.53 -16.14 18.65
N THR C 72 10.17 -17.23 19.07
CA THR C 72 11.26 -17.79 18.27
C THR C 72 11.05 -19.27 17.98
N THR C 73 11.86 -19.81 17.07
CA THR C 73 11.80 -21.22 16.75
C THR C 73 13.19 -21.84 16.77
N GLY C 74 13.25 -23.14 17.04
CA GLY C 74 14.52 -23.84 17.05
C GLY C 74 14.41 -25.14 17.83
N TYR C 75 15.55 -25.72 18.16
CA TYR C 75 15.54 -27.00 18.86
C TYR C 75 15.61 -26.82 20.37
N PHE C 76 14.50 -27.16 21.03
CA PHE C 76 14.36 -27.00 22.46
C PHE C 76 13.76 -28.26 23.08
N LEU C 77 13.97 -28.45 24.37
CA LEU C 77 13.36 -29.55 25.09
C LEU C 77 11.89 -29.17 25.37
N PRO C 78 10.90 -29.97 24.94
CA PRO C 78 9.48 -29.74 25.15
C PRO C 78 9.15 -29.71 26.63
N PHE C 79 8.13 -28.96 27.02
CA PHE C 79 7.71 -28.95 28.42
C PHE C 79 7.03 -30.26 28.75
N ASN C 80 7.30 -30.76 29.97
CA ASN C 80 6.77 -32.05 30.42
C ASN C 80 7.11 -33.18 29.46
N SER C 81 8.33 -33.15 28.92
CA SER C 81 8.80 -34.21 28.05
C SER C 81 9.29 -35.39 28.88
N ASN C 82 9.52 -36.54 28.20
CA ASN C 82 10.01 -37.74 28.85
C ASN C 82 11.54 -37.81 28.80
N LEU C 83 12.17 -37.86 29.99
CA LEU C 83 13.62 -38.03 30.13
C LEU C 83 13.90 -39.46 30.55
N THR C 84 14.94 -40.05 29.98
CA THR C 84 15.32 -41.41 30.37
C THR C 84 16.42 -41.37 31.42
N GLY C 85 16.21 -42.09 32.51
CA GLY C 85 17.20 -42.13 33.58
C GLY C 85 18.18 -43.28 33.43
N TYR C 86 19.43 -42.99 33.71
CA TYR C 86 20.52 -43.95 33.73
C TYR C 86 21.28 -43.73 35.02
N SER C 87 21.89 -44.76 35.58
CA SER C 87 22.50 -44.57 36.89
C SER C 87 23.74 -45.41 37.15
N SER C 88 24.41 -45.07 38.25
CA SER C 88 25.56 -45.80 38.76
C SER C 88 25.24 -46.30 40.16
N ARG C 89 25.54 -47.57 40.43
CA ARG C 89 25.26 -48.13 41.75
C ARG C 89 26.41 -48.99 42.26
N ASN C 90 26.66 -48.86 43.56
CA ASN C 90 27.70 -49.62 44.23
C ASN C 90 27.38 -51.12 44.22
N ALA C 91 28.34 -51.93 43.80
CA ALA C 91 28.16 -53.37 43.74
C ALA C 91 28.13 -53.97 45.12
N VAL C 92 27.21 -54.90 45.34
CA VAL C 92 27.10 -55.61 46.60
C VAL C 92 26.96 -57.11 46.32
N THR C 93 27.04 -57.91 47.37
CA THR C 93 26.97 -59.36 47.20
C THR C 93 25.78 -59.80 46.36
N GLY C 94 24.62 -59.19 46.58
CA GLY C 94 23.39 -59.60 45.91
C GLY C 94 23.06 -58.80 44.65
N ARG C 95 23.98 -57.95 44.20
CA ARG C 95 23.72 -57.09 43.04
C ARG C 95 24.99 -56.78 42.25
N LEU C 96 24.92 -56.96 40.94
CA LEU C 96 26.05 -56.65 40.07
C LEU C 96 26.25 -55.16 39.96
N ILE C 97 27.48 -54.74 39.70
CA ILE C 97 27.78 -53.31 39.59
C ILE C 97 26.93 -52.69 38.49
N GLN C 98 26.40 -51.51 38.76
CA GLN C 98 25.62 -50.83 37.75
C GLN C 98 26.41 -49.65 37.21
N PHE C 99 26.79 -49.73 35.95
CA PHE C 99 27.60 -48.71 35.32
C PHE C 99 26.98 -48.40 33.96
N ASP C 100 25.95 -47.57 33.96
CA ASP C 100 25.19 -47.34 32.75
C ASP C 100 25.90 -46.38 31.81
N ASN C 101 26.37 -46.92 30.69
CA ASN C 101 27.10 -46.15 29.70
C ASN C 101 26.85 -46.63 28.27
N PRO C 102 25.59 -46.65 27.83
CA PRO C 102 25.12 -47.05 26.51
C PRO C 102 25.45 -46.01 25.46
N ASN C 103 25.38 -46.40 24.20
CA ASN C 103 25.56 -45.45 23.10
C ASN C 103 24.25 -44.74 22.81
N ILE C 104 24.21 -43.45 23.11
CA ILE C 104 23.00 -42.65 22.99
C ILE C 104 23.03 -41.79 21.74
N PRO C 105 22.01 -41.88 20.87
CA PRO C 105 21.85 -41.07 19.67
C PRO C 105 21.91 -39.59 20.00
N PHE C 106 22.59 -38.82 19.16
CA PHE C 106 22.70 -37.37 19.36
C PHE C 106 21.59 -36.63 18.63
N LYS C 107 21.15 -37.20 17.51
CA LYS C 107 20.10 -36.62 16.68
C LYS C 107 20.35 -35.15 16.38
N ASP C 108 19.40 -34.29 16.72
CA ASP C 108 19.47 -32.87 16.40
C ASP C 108 19.87 -32.03 17.59
N GLY C 109 20.35 -32.68 18.65
CA GLY C 109 20.75 -32.00 19.87
C GLY C 109 20.33 -32.82 21.07
N LEU C 110 21.08 -32.67 22.15
CA LEU C 110 20.84 -33.50 23.33
C LEU C 110 20.79 -32.68 24.62
N TYR C 111 19.83 -33.01 25.48
CA TYR C 111 19.74 -32.42 26.80
C TYR C 111 20.26 -33.40 27.85
N PHE C 112 21.17 -32.93 28.69
CA PHE C 112 21.79 -33.79 29.69
C PHE C 112 21.72 -33.13 31.07
N ALA C 113 21.34 -33.90 32.07
CA ALA C 113 21.34 -33.38 33.44
C ALA C 113 21.69 -34.47 34.42
N ALA C 114 22.29 -34.12 35.54
CA ALA C 114 22.60 -35.13 36.52
C ALA C 114 22.66 -34.59 37.93
N THR C 115 22.35 -35.46 38.88
CA THR C 115 22.43 -35.16 40.30
C THR C 115 23.50 -36.02 40.95
N GLU C 116 24.37 -35.39 41.74
CA GLU C 116 25.52 -36.13 42.29
C GLU C 116 25.90 -35.70 43.71
N ARG C 117 26.60 -36.61 44.41
CA ARG C 117 27.12 -36.33 45.75
C ARG C 117 28.64 -36.32 45.83
N SER C 118 29.31 -36.58 44.71
CA SER C 118 30.76 -36.71 44.71
C SER C 118 31.41 -36.61 43.33
N ASN C 119 30.75 -35.89 42.43
CA ASN C 119 31.34 -35.66 41.11
C ASN C 119 31.80 -36.95 40.43
N VAL C 120 30.89 -37.91 40.25
CA VAL C 120 31.20 -39.17 39.56
C VAL C 120 31.33 -38.96 38.06
N ILE C 121 30.43 -38.16 37.48
CA ILE C 121 30.47 -37.88 36.06
C ILE C 121 31.51 -36.80 35.76
N ARG C 122 32.44 -37.11 34.86
CA ARG C 122 33.52 -36.20 34.57
C ARG C 122 33.46 -35.63 33.16
N GLY C 123 32.89 -36.38 32.23
CA GLY C 123 32.91 -35.91 30.86
C GLY C 123 32.10 -36.78 29.91
N TRP C 124 32.23 -36.47 28.62
CA TRP C 124 31.45 -37.14 27.59
C TRP C 124 32.29 -37.40 26.35
N ILE C 125 31.88 -38.39 25.56
CA ILE C 125 32.48 -38.68 24.28
C ILE C 125 31.50 -38.39 23.15
N PHE C 126 31.91 -37.55 22.23
CA PHE C 126 31.08 -37.17 21.09
C PHE C 126 31.68 -37.70 19.80
N GLY C 127 30.93 -38.50 19.06
CA GLY C 127 31.47 -39.06 17.83
C GLY C 127 30.40 -39.78 17.02
N SER C 128 30.84 -40.59 16.07
CA SER C 128 29.93 -41.34 15.22
C SER C 128 30.05 -42.84 15.48
N THR C 129 31.10 -43.46 14.96
CA THR C 129 31.32 -44.89 15.17
C THR C 129 32.01 -45.19 16.51
N LEU C 130 32.54 -44.15 17.15
CA LEU C 130 33.18 -44.27 18.47
C LEU C 130 34.29 -45.32 18.49
N ASP C 131 35.10 -45.33 17.44
CA ASP C 131 36.27 -46.21 17.36
C ASP C 131 37.40 -45.44 16.67
N ASN C 132 38.45 -46.14 16.23
CA ASN C 132 39.63 -45.49 15.65
C ASN C 132 39.52 -45.30 14.13
N THR C 133 38.35 -45.53 13.55
CA THR C 133 38.12 -45.35 12.12
C THR C 133 37.86 -43.89 11.78
N THR C 134 37.18 -43.19 12.68
CA THR C 134 36.84 -41.79 12.48
C THR C 134 37.27 -40.96 13.68
N GLN C 135 37.24 -39.65 13.55
CA GLN C 135 37.59 -38.78 14.67
C GLN C 135 36.45 -38.67 15.65
N SER C 136 36.79 -38.41 16.90
CA SER C 136 35.81 -38.15 17.94
C SER C 136 36.36 -37.14 18.94
N ALA C 137 35.46 -36.50 19.67
CA ALA C 137 35.86 -35.51 20.65
C ALA C 137 35.67 -36.04 22.07
N VAL C 138 36.70 -35.92 22.87
CA VAL C 138 36.63 -36.35 24.26
C VAL C 138 36.77 -35.15 25.18
N LEU C 139 35.72 -34.87 25.92
CA LEU C 139 35.67 -33.71 26.79
C LEU C 139 35.45 -34.13 28.23
N PHE C 140 36.45 -33.93 29.08
CA PHE C 140 36.28 -34.32 30.47
C PHE C 140 37.07 -33.46 31.42
N ASN C 141 36.62 -33.43 32.66
CA ASN C 141 37.29 -32.68 33.72
C ASN C 141 38.17 -33.63 34.56
N ASN C 142 39.49 -33.50 34.40
CA ASN C 142 40.43 -34.34 35.17
C ASN C 142 40.85 -33.57 36.44
N GLY C 143 41.60 -34.29 37.31
CA GLY C 143 42.03 -33.75 38.60
C GLY C 143 42.36 -32.25 38.65
N THR C 144 43.11 -31.76 37.67
CA THR C 144 43.58 -30.37 37.74
C THR C 144 43.19 -29.51 36.54
N HIS C 145 42.72 -30.12 35.45
CA HIS C 145 42.41 -29.36 34.24
C HIS C 145 41.25 -29.96 33.44
N ILE C 146 40.57 -29.09 32.68
CA ILE C 146 39.55 -29.54 31.71
C ILE C 146 40.21 -29.78 30.37
N VAL C 147 40.06 -30.98 29.85
CA VAL C 147 40.76 -31.36 28.63
C VAL C 147 39.81 -31.62 27.46
N ILE C 148 40.04 -30.90 26.37
CA ILE C 148 39.25 -31.06 25.14
C ILE C 148 40.13 -31.53 23.99
N ASN C 149 39.92 -32.76 23.53
CA ASN C 149 40.71 -33.31 22.44
C ASN C 149 39.85 -33.85 21.31
N VAL C 150 40.30 -33.65 20.07
CA VAL C 150 39.66 -34.28 18.92
C VAL C 150 40.69 -35.10 18.14
N CYS C 151 40.55 -36.42 18.17
CA CYS C 151 41.52 -37.36 17.62
C CYS C 151 40.86 -38.64 17.14
N ASN C 152 41.62 -39.50 16.49
CA ASN C 152 41.18 -40.86 16.21
C ASN C 152 41.54 -41.73 17.41
N PHE C 153 40.55 -42.01 18.24
CA PHE C 153 40.81 -42.68 19.52
C PHE C 153 40.51 -44.17 19.47
N TYR C 154 41.32 -44.94 20.19
CA TYR C 154 41.04 -46.33 20.45
C TYR C 154 40.49 -46.45 21.87
N PHE C 155 39.17 -46.43 21.98
CA PHE C 155 38.50 -46.31 23.27
C PHE C 155 38.48 -47.61 24.06
N CYS C 156 38.44 -47.48 25.39
CA CYS C 156 38.22 -48.61 26.29
C CYS C 156 36.77 -49.05 26.23
N GLN C 157 36.50 -50.31 26.56
CA GLN C 157 35.14 -50.82 26.53
C GLN C 157 34.23 -50.05 27.49
N ASP C 158 34.80 -49.67 28.64
CA ASP C 158 34.06 -48.96 29.67
C ASP C 158 34.87 -47.78 30.20
N PRO C 159 34.97 -46.69 29.46
CA PRO C 159 35.86 -45.58 29.71
C PRO C 159 35.55 -44.96 31.06
N MET C 160 36.58 -44.68 31.84
CA MET C 160 36.39 -44.20 33.20
C MET C 160 37.61 -43.51 33.77
N LEU C 161 37.40 -42.79 34.87
CA LEU C 161 38.48 -42.24 35.67
C LEU C 161 38.50 -42.93 37.03
N THR C 162 39.66 -42.96 37.69
CA THR C 162 39.76 -43.58 39.01
C THR C 162 40.34 -42.65 40.06
N VAL C 163 39.79 -42.72 41.28
CA VAL C 163 40.23 -41.93 42.43
C VAL C 163 40.50 -42.80 43.65
N ALA C 164 41.57 -42.51 44.38
CA ALA C 164 41.94 -43.30 45.55
C ALA C 164 42.66 -42.47 46.60
N ASN C 165 42.44 -42.76 47.90
CA ASN C 165 43.07 -42.14 49.01
C ASN C 165 42.92 -40.55 49.05
N GLY C 166 41.68 -40.15 48.60
CA GLY C 166 41.33 -38.71 48.61
C GLY C 166 42.01 -37.93 47.48
N SER C 167 42.61 -38.66 46.54
CA SER C 167 43.35 -38.02 45.46
C SER C 167 43.16 -38.73 44.14
N HIS C 168 43.32 -37.97 43.06
CA HIS C 168 43.15 -38.50 41.72
C HIS C 168 44.23 -39.52 41.41
N TYR C 169 43.87 -40.61 40.74
CA TYR C 169 44.81 -41.70 40.50
C TYR C 169 45.17 -41.85 39.02
N LYS C 170 44.18 -42.14 38.18
CA LYS C 170 44.45 -42.41 36.77
C LYS C 170 43.24 -42.10 35.88
N SER C 171 43.49 -42.09 34.57
CA SER C 171 42.44 -41.88 33.57
C SER C 171 42.44 -43.00 32.55
N TRP C 172 41.35 -43.76 32.52
CA TRP C 172 41.24 -44.93 31.65
C TRP C 172 40.11 -44.76 30.63
N VAL C 173 40.23 -43.75 29.77
CA VAL C 173 39.20 -43.48 28.78
C VAL C 173 39.55 -44.14 27.46
N PHE C 174 40.81 -44.03 27.06
CA PHE C 174 41.27 -44.57 25.80
C PHE C 174 42.70 -45.09 25.92
N LEU C 175 43.09 -45.92 24.97
CA LEU C 175 44.45 -46.44 24.92
C LEU C 175 45.33 -45.60 24.02
N ASN C 176 45.09 -45.65 22.70
CA ASN C 176 45.81 -44.93 21.70
C ASN C 176 45.05 -43.71 21.18
N ALA C 177 45.78 -42.71 20.68
CA ALA C 177 45.23 -41.56 19.96
C ALA C 177 46.25 -41.15 18.90
N THR C 178 45.79 -40.93 17.67
CA THR C 178 46.72 -40.63 16.58
C THR C 178 46.54 -39.23 15.97
N ASN C 179 45.72 -39.10 14.93
CA ASN C 179 45.62 -37.87 14.15
C ASN C 179 44.78 -36.83 14.88
N CYS C 180 45.39 -36.17 15.87
CA CYS C 180 44.75 -35.13 16.65
C CYS C 180 44.76 -33.81 15.90
N THR C 181 43.60 -33.18 15.79
CA THR C 181 43.49 -31.92 15.07
C THR C 181 43.09 -30.78 15.98
N TYR C 182 42.60 -31.09 17.17
CA TYR C 182 42.20 -30.06 18.12
C TYR C 182 42.64 -30.43 19.53
N ASN C 183 43.25 -29.49 20.23
CA ASN C 183 43.69 -29.72 21.60
C ASN C 183 43.68 -28.44 22.42
N ARG C 184 42.76 -28.38 23.39
CA ARG C 184 42.66 -27.22 24.26
C ARG C 184 42.54 -27.66 25.71
N VAL C 185 43.28 -27.00 26.59
CA VAL C 185 43.21 -27.28 28.02
C VAL C 185 42.83 -26.04 28.81
N HIS C 186 41.79 -26.18 29.63
CA HIS C 186 41.31 -25.07 30.45
C HIS C 186 41.61 -25.30 31.93
N ALA C 187 41.91 -24.22 32.65
CA ALA C 187 42.14 -24.33 34.09
C ALA C 187 40.84 -24.63 34.81
N PHE C 188 40.92 -25.46 35.86
CA PHE C 188 39.77 -25.80 36.67
C PHE C 188 40.20 -26.68 37.83
N GLU C 189 39.37 -26.74 38.89
CA GLU C 189 39.70 -27.62 40.00
C GLU C 189 38.53 -28.50 40.41
N ILE C 190 38.79 -29.80 40.50
CA ILE C 190 37.81 -30.74 41.00
C ILE C 190 38.35 -31.43 42.25
N ASP C 191 37.59 -31.39 43.34
CA ASP C 191 38.00 -31.97 44.62
C ASP C 191 36.92 -32.88 45.20
N PRO C 192 36.71 -34.05 44.60
CA PRO C 192 35.63 -34.98 44.85
C PRO C 192 35.87 -35.73 46.15
N SER C 193 34.79 -36.06 46.86
CA SER C 193 34.92 -36.81 48.10
C SER C 193 33.66 -37.57 48.45
N LEU C 194 33.74 -38.33 49.55
CA LEU C 194 32.59 -39.07 50.06
C LEU C 194 31.87 -38.24 51.12
N ASN C 195 30.64 -37.85 50.82
CA ASN C 195 29.87 -37.03 51.76
C ASN C 195 28.72 -37.80 52.38
N THR C 196 28.76 -39.12 52.23
CA THR C 196 27.79 -40.04 52.85
C THR C 196 26.40 -39.41 53.02
N GLY C 197 25.94 -38.72 51.96
CA GLY C 197 24.66 -38.03 52.05
C GLY C 197 23.76 -38.40 50.87
N ALA C 198 23.26 -37.38 50.18
CA ALA C 198 22.40 -37.55 49.02
C ALA C 198 22.80 -36.52 47.96
N PHE C 199 21.94 -36.31 46.96
CA PHE C 199 22.32 -35.38 45.91
C PHE C 199 21.95 -33.96 46.32
N ILE C 200 22.97 -33.11 46.39
CA ILE C 200 22.84 -31.76 46.89
C ILE C 200 22.96 -30.72 45.78
N HIS C 201 23.45 -31.14 44.62
CA HIS C 201 23.60 -30.24 43.49
C HIS C 201 23.13 -30.88 42.19
N LEU C 202 22.53 -30.05 41.35
CA LEU C 202 22.07 -30.45 40.03
C LEU C 202 22.83 -29.71 38.94
N ARG C 203 23.36 -30.46 37.99
CA ARG C 203 24.07 -29.88 36.85
C ARG C 203 23.29 -30.11 35.56
N GLU C 204 23.22 -29.08 34.73
CA GLU C 204 22.47 -29.16 33.48
C GLU C 204 23.30 -28.69 32.29
N HIS C 205 23.22 -29.45 31.20
CA HIS C 205 23.93 -29.11 29.97
C HIS C 205 23.06 -29.32 28.73
N VAL C 206 23.29 -28.48 27.73
CA VAL C 206 22.71 -28.68 26.41
C VAL C 206 23.79 -28.73 25.34
N PHE C 207 23.75 -29.77 24.52
CA PHE C 207 24.74 -29.97 23.48
C PHE C 207 24.12 -29.85 22.10
N ARG C 208 24.69 -28.96 21.28
CA ARG C 208 24.22 -28.76 19.91
C ARG C 208 25.39 -28.70 18.94
N ASN C 209 25.25 -29.35 17.79
CA ASN C 209 26.33 -29.36 16.80
C ASN C 209 25.88 -28.69 15.50
N VAL C 210 26.23 -27.41 15.34
CA VAL C 210 25.75 -26.63 14.22
C VAL C 210 26.87 -25.90 13.48
N ASP C 211 26.92 -26.07 12.18
CA ASP C 211 27.89 -25.41 11.31
C ASP C 211 29.33 -25.63 11.76
N GLY C 212 29.64 -26.84 12.20
CA GLY C 212 31.00 -27.21 12.57
C GLY C 212 31.33 -26.89 14.03
N PHE C 213 30.43 -26.21 14.72
CA PHE C 213 30.68 -25.85 16.11
C PHE C 213 29.89 -26.69 17.10
N LEU C 214 30.56 -27.12 18.16
CA LEU C 214 29.88 -27.78 19.25
C LEU C 214 29.58 -26.76 20.33
N TYR C 215 28.29 -26.49 20.53
CA TYR C 215 27.83 -25.51 21.49
C TYR C 215 27.52 -26.20 22.81
N VAL C 216 28.00 -25.63 23.90
CA VAL C 216 27.70 -26.17 25.20
C VAL C 216 27.09 -25.10 26.09
N TYR C 217 25.90 -25.37 26.60
CA TYR C 217 25.22 -24.47 27.53
C TYR C 217 25.23 -25.11 28.90
N HIS C 218 25.28 -24.29 29.94
CA HIS C 218 25.44 -24.81 31.29
C HIS C 218 24.66 -24.04 32.36
N ASN C 219 24.21 -24.78 33.36
CA ASN C 219 23.60 -24.21 34.56
C ASN C 219 23.93 -25.05 35.79
N TYR C 220 23.84 -24.44 36.96
CA TYR C 220 24.18 -25.10 38.21
C TYR C 220 23.34 -24.57 39.36
N GLU C 221 22.68 -25.47 40.09
CA GLU C 221 21.82 -25.06 41.21
C GLU C 221 21.78 -26.12 42.30
N ARG C 222 21.36 -25.71 43.49
CA ARG C 222 21.21 -26.63 44.60
C ARG C 222 19.97 -27.51 44.46
N ALA C 223 20.06 -28.74 44.91
CA ALA C 223 18.95 -29.69 44.87
C ALA C 223 18.91 -30.51 46.14
N ASN C 224 17.74 -31.06 46.47
CA ASN C 224 17.64 -31.93 47.64
C ASN C 224 16.83 -33.18 47.34
N VAL C 225 17.41 -34.10 46.56
CA VAL C 225 16.71 -35.33 46.20
C VAL C 225 17.62 -36.54 46.39
N TYR C 226 17.04 -37.73 46.37
CA TYR C 226 17.83 -38.94 46.41
C TYR C 226 17.82 -39.67 45.07
N ASP C 227 16.64 -39.76 44.45
CA ASP C 227 16.52 -40.50 43.19
C ASP C 227 15.33 -39.99 42.38
N ASN C 228 15.46 -38.77 41.85
CA ASN C 228 14.41 -38.15 41.06
C ASN C 228 14.98 -36.99 40.26
N PHE C 229 14.13 -36.33 39.48
CA PHE C 229 14.51 -35.18 38.70
C PHE C 229 13.77 -33.93 39.18
N PRO C 230 14.45 -32.99 39.85
CA PRO C 230 13.90 -31.77 40.42
C PRO C 230 13.11 -30.98 39.40
N SER C 231 11.91 -30.56 39.79
CA SER C 231 11.03 -29.78 38.92
C SER C 231 11.37 -28.30 38.97
N GLY C 232 10.80 -27.53 38.04
CA GLY C 232 11.00 -26.09 38.01
C GLY C 232 11.31 -25.59 36.61
N PHE C 233 11.76 -24.33 36.55
CA PHE C 233 12.13 -23.67 35.29
C PHE C 233 13.53 -23.10 35.40
N SER C 234 14.32 -23.25 34.34
CA SER C 234 15.68 -22.74 34.33
C SER C 234 16.14 -22.35 32.94
N VAL C 235 17.13 -21.47 32.88
CA VAL C 235 17.73 -21.07 31.62
C VAL C 235 19.23 -21.27 31.67
N LEU C 236 19.78 -21.96 30.66
CA LEU C 236 21.20 -22.25 30.61
C LEU C 236 21.95 -21.23 29.76
N LYS C 237 23.18 -20.90 30.17
CA LYS C 237 24.00 -19.93 29.45
C LYS C 237 25.14 -20.63 28.72
N PRO C 238 25.56 -20.11 27.57
CA PRO C 238 26.64 -20.63 26.75
C PRO C 238 27.97 -20.52 27.46
N ILE C 239 28.77 -21.58 27.37
CA ILE C 239 30.11 -21.57 27.94
C ILE C 239 31.18 -21.89 26.88
N LEU C 240 30.86 -22.82 25.98
CA LEU C 240 31.82 -23.25 24.96
C LEU C 240 31.23 -23.15 23.56
N LYS C 241 32.09 -22.85 22.60
CA LYS C 241 31.75 -22.84 21.18
C LYS C 241 32.95 -23.35 20.39
N LEU C 242 33.06 -24.67 20.26
CA LEU C 242 34.28 -25.31 19.81
C LEU C 242 34.26 -25.70 18.33
N PRO C 243 35.18 -25.15 17.51
CA PRO C 243 35.29 -25.35 16.07
C PRO C 243 35.93 -26.68 15.72
N PHE C 244 35.21 -27.76 15.99
CA PHE C 244 35.71 -29.11 15.74
C PHE C 244 35.62 -29.52 14.26
N GLY C 245 34.49 -29.22 13.63
CA GLY C 245 34.21 -29.74 12.28
C GLY C 245 33.89 -31.23 12.34
N LEU C 246 33.36 -31.67 13.48
CA LEU C 246 33.11 -33.07 13.76
C LEU C 246 31.66 -33.46 13.47
N ASN C 247 31.43 -34.73 13.13
CA ASN C 247 30.16 -35.30 12.77
C ASN C 247 29.61 -36.25 13.89
N ILE C 248 29.01 -35.62 14.91
CA ILE C 248 28.52 -36.33 16.11
C ILE C 248 27.15 -36.95 15.85
N THR C 249 27.05 -38.26 16.05
CA THR C 249 25.77 -38.97 15.92
C THR C 249 25.49 -39.81 17.16
N GLN C 250 26.54 -40.06 17.94
CA GLN C 250 26.46 -40.88 19.15
C GLN C 250 27.10 -40.17 20.35
N PHE C 251 26.58 -40.46 21.53
CA PHE C 251 27.01 -39.83 22.78
C PHE C 251 27.26 -40.87 23.88
N LYS C 252 28.36 -40.71 24.61
CA LYS C 252 28.65 -41.60 25.75
C LYS C 252 29.14 -40.81 26.97
N VAL C 253 28.85 -41.34 28.17
CA VAL C 253 29.23 -40.69 29.42
C VAL C 253 30.43 -41.34 30.09
N ILE C 254 31.37 -40.52 30.55
CA ILE C 254 32.55 -40.98 31.29
C ILE C 254 32.38 -40.76 32.79
N MET C 255 32.44 -41.85 33.56
CA MET C 255 32.22 -41.82 35.00
C MET C 255 33.46 -42.23 35.79
N THR C 256 33.50 -41.82 37.06
CA THR C 256 34.61 -42.14 37.96
C THR C 256 34.29 -43.26 38.93
N LEU C 257 35.23 -44.18 39.09
CA LEU C 257 35.14 -45.20 40.14
C LEU C 257 36.05 -44.82 41.31
N PHE C 258 35.68 -45.25 42.51
CA PHE C 258 36.43 -44.92 43.71
C PHE C 258 36.91 -46.16 44.47
N SER C 259 38.13 -46.10 44.99
CA SER C 259 38.61 -47.10 45.96
C SER C 259 40.06 -46.84 46.39
N PRO C 260 40.34 -46.87 47.70
CA PRO C 260 41.65 -46.76 48.32
C PRO C 260 42.44 -48.04 48.09
N THR C 261 43.76 -47.96 48.14
CA THR C 261 44.66 -49.11 48.02
C THR C 261 44.67 -49.68 46.59
N THR C 262 43.71 -49.23 45.78
CA THR C 262 43.57 -49.59 44.37
C THR C 262 43.86 -51.06 44.07
N SER C 263 43.27 -51.96 44.88
CA SER C 263 43.27 -53.38 44.55
C SER C 263 42.09 -53.70 43.64
N SER C 264 41.02 -52.91 43.79
CA SER C 264 39.83 -53.04 42.97
C SER C 264 39.05 -51.73 43.07
N PHE C 265 38.10 -51.50 42.17
CA PHE C 265 37.29 -50.29 42.24
C PHE C 265 35.80 -50.59 42.25
N ASN C 266 35.04 -49.71 42.92
CA ASN C 266 33.58 -49.81 42.89
C ASN C 266 32.99 -48.47 42.45
N ALA C 267 31.68 -48.39 42.36
CA ALA C 267 30.99 -47.18 41.97
C ALA C 267 30.21 -46.57 43.12
N ASP C 268 30.10 -45.26 43.15
CA ASP C 268 29.18 -44.62 44.07
C ASP C 268 27.82 -44.49 43.38
N ALA C 269 26.84 -43.95 44.08
CA ALA C 269 25.53 -43.76 43.49
C ALA C 269 25.48 -42.42 42.77
N SER C 270 24.97 -42.42 41.55
CA SER C 270 24.78 -41.18 40.81
C SER C 270 23.68 -41.40 39.77
N VAL C 271 22.96 -40.33 39.41
CA VAL C 271 21.95 -40.48 38.37
C VAL C 271 22.03 -39.37 37.34
N TYR C 272 21.96 -39.75 36.07
CA TYR C 272 21.88 -38.77 35.02
C TYR C 272 20.67 -39.05 34.14
N PHE C 273 20.18 -38.01 33.50
CA PHE C 273 18.96 -38.06 32.70
C PHE C 273 19.24 -37.52 31.31
N VAL C 274 18.61 -38.11 30.30
CA VAL C 274 18.82 -37.65 28.94
C VAL C 274 17.51 -37.41 28.20
N GLY C 275 17.44 -36.26 27.54
CA GLY C 275 16.30 -35.91 26.70
C GLY C 275 16.78 -35.54 25.30
N HIS C 276 15.85 -35.22 24.43
CA HIS C 276 16.20 -34.84 23.06
C HIS C 276 15.52 -33.54 22.67
N LEU C 277 16.19 -32.73 21.88
CA LEU C 277 15.62 -31.47 21.46
C LEU C 277 14.77 -31.65 20.21
N LYS C 278 13.68 -30.88 20.14
CA LYS C 278 12.74 -30.94 19.02
C LYS C 278 12.50 -29.55 18.44
N PRO C 279 12.11 -29.45 17.16
CA PRO C 279 11.77 -28.23 16.47
C PRO C 279 10.47 -27.65 16.98
N LEU C 280 10.58 -26.72 17.92
CA LEU C 280 9.43 -26.13 18.61
C LEU C 280 9.36 -24.63 18.41
N THR C 281 8.17 -24.10 18.62
CA THR C 281 7.99 -22.64 18.68
C THR C 281 7.77 -22.25 20.13
N MET C 282 8.52 -21.26 20.59
CA MET C 282 8.44 -20.85 21.99
C MET C 282 8.49 -19.34 22.17
N LEU C 283 7.76 -18.87 23.18
CA LEU C 283 7.78 -17.46 23.55
C LEU C 283 8.73 -17.24 24.72
N ALA C 284 9.59 -16.23 24.62
CA ALA C 284 10.53 -15.95 25.70
C ALA C 284 10.47 -14.49 26.13
N GLU C 285 10.49 -14.26 27.44
CA GLU C 285 10.44 -12.90 27.97
C GLU C 285 11.75 -12.46 28.60
N PHE C 286 12.26 -11.33 28.11
CA PHE C 286 13.49 -10.72 28.62
C PHE C 286 13.16 -9.57 29.56
N ASP C 287 13.79 -9.55 30.73
CA ASP C 287 13.55 -8.50 31.71
C ASP C 287 14.42 -7.28 31.42
N GLU C 288 14.42 -6.33 32.33
CA GLU C 288 15.13 -5.06 32.17
C GLU C 288 16.65 -5.21 31.96
N ASN C 289 17.23 -6.30 32.45
CA ASN C 289 18.69 -6.55 32.37
C ASN C 289 19.02 -7.57 31.29
N GLY C 290 18.04 -7.96 30.45
CA GLY C 290 18.22 -8.91 29.36
C GLY C 290 18.24 -10.36 29.84
N THR C 291 17.67 -10.62 31.01
CA THR C 291 17.62 -11.98 31.53
C THR C 291 16.30 -12.64 31.19
N ILE C 292 16.36 -13.89 30.75
CA ILE C 292 15.14 -14.62 30.45
C ILE C 292 14.53 -15.09 31.76
N THR C 293 13.30 -14.67 32.03
CA THR C 293 12.66 -14.96 33.31
C THR C 293 11.53 -15.96 33.17
N ASP C 294 11.02 -16.11 31.96
CA ASP C 294 9.91 -17.01 31.71
C ASP C 294 9.87 -17.42 30.24
N ALA C 295 9.23 -18.55 29.96
CA ALA C 295 9.07 -19.02 28.59
C ALA C 295 7.85 -19.93 28.45
N VAL C 296 7.26 -19.93 27.26
CA VAL C 296 6.08 -20.74 26.97
C VAL C 296 6.26 -21.68 25.79
N ASP C 297 5.91 -22.95 26.00
CA ASP C 297 5.87 -23.95 24.94
C ASP C 297 4.52 -23.87 24.24
N CYS C 298 4.50 -23.34 23.00
CA CYS C 298 3.28 -22.95 22.32
C CYS C 298 2.42 -24.15 21.93
N SER C 299 2.98 -25.34 22.01
CA SER C 299 2.29 -26.54 21.55
C SER C 299 1.71 -27.39 22.67
N GLN C 300 1.86 -26.93 23.91
CA GLN C 300 1.50 -27.77 25.08
C GLN C 300 0.00 -27.79 25.39
N ASP C 301 -0.65 -26.63 25.51
CA ASP C 301 -2.07 -26.60 25.94
C ASP C 301 -2.74 -25.40 25.28
N PRO C 302 -4.08 -25.27 25.32
CA PRO C 302 -4.76 -24.11 24.76
C PRO C 302 -4.40 -22.73 25.33
N LEU C 303 -4.01 -22.66 26.60
CA LEU C 303 -3.57 -21.39 27.24
C LEU C 303 -2.19 -20.94 26.71
N SER C 304 -1.26 -21.87 26.51
CA SER C 304 0.06 -21.53 25.90
C SER C 304 -0.14 -21.07 24.45
N GLU C 305 -1.02 -21.72 23.70
CA GLU C 305 -1.31 -21.32 22.30
C GLU C 305 -1.90 -19.91 22.30
N LEU C 306 -2.68 -19.58 23.33
CA LEU C 306 -3.18 -18.21 23.41
C LEU C 306 -2.09 -17.23 23.81
N LYS C 307 -1.28 -17.57 24.80
CA LYS C 307 -0.18 -16.69 25.21
C LYS C 307 0.80 -16.39 24.07
N CYS C 308 1.12 -17.42 23.26
CA CYS C 308 2.02 -17.27 22.12
C CYS C 308 1.39 -16.41 21.03
N THR C 309 0.11 -16.65 20.76
CA THR C 309 -0.59 -15.90 19.72
C THR C 309 -0.59 -14.40 20.00
N THR C 310 -0.83 -14.03 21.26
CA THR C 310 -0.92 -12.63 21.65
C THR C 310 0.44 -12.09 22.07
N LYS C 311 1.47 -12.94 22.04
CA LYS C 311 2.81 -12.56 22.45
C LYS C 311 2.83 -11.91 23.81
N SER C 312 2.10 -12.48 24.75
CA SER C 312 2.01 -11.92 26.09
C SER C 312 1.78 -13.01 27.12
N LEU C 313 2.50 -12.94 28.23
CA LEU C 313 2.39 -13.95 29.27
C LEU C 313 1.21 -13.64 30.19
N THR C 314 0.63 -12.47 29.97
CA THR C 314 -0.58 -12.05 30.69
C THR C 314 -1.70 -11.85 29.69
N VAL C 315 -2.84 -12.48 29.93
CA VAL C 315 -3.97 -12.37 29.02
C VAL C 315 -5.22 -11.88 29.74
N GLU C 316 -5.89 -10.91 29.14
CA GLU C 316 -7.08 -10.31 29.70
C GLU C 316 -8.33 -11.16 29.47
N LYS C 317 -9.35 -10.90 30.26
CA LYS C 317 -10.64 -11.58 30.16
C LYS C 317 -11.27 -11.40 28.78
N GLY C 318 -11.78 -12.49 28.21
CA GLY C 318 -12.45 -12.42 26.92
C GLY C 318 -12.23 -13.66 26.06
N ILE C 319 -12.72 -13.60 24.83
CA ILE C 319 -12.57 -14.72 23.89
C ILE C 319 -11.65 -14.32 22.74
N TYR C 320 -10.64 -15.15 22.48
CA TYR C 320 -9.65 -14.84 21.46
C TYR C 320 -9.54 -15.93 20.40
N GLN C 321 -9.28 -15.54 19.17
CA GLN C 321 -8.96 -16.50 18.13
C GLN C 321 -7.46 -16.74 18.14
N THR C 322 -7.06 -18.00 17.98
CA THR C 322 -5.64 -18.33 18.11
C THR C 322 -5.05 -18.92 16.84
N SER C 323 -3.72 -18.85 16.75
CA SER C 323 -2.97 -19.44 15.65
C SER C 323 -2.74 -20.91 15.90
N ASN C 324 -2.41 -21.66 14.86
CA ASN C 324 -2.17 -23.09 15.01
C ASN C 324 -0.73 -23.41 15.40
N PHE C 325 -0.52 -23.64 16.69
CA PHE C 325 0.78 -24.10 17.19
C PHE C 325 0.64 -25.54 17.67
N ARG C 326 -0.53 -26.11 17.36
CA ARG C 326 -0.97 -27.39 17.90
C ARG C 326 -0.56 -28.59 17.05
N VAL C 327 -0.80 -28.54 15.75
CA VAL C 327 -0.54 -29.76 14.92
C VAL C 327 0.64 -29.52 13.98
N SER C 328 1.60 -30.43 13.97
CA SER C 328 2.80 -30.40 13.13
C SER C 328 3.16 -31.82 12.69
N PRO C 329 3.58 -31.99 11.43
CA PRO C 329 3.95 -33.24 10.80
C PRO C 329 5.22 -33.80 11.42
N SER C 330 5.34 -35.12 11.43
CA SER C 330 6.56 -35.76 11.94
C SER C 330 7.22 -36.67 10.90
N THR C 331 6.49 -36.96 9.82
CA THR C 331 6.99 -37.85 8.79
C THR C 331 6.76 -37.24 7.41
N GLU C 332 7.19 -37.96 6.38
CA GLU C 332 7.05 -37.50 5.00
C GLU C 332 6.67 -38.65 4.06
N VAL C 333 5.75 -38.36 3.16
CA VAL C 333 5.31 -39.32 2.16
C VAL C 333 5.88 -38.99 0.79
N VAL C 334 6.81 -39.82 0.32
CA VAL C 334 7.48 -39.56 -0.94
C VAL C 334 7.08 -40.58 -1.99
N ARG C 335 6.55 -40.12 -3.11
CA ARG C 335 6.07 -41.02 -4.13
C ARG C 335 6.59 -40.65 -5.52
N PHE C 336 7.32 -41.58 -6.13
CA PHE C 336 7.89 -41.39 -7.47
C PHE C 336 7.49 -42.54 -8.40
N PRO C 337 7.53 -42.33 -9.73
CA PRO C 337 7.15 -43.29 -10.76
C PRO C 337 8.08 -44.49 -10.76
N ASN C 338 7.66 -45.57 -11.39
CA ASN C 338 8.43 -46.80 -11.50
C ASN C 338 9.48 -46.65 -12.61
N ILE C 339 10.69 -46.19 -12.26
CA ILE C 339 11.80 -46.07 -13.22
C ILE C 339 13.06 -46.71 -12.62
N THR C 340 13.64 -47.66 -13.35
CA THR C 340 14.82 -48.37 -12.87
C THR C 340 16.08 -48.08 -13.67
N ASN C 341 15.92 -47.52 -14.86
CA ASN C 341 17.06 -47.27 -15.73
C ASN C 341 17.69 -45.89 -15.49
N LEU C 342 19.01 -45.83 -15.56
CA LEU C 342 19.72 -44.55 -15.49
C LEU C 342 19.75 -43.89 -16.86
N CYS C 343 19.76 -42.56 -16.88
CA CYS C 343 19.85 -41.81 -18.16
C CYS C 343 21.18 -42.05 -18.82
N PRO C 344 21.20 -42.24 -20.15
CA PRO C 344 22.35 -42.55 -20.97
C PRO C 344 23.23 -41.33 -21.18
N PHE C 345 23.77 -40.81 -20.08
CA PHE C 345 24.62 -39.63 -20.16
C PHE C 345 25.90 -39.97 -20.89
N GLY C 346 26.38 -41.19 -20.72
CA GLY C 346 27.61 -41.62 -21.38
C GLY C 346 27.49 -41.48 -22.90
N GLN C 347 26.28 -41.64 -23.42
CA GLN C 347 26.03 -41.54 -24.86
C GLN C 347 26.42 -40.17 -25.42
N VAL C 348 26.23 -39.13 -24.64
CA VAL C 348 26.52 -37.78 -25.09
C VAL C 348 27.83 -37.26 -24.52
N PHE C 349 28.04 -37.48 -23.23
CA PHE C 349 29.23 -36.95 -22.57
C PHE C 349 30.52 -37.70 -22.91
N ASN C 350 30.41 -38.99 -23.25
CA ASN C 350 31.59 -39.83 -23.60
C ASN C 350 31.50 -40.30 -25.05
N ALA C 351 30.88 -39.53 -25.93
CA ALA C 351 30.75 -39.84 -27.35
C ALA C 351 32.10 -39.80 -28.05
N SER C 352 32.28 -40.62 -29.07
CA SER C 352 33.51 -40.62 -29.85
C SER C 352 33.60 -39.44 -30.79
N LYS C 353 32.46 -38.80 -31.07
CA LYS C 353 32.44 -37.69 -32.02
C LYS C 353 31.30 -36.72 -31.76
N PHE C 354 31.62 -35.43 -31.72
CA PHE C 354 30.63 -34.36 -31.67
C PHE C 354 30.52 -33.63 -33.00
N PRO C 355 29.35 -33.07 -33.29
CA PRO C 355 29.04 -32.20 -34.42
C PRO C 355 29.61 -30.81 -34.24
N SER C 356 29.75 -30.10 -35.35
CA SER C 356 30.15 -28.70 -35.33
C SER C 356 29.00 -27.80 -34.89
N VAL C 357 29.34 -26.58 -34.47
CA VAL C 357 28.34 -25.67 -33.92
C VAL C 357 27.30 -25.20 -34.94
N TYR C 358 27.70 -25.09 -36.21
CA TYR C 358 26.77 -24.63 -37.23
C TYR C 358 25.75 -25.71 -37.56
N ALA C 359 26.05 -26.94 -37.15
CA ALA C 359 25.21 -28.09 -37.46
C ALA C 359 25.05 -28.96 -36.22
N TRP C 360 24.47 -28.38 -35.18
CA TRP C 360 24.36 -29.04 -33.88
C TRP C 360 23.29 -30.12 -33.89
N GLU C 361 23.40 -31.07 -32.96
CA GLU C 361 22.45 -32.18 -32.89
C GLU C 361 21.59 -32.13 -31.65
N ARG C 362 20.41 -32.75 -31.74
CA ARG C 362 19.49 -32.84 -30.60
C ARG C 362 19.10 -34.29 -30.29
N LEU C 363 19.17 -34.63 -29.01
CA LEU C 363 18.78 -35.95 -28.53
C LEU C 363 17.69 -35.84 -27.47
N ARG C 364 16.66 -36.69 -27.55
CA ARG C 364 15.58 -36.67 -26.54
C ARG C 364 15.84 -37.70 -25.43
N ILE C 365 15.66 -37.31 -24.18
CA ILE C 365 15.88 -38.16 -23.02
C ILE C 365 14.56 -38.47 -22.32
N SER C 366 14.28 -39.76 -22.12
CA SER C 366 13.03 -40.18 -21.50
C SER C 366 13.12 -41.54 -20.81
N ASP C 367 12.16 -41.81 -19.92
CA ASP C 367 12.05 -43.07 -19.20
C ASP C 367 13.34 -43.47 -18.49
N CYS C 368 13.92 -42.54 -17.74
CA CYS C 368 15.19 -42.78 -17.04
C CYS C 368 15.33 -41.93 -15.78
N VAL C 369 16.34 -42.28 -14.98
CA VAL C 369 16.67 -41.55 -13.76
C VAL C 369 17.81 -40.57 -13.99
N ALA C 370 17.54 -39.30 -13.72
CA ALA C 370 18.52 -38.25 -13.94
C ALA C 370 19.47 -38.14 -12.77
N ASP C 371 20.33 -39.14 -12.63
CA ASP C 371 21.30 -39.14 -11.56
C ASP C 371 22.60 -38.51 -12.05
N TYR C 372 22.90 -37.31 -11.55
CA TYR C 372 24.02 -36.54 -12.05
C TYR C 372 25.29 -36.76 -11.24
N SER C 373 25.22 -37.65 -10.26
CA SER C 373 26.38 -37.94 -9.42
C SER C 373 27.27 -38.97 -10.08
N VAL C 374 26.75 -39.62 -11.12
CA VAL C 374 27.49 -40.65 -11.83
C VAL C 374 28.60 -40.00 -12.63
N LEU C 375 28.43 -38.72 -12.91
CA LEU C 375 29.36 -37.95 -13.72
C LEU C 375 30.58 -37.58 -12.91
N TYR C 376 30.58 -37.92 -11.62
CA TYR C 376 31.74 -37.68 -10.78
C TYR C 376 32.87 -38.68 -11.09
N ASN C 377 32.51 -39.89 -11.54
CA ASN C 377 33.44 -40.97 -11.80
C ASN C 377 33.62 -41.22 -13.32
N SER C 378 32.52 -41.08 -14.08
CA SER C 378 32.49 -41.51 -15.50
C SER C 378 32.58 -40.35 -16.48
N SER C 379 32.97 -39.17 -16.02
CA SER C 379 33.05 -38.01 -16.90
C SER C 379 34.15 -37.03 -16.52
N SER C 380 34.64 -36.30 -17.52
CA SER C 380 35.61 -35.25 -17.29
C SER C 380 34.98 -34.12 -16.50
N SER C 381 35.79 -33.43 -15.70
CA SER C 381 35.29 -32.33 -14.90
C SER C 381 34.75 -31.22 -15.77
N PHE C 382 33.64 -30.61 -15.34
CA PHE C 382 33.03 -29.53 -16.09
C PHE C 382 33.60 -28.19 -15.67
N SER C 383 34.08 -27.43 -16.64
CA SER C 383 34.61 -26.10 -16.36
C SER C 383 33.46 -25.12 -16.23
N THR C 384 32.36 -25.43 -16.91
CA THR C 384 31.13 -24.66 -16.81
C THR C 384 29.95 -25.56 -16.47
N PHE C 385 29.16 -25.17 -15.49
CA PHE C 385 27.94 -25.86 -15.13
C PHE C 385 26.96 -24.84 -14.60
N LYS C 386 26.26 -24.17 -15.51
CA LYS C 386 25.38 -23.06 -15.13
C LYS C 386 23.92 -23.36 -15.44
N CYS C 387 23.09 -23.39 -14.40
CA CYS C 387 21.66 -23.61 -14.55
C CYS C 387 20.89 -22.30 -14.45
N TYR C 388 19.97 -22.09 -15.37
CA TYR C 388 19.17 -20.87 -15.41
C TYR C 388 17.75 -21.14 -14.93
N GLY C 389 17.22 -22.28 -15.33
CA GLY C 389 15.84 -22.64 -15.01
C GLY C 389 15.66 -22.95 -13.54
N VAL C 390 16.51 -23.83 -13.03
CA VAL C 390 16.43 -24.30 -11.65
C VAL C 390 17.80 -24.24 -11.01
N SER C 391 17.85 -24.30 -9.69
CA SER C 391 19.12 -24.42 -9.00
C SER C 391 19.65 -25.84 -9.19
N PRO C 392 20.96 -26.00 -9.44
CA PRO C 392 21.64 -27.24 -9.73
C PRO C 392 21.58 -28.22 -8.55
N THR C 393 21.26 -27.70 -7.39
CA THR C 393 21.16 -28.49 -6.17
C THR C 393 19.82 -29.20 -6.07
N LYS C 394 18.88 -28.78 -6.91
CA LYS C 394 17.52 -29.29 -6.85
C LYS C 394 17.25 -30.35 -7.90
N LEU C 395 18.19 -30.55 -8.81
CA LEU C 395 17.95 -31.42 -9.95
C LEU C 395 17.58 -32.84 -9.53
N ASN C 396 18.16 -33.31 -8.44
CA ASN C 396 17.92 -34.68 -7.99
C ASN C 396 16.58 -34.84 -7.29
N ASP C 397 15.88 -33.73 -7.05
CA ASP C 397 14.58 -33.77 -6.37
C ASP C 397 13.42 -33.52 -7.33
N LEU C 398 13.72 -33.32 -8.60
CA LEU C 398 12.69 -32.94 -9.57
C LEU C 398 12.34 -34.07 -10.54
N CYS C 399 11.13 -34.00 -11.09
CA CYS C 399 10.70 -34.78 -12.24
C CYS C 399 10.33 -33.85 -13.39
N PHE C 400 10.71 -34.25 -14.60
CA PHE C 400 10.49 -33.43 -15.77
C PHE C 400 9.55 -34.12 -16.74
N SER C 401 8.73 -33.35 -17.43
CA SER C 401 7.79 -33.88 -18.41
C SER C 401 8.44 -34.05 -19.77
N SER C 402 9.60 -33.42 -19.93
CA SER C 402 10.37 -33.50 -21.17
C SER C 402 11.79 -33.01 -20.97
N VAL C 403 12.75 -33.72 -21.54
CA VAL C 403 14.14 -33.31 -21.50
C VAL C 403 14.82 -33.44 -22.87
N TYR C 404 15.47 -32.38 -23.32
CA TYR C 404 16.22 -32.44 -24.57
C TYR C 404 17.68 -32.04 -24.37
N ALA C 405 18.59 -32.74 -25.05
CA ALA C 405 20.01 -32.44 -24.97
C ALA C 405 20.56 -31.99 -26.31
N ASP C 406 21.02 -30.75 -26.37
CA ASP C 406 21.62 -30.18 -27.58
C ASP C 406 23.13 -30.11 -27.42
N TYR C 407 23.88 -30.68 -28.36
CA TYR C 407 25.33 -30.71 -28.18
C TYR C 407 26.14 -30.37 -29.44
N PHE C 408 27.31 -29.78 -29.22
CA PHE C 408 28.22 -29.31 -30.28
C PHE C 408 29.60 -28.92 -29.75
N VAL C 409 30.53 -28.63 -30.65
CA VAL C 409 31.87 -28.13 -30.28
C VAL C 409 32.13 -26.68 -30.70
N VAL C 410 32.60 -25.87 -29.75
CA VAL C 410 33.05 -24.48 -29.97
C VAL C 410 34.40 -24.26 -29.32
N LYS C 411 35.07 -23.17 -29.64
CA LYS C 411 36.32 -22.85 -28.95
C LYS C 411 36.04 -22.21 -27.59
N GLY C 412 37.02 -22.27 -26.69
CA GLY C 412 36.88 -21.77 -25.33
C GLY C 412 36.25 -20.39 -25.23
N ASP C 413 36.77 -19.43 -25.99
CA ASP C 413 36.26 -18.06 -25.92
C ASP C 413 34.81 -17.91 -26.36
N ASP C 414 34.28 -18.91 -27.06
CA ASP C 414 32.90 -18.88 -27.55
C ASP C 414 31.92 -19.54 -26.57
N VAL C 415 32.44 -20.14 -25.51
CA VAL C 415 31.59 -20.83 -24.56
C VAL C 415 30.68 -19.87 -23.82
N ARG C 416 31.15 -18.65 -23.60
CA ARG C 416 30.39 -17.64 -22.89
C ARG C 416 29.15 -17.18 -23.68
N GLN C 417 29.09 -17.52 -24.97
CA GLN C 417 27.95 -17.11 -25.79
C GLN C 417 26.79 -18.07 -25.68
N ILE C 418 26.98 -19.20 -25.01
CA ILE C 418 25.89 -20.16 -24.90
C ILE C 418 25.03 -19.81 -23.70
N ALA C 419 24.16 -18.83 -23.89
CA ALA C 419 23.31 -18.30 -22.85
C ALA C 419 22.23 -17.43 -23.47
N PRO C 420 21.15 -17.14 -22.74
CA PRO C 420 20.13 -16.15 -23.05
C PRO C 420 20.71 -14.74 -23.17
N ALA C 421 20.13 -13.94 -24.06
CA ALA C 421 20.49 -12.53 -24.23
C ALA C 421 21.98 -12.31 -24.52
N GLN C 422 22.54 -13.13 -25.41
CA GLN C 422 23.94 -12.97 -25.80
C GLN C 422 24.10 -12.45 -27.21
N THR C 423 25.27 -11.91 -27.50
CA THR C 423 25.63 -11.50 -28.85
C THR C 423 26.93 -12.16 -29.28
N GLY C 424 27.19 -12.17 -30.58
CA GLY C 424 28.45 -12.71 -31.08
C GLY C 424 28.20 -13.63 -32.25
N VAL C 425 29.27 -14.18 -32.80
CA VAL C 425 29.16 -15.01 -33.99
C VAL C 425 28.28 -16.23 -33.73
N ILE C 426 28.44 -16.85 -32.56
CA ILE C 426 27.69 -18.06 -32.29
C ILE C 426 26.27 -17.72 -31.91
N ALA C 427 26.11 -16.77 -31.01
CA ALA C 427 24.79 -16.37 -30.55
C ALA C 427 23.92 -15.90 -31.70
N ASP C 428 24.52 -15.22 -32.69
CA ASP C 428 23.75 -14.65 -33.77
C ASP C 428 23.58 -15.57 -34.99
N TYR C 429 24.60 -16.36 -35.34
CA TYR C 429 24.54 -17.12 -36.60
C TYR C 429 24.49 -18.64 -36.46
N ASN C 430 24.81 -19.19 -35.28
CA ASN C 430 24.98 -20.63 -35.17
C ASN C 430 24.01 -21.30 -34.20
N TYR C 431 23.95 -20.80 -32.96
CA TYR C 431 23.13 -21.42 -31.94
C TYR C 431 22.61 -20.41 -30.94
N LYS C 432 21.29 -20.32 -30.83
CA LYS C 432 20.68 -19.32 -29.96
C LYS C 432 19.67 -19.92 -28.99
N LEU C 433 19.69 -19.41 -27.76
CA LEU C 433 18.72 -19.75 -26.73
C LEU C 433 17.77 -18.58 -26.52
N PRO C 434 16.50 -18.86 -26.18
CA PRO C 434 15.46 -17.90 -25.89
C PRO C 434 15.72 -17.18 -24.57
N ASP C 435 15.13 -16.00 -24.40
CA ASP C 435 15.29 -15.26 -23.16
C ASP C 435 14.70 -16.04 -21.99
N ASP C 436 13.55 -16.67 -22.21
CA ASP C 436 12.92 -17.49 -21.19
C ASP C 436 13.42 -18.92 -21.26
N PHE C 437 14.70 -19.11 -21.00
CA PHE C 437 15.32 -20.41 -21.08
C PHE C 437 15.27 -21.14 -19.74
N THR C 438 14.75 -22.36 -19.78
CA THR C 438 14.72 -23.22 -18.59
C THR C 438 15.59 -24.44 -18.86
N GLY C 439 16.70 -24.54 -18.14
CA GLY C 439 17.66 -25.61 -18.39
C GLY C 439 19.04 -25.30 -17.84
N CYS C 440 20.02 -26.16 -18.18
CA CYS C 440 21.41 -26.07 -17.72
C CYS C 440 22.40 -26.18 -18.87
N VAL C 441 23.48 -25.41 -18.80
CA VAL C 441 24.55 -25.46 -19.79
C VAL C 441 25.83 -26.03 -19.20
N LEU C 442 26.34 -27.11 -19.81
CA LEU C 442 27.54 -27.78 -19.34
C LEU C 442 28.63 -27.75 -20.41
N ALA C 443 29.87 -27.53 -20.01
CA ALA C 443 30.97 -27.55 -20.98
C ALA C 443 32.28 -28.03 -20.35
N TRP C 444 33.11 -28.69 -21.17
CA TRP C 444 34.42 -29.14 -20.71
C TRP C 444 35.47 -29.11 -21.83
N ASN C 445 36.73 -28.98 -21.43
CA ASN C 445 37.86 -28.89 -22.35
C ASN C 445 38.26 -30.25 -22.92
N THR C 446 38.32 -30.35 -24.24
CA THR C 446 38.66 -31.59 -24.90
C THR C 446 39.82 -31.44 -25.89
N ASN C 447 40.79 -30.62 -25.51
CA ASN C 447 41.95 -30.37 -26.37
C ASN C 447 42.69 -31.66 -26.72
N SER C 448 42.68 -32.61 -25.80
CA SER C 448 43.40 -33.87 -25.99
C SER C 448 42.68 -34.84 -26.92
N VAL C 449 41.43 -34.54 -27.26
CA VAL C 449 40.62 -35.44 -28.08
C VAL C 449 40.25 -34.83 -29.43
N ASP C 450 39.82 -33.58 -29.43
CA ASP C 450 39.26 -32.96 -30.63
C ASP C 450 40.26 -32.09 -31.38
N SER C 451 41.55 -32.23 -31.07
CA SER C 451 42.58 -31.43 -31.73
C SER C 451 43.54 -32.32 -32.51
N LYS C 452 42.99 -33.35 -33.14
CA LYS C 452 43.79 -34.26 -33.94
C LYS C 452 43.90 -33.76 -35.37
N GLN C 453 44.83 -34.30 -36.13
CA GLN C 453 45.08 -33.85 -37.50
C GLN C 453 43.85 -33.98 -38.39
N GLY C 454 43.00 -34.96 -38.11
CA GLY C 454 41.85 -35.24 -38.95
C GLY C 454 40.56 -34.55 -38.49
N ASN C 455 40.65 -33.58 -37.59
CA ASN C 455 39.44 -32.91 -37.11
C ASN C 455 38.87 -31.96 -38.16
N ASN C 456 37.56 -31.78 -38.13
CA ASN C 456 36.89 -30.88 -39.07
C ASN C 456 35.77 -30.09 -38.40
N PHE C 457 36.12 -29.05 -37.67
CA PHE C 457 35.11 -28.25 -36.98
C PHE C 457 34.96 -26.89 -37.62
N TYR C 458 33.72 -26.49 -37.87
CA TYR C 458 33.41 -25.23 -38.52
C TYR C 458 32.35 -24.43 -37.78
N TYR C 459 32.34 -23.13 -38.00
CA TYR C 459 31.26 -22.26 -37.54
C TYR C 459 30.87 -21.32 -38.66
N ARG C 460 29.64 -20.82 -38.63
CA ARG C 460 29.21 -19.87 -39.63
C ARG C 460 29.67 -18.47 -39.29
N LEU C 461 30.34 -17.83 -40.24
CA LEU C 461 30.89 -16.50 -40.04
C LEU C 461 30.09 -15.43 -40.76
N PHE C 462 29.57 -15.76 -41.93
CA PHE C 462 28.83 -14.77 -42.71
C PHE C 462 27.38 -15.18 -42.90
N ARG C 463 26.48 -14.23 -42.66
CA ARG C 463 25.06 -14.46 -42.82
C ARG C 463 24.32 -13.15 -43.05
N HIS C 464 23.16 -13.23 -43.68
CA HIS C 464 22.26 -12.08 -43.77
C HIS C 464 21.17 -12.20 -42.73
N GLY C 465 21.20 -11.34 -41.72
CA GLY C 465 20.24 -11.41 -40.63
C GLY C 465 20.72 -12.37 -39.53
N LYS C 466 19.80 -12.79 -38.68
CA LYS C 466 20.10 -13.63 -37.53
C LYS C 466 19.18 -14.83 -37.47
N ILE C 467 19.62 -15.89 -36.78
CA ILE C 467 18.79 -17.07 -36.60
C ILE C 467 17.83 -16.88 -35.43
N LYS C 468 16.76 -17.67 -35.40
CA LYS C 468 15.87 -17.68 -34.26
C LYS C 468 16.30 -18.77 -33.28
N PRO C 469 15.86 -18.71 -32.02
CA PRO C 469 16.13 -19.70 -30.99
C PRO C 469 15.81 -21.12 -31.46
N TYR C 470 16.76 -22.02 -31.21
CA TYR C 470 16.65 -23.44 -31.55
C TYR C 470 16.50 -23.74 -33.04
N GLU C 471 16.95 -22.84 -33.90
CA GLU C 471 16.99 -23.14 -35.33
C GLU C 471 18.35 -23.64 -35.79
N ARG C 472 18.35 -24.36 -36.91
CA ARG C 472 19.57 -24.80 -37.58
C ARG C 472 19.63 -24.33 -39.02
N ASP C 473 20.83 -24.07 -39.48
CA ASP C 473 21.07 -23.76 -40.88
C ASP C 473 22.34 -24.44 -41.34
N ILE C 474 22.20 -25.47 -42.16
CA ILE C 474 23.34 -26.27 -42.58
C ILE C 474 23.59 -26.12 -44.07
N SER C 475 23.04 -25.06 -44.66
CA SER C 475 23.26 -24.78 -46.08
C SER C 475 24.68 -24.28 -46.30
N ASN C 476 25.16 -24.38 -47.53
CA ASN C 476 26.52 -23.93 -47.82
C ASN C 476 26.61 -23.31 -49.21
N VAL C 477 26.31 -22.02 -49.29
CA VAL C 477 26.38 -21.29 -50.55
C VAL C 477 27.23 -20.04 -50.34
N LEU C 478 27.75 -19.49 -51.42
CA LEU C 478 28.60 -18.32 -51.29
C LEU C 478 27.83 -17.11 -50.79
N TYR C 479 28.47 -16.38 -49.89
CA TYR C 479 27.91 -15.18 -49.33
C TYR C 479 28.32 -13.97 -50.14
N ASN C 480 27.33 -13.23 -50.63
CA ASN C 480 27.59 -12.02 -51.39
C ASN C 480 27.37 -10.82 -50.49
N SER C 481 28.46 -10.14 -50.15
CA SER C 481 28.39 -9.05 -49.17
C SER C 481 27.59 -7.87 -49.70
N ALA C 482 27.39 -7.82 -51.01
CA ALA C 482 26.63 -6.73 -51.64
C ALA C 482 25.14 -7.07 -51.72
N GLY C 483 24.77 -8.26 -51.25
CA GLY C 483 23.40 -8.71 -51.31
C GLY C 483 23.17 -9.61 -52.51
N GLY C 484 22.18 -10.49 -52.40
CA GLY C 484 21.91 -11.44 -53.47
C GLY C 484 22.88 -12.61 -53.40
N THR C 485 23.15 -13.22 -54.55
CA THR C 485 24.01 -14.40 -54.62
C THR C 485 25.18 -14.14 -55.54
N CYS C 486 26.15 -15.06 -55.55
CA CYS C 486 27.32 -14.95 -56.43
C CYS C 486 27.92 -16.34 -56.68
N SER C 487 28.96 -16.36 -57.52
CA SER C 487 29.61 -17.61 -57.88
C SER C 487 31.13 -17.44 -57.98
N SER C 488 31.84 -18.53 -58.21
CA SER C 488 33.30 -18.53 -58.44
C SER C 488 34.13 -18.29 -57.18
N THR C 489 33.73 -17.30 -56.38
CA THR C 489 34.41 -16.89 -55.14
C THR C 489 35.54 -15.91 -55.45
N SER C 490 35.74 -15.63 -56.73
CA SER C 490 36.76 -14.67 -57.17
C SER C 490 36.13 -13.35 -57.60
N GLN C 491 34.85 -13.17 -57.28
CA GLN C 491 34.10 -12.00 -57.70
C GLN C 491 34.10 -10.89 -56.65
N LEU C 492 35.24 -10.72 -55.98
CA LEU C 492 35.49 -9.63 -55.03
C LEU C 492 34.68 -9.70 -53.73
N GLY C 493 33.36 -9.66 -53.84
CA GLY C 493 32.49 -9.62 -52.67
C GLY C 493 31.97 -10.99 -52.20
N CYS C 494 32.55 -12.08 -52.72
CA CYS C 494 32.13 -13.44 -52.40
C CYS C 494 32.99 -14.07 -51.32
N TYR C 495 32.32 -14.63 -50.32
CA TYR C 495 33.03 -15.29 -49.22
C TYR C 495 32.43 -16.66 -48.94
N GLU C 496 33.24 -17.57 -48.42
CA GLU C 496 32.73 -18.84 -47.94
C GLU C 496 32.09 -18.62 -46.58
N PRO C 497 30.82 -18.99 -46.40
CA PRO C 497 30.00 -18.70 -45.25
C PRO C 497 30.53 -19.35 -43.98
N LEU C 498 31.26 -20.45 -44.13
CA LEU C 498 31.79 -21.18 -43.00
C LEU C 498 33.27 -20.91 -42.81
N LYS C 499 33.70 -20.88 -41.56
CA LYS C 499 35.08 -20.68 -41.20
C LYS C 499 35.53 -21.78 -40.27
N SER C 500 36.66 -22.41 -40.58
CA SER C 500 37.14 -23.51 -39.77
C SER C 500 37.72 -23.03 -38.45
N TYR C 501 37.69 -23.90 -37.46
CA TYR C 501 38.40 -23.65 -36.23
C TYR C 501 39.82 -24.17 -36.34
N GLY C 502 40.79 -23.36 -35.99
CA GLY C 502 42.19 -23.77 -36.04
C GLY C 502 42.57 -24.59 -34.83
N PHE C 503 41.89 -25.72 -34.66
CA PHE C 503 42.07 -26.54 -33.46
C PHE C 503 43.31 -27.40 -33.53
N THR C 504 44.45 -26.78 -33.27
CA THR C 504 45.72 -27.49 -33.19
C THR C 504 46.02 -27.74 -31.71
N PRO C 505 46.68 -28.85 -31.37
CA PRO C 505 46.96 -29.31 -30.02
C PRO C 505 47.87 -28.39 -29.23
N THR C 506 48.59 -27.52 -29.93
CA THR C 506 49.53 -26.62 -29.29
C THR C 506 49.01 -25.19 -29.21
N VAL C 507 47.73 -25.00 -29.54
CA VAL C 507 47.14 -23.66 -29.52
C VAL C 507 46.86 -23.25 -28.07
N GLY C 508 46.97 -21.94 -27.81
CA GLY C 508 46.78 -21.43 -26.46
C GLY C 508 45.33 -21.54 -26.00
N VAL C 509 45.14 -21.44 -24.69
CA VAL C 509 43.84 -21.56 -24.07
C VAL C 509 42.92 -20.44 -24.57
N GLY C 510 41.70 -20.82 -24.92
CA GLY C 510 40.73 -19.89 -25.49
C GLY C 510 40.49 -20.23 -26.95
N TYR C 511 41.46 -20.90 -27.57
CA TYR C 511 41.32 -21.37 -28.93
C TYR C 511 41.17 -22.88 -28.96
N GLN C 512 41.28 -23.50 -27.78
CA GLN C 512 41.13 -24.93 -27.65
C GLN C 512 39.65 -25.29 -27.70
N PRO C 513 39.30 -26.46 -28.23
CA PRO C 513 37.95 -26.96 -28.37
C PRO C 513 37.30 -27.32 -27.04
N TYR C 514 36.02 -26.99 -26.92
CA TYR C 514 35.20 -27.36 -25.79
C TYR C 514 33.93 -28.06 -26.26
N ARG C 515 33.54 -29.10 -25.53
CA ARG C 515 32.29 -29.79 -25.82
C ARG C 515 31.18 -29.22 -24.98
N VAL C 516 30.11 -28.81 -25.63
CA VAL C 516 29.00 -28.17 -24.94
C VAL C 516 27.73 -29.00 -25.01
N VAL C 517 27.11 -29.20 -23.86
CA VAL C 517 25.83 -29.88 -23.78
C VAL C 517 24.80 -29.01 -23.09
N VAL C 518 23.67 -28.77 -23.75
CA VAL C 518 22.61 -27.94 -23.18
C VAL C 518 21.38 -28.77 -22.88
N LEU C 519 20.97 -28.78 -21.61
CA LEU C 519 19.82 -29.55 -21.19
C LEU C 519 18.60 -28.67 -21.00
N SER C 520 17.60 -28.88 -21.85
CA SER C 520 16.36 -28.08 -21.80
C SER C 520 15.29 -28.84 -21.04
N PHE C 521 14.68 -28.18 -20.05
CA PHE C 521 13.72 -28.83 -19.19
C PHE C 521 12.30 -28.26 -19.32
N GLU C 522 11.31 -29.13 -19.20
CA GLU C 522 9.92 -28.70 -19.07
C GLU C 522 9.28 -29.24 -17.79
N LEU C 523 8.51 -28.39 -17.11
CA LEU C 523 7.82 -28.76 -15.88
C LEU C 523 6.33 -28.47 -15.98
N LEU C 524 5.60 -29.36 -16.65
CA LEU C 524 4.19 -29.18 -16.93
C LEU C 524 3.31 -30.10 -16.10
N ASN C 525 2.01 -29.86 -16.13
CA ASN C 525 1.06 -30.76 -15.48
C ASN C 525 0.84 -31.94 -16.42
N ALA C 526 1.84 -32.81 -16.48
CA ALA C 526 1.87 -33.91 -17.42
C ALA C 526 2.74 -35.03 -16.84
N PRO C 527 2.58 -36.27 -17.30
CA PRO C 527 3.32 -37.45 -16.87
C PRO C 527 4.83 -37.22 -16.95
N ALA C 528 5.55 -37.60 -15.92
CA ALA C 528 7.00 -37.45 -15.90
C ALA C 528 7.65 -38.45 -16.83
N THR C 529 8.72 -38.03 -17.49
CA THR C 529 9.48 -38.92 -18.35
C THR C 529 10.87 -39.14 -17.75
N VAL C 530 11.34 -38.15 -17.00
CA VAL C 530 12.64 -38.22 -16.34
C VAL C 530 12.51 -37.78 -14.88
N CYS C 531 13.04 -38.58 -13.95
CA CYS C 531 13.00 -38.25 -12.51
C CYS C 531 14.36 -38.44 -11.86
N GLY C 532 14.64 -37.66 -10.84
CA GLY C 532 15.89 -37.82 -10.08
C GLY C 532 15.87 -39.10 -9.26
N PRO C 533 16.99 -39.46 -8.65
CA PRO C 533 17.26 -40.66 -7.89
C PRO C 533 16.68 -40.61 -6.48
N LYS C 534 15.36 -40.52 -6.39
CA LYS C 534 14.69 -40.49 -5.09
C LYS C 534 14.09 -41.83 -4.76
N LYS C 535 13.93 -42.12 -3.48
CA LYS C 535 13.29 -43.35 -3.05
C LYS C 535 11.89 -43.08 -2.53
N SER C 536 10.98 -44.00 -2.80
CA SER C 536 9.59 -43.85 -2.37
C SER C 536 9.35 -44.46 -1.00
N THR C 537 8.28 -44.00 -0.36
CA THR C 537 7.87 -44.48 0.95
C THR C 537 6.44 -44.99 0.92
N GLU C 538 6.00 -45.56 2.04
CA GLU C 538 4.62 -46.01 2.18
C GLU C 538 3.67 -44.83 2.16
N LEU C 539 2.47 -45.03 1.61
CA LEU C 539 1.48 -43.98 1.56
C LEU C 539 0.73 -43.87 2.88
N VAL C 540 0.77 -42.70 3.52
CA VAL C 540 0.04 -42.49 4.82
C VAL C 540 -1.17 -41.58 4.58
N LYS C 541 -2.32 -41.89 5.18
CA LYS C 541 -3.55 -41.10 4.93
C LYS C 541 -4.20 -40.71 6.25
N ASN C 542 -4.88 -39.56 6.30
CA ASN C 542 -5.63 -39.13 7.52
C ASN C 542 -4.68 -38.60 8.59
N LYS C 543 -3.42 -38.33 8.22
CA LYS C 543 -2.44 -37.74 9.19
C LYS C 543 -1.81 -36.49 8.59
N CYS C 544 -1.57 -35.46 9.39
CA CYS C 544 -0.84 -34.29 8.86
C CYS C 544 0.55 -34.83 8.52
N VAL C 545 1.11 -34.47 7.36
CA VAL C 545 2.39 -35.09 6.91
C VAL C 545 3.02 -34.20 5.85
N ASN C 546 4.33 -34.36 5.61
CA ASN C 546 4.92 -33.66 4.49
C ASN C 546 4.80 -34.59 3.31
N PHE C 547 4.79 -34.06 2.10
CA PHE C 547 4.72 -34.94 0.94
C PHE C 547 5.48 -34.43 -0.26
N ASN C 548 5.75 -35.34 -1.19
CA ASN C 548 6.40 -35.05 -2.45
C ASN C 548 5.94 -36.03 -3.53
N PHE C 549 5.12 -35.55 -4.48
CA PHE C 549 4.67 -36.39 -5.59
C PHE C 549 5.28 -35.90 -6.90
N ASN C 550 6.24 -36.64 -7.45
CA ASN C 550 6.95 -36.22 -8.65
C ASN C 550 7.56 -34.83 -8.46
N GLY C 551 8.05 -34.54 -7.27
CA GLY C 551 8.64 -33.23 -7.00
C GLY C 551 7.65 -32.21 -6.47
N LEU C 552 6.35 -32.53 -6.50
CA LEU C 552 5.32 -31.60 -6.04
C LEU C 552 5.12 -31.70 -4.53
N THR C 553 5.70 -30.74 -3.80
CA THR C 553 5.75 -30.84 -2.34
C THR C 553 4.70 -29.99 -1.63
N GLY C 554 4.55 -30.24 -0.33
CA GLY C 554 3.69 -29.46 0.54
C GLY C 554 3.40 -30.21 1.83
N THR C 555 2.59 -29.61 2.70
CA THR C 555 2.22 -30.23 3.97
C THR C 555 0.71 -30.30 4.13
N GLY C 556 0.19 -31.43 4.58
CA GLY C 556 -1.28 -31.50 4.66
C GLY C 556 -1.79 -32.87 5.03
N VAL C 557 -3.08 -33.10 4.82
CA VAL C 557 -3.69 -34.41 5.19
C VAL C 557 -4.11 -35.09 3.89
N LEU C 558 -3.69 -36.34 3.70
CA LEU C 558 -3.99 -37.06 2.43
C LEU C 558 -5.15 -38.03 2.66
N THR C 559 -6.20 -37.89 1.88
CA THR C 559 -7.39 -38.75 1.97
C THR C 559 -7.78 -39.26 0.58
N SER C 560 -8.81 -40.09 0.51
CA SER C 560 -9.26 -40.64 -0.78
C SER C 560 -10.21 -39.68 -1.49
N SER C 561 -9.97 -39.45 -2.78
CA SER C 561 -10.79 -38.52 -3.55
C SER C 561 -11.89 -39.21 -4.33
N THR C 562 -12.91 -38.44 -4.67
CA THR C 562 -14.01 -38.91 -5.50
C THR C 562 -14.02 -38.14 -6.83
N LYS C 563 -12.98 -37.33 -7.04
CA LYS C 563 -12.86 -36.50 -8.22
C LYS C 563 -12.29 -37.30 -9.37
N LYS C 564 -12.47 -36.82 -10.59
CA LYS C 564 -11.91 -37.50 -11.76
C LYS C 564 -10.91 -36.61 -12.49
N PHE C 565 -9.82 -37.23 -12.94
CA PHE C 565 -8.78 -36.54 -13.70
C PHE C 565 -8.82 -36.86 -15.18
N GLN C 566 -8.34 -35.92 -15.99
CA GLN C 566 -8.13 -36.17 -17.41
C GLN C 566 -7.02 -37.22 -17.54
N PRO C 567 -6.95 -37.95 -18.65
CA PRO C 567 -6.00 -39.01 -18.91
C PRO C 567 -4.55 -38.64 -18.56
N PHE C 568 -4.17 -37.37 -18.78
CA PHE C 568 -2.80 -36.96 -18.53
C PHE C 568 -2.68 -35.87 -17.47
N GLN C 569 -3.66 -35.81 -16.57
CA GLN C 569 -3.63 -34.86 -15.48
C GLN C 569 -2.96 -35.47 -14.25
N GLN C 570 -2.02 -34.73 -13.66
CA GLN C 570 -1.27 -35.23 -12.51
C GLN C 570 -1.74 -34.58 -11.21
N PHE C 571 -2.24 -33.36 -11.32
CA PHE C 571 -2.77 -32.66 -10.15
C PHE C 571 -3.86 -31.66 -10.52
N GLY C 572 -4.69 -31.29 -9.54
CA GLY C 572 -5.74 -30.30 -9.73
C GLY C 572 -5.61 -29.18 -8.70
N ARG C 573 -6.02 -27.98 -9.10
CA ARG C 573 -5.96 -26.80 -8.23
C ARG C 573 -7.25 -25.98 -8.32
N ASP C 574 -7.59 -25.31 -7.22
CA ASP C 574 -8.80 -24.47 -7.18
C ASP C 574 -8.47 -23.03 -7.55
N VAL C 575 -9.42 -22.14 -7.30
CA VAL C 575 -9.36 -20.75 -7.75
C VAL C 575 -8.25 -19.92 -7.10
N SER C 576 -7.69 -20.44 -6.01
CA SER C 576 -6.61 -19.77 -5.28
C SER C 576 -5.27 -20.39 -5.65
N ASP C 577 -5.32 -21.27 -6.64
CA ASP C 577 -4.17 -22.08 -7.04
C ASP C 577 -3.68 -22.93 -5.89
N PHE C 578 -4.63 -23.42 -5.09
CA PHE C 578 -4.33 -24.34 -4.02
C PHE C 578 -4.52 -25.76 -4.52
N THR C 579 -3.51 -26.59 -4.35
CA THR C 579 -3.61 -27.95 -4.84
C THR C 579 -4.43 -28.77 -3.88
N ASP C 580 -5.51 -29.35 -4.39
CA ASP C 580 -6.42 -30.10 -3.56
C ASP C 580 -6.53 -31.55 -4.04
N SER C 581 -5.88 -31.86 -5.17
CA SER C 581 -5.91 -33.23 -5.68
C SER C 581 -4.58 -33.59 -6.36
N VAL C 582 -4.10 -34.83 -6.12
CA VAL C 582 -2.94 -35.35 -6.84
C VAL C 582 -3.14 -36.80 -7.24
N ARG C 583 -2.56 -37.20 -8.38
CA ARG C 583 -2.55 -38.61 -8.78
C ARG C 583 -1.30 -39.31 -8.27
N ASP C 584 -1.49 -40.40 -7.52
CA ASP C 584 -0.35 -41.16 -7.02
C ASP C 584 0.38 -41.84 -8.17
N PRO C 585 1.68 -41.55 -8.36
CA PRO C 585 2.58 -42.04 -9.39
C PRO C 585 2.67 -43.55 -9.56
N LYS C 586 2.38 -44.32 -8.49
CA LYS C 586 2.50 -45.77 -8.57
C LYS C 586 1.15 -46.46 -8.54
N THR C 587 0.22 -45.95 -7.77
CA THR C 587 -1.13 -46.50 -7.73
C THR C 587 -2.07 -45.51 -8.37
N LEU C 588 -2.73 -45.92 -9.44
CA LEU C 588 -3.55 -45.00 -10.20
C LEU C 588 -4.83 -44.66 -9.47
N GLU C 589 -4.68 -43.79 -8.47
CA GLU C 589 -5.72 -43.34 -7.59
C GLU C 589 -5.54 -41.87 -7.22
N ILE C 590 -6.64 -41.13 -7.28
CA ILE C 590 -6.62 -39.71 -6.93
C ILE C 590 -6.84 -39.52 -5.43
N LEU C 591 -5.97 -38.72 -4.82
CA LEU C 591 -6.10 -38.39 -3.41
C LEU C 591 -6.61 -36.95 -3.26
N ASP C 592 -7.18 -36.70 -2.09
CA ASP C 592 -7.62 -35.37 -1.68
C ASP C 592 -6.67 -34.76 -0.68
N ILE C 593 -6.38 -33.48 -0.82
CA ILE C 593 -5.46 -32.79 0.09
C ILE C 593 -6.14 -31.69 0.91
N SER C 594 -6.08 -31.82 2.23
CA SER C 594 -6.73 -30.82 3.10
C SER C 594 -5.68 -30.07 3.91
N PRO C 595 -5.92 -28.81 4.29
CA PRO C 595 -5.01 -28.10 5.17
C PRO C 595 -5.06 -28.84 6.51
N CYS C 596 -3.96 -28.92 7.25
CA CYS C 596 -3.94 -29.72 8.51
C CYS C 596 -4.95 -29.14 9.52
N SER C 597 -5.06 -27.82 9.65
CA SER C 597 -6.11 -27.20 10.50
C SER C 597 -6.95 -26.22 9.67
N TYR C 598 -8.27 -26.25 9.77
CA TYR C 598 -9.09 -25.23 9.03
C TYR C 598 -10.49 -25.00 9.62
N GLY C 599 -10.93 -23.74 9.75
CA GLY C 599 -12.27 -23.37 10.18
C GLY C 599 -12.23 -22.38 11.35
N GLY C 600 -11.11 -22.37 12.06
CA GLY C 600 -10.89 -21.42 13.16
C GLY C 600 -11.15 -22.02 14.53
N VAL C 601 -10.32 -21.65 15.49
CA VAL C 601 -10.46 -22.10 16.88
C VAL C 601 -10.29 -20.92 17.83
N SER C 602 -11.18 -20.80 18.80
CA SER C 602 -11.10 -19.72 19.79
C SER C 602 -10.90 -20.24 21.21
N VAL C 603 -10.13 -19.50 22.00
CA VAL C 603 -9.89 -19.84 23.39
C VAL C 603 -10.52 -18.81 24.32
N ILE C 604 -11.32 -19.31 25.26
CA ILE C 604 -12.05 -18.48 26.19
C ILE C 604 -11.38 -18.45 27.55
N THR C 605 -11.08 -17.25 28.04
CA THR C 605 -10.42 -17.12 29.33
C THR C 605 -11.09 -16.06 30.21
N PRO C 606 -11.22 -16.33 31.51
CA PRO C 606 -11.72 -15.43 32.54
C PRO C 606 -10.69 -14.38 32.93
N GLY C 607 -9.49 -14.51 32.38
CA GLY C 607 -8.36 -13.66 32.73
C GLY C 607 -7.34 -14.44 33.53
N THR C 608 -6.07 -14.28 33.18
CA THR C 608 -4.99 -15.02 33.82
C THR C 608 -4.73 -14.59 35.27
N ASN C 609 -5.31 -13.45 35.68
CA ASN C 609 -5.23 -12.95 37.05
C ASN C 609 -6.39 -13.45 37.91
N THR C 610 -7.25 -14.32 37.34
CA THR C 610 -8.38 -14.93 38.04
C THR C 610 -8.16 -16.43 38.15
N SER C 611 -7.89 -17.08 37.03
CA SER C 611 -7.64 -18.51 37.00
C SER C 611 -6.91 -18.88 35.72
N LYS C 612 -6.46 -20.12 35.64
CA LYS C 612 -5.79 -20.60 34.44
C LYS C 612 -6.71 -21.51 33.64
N ALA C 613 -7.99 -21.48 33.98
CA ALA C 613 -8.99 -22.30 33.30
C ALA C 613 -9.32 -21.71 31.94
N VAL C 614 -9.46 -22.57 30.95
CA VAL C 614 -9.86 -22.13 29.61
C VAL C 614 -10.92 -23.05 29.04
N ALA C 615 -11.64 -22.55 28.05
CA ALA C 615 -12.56 -23.36 27.26
C ALA C 615 -12.26 -23.14 25.79
N VAL C 616 -12.47 -24.17 24.98
CA VAL C 616 -12.13 -24.07 23.56
C VAL C 616 -13.36 -24.19 22.67
N LEU C 617 -13.52 -23.22 21.78
CA LEU C 617 -14.60 -23.25 20.81
C LEU C 617 -14.08 -23.65 19.44
N TYR C 618 -14.61 -24.74 18.91
CA TYR C 618 -14.26 -25.19 17.57
C TYR C 618 -15.32 -24.68 16.61
N GLN C 619 -14.94 -23.75 15.75
CA GLN C 619 -15.93 -23.03 14.94
C GLN C 619 -16.50 -23.89 13.82
N ASP C 620 -17.83 -23.84 13.68
CA ASP C 620 -18.55 -24.51 12.60
C ASP C 620 -18.25 -26.00 12.47
N VAL C 621 -18.19 -26.70 13.60
CA VAL C 621 -18.05 -28.15 13.57
C VAL C 621 -19.04 -28.78 14.54
N ASN C 622 -19.32 -30.07 14.36
CA ASN C 622 -20.08 -30.85 15.32
C ASN C 622 -19.16 -31.29 16.46
N CYS C 623 -19.78 -31.74 17.57
CA CYS C 623 -18.98 -32.25 18.73
C CYS C 623 -18.64 -33.70 18.53
N THR C 624 -19.06 -34.31 17.46
CA THR C 624 -18.77 -35.70 17.15
C THR C 624 -17.55 -35.80 16.21
N ASP C 625 -17.23 -34.67 15.58
CA ASP C 625 -16.15 -34.61 14.60
C ASP C 625 -14.91 -33.92 15.16
N VAL C 626 -14.97 -33.46 16.40
CA VAL C 626 -13.83 -32.75 16.97
C VAL C 626 -12.57 -33.60 16.99
N PRO C 627 -12.64 -34.89 17.38
CA PRO C 627 -11.53 -35.83 17.43
C PRO C 627 -10.92 -36.11 16.06
N THR C 628 -11.60 -35.68 14.99
CA THR C 628 -11.10 -35.90 13.64
C THR C 628 -10.53 -34.61 13.07
N MET C 629 -11.22 -33.49 13.29
CA MET C 629 -10.73 -32.18 12.79
C MET C 629 -9.44 -31.83 13.55
N LEU C 630 -9.36 -32.26 14.81
CA LEU C 630 -8.15 -32.07 15.60
C LEU C 630 -6.85 -32.71 15.17
N HIS C 631 -6.72 -34.02 15.37
CA HIS C 631 -5.42 -34.70 15.08
C HIS C 631 -4.98 -35.12 16.48
N VAL C 632 -5.88 -35.71 17.25
CA VAL C 632 -5.68 -36.09 18.64
C VAL C 632 -4.63 -37.16 18.82
N GLU C 633 -4.67 -38.18 17.97
CA GLU C 633 -3.75 -39.33 18.12
C GLU C 633 -2.41 -39.01 17.51
N GLN C 634 -2.29 -37.89 16.80
CA GLN C 634 -1.03 -37.66 16.06
C GLN C 634 -0.08 -36.74 16.80
N VAL C 635 -0.59 -35.60 17.26
CA VAL C 635 0.29 -34.59 17.83
C VAL C 635 -0.11 -34.19 19.25
N SER C 636 -1.40 -34.11 19.51
CA SER C 636 -1.89 -33.54 20.75
C SER C 636 -1.39 -34.28 21.99
N THR C 637 -1.07 -33.52 23.02
CA THR C 637 -0.67 -34.07 24.32
C THR C 637 -1.69 -33.70 25.39
N ASP C 638 -1.49 -32.57 26.05
CA ASP C 638 -2.45 -32.09 27.05
C ASP C 638 -3.75 -31.68 26.38
N TRP C 639 -3.65 -31.34 25.09
CA TRP C 639 -4.79 -30.98 24.25
C TRP C 639 -5.85 -32.06 24.18
N ARG C 640 -5.46 -33.29 24.47
CA ARG C 640 -6.37 -34.42 24.36
C ARG C 640 -7.63 -34.24 25.22
N VAL C 641 -7.48 -33.55 26.35
CA VAL C 641 -8.60 -33.39 27.27
C VAL C 641 -9.69 -32.48 26.70
N TYR C 642 -9.34 -31.67 25.71
CA TYR C 642 -10.29 -30.76 25.10
C TYR C 642 -10.87 -31.36 23.83
N ALA C 643 -10.08 -32.17 23.15
CA ALA C 643 -10.51 -32.74 21.88
C ALA C 643 -11.45 -33.93 22.09
N LEU C 644 -11.27 -34.66 23.17
CA LEU C 644 -12.08 -35.85 23.41
C LEU C 644 -13.28 -35.53 24.29
N SER C 645 -14.40 -36.18 23.97
CA SER C 645 -15.63 -35.98 24.71
C SER C 645 -15.63 -36.66 26.05
N ALA C 646 -16.51 -36.21 26.93
CA ALA C 646 -16.72 -36.77 28.26
C ALA C 646 -18.03 -36.24 28.82
N ASP C 647 -18.49 -36.81 29.92
CA ASP C 647 -19.75 -36.36 30.49
C ASP C 647 -19.63 -34.94 31.04
N GLY C 648 -20.34 -34.02 30.39
CA GLY C 648 -20.34 -32.61 30.80
C GLY C 648 -19.13 -31.84 30.26
N ASN C 649 -18.41 -32.43 29.32
CA ASN C 649 -17.23 -31.77 28.77
C ASN C 649 -17.57 -30.95 27.52
N MET C 650 -18.52 -31.43 26.72
CA MET C 650 -18.83 -30.76 25.46
C MET C 650 -20.28 -30.30 25.37
N PHE C 651 -20.45 -29.11 24.81
CA PHE C 651 -21.76 -28.50 24.59
C PHE C 651 -21.88 -27.99 23.15
N GLN C 652 -22.90 -28.45 22.44
CA GLN C 652 -23.06 -28.09 21.04
C GLN C 652 -23.88 -26.81 20.89
N THR C 653 -23.30 -25.83 20.21
CA THR C 653 -23.99 -24.57 19.93
C THR C 653 -24.04 -24.32 18.42
N GLN C 654 -24.69 -23.23 18.02
CA GLN C 654 -24.79 -22.90 16.60
C GLN C 654 -23.45 -22.40 16.05
N ALA C 655 -22.69 -21.70 16.89
CA ALA C 655 -21.40 -21.17 16.50
C ALA C 655 -20.37 -22.27 16.26
N GLY C 656 -20.49 -23.37 17.01
CA GLY C 656 -19.53 -24.46 16.92
C GLY C 656 -19.62 -25.35 18.16
N CYS C 657 -18.58 -26.16 18.41
CA CYS C 657 -18.54 -27.05 19.57
C CYS C 657 -17.72 -26.43 20.70
N LEU C 658 -18.34 -26.26 21.85
CA LEU C 658 -17.66 -25.66 23.00
C LEU C 658 -17.26 -26.72 24.02
N VAL C 659 -15.97 -26.81 24.32
CA VAL C 659 -15.49 -27.81 25.26
C VAL C 659 -14.73 -27.20 26.43
N GLY C 660 -14.95 -27.75 27.62
CA GLY C 660 -14.24 -27.31 28.81
C GLY C 660 -15.12 -26.45 29.69
N ALA C 661 -16.23 -25.98 29.14
CA ALA C 661 -17.20 -25.18 29.88
C ALA C 661 -18.45 -25.99 30.13
N THR C 662 -19.12 -25.72 31.25
CA THR C 662 -20.38 -26.38 31.54
C THR C 662 -21.53 -25.54 31.02
N TYR C 663 -22.75 -26.02 31.18
CA TYR C 663 -23.90 -25.24 30.75
C TYR C 663 -24.89 -25.10 31.89
N GLU C 664 -25.22 -23.86 32.22
CA GLU C 664 -26.04 -23.55 33.39
C GLU C 664 -27.52 -23.92 33.26
N ASN C 665 -28.07 -23.84 32.05
CA ASN C 665 -29.52 -24.01 31.86
C ASN C 665 -30.28 -22.92 32.62
N SER C 666 -29.89 -21.66 32.38
CA SER C 666 -30.53 -20.47 32.94
C SER C 666 -30.14 -19.28 32.08
N THR C 667 -30.70 -18.11 32.38
CA THR C 667 -30.39 -16.92 31.61
C THR C 667 -29.83 -15.81 32.48
N TYR C 668 -28.91 -15.05 31.94
CA TYR C 668 -28.30 -13.94 32.64
C TYR C 668 -27.89 -12.86 31.66
N GLU C 669 -27.37 -11.76 32.17
CA GLU C 669 -26.81 -10.74 31.29
C GLU C 669 -25.51 -11.27 30.70
N CYS C 670 -25.24 -10.94 29.44
CA CYS C 670 -24.06 -11.42 28.73
C CYS C 670 -22.78 -10.79 29.30
N ASP C 671 -21.77 -11.64 29.48
CA ASP C 671 -20.46 -11.21 29.96
C ASP C 671 -19.42 -11.42 28.85
N ILE C 672 -18.98 -12.66 28.67
CA ILE C 672 -18.13 -12.99 27.53
C ILE C 672 -18.97 -13.67 26.45
N PRO C 673 -19.19 -13.03 25.30
CA PRO C 673 -19.96 -13.54 24.20
C PRO C 673 -19.19 -14.66 23.51
N ILE C 674 -19.87 -15.76 23.20
CA ILE C 674 -19.22 -16.86 22.52
C ILE C 674 -19.77 -17.07 21.13
N GLY C 675 -21.09 -17.21 21.05
CA GLY C 675 -21.75 -17.51 19.80
C GLY C 675 -23.02 -16.71 19.66
N ALA C 676 -24.01 -17.29 18.99
CA ALA C 676 -25.27 -16.61 18.78
C ALA C 676 -26.27 -17.00 19.86
N GLY C 677 -26.46 -16.10 20.82
CA GLY C 677 -27.34 -16.34 21.97
C GLY C 677 -26.60 -16.93 23.16
N ILE C 678 -25.35 -17.36 22.96
CA ILE C 678 -24.58 -17.99 24.04
C ILE C 678 -23.42 -17.11 24.51
N CYS C 679 -23.35 -16.93 25.85
CA CYS C 679 -22.30 -16.18 26.53
C CYS C 679 -21.75 -17.04 27.67
N ALA C 680 -20.69 -16.59 28.32
CA ALA C 680 -20.15 -17.32 29.45
C ALA C 680 -19.57 -16.41 30.53
N LYS C 681 -19.50 -16.96 31.74
CA LYS C 681 -18.95 -16.29 32.91
C LYS C 681 -18.01 -17.21 33.66
N PHE C 682 -17.14 -16.65 34.48
CA PHE C 682 -16.26 -17.46 35.33
C PHE C 682 -17.03 -18.23 36.40
N GLY C 683 -17.90 -17.53 37.13
CA GLY C 683 -18.67 -18.12 38.23
C GLY C 683 -19.65 -19.17 37.73
N SER C 691 -14.16 -22.47 37.17
CA SER C 691 -14.06 -22.87 35.76
C SER C 691 -14.76 -21.88 34.83
N ILE C 692 -15.48 -22.40 33.84
CA ILE C 692 -16.23 -21.56 32.92
C ILE C 692 -17.66 -22.07 32.76
N VAL C 693 -18.61 -21.15 32.85
CA VAL C 693 -20.02 -21.50 32.73
C VAL C 693 -20.67 -20.84 31.53
N ALA C 694 -21.22 -21.65 30.64
CA ALA C 694 -21.94 -21.14 29.48
C ALA C 694 -23.43 -21.04 29.79
N TYR C 695 -24.08 -20.05 29.21
CA TYR C 695 -25.51 -19.84 29.40
C TYR C 695 -26.12 -19.08 28.24
N THR C 696 -27.45 -19.12 28.14
CA THR C 696 -28.15 -18.31 27.17
C THR C 696 -28.36 -16.91 27.74
N MET C 697 -28.07 -15.90 26.93
CA MET C 697 -28.17 -14.53 27.41
C MET C 697 -29.63 -14.06 27.46
N SER C 698 -29.93 -13.24 28.46
CA SER C 698 -31.25 -12.64 28.61
C SER C 698 -31.37 -11.39 27.77
N ILE C 699 -32.59 -11.10 27.34
CA ILE C 699 -32.86 -9.89 26.57
C ILE C 699 -33.79 -8.94 27.33
N GLY C 700 -33.91 -9.16 28.63
CA GLY C 700 -34.75 -8.32 29.47
C GLY C 700 -35.75 -9.17 30.24
N GLU C 701 -36.37 -8.58 31.25
CA GLU C 701 -37.36 -9.27 32.07
C GLU C 701 -38.68 -9.34 31.35
N ASP C 702 -39.52 -10.31 31.73
CA ASP C 702 -40.84 -10.47 31.13
C ASP C 702 -41.91 -9.67 31.88
N GLN C 703 -42.73 -8.97 31.12
CA GLN C 703 -43.86 -8.23 31.66
C GLN C 703 -45.12 -8.51 30.86
N SER C 704 -46.27 -8.33 31.49
CA SER C 704 -47.54 -8.52 30.79
C SER C 704 -48.54 -7.44 31.15
N ILE C 705 -48.99 -6.70 30.14
CA ILE C 705 -50.00 -5.68 30.34
C ILE C 705 -51.30 -6.15 29.74
N ALA C 706 -52.29 -6.41 30.59
CA ALA C 706 -53.58 -6.87 30.11
C ALA C 706 -54.26 -5.74 29.38
N TYR C 707 -54.88 -6.04 28.26
CA TYR C 707 -55.58 -5.00 27.52
C TYR C 707 -56.99 -4.81 28.04
N SER C 708 -57.36 -3.55 28.23
CA SER C 708 -58.71 -3.19 28.60
C SER C 708 -59.08 -1.93 27.86
N ASN C 709 -60.38 -1.75 27.61
CA ASN C 709 -60.88 -0.64 26.80
C ASN C 709 -61.67 0.39 27.63
N ASN C 710 -61.82 0.17 28.93
CA ASN C 710 -62.64 1.03 29.79
C ASN C 710 -61.89 1.60 31.00
N THR C 711 -60.57 1.46 31.01
CA THR C 711 -59.75 2.04 32.09
C THR C 711 -58.53 2.74 31.53
N ILE C 712 -57.94 3.62 32.34
CA ILE C 712 -56.71 4.31 31.97
C ILE C 712 -55.82 4.52 33.19
N ALA C 713 -54.51 4.40 32.98
CA ALA C 713 -53.55 4.63 34.07
C ALA C 713 -52.99 6.04 34.01
N ILE C 714 -53.01 6.72 35.17
CA ILE C 714 -52.50 8.08 35.27
C ILE C 714 -51.64 8.23 36.52
N PRO C 715 -50.41 8.78 36.41
CA PRO C 715 -49.48 9.03 37.49
C PRO C 715 -50.04 10.06 38.46
N THR C 716 -49.90 9.79 39.75
CA THR C 716 -50.33 10.73 40.80
C THR C 716 -49.16 11.43 41.49
N ASN C 717 -47.93 11.04 41.12
CA ASN C 717 -46.69 11.56 41.72
C ASN C 717 -45.61 11.64 40.64
N PHE C 718 -44.50 12.31 40.96
CA PHE C 718 -43.37 12.45 40.03
C PHE C 718 -42.07 12.71 40.76
N SER C 719 -40.97 12.54 40.04
CA SER C 719 -39.66 12.86 40.58
C SER C 719 -38.75 13.46 39.52
N ILE C 720 -37.78 14.24 39.98
CA ILE C 720 -36.76 14.80 39.09
C ILE C 720 -35.51 13.95 39.14
N SER C 721 -35.04 13.55 37.97
CA SER C 721 -33.84 12.72 37.88
C SER C 721 -32.80 13.38 36.98
N VAL C 722 -31.53 13.08 37.23
CA VAL C 722 -30.46 13.60 36.38
C VAL C 722 -29.60 12.46 35.86
N THR C 723 -29.42 12.41 34.53
CA THR C 723 -28.62 11.37 33.92
C THR C 723 -27.40 11.97 33.21
N THR C 724 -26.39 11.14 32.97
CA THR C 724 -25.15 11.62 32.35
C THR C 724 -24.93 11.02 30.96
N GLU C 725 -24.60 11.88 30.02
CA GLU C 725 -24.26 11.45 28.66
C GLU C 725 -22.87 11.94 28.25
N VAL C 726 -22.07 11.05 27.69
CA VAL C 726 -20.69 11.37 27.36
C VAL C 726 -20.41 11.27 25.86
N LEU C 727 -19.86 12.34 25.29
CA LEU C 727 -19.48 12.34 23.88
C LEU C 727 -18.03 12.81 23.68
N PRO C 728 -17.24 12.08 22.88
CA PRO C 728 -15.96 12.49 22.34
C PRO C 728 -16.12 13.70 21.44
N VAL C 729 -15.16 14.61 21.47
CA VAL C 729 -15.18 15.77 20.59
C VAL C 729 -13.94 15.87 19.73
N SER C 730 -12.76 15.54 20.29
CA SER C 730 -11.53 15.74 19.54
C SER C 730 -10.47 14.67 19.78
N MET C 731 -9.52 14.58 18.85
CA MET C 731 -8.39 13.66 18.92
C MET C 731 -7.12 14.37 19.34
N THR C 732 -6.09 13.59 19.63
CA THR C 732 -4.75 14.13 19.83
C THR C 732 -4.15 14.47 18.48
N LYS C 733 -3.62 15.69 18.35
CA LYS C 733 -3.05 16.13 17.09
C LYS C 733 -1.60 15.68 16.97
N THR C 734 -1.30 14.94 15.91
CA THR C 734 0.06 14.45 15.72
C THR C 734 0.70 15.04 14.48
N SER C 735 2.02 14.94 14.40
CA SER C 735 2.77 15.40 13.24
C SER C 735 3.96 14.50 13.00
N VAL C 736 4.23 14.21 11.72
CA VAL C 736 5.32 13.32 11.38
C VAL C 736 6.34 13.97 10.45
N ASP C 737 7.61 13.86 10.82
CA ASP C 737 8.70 14.26 9.95
C ASP C 737 9.02 13.07 9.07
N CYS C 738 8.62 13.13 7.81
CA CYS C 738 8.60 11.99 6.93
C CYS C 738 10.01 11.62 6.44
N ASN C 739 10.96 12.53 6.66
CA ASN C 739 12.34 12.25 6.30
C ASN C 739 13.05 11.59 7.48
N MET C 740 12.82 12.12 8.69
CA MET C 740 13.49 11.62 9.89
C MET C 740 13.01 10.21 10.22
N TYR C 741 11.75 9.93 9.93
CA TYR C 741 11.16 8.63 10.18
C TYR C 741 11.70 7.56 9.23
N ILE C 742 11.74 7.88 7.94
CA ILE C 742 12.11 6.90 6.92
C ILE C 742 13.62 6.68 6.82
N CYS C 743 14.41 7.76 6.78
CA CYS C 743 15.82 7.72 6.50
C CYS C 743 16.69 8.01 7.74
N GLY C 744 16.19 8.92 8.58
CA GLY C 744 16.96 9.32 9.75
C GLY C 744 18.21 10.11 9.34
N ASP C 745 19.37 9.62 9.76
CA ASP C 745 20.63 10.29 9.45
C ASP C 745 21.30 9.79 8.18
N SER C 746 20.62 8.92 7.45
CA SER C 746 21.20 8.39 6.22
C SER C 746 20.98 9.34 5.05
N THR C 747 22.06 9.92 4.55
CA THR C 747 21.96 10.86 3.45
C THR C 747 21.82 10.14 2.11
N GLU C 748 22.32 8.91 2.06
CA GLU C 748 22.14 8.09 0.87
C GLU C 748 20.67 7.71 0.70
N CYS C 749 20.00 7.36 1.81
CA CYS C 749 18.57 7.08 1.81
C CYS C 749 17.79 8.31 1.37
N SER C 750 18.16 9.47 1.91
CA SER C 750 17.45 10.71 1.57
C SER C 750 17.42 10.91 0.06
N ASN C 751 18.56 10.71 -0.58
CA ASN C 751 18.64 10.86 -2.03
C ASN C 751 17.73 9.88 -2.76
N LEU C 752 17.56 8.69 -2.17
CA LEU C 752 16.71 7.66 -2.76
C LEU C 752 15.24 7.92 -2.46
N LEU C 753 14.96 8.56 -1.33
CA LEU C 753 13.58 8.86 -0.94
C LEU C 753 12.99 9.95 -1.83
N LEU C 754 13.86 10.78 -2.39
CA LEU C 754 13.42 11.82 -3.31
C LEU C 754 12.92 11.24 -4.63
N GLN C 755 13.13 9.94 -4.81
CA GLN C 755 12.73 9.28 -6.05
C GLN C 755 11.28 8.82 -5.99
N TYR C 756 10.63 9.06 -4.85
CA TYR C 756 9.24 8.66 -4.65
C TYR C 756 8.28 9.83 -4.78
N GLY C 757 8.77 10.92 -5.36
CA GLY C 757 7.96 12.09 -5.68
C GLY C 757 7.36 12.77 -4.47
N SER C 758 6.06 13.02 -4.53
CA SER C 758 5.36 13.74 -3.47
C SER C 758 4.73 12.81 -2.46
N PHE C 759 4.94 11.51 -2.62
CA PHE C 759 4.31 10.55 -1.71
C PHE C 759 4.51 10.98 -0.25
N CYS C 760 5.74 11.36 0.10
CA CYS C 760 6.12 11.81 1.44
C CYS C 760 5.35 13.07 1.84
N THR C 761 5.28 14.03 0.93
CA THR C 761 4.57 15.29 1.17
C THR C 761 3.08 15.07 1.42
N GLN C 762 2.48 14.16 0.65
CA GLN C 762 1.06 13.89 0.77
C GLN C 762 0.69 13.41 2.17
N LEU C 763 1.57 12.62 2.77
CA LEU C 763 1.35 12.10 4.11
C LEU C 763 1.30 13.25 5.11
N ASN C 764 2.19 14.20 4.94
CA ASN C 764 2.26 15.34 5.83
C ASN C 764 1.01 16.20 5.71
N ARG C 765 0.53 16.35 4.48
CA ARG C 765 -0.64 17.16 4.20
C ARG C 765 -1.89 16.57 4.82
N ALA C 766 -2.04 15.24 4.75
CA ALA C 766 -3.20 14.57 5.32
C ALA C 766 -3.27 14.76 6.82
N LEU C 767 -2.12 14.62 7.50
CA LEU C 767 -2.10 14.77 8.95
C LEU C 767 -2.34 16.21 9.36
N SER C 768 -1.84 17.16 8.56
CA SER C 768 -2.04 18.57 8.85
C SER C 768 -3.53 18.92 8.80
N GLY C 769 -4.22 18.38 7.80
CA GLY C 769 -5.65 18.61 7.65
C GLY C 769 -6.42 18.13 8.87
N ILE C 770 -6.06 16.95 9.39
CA ILE C 770 -6.71 16.41 10.57
C ILE C 770 -6.49 17.31 11.76
N ALA C 771 -5.25 17.75 11.96
CA ALA C 771 -4.89 18.57 13.09
C ALA C 771 -5.75 19.82 13.16
N VAL C 772 -6.02 20.44 12.01
CA VAL C 772 -6.85 21.63 11.97
C VAL C 772 -8.29 21.32 12.34
N GLU C 773 -8.82 20.23 11.79
CA GLU C 773 -10.19 19.82 12.05
C GLU C 773 -10.45 19.64 13.54
N GLN C 774 -9.46 19.14 14.28
CA GLN C 774 -9.65 18.86 15.69
C GLN C 774 -9.90 20.12 16.52
N ASP C 775 -9.37 21.26 16.07
CA ASP C 775 -9.62 22.51 16.78
C ASP C 775 -10.99 23.05 16.41
N ARG C 776 -11.42 22.78 15.19
CA ARG C 776 -12.76 23.16 14.75
C ARG C 776 -13.81 22.35 15.50
N ASN C 777 -13.51 21.08 15.74
CA ASN C 777 -14.45 20.21 16.46
C ASN C 777 -14.73 20.76 17.84
N THR C 778 -13.70 21.20 18.54
CA THR C 778 -13.87 21.72 19.88
C THR C 778 -14.65 23.04 19.86
N ARG C 779 -14.26 23.94 18.95
CA ARG C 779 -14.89 25.24 18.88
C ARG C 779 -16.38 25.14 18.56
N ASP C 780 -16.73 24.23 17.65
CA ASP C 780 -18.11 24.07 17.20
C ASP C 780 -19.04 23.50 18.27
N VAL C 781 -18.47 23.02 19.38
CA VAL C 781 -19.27 22.45 20.45
C VAL C 781 -19.40 23.40 21.62
N PHE C 782 -18.28 23.97 22.05
CA PHE C 782 -18.27 24.78 23.26
C PHE C 782 -18.58 26.25 23.02
N ALA C 783 -18.15 26.79 21.88
CA ALA C 783 -18.30 28.25 21.64
C ALA C 783 -19.68 28.62 21.09
N GLN C 784 -20.74 28.09 21.70
CA GLN C 784 -22.14 28.35 21.26
C GLN C 784 -22.54 29.84 21.39
N THR C 785 -22.16 30.51 22.49
CA THR C 785 -22.47 31.96 22.63
C THR C 785 -21.19 32.78 22.74
N LYS C 786 -21.07 33.85 21.95
CA LYS C 786 -19.88 34.75 22.04
C LYS C 786 -19.82 35.43 23.41
N ALA C 787 -20.98 35.89 23.93
CA ALA C 787 -20.99 36.60 25.22
C ALA C 787 -20.53 35.66 26.34
N ILE C 788 -19.70 36.15 27.25
CA ILE C 788 -19.18 35.32 28.36
C ILE C 788 -19.80 35.88 29.62
N TYR C 789 -20.56 35.07 30.34
CA TYR C 789 -21.27 35.63 31.47
C TYR C 789 -20.53 35.39 32.77
N LYS C 790 -20.43 36.43 33.58
CA LYS C 790 -19.76 36.34 34.86
C LYS C 790 -20.48 35.34 35.76
N THR C 791 -19.71 34.43 36.35
CA THR C 791 -20.27 33.45 37.26
C THR C 791 -20.73 34.17 38.53
N PRO C 792 -22.02 34.03 38.91
CA PRO C 792 -22.64 34.71 40.03
C PRO C 792 -22.10 34.18 41.36
N ASN C 793 -22.11 35.05 42.37
CA ASN C 793 -21.68 34.66 43.71
C ASN C 793 -22.79 33.90 44.44
N ILE C 794 -23.97 33.92 43.86
CA ILE C 794 -25.12 33.23 44.42
C ILE C 794 -25.38 31.93 43.67
N LYS C 795 -25.34 30.82 44.40
CA LYS C 795 -25.54 29.51 43.79
C LYS C 795 -26.92 28.95 44.13
N ASP C 796 -27.71 29.77 44.81
CA ASP C 796 -29.07 29.42 45.21
C ASP C 796 -30.09 30.20 44.40
N PHE C 797 -30.77 29.52 43.48
CA PHE C 797 -31.71 30.17 42.59
C PHE C 797 -33.13 29.69 42.85
N GLY C 798 -33.72 30.13 43.96
CA GLY C 798 -35.07 29.71 44.33
C GLY C 798 -35.09 28.34 45.00
N GLY C 799 -33.99 27.98 45.66
CA GLY C 799 -33.88 26.70 46.33
C GLY C 799 -33.08 25.70 45.51
N PHE C 800 -32.83 26.04 44.26
CA PHE C 800 -32.07 25.20 43.36
C PHE C 800 -30.55 25.48 43.49
N ASN C 801 -29.79 24.44 43.87
CA ASN C 801 -28.35 24.52 44.21
C ASN C 801 -27.50 24.15 42.99
N PHE C 802 -26.74 25.20 42.54
CA PHE C 802 -25.89 25.11 41.34
C PHE C 802 -24.40 25.03 41.66
N SER C 803 -24.08 24.90 42.94
CA SER C 803 -22.69 25.01 43.39
C SER C 803 -21.81 23.86 42.90
N GLN C 804 -22.43 22.79 42.42
CA GLN C 804 -21.65 21.64 41.96
C GLN C 804 -21.37 21.68 40.47
N ILE C 805 -22.06 22.56 39.73
CA ILE C 805 -21.86 22.63 38.28
C ILE C 805 -21.21 23.95 37.86
N LEU C 806 -21.22 24.94 38.75
CA LEU C 806 -20.52 26.20 38.53
C LEU C 806 -19.21 26.23 39.33
N PRO C 807 -18.16 26.86 38.80
CA PRO C 807 -16.87 27.04 39.42
C PRO C 807 -16.96 27.97 40.63
N ASP C 808 -16.15 27.69 41.64
CA ASP C 808 -16.11 28.53 42.84
C ASP C 808 -14.97 29.54 42.76
N PRO C 809 -15.29 30.84 42.62
CA PRO C 809 -14.37 31.94 42.36
C PRO C 809 -13.45 32.20 43.55
N LYS C 810 -13.76 31.61 44.69
CA LYS C 810 -12.97 31.81 45.90
C LYS C 810 -11.91 30.73 46.05
N LYS C 811 -11.89 29.77 45.14
CA LYS C 811 -10.95 28.66 45.20
C LYS C 811 -9.86 28.81 44.12
N PRO C 812 -8.70 28.15 44.31
CA PRO C 812 -7.62 28.01 43.34
C PRO C 812 -8.05 27.41 42.01
N SER C 813 -9.13 26.63 42.01
CA SER C 813 -9.60 25.98 40.80
C SER C 813 -10.58 26.85 40.01
N TYR C 814 -10.55 26.72 38.69
CA TYR C 814 -11.47 27.45 37.83
C TYR C 814 -12.56 26.54 37.28
N ARG C 815 -12.60 25.32 37.80
CA ARG C 815 -13.57 24.32 37.35
C ARG C 815 -14.54 23.96 38.45
N SER C 816 -15.70 23.45 38.06
CA SER C 816 -16.70 23.00 39.03
C SER C 816 -16.24 21.68 39.65
N PRO C 817 -16.74 21.34 40.85
CA PRO C 817 -16.53 20.07 41.55
C PRO C 817 -16.70 18.86 40.65
N ILE C 818 -17.79 18.84 39.88
CA ILE C 818 -18.01 17.72 38.97
C ILE C 818 -16.95 17.66 37.88
N GLU C 819 -16.59 18.81 37.31
CA GLU C 819 -15.57 18.84 36.27
C GLU C 819 -14.22 18.33 36.79
N ASP C 820 -13.83 18.72 37.99
CA ASP C 820 -12.57 18.24 38.54
C ASP C 820 -12.56 16.73 38.63
N LEU C 821 -13.69 16.15 39.02
CA LEU C 821 -13.81 14.72 39.10
C LEU C 821 -13.67 14.08 37.72
N LEU C 822 -14.27 14.68 36.71
CA LEU C 822 -14.20 14.13 35.36
C LEU C 822 -12.76 14.13 34.86
N TYR C 823 -12.04 15.22 35.12
CA TYR C 823 -10.67 15.36 34.64
C TYR C 823 -9.73 14.31 35.23
N ASN C 824 -9.94 13.97 36.50
CA ASN C 824 -9.05 13.04 37.18
C ASN C 824 -9.39 11.58 36.92
N LYS C 825 -10.40 11.32 36.09
CA LYS C 825 -10.82 9.96 35.79
C LYS C 825 -10.40 9.48 34.40
N VAL C 826 -10.13 10.41 33.49
CA VAL C 826 -9.76 10.03 32.14
C VAL C 826 -8.34 10.44 31.79
N THR C 827 -7.61 10.95 32.79
CA THR C 827 -6.22 11.33 32.58
C THR C 827 -5.36 10.13 32.15
N LEU C 828 -5.57 8.98 32.79
CA LEU C 828 -4.86 7.73 32.49
C LEU C 828 -3.35 7.89 32.65
N ASP C 848 12.77 6.28 26.98
CA ASP C 848 11.35 6.67 27.14
C ASP C 848 10.64 6.56 25.78
N LEU C 849 9.50 5.87 25.74
CA LEU C 849 8.73 5.80 24.50
C LEU C 849 8.59 7.17 23.85
N ILE C 850 8.48 8.21 24.67
CA ILE C 850 8.35 9.56 24.15
C ILE C 850 9.63 9.97 23.44
N CYS C 851 10.78 9.61 24.03
CA CYS C 851 12.06 9.92 23.42
C CYS C 851 12.21 9.17 22.12
N ALA C 852 11.79 7.90 22.10
CA ALA C 852 11.85 7.10 20.88
C ALA C 852 10.99 7.73 19.79
N GLN C 853 9.84 8.27 20.17
CA GLN C 853 8.96 8.91 19.20
C GLN C 853 9.62 10.17 18.63
N LYS C 854 10.20 11.00 19.49
CA LYS C 854 10.81 12.24 19.04
C LYS C 854 12.02 12.00 18.14
N PHE C 855 12.82 11.00 18.49
CA PHE C 855 14.03 10.70 17.74
C PHE C 855 13.69 10.17 16.35
N ASN C 856 12.52 9.56 16.21
CA ASN C 856 12.11 9.01 14.93
C ASN C 856 11.14 9.92 14.17
N GLY C 857 11.06 11.19 14.58
CA GLY C 857 10.30 12.17 13.83
C GLY C 857 8.81 12.22 14.15
N LEU C 858 8.40 11.68 15.30
CA LEU C 858 6.99 11.69 15.67
C LEU C 858 6.74 12.62 16.84
N THR C 859 5.87 13.61 16.66
CA THR C 859 5.58 14.54 17.74
C THR C 859 4.08 14.73 17.94
N VAL C 860 3.74 15.45 19.00
CA VAL C 860 2.35 15.77 19.32
C VAL C 860 2.16 17.26 19.53
N LEU C 861 1.12 17.82 18.93
CA LEU C 861 0.86 19.24 19.01
C LEU C 861 -0.28 19.53 19.99
N PRO C 862 -0.20 20.64 20.73
CA PRO C 862 -1.19 21.12 21.67
C PRO C 862 -2.41 21.68 20.94
N PRO C 863 -3.58 21.67 21.60
CA PRO C 863 -4.83 22.26 21.17
C PRO C 863 -4.77 23.78 21.26
N LEU C 864 -5.55 24.45 20.42
CA LEU C 864 -5.61 25.90 20.44
C LEU C 864 -6.26 26.43 21.72
N LEU C 865 -7.29 25.74 22.19
CA LEU C 865 -7.99 26.16 23.40
C LEU C 865 -7.49 25.39 24.62
N THR C 866 -7.12 26.11 25.66
CA THR C 866 -6.67 25.51 26.91
C THR C 866 -7.87 25.03 27.70
N ASP C 867 -7.63 24.27 28.76
CA ASP C 867 -8.73 23.71 29.54
C ASP C 867 -9.48 24.78 30.30
N ASP C 868 -8.78 25.85 30.68
CA ASP C 868 -9.41 26.96 31.37
C ASP C 868 -10.36 27.72 30.45
N MET C 869 -10.04 27.74 29.16
CA MET C 869 -10.88 28.42 28.17
C MET C 869 -12.14 27.61 27.90
N ILE C 870 -12.01 26.29 27.90
CA ILE C 870 -13.16 25.42 27.74
C ILE C 870 -14.08 25.55 28.95
N ALA C 871 -13.47 25.59 30.13
CA ALA C 871 -14.22 25.76 31.37
C ALA C 871 -14.94 27.10 31.38
N ALA C 872 -14.31 28.12 30.81
CA ALA C 872 -14.93 29.44 30.73
C ALA C 872 -16.19 29.40 29.88
N TYR C 873 -16.18 28.59 28.82
CA TYR C 873 -17.34 28.48 27.97
C TYR C 873 -18.49 27.79 28.69
N THR C 874 -18.20 26.69 29.39
CA THR C 874 -19.25 25.95 30.07
C THR C 874 -19.82 26.75 31.23
N ALA C 875 -18.97 27.51 31.91
CA ALA C 875 -19.42 28.35 33.01
C ALA C 875 -20.37 29.42 32.49
N ALA C 876 -20.05 30.00 31.33
CA ALA C 876 -20.88 31.03 30.72
C ALA C 876 -22.23 30.46 30.30
N LEU C 877 -22.23 29.25 29.76
CA LEU C 877 -23.47 28.63 29.29
C LEU C 877 -24.42 28.36 30.45
N ILE C 878 -23.89 27.91 31.58
CA ILE C 878 -24.72 27.64 32.74
C ILE C 878 -25.16 28.94 33.41
N SER C 879 -24.23 29.87 33.58
CA SER C 879 -24.52 31.13 34.25
C SER C 879 -25.59 31.93 33.51
N GLY C 880 -25.55 31.88 32.18
CA GLY C 880 -26.50 32.61 31.36
C GLY C 880 -27.84 31.90 31.24
N THR C 881 -27.94 30.69 31.79
CA THR C 881 -29.17 29.91 31.75
C THR C 881 -29.91 30.04 33.06
N ALA C 882 -29.15 30.06 34.16
CA ALA C 882 -29.71 30.15 35.49
C ALA C 882 -30.32 31.53 35.73
N THR C 883 -29.91 32.51 34.91
CA THR C 883 -30.32 33.89 35.11
C THR C 883 -31.17 34.49 33.97
N ALA C 884 -31.25 33.81 32.83
CA ALA C 884 -31.93 34.40 31.67
C ALA C 884 -32.44 33.36 30.68
N GLY C 885 -33.39 33.77 29.85
CA GLY C 885 -33.87 32.95 28.74
C GLY C 885 -33.40 33.51 27.40
N TYR C 886 -33.88 32.91 26.31
CA TYR C 886 -33.48 33.32 24.95
C TYR C 886 -31.96 33.40 24.85
N THR C 887 -31.29 32.39 25.39
CA THR C 887 -29.83 32.35 25.43
C THR C 887 -29.23 31.82 24.14
N PHE C 888 -30.07 31.22 23.30
CA PHE C 888 -29.59 30.68 22.04
C PHE C 888 -29.38 31.79 21.03
N GLY C 889 -30.16 32.86 21.19
CA GLY C 889 -30.01 34.04 20.35
C GLY C 889 -29.06 35.02 21.04
N ALA C 890 -29.38 35.35 22.28
CA ALA C 890 -28.56 36.19 23.13
C ALA C 890 -28.29 37.57 22.53
N GLY C 891 -29.05 37.94 21.50
CA GLY C 891 -28.96 39.28 20.95
C GLY C 891 -29.77 40.22 21.82
N ALA C 892 -30.60 39.62 22.66
CA ALA C 892 -31.45 40.32 23.59
C ALA C 892 -31.79 39.39 24.75
N ALA C 893 -30.76 38.96 25.49
CA ALA C 893 -30.98 38.00 26.56
C ALA C 893 -32.05 38.54 27.50
N LEU C 894 -32.98 37.68 27.88
CA LEU C 894 -34.11 38.13 28.69
C LEU C 894 -34.04 37.60 30.11
N GLN C 895 -33.85 38.50 31.07
CA GLN C 895 -33.74 38.14 32.47
C GLN C 895 -35.03 37.52 32.98
N ILE C 896 -34.90 36.43 33.73
CA ILE C 896 -36.05 35.75 34.31
C ILE C 896 -35.64 35.07 35.62
N PRO C 897 -36.51 35.04 36.65
CA PRO C 897 -36.38 34.25 37.86
C PRO C 897 -36.28 32.78 37.51
N PHE C 898 -35.44 32.04 38.22
CA PHE C 898 -35.27 30.63 37.87
C PHE C 898 -36.56 29.81 38.03
N PRO C 899 -37.31 29.94 39.15
CA PRO C 899 -38.56 29.25 39.40
C PRO C 899 -39.56 29.47 38.28
N MET C 900 -39.54 30.65 37.67
CA MET C 900 -40.46 30.94 36.56
C MET C 900 -40.00 30.28 35.28
N GLN C 901 -38.68 30.15 35.13
CA GLN C 901 -38.15 29.45 33.97
C GLN C 901 -38.56 27.98 34.06
N MET C 902 -38.52 27.44 35.26
CA MET C 902 -38.93 26.06 35.50
C MET C 902 -40.41 25.88 35.20
N ALA C 903 -41.23 26.86 35.58
CA ALA C 903 -42.67 26.81 35.32
C ALA C 903 -42.92 26.67 33.82
N TYR C 904 -42.19 27.44 33.04
CA TYR C 904 -42.29 27.38 31.59
C TYR C 904 -41.91 25.99 31.09
N ARG C 905 -40.82 25.46 31.61
CA ARG C 905 -40.33 24.14 31.23
C ARG C 905 -41.32 23.04 31.58
N PHE C 906 -42.06 23.21 32.67
CA PHE C 906 -43.11 22.26 33.07
C PHE C 906 -44.29 22.30 32.11
N ASN C 907 -44.71 23.49 31.70
CA ASN C 907 -45.79 23.61 30.75
C ASN C 907 -45.42 22.91 29.45
N GLY C 908 -44.14 22.96 29.11
CA GLY C 908 -43.61 22.37 27.90
C GLY C 908 -43.71 20.84 27.86
N ILE C 909 -43.98 20.22 29.01
CA ILE C 909 -44.10 18.76 29.05
C ILE C 909 -45.53 18.33 29.37
N GLY C 910 -46.47 19.27 29.26
CA GLY C 910 -47.88 18.97 29.45
C GLY C 910 -48.30 18.94 30.92
N VAL C 911 -47.55 19.62 31.78
CA VAL C 911 -47.90 19.65 33.20
C VAL C 911 -48.19 21.09 33.62
N THR C 912 -49.39 21.31 34.15
CA THR C 912 -49.81 22.65 34.53
C THR C 912 -48.82 23.25 35.52
N GLN C 913 -48.45 24.51 35.30
CA GLN C 913 -47.39 25.17 36.07
C GLN C 913 -47.68 25.33 37.55
N ASN C 914 -48.94 25.19 37.94
CA ASN C 914 -49.29 25.34 39.35
C ASN C 914 -48.68 24.20 40.14
N VAL C 915 -48.34 23.11 39.46
CA VAL C 915 -47.76 21.95 40.10
C VAL C 915 -46.40 22.30 40.65
N LEU C 916 -45.60 23.01 39.85
CA LEU C 916 -44.28 23.44 40.28
C LEU C 916 -44.34 24.34 41.49
N TYR C 917 -45.18 25.36 41.42
CA TYR C 917 -45.20 26.36 42.47
C TYR C 917 -45.66 25.76 43.79
N GLU C 918 -46.69 24.92 43.75
CA GLU C 918 -47.18 24.29 44.97
C GLU C 918 -46.17 23.33 45.57
N ASN C 919 -45.41 22.65 44.71
CA ASN C 919 -44.43 21.68 45.16
C ASN C 919 -43.00 22.17 44.95
N GLN C 920 -42.79 23.48 44.91
CA GLN C 920 -41.47 24.02 44.63
C GLN C 920 -40.42 23.52 45.60
N LYS C 921 -40.77 23.38 46.88
CA LYS C 921 -39.81 22.95 47.89
C LYS C 921 -39.33 21.53 47.65
N GLN C 922 -40.24 20.62 47.33
CA GLN C 922 -39.88 19.20 47.06
C GLN C 922 -39.07 19.12 45.77
N ILE C 923 -39.51 19.84 44.75
CA ILE C 923 -38.85 19.77 43.45
C ILE C 923 -37.40 20.25 43.55
N ALA C 924 -37.19 21.36 44.27
CA ALA C 924 -35.85 21.86 44.48
C ALA C 924 -35.00 20.84 45.23
N ASN C 925 -35.59 20.15 46.20
CA ASN C 925 -34.87 19.15 46.97
C ASN C 925 -34.49 17.95 46.11
N GLN C 926 -35.40 17.51 45.25
CA GLN C 926 -35.12 16.39 44.37
C GLN C 926 -34.01 16.74 43.39
N PHE C 927 -34.04 17.98 42.89
CA PHE C 927 -33.02 18.47 41.98
C PHE C 927 -31.65 18.43 42.65
N ASN C 928 -31.58 18.97 43.86
CA ASN C 928 -30.32 19.08 44.57
C ASN C 928 -29.74 17.71 44.89
N ASN C 929 -30.61 16.75 45.21
CA ASN C 929 -30.16 15.41 45.52
C ASN C 929 -29.69 14.68 44.27
N ALA C 930 -30.41 14.86 43.17
CA ALA C 930 -30.08 14.22 41.92
C ALA C 930 -28.72 14.66 41.41
N ILE C 931 -28.39 15.94 41.62
CA ILE C 931 -27.08 16.46 41.23
C ILE C 931 -25.97 15.88 42.10
N SER C 932 -26.22 15.81 43.40
CA SER C 932 -25.22 15.27 44.33
C SER C 932 -24.86 13.83 43.98
N LYS C 933 -25.84 13.07 43.52
CA LYS C 933 -25.63 11.68 43.15
C LYS C 933 -24.72 11.52 41.94
N ILE C 934 -24.52 12.59 41.17
CA ILE C 934 -23.69 12.52 39.98
C ILE C 934 -22.24 12.28 40.35
N GLN C 935 -21.75 12.98 41.37
CA GLN C 935 -20.38 12.78 41.78
C GLN C 935 -20.17 11.39 42.36
N ASP C 936 -21.15 10.89 43.10
CA ASP C 936 -21.02 9.56 43.66
C ASP C 936 -21.03 8.50 42.57
N SER C 937 -21.88 8.70 41.57
CA SER C 937 -21.98 7.75 40.47
C SER C 937 -20.69 7.69 39.68
N LEU C 938 -20.11 8.85 39.37
CA LEU C 938 -18.88 8.91 38.62
C LEU C 938 -17.68 8.38 39.43
N THR C 939 -17.62 8.74 40.71
CA THR C 939 -16.50 8.33 41.54
C THR C 939 -16.40 6.81 41.63
N THR C 940 -17.54 6.15 41.77
CA THR C 940 -17.57 4.71 41.96
C THR C 940 -17.74 3.92 40.66
N THR C 941 -17.76 4.62 39.53
CA THR C 941 -17.93 3.95 38.24
C THR C 941 -16.89 4.43 37.21
N PRO C 942 -15.68 3.87 37.23
CA PRO C 942 -14.54 4.22 36.38
C PRO C 942 -14.87 4.06 34.90
N ALA C 943 -15.85 3.22 34.59
CA ALA C 943 -16.25 2.95 33.21
C ALA C 943 -17.18 4.01 32.67
N ALA C 944 -17.62 4.93 33.52
CA ALA C 944 -18.60 5.93 33.13
C ALA C 944 -18.07 6.78 31.99
N LEU C 945 -16.78 7.04 31.98
CA LEU C 945 -16.15 7.87 30.97
C LEU C 945 -15.30 7.05 30.01
N GLY C 946 -15.61 5.76 29.90
CA GLY C 946 -14.84 4.84 29.08
C GLY C 946 -14.66 5.33 27.65
N LYS C 947 -15.66 6.03 27.12
CA LYS C 947 -15.60 6.54 25.77
C LYS C 947 -14.43 7.48 25.54
N LEU C 948 -14.10 8.28 26.55
CA LEU C 948 -13.02 9.26 26.41
C LEU C 948 -11.69 8.57 26.61
N GLN C 949 -11.68 7.55 27.46
CA GLN C 949 -10.47 6.78 27.70
C GLN C 949 -10.07 6.01 26.45
N ASP C 950 -11.07 5.51 25.72
CA ASP C 950 -10.80 4.76 24.50
C ASP C 950 -10.13 5.63 23.46
N VAL C 951 -10.53 6.89 23.36
CA VAL C 951 -9.92 7.79 22.39
C VAL C 951 -8.44 7.98 22.70
N ILE C 952 -8.13 8.19 23.98
CA ILE C 952 -6.76 8.40 24.40
C ILE C 952 -5.90 7.17 24.14
N ASN C 953 -6.42 6.00 24.48
CA ASN C 953 -5.67 4.77 24.33
C ASN C 953 -5.43 4.39 22.88
N GLN C 954 -6.42 4.63 22.02
CA GLN C 954 -6.27 4.28 20.61
C GLN C 954 -5.16 5.09 19.95
N ASN C 955 -5.04 6.35 20.32
CA ASN C 955 -4.03 7.20 19.74
C ASN C 955 -2.64 6.84 20.26
N ALA C 956 -2.56 6.51 21.55
CA ALA C 956 -1.29 6.14 22.15
C ALA C 956 -0.74 4.86 21.52
N VAL C 957 -1.62 3.90 21.25
CA VAL C 957 -1.21 2.64 20.65
C VAL C 957 -0.73 2.83 19.23
N ALA C 958 -1.45 3.63 18.45
CA ALA C 958 -1.09 3.84 17.06
C ALA C 958 0.32 4.41 16.92
N LEU C 959 0.68 5.35 17.79
CA LEU C 959 2.01 5.94 17.73
C LEU C 959 3.10 4.97 18.16
N ASN C 960 2.85 4.19 19.21
CA ASN C 960 3.85 3.24 19.67
C ASN C 960 4.02 2.11 18.68
N THR C 961 2.93 1.72 18.03
CA THR C 961 2.99 0.67 17.03
C THR C 961 3.85 1.13 15.87
N LEU C 962 3.67 2.38 15.45
CA LEU C 962 4.41 2.94 14.33
C LEU C 962 5.92 2.93 14.60
N VAL C 963 6.32 3.34 15.80
CA VAL C 963 7.75 3.37 16.15
C VAL C 963 8.36 1.98 16.07
N LYS C 964 7.64 1.00 16.58
CA LYS C 964 8.13 -0.37 16.67
C LYS C 964 8.26 -1.05 15.30
N GLN C 965 7.80 -0.39 14.24
CA GLN C 965 7.85 -0.98 12.88
C GLN C 965 9.17 -0.57 12.23
N LEU C 966 10.03 0.17 12.95
CA LEU C 966 11.33 0.55 12.44
C LEU C 966 12.36 -0.53 12.76
N SER C 967 11.96 -1.50 13.58
CA SER C 967 12.83 -2.61 13.93
C SER C 967 12.70 -3.75 12.92
N SER C 968 11.77 -3.62 11.99
CA SER C 968 11.53 -4.65 10.99
C SER C 968 12.55 -4.61 9.87
N ASN C 969 12.92 -5.79 9.38
CA ASN C 969 13.85 -5.92 8.27
C ASN C 969 13.17 -5.78 6.91
N PHE C 970 11.92 -6.20 6.84
CA PHE C 970 11.15 -6.16 5.59
C PHE C 970 11.81 -6.94 4.47
N GLY C 971 12.59 -7.96 4.82
CA GLY C 971 13.25 -8.81 3.84
C GLY C 971 14.71 -8.42 3.64
N ALA C 972 15.10 -7.27 4.17
CA ALA C 972 16.48 -6.80 4.06
C ALA C 972 17.37 -7.54 5.05
N ILE C 973 18.67 -7.49 4.82
CA ILE C 973 19.63 -8.12 5.72
C ILE C 973 19.68 -7.43 7.08
N SER C 974 19.21 -6.19 7.14
CA SER C 974 19.26 -5.44 8.38
C SER C 974 18.17 -4.39 8.42
N SER C 975 17.72 -4.07 9.63
CA SER C 975 16.75 -3.00 9.86
C SER C 975 17.45 -1.65 9.93
N VAL C 976 18.79 -1.66 9.97
CA VAL C 976 19.57 -0.45 10.13
C VAL C 976 20.27 -0.04 8.84
N LEU C 977 19.97 1.16 8.36
CA LEU C 977 20.53 1.66 7.12
C LEU C 977 22.03 1.82 7.18
N ASN C 978 22.55 2.21 8.34
CA ASN C 978 23.98 2.43 8.49
C ASN C 978 24.76 1.11 8.38
N ASP C 979 24.15 0.01 8.80
CA ASP C 979 24.82 -1.28 8.73
C ASP C 979 24.85 -1.80 7.30
N ILE C 980 23.80 -1.49 6.55
CA ILE C 980 23.76 -1.86 5.14
C ILE C 980 24.80 -1.08 4.36
N LEU C 981 24.87 0.23 4.61
CA LEU C 981 25.82 1.10 3.93
C LEU C 981 27.25 0.79 4.32
N SER C 982 27.45 0.41 5.58
CA SER C 982 28.77 0.06 6.08
C SER C 982 29.35 -1.16 5.37
N ARG C 983 28.49 -2.14 5.10
CA ARG C 983 28.92 -3.41 4.53
C ARG C 983 28.87 -3.50 3.00
N LEU C 984 27.91 -2.83 2.37
CA LEU C 984 27.71 -3.02 0.94
C LEU C 984 27.94 -1.76 0.10
N ASP C 985 28.38 -1.96 -1.14
CA ASP C 985 28.44 -0.90 -2.15
C ASP C 985 27.09 -0.77 -2.85
N PRO C 986 26.78 0.38 -3.45
CA PRO C 986 25.52 0.73 -4.10
C PRO C 986 24.89 -0.38 -4.96
N PRO C 987 25.62 -1.11 -5.82
CA PRO C 987 25.08 -2.13 -6.69
C PRO C 987 24.28 -3.19 -5.92
N GLU C 988 24.61 -3.37 -4.64
CA GLU C 988 23.92 -4.33 -3.79
C GLU C 988 23.18 -3.62 -2.65
N ALA C 989 23.75 -2.50 -2.19
CA ALA C 989 23.19 -1.77 -1.06
C ALA C 989 21.83 -1.20 -1.41
N GLU C 990 21.67 -0.76 -2.66
CA GLU C 990 20.42 -0.16 -3.10
C GLU C 990 19.26 -1.14 -3.02
N VAL C 991 19.54 -2.41 -3.26
CA VAL C 991 18.50 -3.42 -3.20
C VAL C 991 18.03 -3.57 -1.76
N GLN C 992 18.97 -3.64 -0.84
CA GLN C 992 18.65 -3.80 0.57
C GLN C 992 17.94 -2.56 1.13
N ILE C 993 18.37 -1.39 0.66
CA ILE C 993 17.78 -0.14 1.11
C ILE C 993 16.36 0.03 0.57
N ASP C 994 16.16 -0.29 -0.71
CA ASP C 994 14.83 -0.17 -1.30
C ASP C 994 13.81 -0.99 -0.52
N ARG C 995 14.23 -2.16 -0.03
CA ARG C 995 13.33 -2.99 0.75
C ARG C 995 12.91 -2.28 2.04
N LEU C 996 13.84 -1.60 2.69
CA LEU C 996 13.52 -0.88 3.92
C LEU C 996 12.67 0.36 3.66
N ILE C 997 12.97 1.09 2.59
CA ILE C 997 12.21 2.29 2.30
C ILE C 997 10.77 1.94 1.98
N THR C 998 10.56 0.90 1.18
CA THR C 998 9.19 0.52 0.77
C THR C 998 8.39 0.14 2.03
N GLY C 999 8.93 -0.74 2.86
CA GLY C 999 8.20 -1.20 4.06
C GLY C 999 7.92 -0.10 5.06
N ARG C 1000 8.89 0.79 5.30
CA ARG C 1000 8.70 1.95 6.20
C ARG C 1000 7.63 2.89 5.64
N LEU C 1001 7.65 3.14 4.33
CA LEU C 1001 6.63 4.01 3.67
C LEU C 1001 5.23 3.40 3.80
N GLN C 1002 5.11 2.09 3.62
CA GLN C 1002 3.80 1.41 3.73
C GLN C 1002 3.30 1.54 5.16
N SER C 1003 4.18 1.39 6.14
CA SER C 1003 3.80 1.51 7.56
C SER C 1003 3.31 2.92 7.88
N LEU C 1004 3.97 3.96 7.38
CA LEU C 1004 3.52 5.35 7.56
C LEU C 1004 2.17 5.56 6.86
N GLN C 1005 2.00 5.01 5.67
CA GLN C 1005 0.76 5.18 4.89
C GLN C 1005 -0.42 4.55 5.64
N THR C 1006 -0.21 3.40 6.26
CA THR C 1006 -1.30 2.71 7.00
C THR C 1006 -1.65 3.53 8.24
N TYR C 1007 -0.65 4.14 8.88
CA TYR C 1007 -0.94 5.00 10.01
C TYR C 1007 -1.82 6.17 9.61
N VAL C 1008 -1.43 6.88 8.56
CA VAL C 1008 -2.16 8.06 8.13
C VAL C 1008 -3.59 7.71 7.70
N THR C 1009 -3.72 6.62 6.97
CA THR C 1009 -5.05 6.20 6.50
C THR C 1009 -5.98 5.95 7.68
N GLN C 1010 -5.51 5.25 8.71
CA GLN C 1010 -6.38 4.93 9.86
C GLN C 1010 -6.69 6.18 10.68
N GLN C 1011 -5.81 7.19 10.66
CA GLN C 1011 -6.11 8.44 11.33
C GLN C 1011 -7.20 9.21 10.62
N LEU C 1012 -7.24 9.13 9.29
CA LEU C 1012 -8.29 9.79 8.51
C LEU C 1012 -9.65 9.15 8.77
N ILE C 1013 -9.66 7.83 8.87
CA ILE C 1013 -10.90 7.12 9.16
C ILE C 1013 -11.40 7.47 10.57
N ARG C 1014 -10.50 7.46 11.55
CA ARG C 1014 -10.86 7.80 12.91
C ARG C 1014 -11.32 9.24 13.03
N ALA C 1015 -10.69 10.13 12.28
CA ALA C 1015 -11.03 11.55 12.31
C ALA C 1015 -12.48 11.75 11.87
N ALA C 1016 -12.91 10.97 10.89
CA ALA C 1016 -14.28 11.06 10.40
C ALA C 1016 -15.27 10.67 11.48
N GLU C 1017 -14.91 9.67 12.28
CA GLU C 1017 -15.79 9.20 13.35
C GLU C 1017 -15.92 10.23 14.45
N ILE C 1018 -14.81 10.87 14.80
CA ILE C 1018 -14.81 11.92 15.82
C ILE C 1018 -15.55 13.15 15.35
N ARG C 1019 -15.40 13.52 14.08
CA ARG C 1019 -16.13 14.68 13.57
C ARG C 1019 -17.63 14.44 13.67
N ALA C 1020 -18.07 13.23 13.36
CA ALA C 1020 -19.49 12.89 13.47
C ALA C 1020 -19.97 13.05 14.91
N SER C 1021 -19.14 12.63 15.86
CA SER C 1021 -19.48 12.75 17.28
C SER C 1021 -19.50 14.22 17.72
N ALA C 1022 -18.55 15.00 17.20
CA ALA C 1022 -18.49 16.42 17.53
C ALA C 1022 -19.73 17.14 17.01
N ASN C 1023 -20.22 16.74 15.84
CA ASN C 1023 -21.42 17.35 15.27
C ASN C 1023 -22.63 17.04 16.11
N LEU C 1024 -22.70 15.83 16.64
CA LEU C 1024 -23.81 15.44 17.51
C LEU C 1024 -23.76 16.21 18.82
N ALA C 1025 -22.56 16.37 19.37
CA ALA C 1025 -22.38 17.11 20.61
C ALA C 1025 -22.80 18.56 20.44
N ALA C 1026 -22.46 19.16 19.30
CA ALA C 1026 -22.84 20.53 19.01
C ALA C 1026 -24.35 20.67 18.90
N THR C 1027 -24.99 19.68 18.29
CA THR C 1027 -26.44 19.69 18.15
C THR C 1027 -27.11 19.65 19.51
N LYS C 1028 -26.61 18.79 20.39
CA LYS C 1028 -27.15 18.67 21.74
C LYS C 1028 -26.94 19.96 22.52
N MET C 1029 -25.82 20.62 22.32
CA MET C 1029 -25.60 21.88 23.00
C MET C 1029 -26.70 22.87 22.64
N SER C 1030 -27.08 22.90 21.36
CA SER C 1030 -28.10 23.82 20.88
C SER C 1030 -29.51 23.42 21.30
N GLU C 1031 -29.82 22.13 21.25
CA GLU C 1031 -31.18 21.66 21.47
C GLU C 1031 -31.50 21.21 22.90
N CYS C 1032 -30.49 20.79 23.66
CA CYS C 1032 -30.67 20.28 25.03
C CYS C 1032 -30.31 21.34 26.05
N VAL C 1033 -29.23 22.08 25.81
CA VAL C 1033 -28.76 23.07 26.78
C VAL C 1033 -29.34 24.45 26.54
N LEU C 1034 -29.30 24.91 25.30
CA LEU C 1034 -29.79 26.25 24.99
C LEU C 1034 -31.27 26.28 24.64
N GLY C 1035 -31.95 25.17 24.87
CA GLY C 1035 -33.38 25.08 24.61
C GLY C 1035 -33.99 23.83 25.22
N GLN C 1036 -35.27 23.59 24.95
CA GLN C 1036 -35.96 22.41 25.46
C GLN C 1036 -36.34 21.50 24.30
N SER C 1037 -35.99 20.22 24.39
CA SER C 1037 -36.22 19.30 23.29
C SER C 1037 -37.58 18.61 23.37
N LYS C 1038 -38.17 18.37 22.20
CA LYS C 1038 -39.41 17.63 22.07
C LYS C 1038 -39.16 16.25 21.50
N ARG C 1039 -37.89 15.92 21.30
CA ARG C 1039 -37.50 14.66 20.69
C ARG C 1039 -37.33 13.59 21.76
N VAL C 1040 -37.94 12.43 21.52
CA VAL C 1040 -37.90 11.34 22.47
C VAL C 1040 -36.52 10.71 22.58
N ASP C 1041 -36.06 10.52 23.81
CA ASP C 1041 -34.76 9.93 24.10
C ASP C 1041 -33.60 10.63 23.39
N PHE C 1042 -33.66 11.95 23.34
CA PHE C 1042 -32.57 12.74 22.76
C PHE C 1042 -31.76 13.46 23.83
N CYS C 1043 -32.45 13.97 24.86
CA CYS C 1043 -31.83 14.72 25.96
C CYS C 1043 -32.18 14.07 27.30
N GLY C 1044 -31.93 12.77 27.41
CA GLY C 1044 -32.28 12.04 28.63
C GLY C 1044 -33.25 10.91 28.33
N LYS C 1045 -33.81 10.31 29.38
CA LYS C 1045 -34.69 9.15 29.22
C LYS C 1045 -36.16 9.49 29.50
N GLY C 1046 -36.41 10.55 30.26
CA GLY C 1046 -37.76 10.94 30.63
C GLY C 1046 -38.20 12.15 29.82
N TYR C 1047 -39.01 13.02 30.43
CA TYR C 1047 -39.46 14.23 29.75
C TYR C 1047 -38.44 15.33 29.99
N HIS C 1048 -37.88 15.87 28.93
CA HIS C 1048 -36.78 16.83 29.07
C HIS C 1048 -37.23 18.16 29.65
N LEU C 1049 -36.50 18.63 30.66
CA LEU C 1049 -36.71 19.96 31.22
C LEU C 1049 -35.56 20.88 30.85
N MET C 1050 -34.34 20.51 31.28
CA MET C 1050 -33.14 21.35 31.05
C MET C 1050 -31.85 20.52 31.08
N SER C 1051 -30.77 21.03 30.49
CA SER C 1051 -29.47 20.33 30.54
C SER C 1051 -28.34 21.30 30.89
N PHE C 1052 -27.25 20.75 31.42
CA PHE C 1052 -26.05 21.53 31.70
C PHE C 1052 -24.81 20.79 31.22
N PRO C 1053 -23.92 21.44 30.45
CA PRO C 1053 -22.66 20.93 29.96
C PRO C 1053 -21.59 20.94 31.04
N GLN C 1054 -20.66 20.00 30.96
CA GLN C 1054 -19.47 19.99 31.80
C GLN C 1054 -18.25 19.66 30.94
N ALA C 1055 -17.14 20.34 31.19
CA ALA C 1055 -15.91 20.10 30.43
C ALA C 1055 -15.27 18.77 30.80
N ALA C 1056 -14.62 18.15 29.83
CA ALA C 1056 -13.85 16.93 30.06
C ALA C 1056 -12.74 16.85 29.01
N PRO C 1057 -11.64 16.15 29.30
CA PRO C 1057 -10.57 15.86 28.36
C PRO C 1057 -11.09 15.17 27.11
N HIS C 1058 -10.77 15.76 25.96
CA HIS C 1058 -11.11 15.21 24.65
C HIS C 1058 -12.62 15.06 24.40
N GLY C 1059 -13.46 15.69 25.21
CA GLY C 1059 -14.89 15.57 24.99
C GLY C 1059 -15.74 16.40 25.93
N VAL C 1060 -17.05 16.17 25.88
CA VAL C 1060 -18.02 16.92 26.66
C VAL C 1060 -18.96 15.98 27.40
N VAL C 1061 -19.34 16.36 28.60
CA VAL C 1061 -20.30 15.58 29.38
C VAL C 1061 -21.56 16.38 29.65
N PHE C 1062 -22.71 15.80 29.34
CA PHE C 1062 -23.98 16.48 29.55
C PHE C 1062 -24.74 15.91 30.73
N LEU C 1063 -25.28 16.79 31.56
CA LEU C 1063 -26.18 16.38 32.63
C LEU C 1063 -27.60 16.75 32.25
N HIS C 1064 -28.44 15.74 32.07
CA HIS C 1064 -29.79 15.95 31.59
C HIS C 1064 -30.81 15.86 32.72
N VAL C 1065 -31.58 16.92 32.90
CA VAL C 1065 -32.58 16.96 33.96
C VAL C 1065 -33.95 16.65 33.36
N THR C 1066 -34.57 15.56 33.83
CA THR C 1066 -35.84 15.12 33.25
C THR C 1066 -36.92 14.89 34.30
N TYR C 1067 -38.16 15.00 33.85
CA TYR C 1067 -39.34 14.74 34.65
C TYR C 1067 -39.79 13.30 34.47
N VAL C 1068 -39.93 12.58 35.57
CA VAL C 1068 -40.35 11.19 35.51
C VAL C 1068 -41.61 10.95 36.35
N PRO C 1069 -42.69 10.44 35.76
CA PRO C 1069 -43.96 10.12 36.40
C PRO C 1069 -43.82 8.88 37.26
N SER C 1070 -44.63 8.80 38.32
CA SER C 1070 -44.63 7.61 39.17
C SER C 1070 -45.96 7.45 39.91
N GLN C 1071 -46.12 6.29 40.56
CA GLN C 1071 -47.31 6.01 41.37
C GLN C 1071 -48.60 6.17 40.58
N GLN C 1072 -48.73 5.32 39.56
CA GLN C 1072 -49.90 5.39 38.66
C GLN C 1072 -51.11 4.71 39.27
N GLN C 1073 -52.29 5.27 39.05
CA GLN C 1073 -53.52 4.62 39.45
C GLN C 1073 -54.43 4.44 38.25
N ASN C 1074 -55.26 3.40 38.28
CA ASN C 1074 -56.23 3.15 37.19
C ASN C 1074 -57.59 3.73 37.56
N PHE C 1075 -58.23 4.34 36.52
CA PHE C 1075 -59.56 4.93 36.63
C PHE C 1075 -60.44 4.42 35.50
N THR C 1076 -61.75 4.39 35.73
CA THR C 1076 -62.68 4.07 34.64
C THR C 1076 -62.74 5.28 33.70
N THR C 1077 -62.71 5.05 32.40
CA THR C 1077 -62.71 6.16 31.46
C THR C 1077 -63.84 6.08 30.44
N ALA C 1078 -63.95 7.12 29.61
CA ALA C 1078 -64.95 7.20 28.56
C ALA C 1078 -64.48 8.18 27.48
N PRO C 1079 -64.75 7.91 26.21
CA PRO C 1079 -64.41 8.71 25.05
C PRO C 1079 -65.18 10.02 24.99
N ALA C 1080 -66.34 10.07 25.63
CA ALA C 1080 -67.19 11.25 25.59
C ALA C 1080 -68.26 11.20 26.66
N ILE C 1081 -68.82 12.35 26.96
CA ILE C 1081 -70.00 12.43 27.82
C ILE C 1081 -71.20 13.04 27.10
N CYS C 1082 -72.35 12.38 27.21
CA CYS C 1082 -73.63 12.84 26.70
C CYS C 1082 -74.43 13.63 27.75
N HIS C 1083 -74.64 14.90 27.51
CA HIS C 1083 -75.35 15.74 28.48
C HIS C 1083 -76.87 15.74 28.25
N ASN C 1084 -77.30 16.27 27.12
CA ASN C 1084 -78.71 16.38 26.78
C ASN C 1084 -78.97 15.91 25.37
N GLY C 1085 -78.38 14.77 25.01
CA GLY C 1085 -78.50 14.24 23.66
C GLY C 1085 -77.41 14.79 22.76
N LYS C 1086 -76.49 15.54 23.36
CA LYS C 1086 -75.35 16.12 22.60
C LYS C 1086 -74.05 15.59 23.21
N ALA C 1087 -73.08 15.25 22.36
CA ALA C 1087 -71.81 14.71 22.84
C ALA C 1087 -70.84 15.82 23.23
N TYR C 1088 -70.18 15.64 24.37
CA TYR C 1088 -69.15 16.56 24.84
C TYR C 1088 -67.79 15.88 24.92
N PHE C 1089 -66.79 16.53 24.35
CA PHE C 1089 -65.42 16.03 24.37
C PHE C 1089 -64.54 17.04 25.10
N PRO C 1090 -63.49 16.58 25.80
CA PRO C 1090 -62.55 17.40 26.52
C PRO C 1090 -61.71 18.21 25.57
N ARG C 1091 -61.38 19.43 25.95
CA ARG C 1091 -60.48 20.24 25.14
C ARG C 1091 -59.08 19.65 25.19
N GLU C 1092 -58.73 19.14 26.36
CA GLU C 1092 -57.45 18.48 26.60
C GLU C 1092 -57.62 17.51 27.78
N GLY C 1093 -56.77 16.50 27.83
CA GLY C 1093 -56.81 15.54 28.92
C GLY C 1093 -57.85 14.45 28.67
N VAL C 1094 -58.23 13.75 29.73
CA VAL C 1094 -59.15 12.62 29.61
C VAL C 1094 -60.26 12.68 30.66
N PHE C 1095 -61.37 12.00 30.37
CA PHE C 1095 -62.44 11.82 31.34
C PHE C 1095 -62.15 10.60 32.21
N VAL C 1096 -62.20 10.78 33.52
CA VAL C 1096 -62.00 9.67 34.44
C VAL C 1096 -63.03 9.65 35.55
N MET C 1097 -63.36 8.46 36.04
CA MET C 1097 -64.28 8.34 37.22
C MET C 1097 -63.42 7.95 38.43
N ASN C 1098 -63.56 8.67 39.54
CA ASN C 1098 -62.75 8.44 40.78
C ASN C 1098 -63.36 7.34 41.66
N GLY C 1099 -64.46 6.72 41.17
CA GLY C 1099 -65.22 5.69 41.89
C GLY C 1099 -66.65 6.18 42.15
N THR C 1100 -66.83 7.52 42.17
CA THR C 1100 -68.15 8.09 42.39
C THR C 1100 -68.51 9.18 41.38
N HIS C 1101 -67.55 10.04 41.07
CA HIS C 1101 -67.82 11.16 40.18
C HIS C 1101 -66.80 11.22 39.06
N TRP C 1102 -67.23 11.79 37.94
CA TRP C 1102 -66.38 11.97 36.78
C TRP C 1102 -65.70 13.34 36.77
N PHE C 1103 -64.44 13.36 36.36
CA PHE C 1103 -63.63 14.56 36.31
C PHE C 1103 -62.78 14.63 35.04
N ILE C 1104 -62.22 15.80 34.76
CA ILE C 1104 -61.25 15.93 33.67
C ILE C 1104 -59.84 16.13 34.23
N THR C 1105 -58.91 15.30 33.81
CA THR C 1105 -57.55 15.41 34.30
C THR C 1105 -56.53 15.35 33.18
N GLN C 1106 -55.30 15.77 33.46
CA GLN C 1106 -54.23 15.70 32.45
C GLN C 1106 -53.63 14.29 32.49
N ARG C 1107 -53.00 13.83 31.41
CA ARG C 1107 -52.43 12.50 31.28
C ARG C 1107 -51.11 12.35 32.04
N ASN C 1108 -50.35 13.43 32.16
CA ASN C 1108 -49.02 13.34 32.77
C ASN C 1108 -49.02 13.64 34.27
N PHE C 1109 -50.18 13.95 34.83
CA PHE C 1109 -50.29 14.22 36.25
C PHE C 1109 -51.74 14.30 36.70
N TYR C 1110 -52.13 13.44 37.63
CA TYR C 1110 -53.52 13.41 38.08
C TYR C 1110 -53.87 14.64 38.91
N SER C 1111 -54.85 15.39 38.44
CA SER C 1111 -55.31 16.59 39.12
C SER C 1111 -56.71 16.97 38.64
N PRO C 1112 -57.74 16.28 39.14
CA PRO C 1112 -59.08 16.20 38.60
C PRO C 1112 -59.83 17.53 38.71
N GLN C 1113 -60.42 17.95 37.61
CA GLN C 1113 -61.21 19.17 37.55
C GLN C 1113 -62.68 18.86 37.34
N VAL C 1114 -63.55 19.79 37.72
CA VAL C 1114 -64.98 19.63 37.49
C VAL C 1114 -65.31 19.75 36.01
N ILE C 1115 -66.21 18.91 35.52
CA ILE C 1115 -66.62 18.96 34.14
C ILE C 1115 -67.58 20.11 33.92
N THR C 1116 -67.17 21.06 33.10
CA THR C 1116 -67.96 22.26 32.83
C THR C 1116 -67.98 22.53 31.34
N THR C 1117 -68.83 23.46 30.93
CA THR C 1117 -68.94 23.83 29.52
C THR C 1117 -67.70 24.55 29.02
N ASP C 1118 -66.79 24.90 29.93
CA ASP C 1118 -65.55 25.57 29.57
C ASP C 1118 -64.42 24.59 29.31
N ASN C 1119 -64.52 23.39 29.88
CA ASN C 1119 -63.43 22.41 29.81
C ASN C 1119 -63.66 21.43 28.67
N THR C 1120 -64.81 21.52 28.05
CA THR C 1120 -65.22 20.63 26.98
C THR C 1120 -65.75 21.43 25.80
N PHE C 1121 -65.96 20.75 24.68
CA PHE C 1121 -66.65 21.37 23.56
C PHE C 1121 -67.77 20.46 23.09
N GLU C 1122 -68.83 21.08 22.56
CA GLU C 1122 -69.98 20.33 22.09
C GLU C 1122 -69.86 20.01 20.61
N SER C 1123 -69.90 18.72 20.29
CA SER C 1123 -69.81 18.27 18.91
C SER C 1123 -70.28 16.84 18.79
N GLY C 1124 -71.13 16.56 17.81
CA GLY C 1124 -71.61 15.21 17.59
C GLY C 1124 -73.03 15.02 18.14
N SER C 1125 -73.68 13.96 17.68
CA SER C 1125 -75.08 13.70 18.04
C SER C 1125 -75.29 12.59 19.07
N CYS C 1126 -74.28 12.32 19.91
CA CYS C 1126 -74.36 11.38 21.05
C CYS C 1126 -74.47 9.90 20.62
N ASP C 1127 -75.47 9.57 19.81
CA ASP C 1127 -75.73 8.18 19.41
C ASP C 1127 -74.72 7.67 18.39
N VAL C 1128 -73.76 8.50 18.02
CA VAL C 1128 -72.75 8.12 17.04
C VAL C 1128 -71.39 7.90 17.68
N VAL C 1129 -71.31 8.03 18.99
CA VAL C 1129 -70.04 7.84 19.69
C VAL C 1129 -70.04 6.56 20.52
N ILE C 1130 -69.11 5.66 20.20
CA ILE C 1130 -69.03 4.39 20.89
C ILE C 1130 -68.47 4.56 22.28
N GLY C 1131 -69.17 4.02 23.28
CA GLY C 1131 -68.68 4.05 24.65
C GLY C 1131 -69.07 5.32 25.40
N ILE C 1132 -69.91 6.14 24.78
CA ILE C 1132 -70.34 7.39 25.40
C ILE C 1132 -71.21 7.12 26.63
N VAL C 1133 -71.02 7.91 27.68
CA VAL C 1133 -71.80 7.75 28.91
C VAL C 1133 -72.54 9.05 29.23
N ASN C 1134 -73.61 8.95 30.02
CA ASN C 1134 -74.40 10.10 30.40
C ASN C 1134 -73.90 10.73 31.71
N ASN C 1135 -73.80 12.05 31.75
CA ASN C 1135 -73.42 12.80 32.95
C ASN C 1135 -73.89 14.24 32.84
N THR C 1136 -73.62 15.04 33.86
CA THR C 1136 -74.01 16.44 33.85
C THR C 1136 -72.81 17.35 33.60
N VAL C 1137 -72.92 18.20 32.59
CA VAL C 1137 -71.91 19.20 32.31
C VAL C 1137 -72.30 20.51 32.96
N TYR C 1138 -71.48 20.98 33.89
CA TYR C 1138 -71.85 22.14 34.70
C TYR C 1138 -71.75 23.45 33.94
N ASP C 1139 -72.83 24.22 34.01
CA ASP C 1139 -72.90 25.53 33.39
C ASP C 1139 -72.66 26.61 34.46
N PRO C 1140 -71.52 27.31 34.39
CA PRO C 1140 -71.02 28.24 35.40
C PRO C 1140 -71.92 29.45 35.59
N LEU C 1141 -72.86 29.64 34.67
CA LEU C 1141 -73.79 30.76 34.76
C LEU C 1141 -74.94 30.50 35.74
N GLN C 1142 -75.10 29.24 36.17
CA GLN C 1142 -76.18 28.83 37.07
C GLN C 1142 -75.71 28.88 38.52
C1 NAG D . -12.07 -8.77 -47.45
C2 NAG D . -11.66 -7.33 -46.97
C3 NAG D . -12.71 -6.32 -47.51
C4 NAG D . -12.76 -6.38 -49.04
C5 NAG D . -13.14 -7.84 -49.44
C6 NAG D . -13.18 -8.04 -50.95
C7 NAG D . -10.54 -7.37 -44.82
C8 NAG D . -10.56 -7.33 -43.32
N2 NAG D . -11.68 -7.28 -45.50
O3 NAG D . -12.32 -4.99 -47.09
O4 NAG D . -13.74 -5.48 -49.53
O5 NAG D . -12.16 -8.78 -48.89
O6 NAG D . -14.24 -8.95 -51.29
O7 NAG D . -9.47 -7.50 -45.41
C1 NAG D . -13.16 -4.35 -50.34
C2 NAG D . -14.29 -3.76 -51.26
C3 NAG D . -13.68 -2.62 -52.10
C4 NAG D . -13.07 -1.56 -51.16
C5 NAG D . -11.99 -2.24 -50.28
C6 NAG D . -11.40 -1.25 -49.29
C7 NAG D . -16.05 -5.23 -52.07
C8 NAG D . -16.56 -6.30 -52.99
N2 NAG D . -14.80 -4.80 -52.15
O3 NAG D . -14.70 -2.03 -52.93
O4 NAG D . -12.48 -0.52 -51.94
O5 NAG D . -12.59 -3.33 -49.51
O6 NAG D . -12.40 -0.64 -48.48
O7 NAG D . -16.82 -4.74 -51.23
C1 NAG E . 19.62 -29.46 -56.92
C2 NAG E . 20.45 -30.64 -57.53
C3 NAG E . 21.03 -30.18 -58.89
C4 NAG E . 19.88 -29.76 -59.83
C5 NAG E . 19.11 -28.60 -59.14
C6 NAG E . 17.91 -28.11 -59.96
C7 NAG E . 21.62 -31.97 -55.84
C8 NAG E . 22.82 -32.20 -54.94
N2 NAG E . 21.58 -30.93 -56.63
O3 NAG E . 21.78 -31.28 -59.44
O4 NAG E . 20.41 -29.31 -61.08
O5 NAG E . 18.58 -29.06 -57.86
O6 NAG E . 17.45 -26.85 -59.50
O7 NAG E . 20.69 -32.79 -55.83
C1 NAG E . 19.76 -29.97 -62.25
C2 NAG E . 20.01 -29.12 -63.53
C3 NAG E . 19.27 -29.80 -64.69
C4 NAG E . 19.74 -31.27 -64.85
C5 NAG E . 19.52 -32.01 -63.50
C6 NAG E . 20.05 -33.44 -63.53
C7 NAG E . 20.26 -26.75 -63.06
C8 NAG E . 19.67 -25.38 -62.87
N2 NAG E . 19.46 -27.77 -63.35
O3 NAG E . 19.55 -29.05 -65.88
O4 NAG E . 18.94 -31.90 -65.86
O5 NAG E . 20.22 -31.32 -62.42
O6 NAG E . 19.47 -34.23 -62.50
O7 NAG E . 21.47 -26.92 -62.92
C1 NAG F . 4.29 -45.58 -47.10
C2 NAG F . 4.55 -46.63 -48.23
C3 NAG F . 5.13 -47.91 -47.56
C4 NAG F . 6.43 -47.57 -46.78
C5 NAG F . 6.10 -46.47 -45.75
C6 NAG F . 7.33 -45.99 -44.99
C7 NAG F . 2.96 -46.45 -50.06
C8 NAG F . 1.65 -46.80 -50.70
N2 NAG F . 3.28 -46.97 -48.88
O3 NAG F . 5.42 -48.90 -48.56
O4 NAG F . 6.80 -48.76 -46.09
O5 NAG F . 5.52 -45.28 -46.41
O6 NAG F . 8.36 -45.55 -45.88
O7 NAG F . 3.74 -45.69 -50.64
C1 NAG F . 8.24 -49.10 -46.21
C2 NAG F . 8.62 -50.08 -45.06
C3 NAG F . 10.12 -50.38 -45.17
C4 NAG F . 10.42 -51.00 -46.55
C5 NAG F . 9.99 -50.00 -47.65
C6 NAG F . 10.18 -50.59 -49.04
C7 NAG F . 7.65 -50.06 -42.82
C8 NAG F . 7.34 -49.36 -41.53
N2 NAG F . 8.33 -49.42 -43.78
O3 NAG F . 10.51 -51.29 -44.13
O4 NAG F . 11.82 -51.26 -46.66
O5 NAG F . 8.55 -49.69 -47.51
O6 NAG F . 10.28 -49.55 -50.01
O7 NAG F . 7.27 -51.24 -42.98
C1 NAG G . 25.25 -33.47 -47.03
C2 NAG G . 26.39 -32.63 -46.36
C3 NAG G . 27.41 -32.28 -47.46
C4 NAG G . 27.99 -33.57 -48.09
C5 NAG G . 26.79 -34.39 -48.63
C6 NAG G . 27.26 -35.74 -49.17
C7 NAG G . 26.17 -31.06 -44.53
C8 NAG G . 25.63 -29.82 -43.90
N2 NAG G . 25.84 -31.42 -45.77
O3 NAG G . 28.44 -31.49 -46.84
O4 NAG G . 28.81 -33.24 -49.23
O5 NAG G . 25.79 -34.67 -47.60
O6 NAG G . 26.22 -36.40 -49.85
O7 NAG G . 26.94 -31.78 -43.87
C1 NAG G . 30.27 -33.06 -48.91
C2 NAG G . 31.09 -33.36 -50.21
C3 NAG G . 32.59 -33.10 -49.90
C4 NAG G . 32.78 -31.65 -49.43
C5 NAG G . 31.94 -31.46 -48.13
C6 NAG G . 32.02 -30.06 -47.55
C7 NAG G . 30.23 -35.10 -51.67
C8 NAG G . 30.06 -36.56 -52.02
N2 NAG G . 30.92 -34.77 -50.57
O3 NAG G . 33.35 -33.30 -51.10
O4 NAG G . 34.17 -31.38 -49.15
O5 NAG G . 30.53 -31.73 -48.44
O6 NAG G . 32.13 -30.10 -46.13
O7 NAG G . 29.74 -34.24 -52.40
C1 BMA G . 34.77 -30.31 -50.01
C2 BMA G . 35.56 -29.31 -49.11
C3 BMA G . 36.03 -28.17 -50.01
C4 BMA G . 36.91 -28.78 -51.11
C5 BMA G . 36.10 -29.79 -51.90
C6 BMA G . 36.93 -30.40 -52.97
O2 BMA G . 36.66 -29.97 -48.50
O3 BMA G . 36.80 -27.24 -49.23
O4 BMA G . 37.34 -27.74 -51.97
O5 BMA G . 35.61 -30.85 -51.03
O6 BMA G . 36.53 -29.92 -54.25
C1 MAN G . 36.52 -25.80 -49.59
C2 MAN G . 37.84 -24.98 -49.52
C3 MAN G . 38.33 -24.91 -48.06
C4 MAN G . 37.22 -24.28 -47.20
C5 MAN G . 35.94 -25.15 -47.33
C6 MAN G . 34.79 -24.60 -46.50
O2 MAN G . 37.63 -23.67 -50.04
O3 MAN G . 39.53 -24.12 -47.99
O4 MAN G . 37.63 -24.21 -45.84
O5 MAN G . 35.52 -25.22 -48.73
O6 MAN G . 33.84 -25.61 -46.22
C1 NAG H . 14.83 -18.61 -43.54
C2 NAG H . 15.47 -17.31 -42.93
C3 NAG H . 15.14 -16.14 -43.90
C4 NAG H . 15.76 -16.43 -45.27
C5 NAG H . 15.17 -17.76 -45.80
C6 NAG H . 15.79 -18.17 -47.12
C7 NAG H . 15.69 -16.67 -40.61
C8 NAG H . 15.14 -16.43 -39.25
N2 NAG H . 14.91 -17.07 -41.61
O3 NAG H . 15.66 -14.91 -43.37
O4 NAG H . 15.43 -15.40 -46.22
O5 NAG H . 15.42 -18.86 -44.84
O6 NAG H . 17.20 -18.25 -47.05
O7 NAG H . 16.89 -16.46 -40.82
C1 NAG H . 16.59 -14.50 -46.53
C2 NAG H . 16.42 -13.97 -47.99
C3 NAG H . 17.63 -13.04 -48.31
C4 NAG H . 17.69 -11.90 -47.29
C5 NAG H . 17.80 -12.52 -45.88
C6 NAG H . 17.82 -11.46 -44.80
C7 NAG H . 15.44 -15.22 -49.85
C8 NAG H . 15.45 -16.37 -50.81
N2 NAG H . 16.41 -15.09 -48.93
O3 NAG H . 17.48 -12.52 -49.64
O4 NAG H . 18.89 -11.14 -47.56
O5 NAG H . 16.68 -13.41 -45.59
O6 NAG H . 16.67 -10.63 -44.85
O7 NAG H . 14.52 -14.40 -49.88
C1 BMA H . 18.66 -9.72 -47.94
C2 BMA H . 19.96 -9.11 -48.47
C3 BMA H . 19.71 -7.62 -48.79
C4 BMA H . 18.58 -7.55 -49.87
C5 BMA H . 17.34 -8.20 -49.29
C6 BMA H . 16.15 -8.11 -50.22
O2 BMA H . 20.37 -9.80 -49.64
O3 BMA H . 20.92 -7.02 -49.33
O4 BMA H . 18.31 -6.18 -50.19
O5 BMA H . 17.58 -9.62 -48.93
O6 BMA H . 16.50 -8.68 -51.53
C1 MAN H . 21.10 -5.62 -48.82
C2 MAN H . 22.46 -5.04 -49.28
C3 MAN H . 23.56 -5.83 -48.58
C4 MAN H . 23.37 -5.73 -47.06
C5 MAN H . 21.98 -6.25 -46.69
C6 MAN H . 21.76 -6.07 -45.22
O2 MAN H . 22.54 -3.67 -48.84
O3 MAN H . 24.84 -5.29 -48.93
O4 MAN H . 24.39 -6.47 -46.40
O5 MAN H . 20.95 -5.53 -47.40
O6 MAN H . 22.26 -7.18 -44.48
C1 MAN H . 22.77 -2.70 -49.97
C2 MAN H . 23.47 -1.45 -49.40
C3 MAN H . 22.48 -0.80 -48.42
C4 MAN H . 21.17 -0.46 -49.18
C5 MAN H . 20.56 -1.76 -49.74
C6 MAN H . 19.28 -1.51 -50.53
O2 MAN H . 23.82 -0.53 -50.45
O3 MAN H . 23.04 0.38 -47.86
O4 MAN H . 20.24 0.19 -48.30
O5 MAN H . 21.54 -2.38 -50.64
O6 MAN H . 18.12 -1.75 -49.74
C1 MAN H . 15.40 -9.52 -52.05
C2 MAN H . 15.58 -9.76 -53.59
C3 MAN H . 15.44 -8.37 -54.28
C4 MAN H . 14.05 -7.84 -53.93
C5 MAN H . 13.87 -7.70 -52.40
C6 MAN H . 12.45 -7.26 -52.06
O2 MAN H . 14.59 -10.67 -54.10
O3 MAN H . 15.61 -8.47 -55.70
O4 MAN H . 13.88 -6.55 -54.53
O5 MAN H . 14.10 -8.99 -51.74
O6 MAN H . 12.34 -6.68 -50.78
C1 NAG I . 19.82 13.83 -44.67
C2 NAG I . 19.67 15.36 -44.92
C3 NAG I . 18.42 15.60 -45.80
C4 NAG I . 18.57 14.82 -47.13
C5 NAG I . 18.71 13.31 -46.77
C6 NAG I . 18.86 12.44 -48.00
C7 NAG I . 20.47 16.58 -42.96
C8 NAG I . 20.21 17.26 -41.64
N2 NAG I . 19.46 16.04 -43.64
O3 NAG I . 18.27 17.00 -46.06
O4 NAG I . 17.43 15.00 -47.98
O5 NAG I . 19.89 13.12 -45.93
O6 NAG I . 18.27 11.16 -47.80
O7 NAG I . 21.62 16.52 -43.41
C1 NAG I . 17.47 16.26 -48.80
C2 NAG I . 17.34 15.92 -50.32
C3 NAG I . 17.39 17.24 -51.12
C4 NAG I . 16.26 18.18 -50.64
C5 NAG I . 16.45 18.44 -49.12
C6 NAG I . 15.36 19.33 -48.56
C7 NAG I . 18.34 14.02 -51.48
C8 NAG I . 19.53 13.20 -51.88
N2 NAG I . 18.49 15.10 -50.72
O3 NAG I . 17.22 16.97 -52.53
O4 NAG I . 16.31 19.39 -51.36
O5 NAG I . 16.42 17.18 -48.39
O6 NAG I . 15.78 19.98 -47.37
O7 NAG I . 17.21 13.69 -51.87
C1 NAG J . -57.21 41.01 -2.55
C2 NAG J . -57.52 42.18 -1.56
C3 NAG J . -58.52 43.14 -2.24
C4 NAG J . -57.93 43.63 -3.58
C5 NAG J . -57.62 42.40 -4.47
C6 NAG J . -57.03 42.79 -5.82
C7 NAG J . -57.40 41.28 0.69
C8 NAG J . -58.04 40.62 1.88
N2 NAG J . -58.14 41.58 -0.37
O3 NAG J . -58.77 44.27 -1.38
O4 NAG J . -58.89 44.46 -4.24
O5 NAG J . -56.68 41.51 -3.80
O6 NAG J . -56.73 41.65 -6.61
O7 NAG J . -56.18 41.51 0.71
C1 NAG J . -58.30 45.75 -4.69
C2 NAG J . -59.34 46.53 -5.57
C3 NAG J . -58.65 47.81 -6.05
C4 NAG J . -58.18 48.64 -4.82
C5 NAG J . -57.21 47.79 -3.99
C6 NAG J . -56.76 48.51 -2.73
C7 NAG J . -60.87 45.04 -6.75
C8 NAG J . -61.24 44.22 -7.94
N2 NAG J . -59.72 45.72 -6.73
O3 NAG J . -59.57 48.58 -6.84
O4 NAG J . -57.52 49.81 -5.29
O5 NAG J . -57.86 46.54 -3.57
O6 NAG J . -57.86 48.84 -1.88
O7 NAG J . -61.64 45.09 -5.78
C1 NAG K . -63.88 10.11 3.19
C2 NAG K . -65.17 9.75 4.01
C3 NAG K . -65.29 8.22 4.07
C4 NAG K . -65.36 7.64 2.63
C5 NAG K . -64.07 8.07 1.89
C6 NAG K . -64.06 7.61 0.43
C7 NAG K . -65.59 11.42 5.74
C8 NAG K . -65.42 11.94 7.13
N2 NAG K . -65.02 10.27 5.38
O3 NAG K . -66.46 7.84 4.79
O4 NAG K . -65.36 6.21 2.72
O5 NAG K . -63.96 9.54 1.87
O6 NAG K . -62.73 7.58 -0.08
O7 NAG K . -66.26 12.06 4.93
C1 NAG K . -66.59 5.59 2.14
C2 NAG K . -66.31 4.05 1.92
C3 NAG K . -67.57 3.42 1.32
C4 NAG K . -68.77 3.66 2.25
C5 NAG K . -68.96 5.20 2.43
C6 NAG K . -70.10 5.50 3.39
C7 NAG K . -64.05 3.33 1.39
C8 NAG K . -62.91 3.17 0.43
N2 NAG K . -65.19 3.90 1.00
O3 NAG K . -67.36 2.01 1.15
O4 NAG K . -69.94 3.09 1.68
O5 NAG K . -67.74 5.79 2.98
O6 NAG K . -70.75 6.71 3.05
O7 NAG K . -63.93 2.92 2.56
C1 NAG L . -57.39 -9.60 10.86
C2 NAG L . -58.82 -10.24 11.04
C3 NAG L . -58.75 -11.74 10.69
C4 NAG L . -58.25 -11.90 9.24
C5 NAG L . -56.86 -11.23 9.13
C6 NAG L . -56.31 -11.30 7.71
C7 NAG L . -60.20 -9.28 12.79
C8 NAG L . -60.60 -9.14 14.23
N2 NAG L . -59.22 -10.10 12.44
O3 NAG L . -60.05 -12.32 10.83
O4 NAG L . -58.11 -13.30 8.94
O5 NAG L . -56.94 -9.82 9.50
O6 NAG L . -55.01 -10.74 7.65
O7 NAG L . -60.80 -8.62 11.93
C1 NAG L . -58.93 -13.74 7.76
C2 NAG L . -58.40 -15.13 7.27
C3 NAG L . -59.23 -15.54 6.03
C4 NAG L . -60.72 -15.58 6.41
C5 NAG L . -61.16 -14.18 6.92
C6 NAG L . -62.61 -14.18 7.35
C7 NAG L . -56.05 -15.58 7.63
C8 NAG L . -54.62 -15.47 7.22
N2 NAG L . -57.00 -15.03 6.89
O3 NAG L . -58.80 -16.83 5.57
O4 NAG L . -61.47 -15.94 5.25
O5 NAG L . -60.33 -13.79 8.07
O6 NAG L . -62.85 -15.16 8.36
O7 NAG L . -56.35 -16.20 8.67
C1 NAG M . -74.06 27.46 4.71
C2 NAG M . -74.81 26.15 4.23
C3 NAG M . -76.33 26.36 4.44
C4 NAG M . -76.60 26.63 5.93
C5 NAG M . -75.79 27.87 6.36
C6 NAG M . -75.97 28.16 7.84
C7 NAG M . -73.56 25.14 2.43
C8 NAG M . -73.28 24.91 0.97
N2 NAG M . -74.55 25.93 2.81
O3 NAG M . -77.03 25.18 4.03
O4 NAG M . -77.99 26.95 6.09
O5 NAG M . -74.36 27.68 6.11
O6 NAG M . -75.60 27.03 8.65
O7 NAG M . -72.85 24.56 3.27
C1 NAG M . -78.74 25.98 6.93
C2 NAG M . -80.12 26.61 7.32
C3 NAG M . -80.87 25.60 8.20
C4 NAG M . -81.04 24.28 7.42
C5 NAG M . -79.64 23.73 7.04
C6 NAG M . -79.74 22.46 6.22
C7 NAG M . -79.92 29.03 7.47
C8 NAG M . -79.69 30.29 8.24
N2 NAG M . -79.90 27.84 8.08
O3 NAG M . -82.15 26.14 8.55
O4 NAG M . -81.74 23.33 8.23
O5 NAG M . -78.92 24.72 6.24
O6 NAG M . -78.55 21.71 6.26
O7 NAG M . -80.14 29.10 6.25
C1 NAG N . 33.30 36.23 7.23
C2 NAG N . 32.88 35.28 8.41
C3 NAG N . 32.53 36.14 9.65
C4 NAG N . 33.76 36.99 10.04
C5 NAG N . 34.15 37.87 8.83
C6 NAG N . 35.38 38.73 9.08
C7 NAG N . 31.77 33.27 7.60
C8 NAG N . 30.54 32.52 7.19
N2 NAG N . 31.67 34.54 8.01
O3 NAG N . 32.17 35.28 10.73
O4 NAG N . 33.44 37.81 11.16
O5 NAG N . 34.43 37.04 7.66
O6 NAG N . 35.24 40.00 8.46
O7 NAG N . 32.87 32.72 7.54
C1 NAG N . 34.21 37.46 12.40
C2 NAG N . 34.20 38.69 13.37
C3 NAG N . 35.02 38.32 14.63
C4 NAG N . 34.40 37.07 15.28
C5 NAG N . 34.41 35.90 14.26
C6 NAG N . 33.75 34.66 14.84
C7 NAG N . 34.16 40.93 12.42
C8 NAG N . 34.82 42.09 11.74
N2 NAG N . 34.84 39.83 12.70
O3 NAG N . 35.01 39.42 15.55
O4 NAG N . 35.16 36.72 16.43
O5 NAG N . 33.66 36.29 13.06
O6 NAG N . 32.43 34.92 15.29
O7 NAG N . 32.96 41.01 12.72
C1 NAG O . 62.51 20.32 -13.16
C2 NAG O . 63.69 20.24 -14.19
C3 NAG O . 65.02 20.33 -13.42
C4 NAG O . 65.06 21.64 -12.60
C5 NAG O . 63.86 21.63 -11.63
C6 NAG O . 63.76 22.91 -10.78
C7 NAG O . 63.22 18.76 -16.09
C8 NAG O . 63.20 17.39 -16.70
N2 NAG O . 63.64 18.93 -14.86
O3 NAG O . 66.10 20.29 -14.37
O4 NAG O . 66.28 21.72 -11.86
O5 NAG O . 62.61 21.54 -12.38
O6 NAG O . 62.89 22.72 -9.67
O7 NAG O . 62.85 19.75 -16.76
C1 NAG O . 67.00 23.03 -12.06
C2 NAG O . 68.01 23.24 -10.90
C3 NAG O . 68.66 24.63 -11.12
C4 NAG O . 69.33 24.69 -12.51
C5 NAG O . 68.25 24.38 -13.59
C6 NAG O . 68.83 24.33 -15.01
C7 NAG O . 67.32 22.19 -8.84
C8 NAG O . 66.58 22.23 -7.52
N2 NAG O . 67.30 23.26 -9.62
O3 NAG O . 69.64 24.80 -10.08
O4 NAG O . 69.82 26.02 -12.73
O5 NAG O . 67.64 23.08 -13.35
O6 NAG O . 67.83 24.49 -16.00
O7 NAG O . 67.92 21.17 -9.17
C1 NAG P . 49.05 32.11 -29.62
C2 NAG P . 50.31 32.75 -30.30
C3 NAG P . 50.33 32.26 -31.78
C4 NAG P . 50.36 30.71 -31.85
C5 NAG P . 49.13 30.17 -31.07
C6 NAG P . 49.12 28.65 -30.98
C7 NAG P . 50.86 34.93 -29.41
C8 NAG P . 50.72 36.42 -29.40
N2 NAG P . 50.19 34.20 -30.29
O3 NAG P . 51.49 32.79 -32.45
O4 NAG P . 50.23 30.36 -33.23
O5 NAG P . 49.12 30.68 -29.68
O6 NAG P . 50.32 28.14 -30.42
O7 NAG P . 51.63 34.39 -28.60
C1 NAG P . 51.20 29.33 -33.67
C2 NAG P . 50.66 28.68 -34.98
C3 NAG P . 51.64 27.58 -35.41
C4 NAG P . 53.04 28.20 -35.62
C5 NAG P . 53.50 28.85 -34.29
C6 NAG P . 54.84 29.54 -34.46
C7 NAG P . 48.30 28.34 -35.52
C8 NAG P . 46.95 27.76 -35.21
N2 NAG P . 49.34 28.10 -34.71
O3 NAG P . 51.19 26.97 -36.63
O4 NAG P . 53.95 27.16 -35.99
O5 NAG P . 52.52 29.87 -33.88
O6 NAG P . 55.49 29.69 -33.19
O7 NAG P . 48.45 29.04 -36.55
C1 NAG Q . 58.39 11.71 -20.55
C2 NAG Q . 58.33 10.22 -20.09
C3 NAG Q . 59.72 9.83 -19.55
C4 NAG Q . 60.80 10.02 -20.64
C5 NAG Q . 60.73 11.49 -21.12
C6 NAG Q . 61.67 11.71 -22.30
C7 NAG Q . 56.44 9.06 -19.13
C8 NAG Q . 55.39 8.87 -18.07
N2 NAG Q . 57.33 10.05 -19.05
O3 NAG Q . 59.65 8.48 -19.10
O4 NAG Q . 62.12 9.83 -20.09
O5 NAG Q . 59.38 11.85 -21.58
O6 NAG Q . 61.77 13.11 -22.60
O7 NAG Q . 56.47 8.28 -20.09
C1 NAG Q . 62.63 8.42 -20.18
C2 NAG Q . 64.20 8.48 -20.17
C3 NAG Q . 64.74 7.03 -20.17
C4 NAG Q . 64.19 6.25 -18.96
C5 NAG Q . 62.64 6.25 -19.09
C6 NAG Q . 61.94 5.51 -17.94
C7 NAG Q . 65.23 10.38 -21.28
C8 NAG Q . 65.69 11.08 -22.53
N2 NAG Q . 64.66 9.17 -21.37
O3 NAG Q . 66.17 7.06 -20.10
O4 NAG Q . 64.69 4.90 -18.96
O5 NAG Q . 62.15 7.62 -19.09
O6 NAG Q . 60.87 4.72 -18.41
O7 NAG Q . 65.38 10.93 -20.19
C1 BMA Q . 65.51 4.56 -17.76
C2 BMA Q . 65.04 3.21 -17.17
C3 BMA Q . 65.82 2.97 -15.87
C4 BMA Q . 67.31 2.96 -16.22
C5 BMA Q . 67.69 4.30 -16.85
C6 BMA Q . 69.14 4.31 -17.19
O2 BMA Q . 65.29 2.17 -18.10
O3 BMA Q . 65.45 1.71 -15.30
O4 BMA Q . 68.05 2.77 -15.03
O5 BMA Q . 66.92 4.54 -18.06
O6 BMA Q . 69.85 5.17 -16.32
C1 MAN Q . 65.31 1.75 -13.81
C2 MAN Q . 65.83 0.42 -13.19
C3 MAN Q . 64.91 -0.74 -13.63
C4 MAN Q . 63.48 -0.43 -13.16
C5 MAN Q . 63.03 0.91 -13.79
C6 MAN Q . 61.62 1.30 -13.39
O2 MAN Q . 65.89 0.51 -11.78
O3 MAN Q . 65.37 -1.98 -13.03
O4 MAN Q . 62.59 -1.47 -13.55
O5 MAN Q . 63.94 1.99 -13.40
O6 MAN Q . 61.05 2.19 -14.33
C1 NAG R . 46.98 14.66 -6.32
C2 NAG R . 46.60 13.49 -5.35
C3 NAG R . 46.98 13.95 -3.92
C4 NAG R . 48.49 14.22 -3.85
C5 NAG R . 48.83 15.31 -4.89
C6 NAG R . 50.33 15.57 -4.95
C7 NAG R . 44.72 11.97 -5.46
C8 NAG R . 43.27 11.68 -5.58
N2 NAG R . 45.17 13.22 -5.46
O3 NAG R . 46.61 12.94 -2.97
O4 NAG R . 48.87 14.70 -2.56
O5 NAG R . 48.41 14.91 -6.23
O6 NAG R . 51.07 14.40 -5.21
O7 NAG R . 45.52 11.04 -5.34
C1 NAG R . 49.61 13.68 -1.74
C2 NAG R . 50.59 14.41 -0.77
C3 NAG R . 51.35 13.34 0.05
C4 NAG R . 50.34 12.47 0.83
C5 NAG R . 49.38 11.83 -0.20
C6 NAG R . 48.32 10.99 0.49
C7 NAG R . 51.78 16.48 -1.30
C8 NAG R . 52.78 17.26 -2.11
N2 NAG R . 51.56 15.19 -1.56
O3 NAG R . 52.24 14.01 0.95
O4 NAG R . 51.08 11.43 1.48
O5 NAG R . 48.69 12.84 -0.99
O6 NAG R . 47.56 11.76 1.42
O7 NAG R . 51.14 17.05 -0.41
C1 BMA R . 51.00 11.45 2.97
C2 BMA R . 52.04 10.49 3.56
C3 BMA R . 51.88 10.47 5.09
C4 BMA R . 52.11 11.93 5.61
C5 BMA R . 51.07 12.82 4.96
C6 BMA R . 51.14 14.25 5.47
O2 BMA R . 53.35 10.92 3.21
O3 BMA R . 52.87 9.58 5.69
O4 BMA R . 51.96 11.96 7.03
O5 BMA R . 51.19 12.81 3.49
O6 BMA R . 52.51 14.77 5.28
C1 MAN R . 52.30 8.82 6.84
C2 MAN R . 53.32 7.78 7.37
C3 MAN R . 53.52 6.73 6.29
C4 MAN R . 52.17 6.09 5.96
C5 MAN R . 51.19 7.18 5.51
C6 MAN R . 49.84 6.58 5.26
O2 MAN R . 52.75 7.15 8.53
O3 MAN R . 54.41 5.72 6.77
O4 MAN R . 52.34 5.12 4.94
O5 MAN R . 51.05 8.21 6.53
O6 MAN R . 49.73 6.07 3.94
C1 MAN R . 53.61 7.28 9.76
C2 MAN R . 53.31 6.09 10.70
C3 MAN R . 51.85 6.25 11.14
C4 MAN R . 51.66 7.61 11.83
C5 MAN R . 52.02 8.74 10.84
C6 MAN R . 51.90 10.13 11.46
O2 MAN R . 54.18 6.10 11.85
O3 MAN R . 51.47 5.19 12.02
O4 MAN R . 50.31 7.77 12.29
O5 MAN R . 53.41 8.55 10.40
O6 MAN R . 50.66 10.75 11.13
C1 MAN R . 52.48 16.17 4.76
C2 MAN R . 53.86 16.84 4.98
C3 MAN R . 54.08 16.95 6.51
C4 MAN R . 52.93 17.79 7.08
C5 MAN R . 51.56 17.13 6.76
C6 MAN R . 50.41 18.00 7.24
O2 MAN R . 53.90 18.16 4.38
O3 MAN R . 55.34 17.56 6.82
O4 MAN R . 53.07 17.89 8.49
O5 MAN R . 51.40 16.94 5.32
O6 MAN R . 49.20 17.30 7.43
C1 NAG S . 44.58 2.75 24.17
C2 NAG S . 44.42 2.60 25.73
C3 NAG S . 44.38 4.01 26.36
C4 NAG S . 45.69 4.77 26.00
C5 NAG S . 45.76 4.85 24.45
C6 NAG S . 47.00 5.59 23.96
C7 NAG S . 43.04 0.63 26.20
C8 NAG S . 41.70 0.00 26.48
N2 NAG S . 43.13 1.94 26.01
O3 NAG S . 44.24 3.91 27.78
O4 NAG S . 45.70 6.09 26.55
O5 NAG S . 45.77 3.51 23.87
O6 NAG S . 46.74 6.30 22.76
O7 NAG S . 44.06 -0.08 26.15
C1 NAG S . 46.16 6.15 27.99
C2 NAG S . 47.38 7.11 28.13
C3 NAG S . 47.80 7.14 29.61
C4 NAG S . 46.61 7.57 30.49
C5 NAG S . 45.44 6.59 30.26
C6 NAG S . 44.21 6.96 31.07
C7 NAG S . 49.22 7.36 26.56
C8 NAG S . 50.37 6.79 25.77
N2 NAG S . 48.50 6.58 27.34
O3 NAG S . 48.89 8.06 29.79
O4 NAG S . 47.00 7.59 31.86
O5 NAG S . 45.07 6.57 28.85
O6 NAG S . 43.36 5.84 31.28
O7 NAG S . 48.98 8.58 26.50
C1 NAG T . -37.51 37.75 46.14
C2 NAG T . -38.70 37.20 46.99
C3 NAG T . -38.89 38.12 48.22
C4 NAG T . -37.57 38.18 49.02
C5 NAG T . -36.45 38.70 48.09
C6 NAG T . -35.10 38.79 48.79
C7 NAG T . -40.29 36.19 45.44
C8 NAG T . -41.49 36.28 44.55
N2 NAG T . -39.90 37.26 46.14
O3 NAG T . -39.95 37.60 49.05
O4 NAG T . -37.73 39.10 50.11
O5 NAG T . -36.31 37.81 46.93
O6 NAG T . -34.08 39.25 47.91
O7 NAG T . -39.67 35.12 45.53
C1 NAG T . -37.28 38.51 51.39
C2 NAG T . -37.30 39.60 52.51
C3 NAG T . -36.77 38.94 53.80
C4 NAG T . -37.65 37.72 54.16
C5 NAG T . -37.62 36.72 52.99
C6 NAG T . -38.52 35.53 53.25
C7 NAG T . -36.91 41.84 51.63
C8 NAG T . -36.00 42.97 51.26
N2 NAG T . -36.42 40.72 52.14
O3 NAG T . -36.78 39.90 54.87
O4 NAG T . -37.13 37.11 55.34
O5 NAG T . -38.09 37.37 51.77
O6 NAG T . -39.88 35.92 53.44
O7 NAG T . -38.14 41.96 51.48
C1 NAG U . -40.08 48.31 15.91
C2 NAG U . -41.39 49.06 15.47
C3 NAG U . -41.21 49.52 14.02
C4 NAG U . -39.98 50.45 13.90
C5 NAG U . -38.74 49.66 14.39
C6 NAG U . -37.47 50.51 14.38
C7 NAG U . -43.33 48.10 16.58
C8 NAG U . -44.46 47.11 16.64
N2 NAG U . -42.51 48.10 15.53
O3 NAG U . -42.37 50.21 13.58
O4 NAG U . -39.78 50.78 12.52
O5 NAG U . -38.94 49.19 15.77
O6 NAG U . -36.31 49.68 14.36
O7 NAG U . -43.16 48.89 17.51
C1 NAG U . -39.88 52.24 12.25
C2 NAG U . -39.26 52.52 10.83
C3 NAG U . -39.35 54.03 10.55
C4 NAG U . -40.82 54.48 10.65
C5 NAG U . -41.36 54.15 12.06
C6 NAG U . -42.83 54.51 12.19
C7 NAG U . -37.43 51.12 10.04
C8 NAG U . -35.99 50.71 10.05
N2 NAG U . -37.86 52.11 10.82
O3 NAG U . -38.83 54.31 9.24
O4 NAG U . -40.90 55.88 10.40
O5 NAG U . -41.24 52.72 12.32
O6 NAG U . -43.14 54.92 13.52
O7 NAG U . -38.23 50.54 9.30
C1 NAG V . -38.96 44.19 -5.80
C2 NAG V . -39.78 45.43 -6.29
C3 NAG V . -39.17 45.94 -7.62
C4 NAG V . -37.69 46.32 -7.40
C5 NAG V . -36.96 45.05 -6.89
C6 NAG V . -35.49 45.34 -6.60
C7 NAG V . -42.14 45.45 -5.74
C8 NAG V . -43.56 45.01 -5.99
N2 NAG V . -41.17 45.02 -6.53
O3 NAG V . -39.90 47.09 -8.06
O4 NAG V . -37.11 46.72 -8.65
O5 NAG V . -37.57 44.56 -5.65
O6 NAG V . -34.82 44.16 -6.20
O7 NAG V . -41.90 46.20 -4.79
C1 NAG V . -36.53 48.09 -8.61
C2 NAG V . -35.58 48.27 -9.85
C3 NAG V . -34.95 49.68 -9.77
C4 NAG V . -36.09 50.73 -9.75
C5 NAG V . -37.00 50.47 -8.53
C6 NAG V . -38.17 51.44 -8.50
C7 NAG V . -34.48 46.27 -10.65
C8 NAG V . -33.37 45.27 -10.58
N2 NAG V . -34.51 47.28 -9.80
O3 NAG V . -34.10 49.91 -10.90
O4 NAG V . -35.51 52.03 -9.67
O5 NAG V . -37.55 49.11 -8.60
O6 NAG V . -38.93 51.38 -9.70
O7 NAG V . -35.37 46.15 -11.51
C1 NAG W . -50.23 51.44 33.06
C2 NAG W . -50.01 52.63 32.05
C3 NAG W . -51.07 53.72 32.36
C4 NAG W . -52.48 53.12 32.20
C5 NAG W . -52.60 51.91 33.15
C6 NAG W . -53.96 51.23 33.01
C7 NAG W . -47.67 52.77 31.48
C8 NAG W . -46.29 53.35 31.67
N2 NAG W . -48.67 53.19 32.24
O3 NAG W . -50.91 54.81 31.44
O4 NAG W . -53.43 54.10 32.62
O5 NAG W . -51.56 50.91 32.89
O6 NAG W . -54.20 50.82 31.65
O7 NAG W . -47.85 51.92 30.60
C1 NAG W . -54.35 54.55 31.52
C2 NAG W . -55.55 55.31 32.16
C3 NAG W . -56.50 55.75 31.02
C4 NAG W . -55.72 56.63 30.03
C5 NAG W . -54.52 55.81 29.47
C6 NAG W . -53.68 56.64 28.52
C7 NAG W . -56.02 54.45 34.39
C8 NAG W . -56.75 53.54 35.33
N2 NAG W . -56.28 54.43 33.08
O3 NAG W . -57.59 56.49 31.59
O4 NAG W . -56.58 57.03 28.98
O5 NAG W . -53.66 55.36 30.56
O6 NAG W . -52.91 55.82 27.66
O7 NAG W . -55.16 55.23 34.84
C1 NAG X . 5.90 -40.43 28.38
C2 NAG X . 4.89 -40.43 27.17
C3 NAG X . 3.53 -40.99 27.66
C4 NAG X . 3.74 -42.42 28.20
C5 NAG X . 4.77 -42.35 29.35
C6 NAG X . 5.09 -43.71 29.95
C7 NAG X . 5.31 -38.58 25.64
C8 NAG X . 5.09 -37.16 25.18
N2 NAG X . 4.67 -39.04 26.72
O3 NAG X . 2.61 -41.02 26.56
O4 NAG X . 2.50 -42.94 28.68
O5 NAG X . 6.03 -41.77 28.88
O6 NAG X . 5.28 -43.62 31.36
O7 NAG X . 6.07 -39.31 25.01
C1 NAG X . 1.99 -44.11 27.89
C2 NAG X . 0.98 -44.91 28.77
C3 NAG X . 0.48 -46.12 27.95
C4 NAG X . -0.16 -45.62 26.64
C5 NAG X . 0.89 -44.81 25.84
C6 NAG X . 0.30 -44.24 24.57
C7 NAG X . 1.29 -44.97 31.18
C8 NAG X . 2.00 -45.48 32.40
N2 NAG X . 1.66 -45.39 29.98
O3 NAG X . -0.48 -46.86 28.72
O4 NAG X . -0.60 -46.73 25.88
O5 NAG X . 1.37 -43.69 26.65
O6 NAG X . -0.86 -43.45 24.83
O7 NAG X . 0.37 -44.16 31.31
C1 NAG Y . 41.65 -50.00 16.05
C2 NAG Y . 43.16 -50.43 16.16
C3 NAG Y . 43.26 -51.94 15.86
C4 NAG Y . 42.38 -52.73 16.86
C5 NAG Y . 40.92 -52.24 16.69
C6 NAG Y . 39.94 -52.90 17.65
C7 NAG Y . 44.71 -48.71 15.37
C8 NAG Y . 45.46 -48.02 14.26
N2 NAG Y . 43.92 -49.72 15.12
O3 NAG Y . 44.64 -52.33 15.97
O4 NAG Y . 42.44 -54.13 16.57
O5 NAG Y . 40.85 -50.80 16.96
O6 NAG Y . 38.59 -52.71 17.25
O7 NAG Y . 44.86 -48.32 16.54
C1 NAG Y . 42.75 -54.95 17.77
C2 NAG Y . 42.34 -56.43 17.52
C3 NAG Y . 42.62 -57.21 18.82
C4 NAG Y . 44.11 -57.08 19.22
C5 NAG Y . 44.44 -55.56 19.38
C6 NAG Y . 45.92 -55.31 19.69
C7 NAG Y . 40.48 -56.64 15.99
C8 NAG Y . 39.00 -56.71 15.72
N2 NAG Y . 40.91 -56.51 17.24
O3 NAG Y . 42.29 -58.59 18.57
O4 NAG Y . 44.31 -57.71 20.50
O5 NAG Y . 44.15 -54.84 18.14
O6 NAG Y . 46.13 -54.03 20.24
O7 NAG Y . 41.28 -56.69 15.05
C1 NAG Z . 45.25 -33.65 33.68
C2 NAG Z . 46.39 -34.50 34.34
C3 NAG Z . 47.68 -33.64 34.31
C4 NAG Z . 48.05 -33.23 32.87
C5 NAG Z . 46.84 -32.48 32.26
C6 NAG Z . 47.05 -32.12 30.79
C7 NAG Z . 45.57 -35.97 36.08
C8 NAG Z . 45.20 -36.25 37.50
N2 NAG Z . 46.04 -34.79 35.73
O3 NAG Z . 48.77 -34.40 34.88
O4 NAG Z . 49.16 -32.33 32.95
O5 NAG Z . 45.61 -33.30 32.33
O6 NAG Z . 47.36 -33.26 30.01
O7 NAG Z . 45.44 -36.87 35.23
C1 NAG Z . 50.25 -32.65 32.01
C2 NAG Z . 51.14 -31.37 31.84
C3 NAG Z . 52.23 -31.67 30.81
C4 NAG Z . 53.06 -32.87 31.30
C5 NAG Z . 52.13 -34.09 31.48
C6 NAG Z . 52.88 -35.30 32.03
C7 NAG Z . 50.32 -29.07 31.95
C8 NAG Z . 49.43 -27.97 31.46
N2 NAG Z . 50.29 -30.27 31.36
O3 NAG Z . 53.08 -30.52 30.65
O4 NAG Z . 54.07 -33.17 30.33
O5 NAG Z . 51.05 -33.77 32.43
O6 NAG Z . 52.19 -36.50 31.71
O7 NAG Z . 51.10 -28.85 32.91
C1 NAG AA . 46.96 -40.65 10.57
C2 NAG AA . 46.83 -40.45 9.03
C3 NAG AA . 47.23 -41.77 8.34
C4 NAG AA . 48.69 -42.15 8.72
C5 NAG AA . 48.77 -42.23 10.27
C6 NAG AA . 50.20 -42.46 10.73
C7 NAG AA . 45.21 -39.08 7.86
C8 NAG AA . 43.81 -38.70 7.48
N2 NAG AA . 45.46 -40.10 8.67
O3 NAG AA . 47.09 -41.57 6.93
O4 NAG AA . 49.01 -43.46 8.23
O5 NAG AA . 48.32 -40.98 10.91
O6 NAG AA . 50.24 -42.75 12.12
O7 NAG AA . 46.16 -38.41 7.40
C1 NAG AA . 49.63 -43.48 6.87
C2 NAG AA . 50.49 -44.79 6.73
C3 NAG AA . 51.07 -44.85 5.30
C4 NAG AA . 49.93 -44.81 4.27
C5 NAG AA . 49.16 -43.47 4.47
C6 NAG AA . 47.98 -43.30 3.52
C7 NAG AA . 51.61 -45.56 8.75
C8 NAG AA . 52.75 -45.49 9.73
N2 NAG AA . 51.59 -44.74 7.70
O3 NAG AA . 51.80 -46.07 5.15
O4 NAG AA . 50.45 -44.87 2.93
O5 NAG AA . 48.64 -43.43 5.84
O6 NAG AA . 47.92 -41.97 3.03
O7 NAG AA . 50.71 -46.38 8.93
C1 BMA AA . 50.01 -46.08 2.16
C2 BMA AA . 49.52 -45.63 0.75
C3 BMA AA . 48.94 -46.87 0.05
C4 BMA AA . 50.06 -47.92 -0.03
C5 BMA AA . 50.53 -48.25 1.38
C6 BMA AA . 51.62 -49.28 1.34
O2 BMA AA . 50.61 -45.10 0.01
O3 BMA AA . 48.52 -46.52 -1.28
O4 BMA AA . 49.55 -49.09 -0.65
O5 BMA AA . 51.04 -47.07 2.06
O6 BMA AA . 51.14 -50.52 1.80
C1 MAN AA . 47.22 -47.18 -1.67
C2 MAN AA . 47.27 -47.57 -3.17
C3 MAN AA . 47.32 -46.30 -4.04
C4 MAN AA . 46.09 -45.44 -3.72
C5 MAN AA . 46.10 -45.10 -2.20
C6 MAN AA . 44.92 -44.24 -1.80
O2 MAN AA . 46.14 -48.37 -3.51
O3 MAN AA . 47.33 -46.65 -5.44
O4 MAN AA . 46.11 -44.24 -4.49
O5 MAN AA . 46.09 -46.33 -1.40
O6 MAN AA . 45.20 -43.53 -0.60
C1 NAG BA . 28.53 -39.24 10.42
C2 NAG BA . 27.75 -39.11 9.07
C3 NAG BA . 26.72 -40.26 9.03
C4 NAG BA . 27.46 -41.61 9.09
C5 NAG BA . 28.29 -41.64 10.39
C6 NAG BA . 29.12 -42.92 10.50
C7 NAG BA . 27.08 -37.12 7.87
C8 NAG BA . 26.43 -35.78 7.79
N2 NAG BA . 27.10 -37.81 9.01
O3 NAG BA . 25.94 -40.18 7.83
O4 NAG BA . 26.53 -42.70 9.12
O5 NAG BA . 29.21 -40.52 10.46
O6 NAG BA . 29.96 -43.09 9.37
O7 NAG BA . 27.61 -37.59 6.86
C1 NAG BA . 26.47 -43.46 7.82
C2 NAG BA . 26.10 -44.95 8.12
C3 NAG BA . 26.06 -45.71 6.77
C4 NAG BA . 25.03 -45.06 5.83
C5 NAG BA . 25.45 -43.58 5.63
C6 NAG BA . 24.46 -42.83 4.76
C7 NAG BA . 26.81 -46.19 10.10
C8 NAG BA . 27.87 -46.81 10.97
N2 NAG BA . 27.14 -45.55 8.98
O3 NAG BA . 25.70 -47.07 7.03
O4 NAG BA . 25.11 -45.72 4.56
O5 NAG BA . 25.52 -42.87 6.92
O6 NAG BA . 23.15 -42.88 5.29
O7 NAG BA . 25.62 -46.28 10.44
C1 BMA BA . 23.86 -46.42 4.14
C2 BMA BA . 24.14 -47.33 2.94
C3 BMA BA . 22.82 -47.96 2.49
C4 BMA BA . 22.25 -48.79 3.68
C5 BMA BA . 22.03 -47.84 4.84
C6 BMA BA . 21.39 -48.53 6.04
O2 BMA BA . 25.07 -48.33 3.31
O3 BMA BA . 23.06 -48.85 1.35
O4 BMA BA . 21.01 -49.40 3.31
O5 BMA BA . 23.29 -47.18 5.25
O6 BMA BA . 22.20 -49.68 6.43
C1 MAN BA . 21.95 -48.77 0.35
C2 MAN BA . 22.28 -49.61 -0.90
C3 MAN BA . 23.46 -48.95 -1.61
C4 MAN BA . 23.10 -47.51 -1.95
C5 MAN BA . 22.72 -46.75 -0.67
C6 MAN BA . 22.27 -45.37 -1.03
O2 MAN BA . 21.15 -49.56 -1.80
O3 MAN BA . 23.77 -49.66 -2.80
O4 MAN BA . 24.20 -46.88 -2.60
O5 MAN BA . 21.62 -47.42 0.00
O6 MAN BA . 23.37 -44.47 -1.09
C1 MAN BA . 20.61 -50.93 -2.13
C2 MAN BA . 19.90 -50.84 -3.51
C3 MAN BA . 18.70 -49.90 -3.32
C4 MAN BA . 17.78 -50.46 -2.21
C5 MAN BA . 18.57 -50.54 -0.89
C6 MAN BA . 17.74 -51.10 0.25
O2 MAN BA . 19.46 -52.14 -3.94
O3 MAN BA . 17.98 -49.77 -4.54
O4 MAN BA . 16.63 -49.62 -2.05
O5 MAN BA . 19.74 -51.42 -1.09
O6 MAN BA . 17.20 -50.08 1.08
C1 MAN BA . 22.35 -49.75 7.92
C2 MAN BA . 22.82 -51.18 8.34
C3 MAN BA . 21.68 -52.16 7.95
C4 MAN BA . 20.43 -51.72 8.71
C5 MAN BA . 20.04 -50.26 8.33
C6 MAN BA . 18.84 -49.80 9.15
O2 MAN BA . 23.08 -51.24 9.76
O3 MAN BA . 22.02 -53.52 8.29
O4 MAN BA . 19.34 -52.58 8.37
O5 MAN BA . 21.15 -49.35 8.60
O6 MAN BA . 18.16 -48.70 8.56
C1 NAG CA . 4.76 -49.63 -9.70
C2 NAG CA . 3.44 -50.24 -10.29
C3 NAG CA . 2.65 -50.89 -9.13
C4 NAG CA . 3.53 -51.97 -8.46
C5 NAG CA . 4.80 -51.28 -7.92
C6 NAG CA . 5.75 -52.24 -7.22
C7 NAG CA . 2.67 -48.83 -12.13
C8 NAG CA . 1.81 -47.72 -12.66
N2 NAG CA . 2.62 -49.15 -10.84
O3 NAG CA . 1.44 -51.47 -9.64
O4 NAG CA . 2.84 -52.62 -7.37
O5 NAG CA . 5.53 -50.65 -9.02
O6 NAG CA . 6.45 -51.61 -6.16
O7 NAG CA . 3.41 -49.47 -12.90
C1 NAG CA . 1.92 -53.73 -7.79
C2 NAG CA . 2.31 -55.06 -7.07
C3 NAG CA . 1.34 -56.16 -7.53
C4 NAG CA . -0.11 -55.73 -7.23
C5 NAG CA . -0.40 -54.41 -7.98
C6 NAG CA . -1.81 -53.90 -7.72
C7 NAG CA . 4.55 -55.85 -6.57
C8 NAG CA . 5.94 -56.24 -6.99
N2 NAG CA . 3.67 -55.44 -7.46
O3 NAG CA . 1.63 -57.39 -6.84
O4 NAG CA . -1.01 -56.75 -7.68
O5 NAG CA . 0.54 -53.38 -7.53
O6 NAG CA . -2.24 -53.02 -8.75
O7 NAG CA . 4.24 -55.92 -5.37
C1 NAG DA . -65.31 -2.28 26.28
C2 NAG DA . -66.57 -1.59 25.62
C3 NAG DA . -67.84 -2.29 26.16
C4 NAG DA . -67.76 -3.79 25.83
C5 NAG DA . -66.47 -4.38 26.48
C6 NAG DA . -66.31 -5.87 26.19
C7 NAG DA . -66.00 0.77 25.32
C8 NAG DA . -65.97 2.18 25.81
N2 NAG DA . -66.55 -0.18 26.08
O3 NAG DA . -69.00 -1.72 25.54
O4 NAG DA . -68.90 -4.45 26.39
O5 NAG DA . -65.29 -3.69 25.95
O6 NAG DA . -65.11 -6.37 26.77
O7 NAG DA . -65.53 0.48 24.21
C1 NAG DA . -69.58 -5.33 25.39
C2 NAG DA . -70.69 -6.15 26.10
C3 NAG DA . -71.32 -7.08 25.03
C4 NAG DA . -71.87 -6.22 23.87
C5 NAG DA . -70.72 -5.38 23.26
C6 NAG DA . -71.21 -4.47 22.16
C7 NAG DA . -70.19 -6.61 28.43
C8 NAG DA . -69.59 -7.46 29.51
N2 NAG DA . -70.11 -6.98 27.16
O3 NAG DA . -72.37 -7.85 25.61
O4 NAG DA . -72.42 -7.08 22.88
O5 NAG DA . -70.11 -4.55 24.29
O6 NAG DA . -72.20 -3.55 22.62
O7 NAG DA . -70.77 -5.55 28.74
C1 NAG EA . -44.27 12.42 45.60
C2 NAG EA . -44.79 13.52 46.58
C3 NAG EA . -43.59 13.99 47.44
C4 NAG EA . -42.99 12.80 48.21
C5 NAG EA . -42.55 11.73 47.18
C6 NAG EA . -41.99 10.47 47.84
C7 NAG EA . -46.58 14.81 45.56
C8 NAG EA . -47.08 15.96 44.74
N2 NAG EA . -45.28 14.66 45.80
O3 NAG EA . -44.02 15.00 48.36
O4 NAG EA . -41.83 13.25 48.91
O5 NAG EA . -43.69 11.32 46.35
O6 NAG EA . -41.18 9.74 46.93
O7 NAG EA . -47.39 13.99 46.02
C1 NAG EA . -41.94 13.09 50.40
C2 NAG EA . -40.49 13.23 51.01
C3 NAG EA . -40.61 13.05 52.53
C4 NAG EA . -41.58 14.10 53.10
C5 NAG EA . -42.97 13.91 52.42
C6 NAG EA . -43.97 14.95 52.89
C7 NAG EA . -38.58 12.49 49.71
C8 NAG EA . -37.71 11.40 49.15
N2 NAG EA . -39.64 12.18 50.47
O3 NAG EA . -39.31 13.22 53.13
O4 NAG EA . -41.69 13.93 54.51
O5 NAG EA . -42.85 14.05 50.97
O6 NAG EA . -45.29 14.44 52.92
O7 NAG EA . -38.31 13.67 49.47
C1 NAG FA . -25.31 23.55 48.05
C2 NAG FA . -25.60 24.16 49.47
C3 NAG FA . -24.29 24.20 50.28
C4 NAG FA . -23.72 22.78 50.39
C5 NAG FA . -23.48 22.24 48.96
C6 NAG FA . -22.96 20.81 48.97
C7 NAG FA . -27.37 25.82 49.58
C8 NAG FA . -27.87 27.23 49.40
N2 NAG FA . -26.11 25.53 49.30
O3 NAG FA . -24.56 24.72 51.58
O4 NAG FA . -22.45 22.83 51.08
O5 NAG FA . -24.73 22.24 48.19
O6 NAG FA . -22.68 20.37 47.66
O7 NAG FA . -28.15 24.95 49.98
C1 NAG FA . -22.42 21.97 52.31
C2 NAG FA . -20.92 21.77 52.74
C3 NAG FA . -20.90 20.85 53.97
C4 NAG FA . -21.74 21.51 55.10
C5 NAG FA . -23.19 21.71 54.58
C6 NAG FA . -24.05 22.40 55.63
C7 NAG FA . -19.28 21.79 50.95
C8 NAG FA . -18.53 21.10 49.86
N2 NAG FA . -20.18 21.12 51.67
O3 NAG FA . -19.56 20.67 54.43
O4 NAG FA . -21.73 20.65 56.24
O5 NAG FA . -23.19 22.54 53.38
O6 NAG FA . -23.50 23.66 56.02
O7 NAG FA . -19.06 22.99 51.20
C1 NAG GA . -64.38 11.28 44.59
C2 NAG GA . -63.67 11.30 46.00
C3 NAG GA . -64.72 11.73 47.06
C4 NAG GA . -65.26 13.12 46.70
C5 NAG GA . -65.88 13.05 45.29
C6 NAG GA . -66.38 14.43 44.84
C7 NAG GA . -61.93 9.62 46.05
C8 NAG GA . -61.43 8.24 46.37
N2 NAG GA . -63.19 9.95 46.33
O3 NAG GA . -64.09 11.77 48.35
O4 NAG GA . -66.32 13.45 47.61
O5 NAG GA . -64.89 12.60 44.31
O6 NAG GA . -65.34 15.42 44.88
O7 NAG GA . -61.17 10.44 45.52
C1 NAG GA . -66.03 14.63 48.48
C2 NAG GA . -67.36 15.10 49.15
C3 NAG GA . -67.05 16.34 50.00
C4 NAG GA . -65.97 15.98 51.04
C5 NAG GA . -64.69 15.49 50.30
C6 NAG GA . -63.61 15.06 51.28
C7 NAG GA . -69.25 14.59 47.71
C8 NAG GA . -70.25 14.94 46.66
N2 NAG GA . -68.34 15.47 48.12
O3 NAG GA . -68.24 16.77 50.67
O4 NAG GA . -65.67 17.12 51.84
O5 NAG GA . -65.01 14.34 49.46
O6 NAG GA . -62.33 15.08 50.67
O7 NAG GA . -69.29 13.44 48.22
C1 NAG HA . -0.53 -24.67 -73.19
C2 NAG HA . -1.29 -23.34 -73.51
C3 NAG HA . -0.60 -22.65 -74.71
C4 NAG HA . 0.88 -22.38 -74.35
C5 NAG HA . 1.56 -23.73 -74.02
C6 NAG HA . 3.02 -23.55 -73.63
C7 NAG HA . -3.69 -22.95 -73.36
C8 NAG HA . -5.10 -23.27 -73.74
N2 NAG HA . -2.68 -23.65 -73.86
O3 NAG HA . -1.26 -21.42 -75.01
O4 NAG HA . 1.52 -21.76 -75.45
O5 NAG HA . 0.86 -24.38 -72.90
O6 NAG HA . 3.78 -24.68 -74.03
O7 NAG HA . -3.46 -22.00 -72.59
C1 NAG IA . 19.12 -38.66 -57.75
C2 NAG IA . 19.92 -40.01 -57.63
C3 NAG IA . 20.35 -40.45 -59.04
C4 NAG IA . 19.06 -40.66 -59.87
C5 NAG IA . 18.24 -39.33 -59.92
C6 NAG IA . 16.92 -39.55 -60.66
C7 NAG IA . 21.45 -40.67 -55.85
C8 NAG IA . 22.64 -40.43 -54.97
N2 NAG IA . 21.10 -39.77 -56.77
O3 NAG IA . 21.09 -41.69 -58.98
O4 NAG IA . 19.41 -41.05 -61.20
O5 NAG IA . 17.93 -38.88 -58.56
O6 NAG IA . 16.33 -38.30 -61.06
O7 NAG IA . 20.78 -41.72 -55.70
C1 NAG JA . -18.33 -33.30 -18.35
C2 NAG JA . -19.66 -32.86 -19.06
C3 NAG JA . -20.83 -33.66 -18.47
C4 NAG JA . -20.55 -35.16 -18.70
C5 NAG JA . -19.22 -35.53 -18.01
C6 NAG JA . -18.85 -37.00 -18.25
C7 NAG JA . -20.23 -30.60 -19.75
C8 NAG JA . -20.43 -29.13 -19.46
N2 NAG JA . -19.86 -31.42 -18.79
O3 NAG JA . -22.06 -33.30 -19.11
O4 NAG JA . -21.61 -35.93 -18.13
O5 NAG JA . -18.13 -34.71 -18.56
O6 NAG JA . -17.87 -37.43 -17.32
O7 NAG JA . -20.40 -31.02 -20.90
C1 NAG KA . 45.81 -6.34 -37.86
C2 NAG KA . 46.65 -5.90 -39.12
C3 NAG KA . 47.26 -7.17 -39.75
C4 NAG KA . 48.15 -7.87 -38.71
C5 NAG KA . 47.28 -8.24 -37.48
C6 NAG KA . 48.12 -8.87 -36.39
C7 NAG KA . 46.13 -4.14 -40.71
C8 NAG KA . 45.21 -3.48 -41.69
N2 NAG KA . 45.75 -5.25 -40.08
O3 NAG KA . 48.05 -6.80 -40.90
O4 NAG KA . 48.70 -9.05 -39.29
O5 NAG KA . 46.67 -7.03 -36.93
O6 NAG KA . 47.31 -9.39 -35.33
O7 NAG KA . 47.25 -3.64 -40.50
C1 NAG LA . 37.30 -10.99 -43.72
C2 NAG LA . 36.76 -9.78 -44.58
C3 NAG LA . 37.72 -9.58 -45.77
C4 NAG LA . 39.13 -9.28 -45.23
C5 NAG LA . 39.58 -10.48 -44.37
C6 NAG LA . 40.96 -10.25 -43.77
C7 NAG LA . 34.48 -9.21 -45.12
C8 NAG LA . 33.10 -9.56 -45.60
N2 NAG LA . 35.42 -10.14 -45.06
O3 NAG LA . 37.26 -8.49 -46.58
O4 NAG LA . 40.02 -9.08 -46.32
O5 NAG LA . 38.64 -10.69 -43.27
O6 NAG LA . 41.53 -11.47 -43.32
O7 NAG LA . 34.71 -8.04 -44.77
C1 NAG MA . -32.12 -14.98 -20.39
C2 NAG MA . -33.04 -15.21 -19.13
C3 NAG MA . -33.23 -16.73 -18.93
C4 NAG MA . -33.85 -17.33 -20.20
C5 NAG MA . -32.92 -17.05 -21.40
C6 NAG MA . -33.50 -17.59 -22.70
C7 NAG MA . -32.74 -13.44 -17.51
C8 NAG MA . -32.08 -12.85 -16.31
N2 NAG MA . -32.39 -14.63 -17.95
O3 NAG MA . -34.09 -16.96 -17.81
O4 NAG MA . -34.00 -18.75 -20.01
O5 NAG MA . -32.73 -15.61 -21.55
O6 NAG MA . -32.50 -17.69 -23.70
O7 NAG MA . -33.62 -12.78 -18.09
C1 NAG NA . -16.94 21.28 -30.54
C2 NAG NA . -15.66 21.70 -29.73
C3 NAG NA . -15.94 23.03 -29.02
C4 NAG NA . -16.29 24.10 -30.07
C5 NAG NA . -17.54 23.63 -30.85
C6 NAG NA . -17.92 24.62 -31.93
C7 NAG NA . -14.42 19.77 -28.88
C8 NAG NA . -14.15 18.74 -27.82
N2 NAG NA . -15.39 20.67 -28.71
O3 NAG NA . -14.78 23.44 -28.28
O4 NAG NA . -16.57 25.33 -29.41
O5 NAG NA . -17.26 22.34 -31.48
O6 NAG NA . -19.25 24.40 -32.38
O7 NAG NA . -13.74 19.77 -29.91
C1 NAG OA . -36.87 18.44 -30.90
C2 NAG OA . -35.41 18.91 -31.24
C3 NAG OA . -35.44 20.46 -31.40
C4 NAG OA . -36.42 20.83 -32.52
C5 NAG OA . -37.83 20.28 -32.16
C6 NAG OA . -38.84 20.56 -33.24
C7 NAG OA . -33.25 18.18 -30.38
C8 NAG OA . -32.34 17.80 -29.25
N2 NAG OA . -34.51 18.54 -30.13
O3 NAG OA . -34.13 20.94 -31.72
O4 NAG OA . -36.46 22.25 -32.67
O5 NAG OA . -37.76 18.83 -31.96
O6 NAG OA . -40.17 20.34 -32.77
O7 NAG OA . -32.82 18.15 -31.55
C1 NAG PA . -67.89 47.61 6.85
C2 NAG PA . -68.13 49.07 7.36
C3 NAG PA . -67.77 50.04 6.21
C4 NAG PA . -66.30 49.81 5.80
C5 NAG PA . -66.11 48.34 5.37
C6 NAG PA . -64.66 48.04 5.03
C7 NAG PA . -69.87 49.62 8.95
C8 NAG PA . -71.32 49.79 9.30
N2 NAG PA . -69.53 49.23 7.72
O3 NAG PA . -67.96 51.39 6.65
O4 NAG PA . -65.97 50.69 4.74
O5 NAG PA . -66.50 47.45 6.46
O6 NAG PA . -64.54 46.77 4.39
O7 NAG PA . -69.01 49.86 9.80
C1 NAG QA . -9.39 -53.35 -60.21
C2 NAG QA . -10.24 -54.41 -59.41
C3 NAG QA . -10.01 -55.79 -60.05
C4 NAG QA . -10.45 -55.73 -61.53
C5 NAG QA . -9.61 -54.63 -62.25
C6 NAG QA . -10.02 -54.50 -63.71
C7 NAG QA . -10.62 -54.14 -57.03
C8 NAG QA . -10.13 -54.13 -55.62
N2 NAG QA . -9.77 -54.41 -58.02
O3 NAG QA . -10.79 -56.78 -59.36
O4 NAG QA . -10.22 -56.99 -62.14
O5 NAG QA . -9.82 -53.33 -61.59
O6 NAG QA . -9.07 -53.72 -64.43
O7 NAG QA . -11.81 -53.90 -57.27
C1 NAG RA . -63.19 27.79 -6.41
C2 NAG RA . -63.66 29.25 -6.68
C3 NAG RA . -64.59 29.25 -7.91
C4 NAG RA . -63.82 28.67 -9.11
C5 NAG RA . -63.36 27.23 -8.76
C6 NAG RA . -62.55 26.62 -9.90
C7 NAG RA . -64.17 30.98 -5.04
C8 NAG RA . -64.90 31.44 -3.82
N2 NAG RA . -64.36 29.74 -5.49
O3 NAG RA . -65.01 30.59 -8.20
O4 NAG RA . -64.67 28.66 -10.25
O5 NAG RA . -62.51 27.27 -7.57
O6 NAG RA . -62.36 25.23 -9.70
O7 NAG RA . -63.41 31.75 -5.64
C1 NAG SA . 63.54 43.89 -1.47
C2 NAG SA . 63.12 44.33 -0.02
C3 NAG SA . 64.35 44.18 0.91
C4 NAG SA . 64.84 42.72 0.89
C5 NAG SA . 65.20 42.34 -0.57
C6 NAG SA . 65.66 40.90 -0.69
C7 NAG SA . 61.60 46.13 0.58
C8 NAG SA . 61.17 47.56 0.55
N2 NAG SA . 62.70 45.74 -0.05
O3 NAG SA . 64.00 44.57 2.24
O4 NAG SA . 65.97 42.59 1.74
O5 NAG SA . 64.03 42.52 -1.43
O6 NAG SA . 66.62 40.76 -1.71
O7 NAG SA . 60.93 45.30 1.22
C1 NAG TA . 64.62 23.51 -21.57
C2 NAG TA . 65.23 23.14 -22.97
C3 NAG TA . 66.69 23.63 -23.02
C4 NAG TA . 66.69 25.16 -22.83
C5 NAG TA . 66.02 25.51 -21.46
C6 NAG TA . 65.93 27.04 -21.29
C7 NAG TA . 64.77 21.16 -24.31
C8 NAG TA . 64.68 19.68 -24.48
N2 NAG TA . 65.15 21.68 -23.14
O3 NAG TA . 67.29 23.31 -24.30
O4 NAG TA . 68.03 25.65 -22.84
O5 NAG TA . 64.67 24.97 -21.41
O6 NAG TA . 65.68 27.39 -19.93
O7 NAG TA . 64.47 21.91 -25.27
C1 NAG UA . 10.89 32.98 -23.98
C2 NAG UA . 10.64 34.32 -23.20
C3 NAG UA . 9.65 35.19 -24.02
C4 NAG UA . 10.27 35.47 -25.40
C5 NAG UA . 10.54 34.12 -26.10
C6 NAG UA . 11.20 34.31 -27.46
C7 NAG UA . 10.46 34.55 -20.79
C8 NAG UA . 9.83 34.19 -19.47
N2 NAG UA . 10.03 33.98 -21.90
O3 NAG UA . 9.42 36.43 -23.33
O4 NAG UA . 9.37 36.26 -26.17
O5 NAG UA . 11.43 33.29 -25.28
O6 NAG UA . 11.09 33.14 -28.25
O7 NAG UA . 11.36 35.39 -20.83
C1 NAG VA . 57.34 -16.87 0.07
C2 NAG VA . 58.74 -17.04 0.77
C3 NAG VA . 59.83 -16.89 -0.31
C4 NAG VA . 59.61 -17.97 -1.40
C5 NAG VA . 58.21 -17.78 -2.01
C6 NAG VA . 57.91 -18.86 -3.03
C7 NAG VA . 59.41 -16.25 2.97
C8 NAG VA . 59.58 -15.17 3.99
N2 NAG VA . 58.90 -15.98 1.77
O3 NAG VA . 61.13 -17.06 0.29
O4 NAG VA . 60.61 -17.82 -2.40
O5 NAG VA . 57.19 -17.88 -0.96
O6 NAG VA . 56.71 -18.60 -3.74
O7 NAG VA . 59.76 -17.41 3.25
C1 NAG WA . 58.21 -5.70 -1.61
C2 NAG WA . 58.38 -5.12 -0.15
C3 NAG WA . 59.85 -5.36 0.29
C4 NAG WA . 60.13 -6.87 0.25
C5 NAG WA . 59.91 -7.38 -1.20
C6 NAG WA . 60.14 -8.88 -1.31
C7 NAG WA . 57.44 -3.12 0.81
C8 NAG WA . 57.13 -1.65 0.78
N2 NAG WA . 58.09 -3.69 -0.19
O3 NAG WA . 60.03 -4.86 1.61
O4 NAG WA . 61.47 -7.11 0.67
O5 NAG WA . 58.53 -7.11 -1.62
O6 NAG WA . 60.34 -9.25 -2.67
O7 NAG WA . 57.07 -3.79 1.78
C1 NAG XA . 1.41 40.62 -4.45
C2 NAG XA . -0.07 40.81 -4.93
C3 NAG XA . -0.06 41.24 -6.41
C4 NAG XA . 0.73 42.56 -6.54
C5 NAG XA . 2.17 42.32 -6.02
C6 NAG XA . 3.00 43.60 -6.07
C7 NAG XA . -1.55 39.27 -3.77
C8 NAG XA . -2.27 37.96 -3.65
N2 NAG XA . -0.78 39.52 -4.81
O3 NAG XA . -1.40 41.45 -6.87
O4 NAG XA . 0.77 42.94 -7.91
O5 NAG XA . 2.13 41.87 -4.62
O6 NAG XA . 4.39 43.31 -5.98
O7 NAG XA . -1.69 40.12 -2.88
C1 NAG YA . 11.27 23.90 31.22
C2 NAG YA . 11.25 22.33 31.22
C3 NAG YA . 10.27 21.85 32.30
C4 NAG YA . 10.72 22.39 33.68
C5 NAG YA . 10.74 23.93 33.60
C6 NAG YA . 11.23 24.55 34.91
C7 NAG YA . 11.61 21.37 29.00
C8 NAG YA . 11.10 20.89 27.68
N2 NAG YA . 10.76 21.85 29.92
O3 NAG YA . 10.24 20.42 32.34
O4 NAG YA . 9.80 21.97 34.68
O5 NAG YA . 11.65 24.36 32.54
O6 NAG YA . 10.89 25.93 34.99
O7 NAG YA . 12.82 21.33 29.23
C1 NAG ZA . 0.99 41.21 30.90
C2 NAG ZA . 1.99 40.06 31.29
C3 NAG ZA . 1.81 39.77 32.79
C4 NAG ZA . 2.11 41.06 33.60
C5 NAG ZA . 1.13 42.16 33.13
C6 NAG ZA . 1.39 43.48 33.84
C7 NAG ZA . 2.63 38.04 30.09
C8 NAG ZA . 2.30 36.81 29.30
N2 NAG ZA . 1.67 38.86 30.50
O3 NAG ZA . 2.72 38.73 33.20
O4 NAG ZA . 1.93 40.79 34.99
O5 NAG ZA . 1.28 42.38 31.69
O6 NAG ZA . 0.30 44.38 33.63
O7 NAG ZA . 3.82 38.29 30.35
C1 NAG AB . -52.31 40.06 50.81
C2 NAG AB . -53.12 39.62 52.07
C3 NAG AB . -52.18 39.66 53.28
C4 NAG AB . -50.99 38.71 53.03
C5 NAG AB . -50.26 39.16 51.74
C6 NAG AB . -49.11 38.22 51.39
C7 NAG AB . -55.48 40.11 52.32
C8 NAG AB . -56.61 41.07 52.53
N2 NAG AB . -54.23 40.55 52.28
O3 NAG AB . -52.89 39.25 54.46
O4 NAG AB . -50.11 38.75 54.15
O5 NAG AB . -51.19 39.16 50.62
O6 NAG AB . -48.30 38.77 50.36
O7 NAG AB . -55.74 38.91 52.18
C1 NAG BB . 53.49 52.02 -31.51
C2 NAG BB . 52.58 52.58 -32.65
C3 NAG BB . 53.48 53.08 -33.80
C4 NAG BB . 54.42 54.17 -33.24
C5 NAG BB . 55.26 53.56 -32.09
C6 NAG BB . 56.20 54.61 -31.48
C7 NAG BB . 50.39 51.62 -33.06
C8 NAG BB . 49.51 50.51 -33.54
N2 NAG BB . 51.71 51.50 -33.11
O3 NAG BB . 52.67 53.62 -34.85
O4 NAG BB . 55.27 54.62 -34.29
O5 NAG BB . 54.37 53.06 -31.03
O6 NAG BB . 57.15 53.99 -30.63
O7 NAG BB . 49.87 52.65 -32.62
C1 NAG CB . -35.24 48.03 35.45
C2 NAG CB . -35.56 48.17 36.98
C3 NAG CB . -35.09 49.57 37.45
C4 NAG CB . -33.57 49.70 37.17
C5 NAG CB . -33.33 49.52 35.65
C6 NAG CB . -31.85 49.57 35.32
C7 NAG CB . -37.50 47.33 38.17
C8 NAG CB . -38.97 47.18 38.34
N2 NAG CB . -37.00 48.02 37.15
O3 NAG CB . -35.34 49.71 38.85
O4 NAG CB . -33.13 50.98 37.59
O5 NAG CB . -33.83 48.20 35.23
O6 NAG CB . -31.63 49.69 33.91
O7 NAG CB . -36.74 46.80 38.99
C1 NAG DB . 28.35 -62.88 34.78
C2 NAG DB . 26.86 -63.37 34.82
C3 NAG DB . 26.82 -64.82 34.26
C4 NAG DB . 27.38 -64.83 32.82
C5 NAG DB . 28.83 -64.30 32.85
C6 NAG DB . 29.45 -64.24 31.47
C7 NAG DB . 25.18 -62.89 36.50
C8 NAG DB . 24.70 -62.90 37.93
N2 NAG DB . 26.38 -63.37 36.20
O3 NAG DB . 25.47 -65.30 34.25
O4 NAG DB . 27.35 -66.15 32.32
O5 NAG DB . 28.84 -62.94 33.42
O6 NAG DB . 30.85 -64.47 31.54
O7 NAG DB . 24.44 -62.45 35.61
C1 NAG EB . 49.04 -48.31 21.35
C2 NAG EB . 50.58 -48.00 21.35
C3 NAG EB . 51.34 -49.31 21.65
C4 NAG EB . 50.89 -49.80 23.05
C5 NAG EB . 49.35 -50.04 23.06
C6 NAG EB . 48.88 -50.44 24.46
C7 NAG EB . 51.78 -46.43 19.93
C8 NAG EB . 52.14 -45.89 18.58
N2 NAG EB . 50.95 -47.47 20.03
O3 NAG EB . 52.77 -49.07 21.66
O4 NAG EB . 51.56 -51.02 23.36
O5 NAG EB . 48.65 -48.80 22.67
O6 NAG EB . 47.57 -51.02 24.42
O7 NAG EB . 52.24 -45.90 20.95
C1 NAG FB . 19.27 -5.34 37.17
C2 NAG FB . 18.25 -5.87 38.23
C3 NAG FB . 18.19 -4.88 39.41
C4 NAG FB . 19.61 -4.76 40.02
C5 NAG FB . 20.58 -4.27 38.92
C6 NAG FB . 22.01 -4.18 39.43
C7 NAG FB . 16.15 -7.01 37.75
C8 NAG FB . 14.80 -7.07 37.09
N2 NAG FB . 16.93 -5.94 37.59
O3 NAG FB . 17.28 -5.36 40.41
O4 NAG FB . 19.58 -3.83 41.10
O5 NAG FB . 20.57 -5.20 37.79
O6 NAG FB . 22.81 -3.38 38.58
O7 NAG FB . 16.53 -7.95 38.45
C1 NAG GB . 35.05 -42.85 -22.54
C2 NAG GB . 35.30 -44.30 -23.07
C3 NAG GB . 36.76 -44.69 -22.73
C4 NAG GB . 37.72 -43.69 -23.40
C5 NAG GB . 37.39 -42.27 -22.88
C6 NAG GB . 38.26 -41.23 -23.57
C7 NAG GB . 33.75 -46.17 -23.07
C8 NAG GB . 32.81 -47.10 -22.36
N2 NAG GB . 34.38 -45.21 -22.39
O3 NAG GB . 37.03 -46.02 -23.21
O4 NAG GB . 39.06 -44.03 -23.09
O5 NAG GB . 35.99 -41.94 -23.17
O6 NAG GB . 38.11 -39.95 -22.97
O7 NAG GB . 33.94 -46.30 -24.28
C1 NAG HB . 34.80 -45.60 -11.56
C2 NAG HB . 33.61 -46.62 -11.47
C3 NAG HB . 34.12 -47.99 -11.99
C4 NAG HB . 34.59 -47.80 -13.45
C5 NAG HB . 35.73 -46.76 -13.47
C6 NAG HB . 36.24 -46.51 -14.88
C7 NAG HB . 31.93 -46.85 -9.75
C8 NAG HB . 31.51 -46.95 -8.31
N2 NAG HB . 33.21 -46.73 -10.06
O3 NAG HB . 33.05 -48.94 -11.93
O4 NAG HB . 35.04 -49.06 -13.95
O5 NAG HB . 35.26 -45.49 -12.92
O6 NAG HB . 37.51 -45.88 -14.86
O7 NAG HB . 31.06 -46.86 -10.64
C1 NAG IB . -3.25 -9.41 39.66
C2 NAG IB . -3.72 -8.00 40.15
C3 NAG IB . -2.59 -7.36 40.99
C4 NAG IB . -2.30 -8.29 42.20
C5 NAG IB . -1.87 -9.68 41.66
C6 NAG IB . -1.61 -10.67 42.77
C7 NAG IB . -5.19 -6.97 38.51
C8 NAG IB . -5.44 -6.10 37.32
N2 NAG IB . -3.96 -7.15 38.98
O3 NAG IB . -3.01 -6.09 41.48
O4 NAG IB . -1.24 -7.73 42.97
O5 NAG IB . -2.94 -10.23 40.81
O6 NAG IB . -0.85 -11.78 42.32
O7 NAG IB . -6.15 -7.53 39.08
C1 NAG JB . -23.46 -31.26 12.04
C2 NAG JB . -23.18 -30.83 10.56
C3 NAG JB . -24.51 -30.46 9.89
C4 NAG JB . -25.47 -31.67 9.95
C5 NAG JB . -25.69 -32.05 11.42
C6 NAG JB . -26.59 -33.27 11.56
C7 NAG JB . -21.00 -29.76 10.27
C8 NAG JB . -20.13 -28.55 10.27
N2 NAG JB . -22.31 -29.66 10.55
O3 NAG JB . -24.29 -30.09 8.53
O4 NAG JB . -26.72 -31.30 9.34
O5 NAG JB . -24.40 -32.36 12.04
O6 NAG JB . -27.11 -33.38 12.88
O7 NAG JB . -20.51 -30.87 10.03
C1 NAG KB . -32.18 -27.12 29.72
C2 NAG KB . -31.72 -27.84 28.39
C3 NAG KB . -32.99 -28.38 27.68
C4 NAG KB . -33.72 -29.36 28.62
C5 NAG KB . -34.09 -28.61 29.93
C6 NAG KB . -34.76 -29.52 30.94
C7 NAG KB . -30.01 -27.24 26.76
C8 NAG KB . -29.33 -26.25 25.88
N2 NAG KB . -31.04 -26.87 27.53
O3 NAG KB . -32.62 -29.06 26.47
O4 NAG KB . -34.89 -29.86 27.99
O5 NAG KB . -32.88 -28.06 30.55
O6 NAG KB . -35.38 -28.76 31.97
O7 NAG KB . -29.62 -28.42 26.78
C1 NAG LB . -77.76 6.94 28.76
C2 NAG LB . -79.16 7.08 28.06
C3 NAG LB . -79.62 5.68 27.63
C4 NAG LB . -78.57 5.07 26.66
C5 NAG LB . -77.21 5.01 27.39
C6 NAG LB . -76.11 4.49 26.47
C7 NAG LB . -80.77 8.76 28.72
C8 NAG LB . -81.74 9.34 29.69
N2 NAG LB . -80.12 7.64 29.01
O3 NAG LB . -80.89 5.77 26.97
O4 NAG LB . -78.99 3.77 26.28
O5 NAG LB . -76.82 6.35 27.83
O6 NAG LB . -74.93 4.20 27.21
O7 NAG LB . -80.58 9.35 27.65
C1 NAG MB . 45.52 -41.49 52.60
C2 NAG MB . 45.82 -40.31 53.58
C3 NAG MB . 47.16 -40.59 54.28
C4 NAG MB . 47.03 -41.93 55.04
C5 NAG MB . 46.69 -43.06 54.03
C6 NAG MB . 46.52 -44.40 54.73
C7 NAG MB . 45.12 -38.05 53.04
C8 NAG MB . 45.23 -36.80 52.22
N2 NAG MB . 45.92 -39.08 52.78
O3 NAG MB . 47.46 -39.54 55.20
O4 NAG MB . 48.27 -42.22 55.69
O5 NAG MB . 45.42 -42.73 53.35
O6 NAG MB . 46.48 -45.46 53.78
O7 NAG MB . 44.28 -38.11 53.95
C1 NAG NB . -57.33 -1.39 38.95
C2 NAG NB . -58.77 -1.94 38.67
C3 NAG NB . -59.15 -2.93 39.79
C4 NAG NB . -58.11 -4.06 39.82
C5 NAG NB . -56.70 -3.45 40.07
C6 NAG NB . -55.62 -4.51 40.06
C7 NAG NB . -60.66 -0.73 37.73
C8 NAG NB . -61.59 0.44 37.71
N2 NAG NB . -59.69 -0.80 38.64
O3 NAG NB . -60.45 -3.46 39.54
O4 NAG NB . -58.44 -4.97 40.86
O5 NAG NB . -56.40 -2.48 39.01
O6 NAG NB . -54.39 -4.00 40.56
O7 NAG NB . -60.80 -1.64 36.90
#